data_8BDC
#
_entry.id   8BDC
#
_cell.length_a   1.00
_cell.length_b   1.00
_cell.length_c   1.00
_cell.angle_alpha   90.00
_cell.angle_beta   90.00
_cell.angle_gamma   90.00
#
_symmetry.space_group_name_H-M   'P 1'
#
loop_
_entity.id
_entity.type
_entity.pdbx_description
1 polymer 'Transient receptor potential cation channel subfamily M member 8'
2 non-polymer 'CHOLESTEROL HEMISUCCINATE'
3 non-polymer '(2S)-3-(hexadecanoyloxy)-2-[(9Z)-octadec-9-enoyloxy]propyl 2-(trimethylammonio)ethyl phosphate'
4 non-polymer UNDECANE
5 non-polymer 'SODIUM ION'
#
_entity_poly.entity_id   1
_entity_poly.type   'polypeptide(L)'
_entity_poly.pdbx_seq_one_letter_code
;SNSFRAARLSMRNRRNDTLDSTRTLYSSASRSTDLSYSESDLVNFIQANFKKRECVFFTKDSKATENVCKCGYAQSQHME
GTQINQSEKWNYKKHTKEFPTDAFGDIQFETLGKKGKYIRLSCDTDAEILYELLTQHWHLKTPNLVISVTGGAKNFALKP
RMRKIFSRLIYIAQSKGAWILTGGTHYGLMKYIGEVVRDNTISRSSEENIVAIGIAAWGMVSNRDTLIRNCDAEGYFLAQ
YLMDDFTRDPLYILDNNHTHLLLVDNGCHGHPTVEAKLRNQLEKYISERTIQDSNYGGKIPIVCFAQGGGKETLKAINTS
IKNKIPCVVVEGSGQIADVIASLVEVEDALTSSAVKEKLVRFLPRTVSRLPEEETESWIKWLKEILECSHLLTVIKMEEA
GDEIVSNAISYALYKAFSTSEQDKDNWNGQLKLLLEWNQLDLANDEIFTNDRRWESADLQEVMFTALIKDRPKFVRLFLE
NGLNLRKFLTHDVLTELFSNHFSTLVYRNLQIAKNSYNDALLTFVWKLVANFRRGFRKEDRNGRDEMDIELHDVSPITRH
PLQALFIWAILQNKKELSKVIWEQTRGCTLAALGASKLLKTLAKVKNDINAAGESEELANEYETRAVELFTECYSSDEDL
AEQLLVYSCEAWGGSNCLELAVEATDQHFIAQPGVQNFLSKQWYGEISRDTKNWKIILCLFIIPLVGCGFVSFRKKPVDK
HKKLLWYYVAFFTSPFVVFSWNVVFYIAFLLLFAYVLLMDFHSVPHPPELVLYSLVFVLFCDEVRQWYVNGVNYFTDLWN
VMDTLGLFYFIAGIVFRLHSSNKSSLYSGRVIFCLDYIIFTLRLIHIFTVSRNLGPKIIMLQRMLIDVFFFLFLFAVWMV
AFGVARQGILRQNEQRWRWIFRSVIYEPYLAMFGQVPSDVDGTTYDFAHCTFTGNESKPLCVELDEHNLPRFPEWITIPL
VCIYMLSTNILLVNLLVAMFGYTVGTVQENNDQVWKFQRYFLVQEYCSRLNIPFPFIVFAYFYMVVKKCFKCCCKEKNME
SSVCCFKNEDNETLAWEGVMKENYLVKINTKANDTSEEMRHRFRQLDTKLNDLKGLLKEIANKIK
;
_entity_poly.pdbx_strand_id   A,B,C,D
#
loop_
_chem_comp.id
_chem_comp.type
_chem_comp.name
_chem_comp.formula
NA non-polymer 'SODIUM ION' 'Na 1'
POV non-polymer '(2S)-3-(hexadecanoyloxy)-2-[(9Z)-octadec-9-enoyloxy]propyl 2-(trimethylammonio)ethyl phosphate' 'C42 H82 N O8 P'
UND non-polymer UNDECANE 'C11 H24'
Y01 non-polymer 'CHOLESTEROL HEMISUCCINATE' 'C31 H50 O4'
#
# COMPACT_ATOMS: atom_id res chain seq x y z
N LEU A 42 18.02 -51.89 42.24
CA LEU A 42 17.37 -50.62 42.50
C LEU A 42 16.57 -50.66 43.80
N VAL A 43 15.74 -51.71 43.93
CA VAL A 43 14.89 -51.83 45.11
C VAL A 43 15.75 -51.99 46.36
N ASN A 44 16.83 -52.78 46.27
CA ASN A 44 17.69 -52.98 47.43
C ASN A 44 18.35 -51.68 47.87
N PHE A 45 18.80 -50.86 46.91
CA PHE A 45 19.42 -49.59 47.27
C PHE A 45 18.42 -48.67 47.96
N ILE A 46 17.20 -48.60 47.45
CA ILE A 46 16.18 -47.76 48.08
C ILE A 46 15.86 -48.25 49.47
N GLN A 47 15.76 -49.57 49.64
CA GLN A 47 15.44 -50.13 50.95
C GLN A 47 16.56 -49.88 51.95
N ALA A 48 17.81 -49.97 51.51
CA ALA A 48 18.95 -49.84 52.41
C ALA A 48 19.46 -48.42 52.55
N ASN A 49 18.91 -47.47 51.79
CA ASN A 49 19.40 -46.09 51.84
C ASN A 49 18.32 -45.06 52.13
N PHE A 50 17.04 -45.38 51.99
CA PHE A 50 15.96 -44.44 52.21
C PHE A 50 15.06 -44.96 53.32
N LYS A 51 14.55 -44.03 54.14
CA LYS A 51 13.78 -44.40 55.31
C LYS A 51 12.55 -43.51 55.42
N LYS A 52 11.55 -44.01 56.13
CA LYS A 52 10.32 -43.30 56.42
C LYS A 52 10.25 -42.95 57.90
N ARG A 53 9.24 -42.16 58.26
CA ARG A 53 9.06 -41.71 59.63
C ARG A 53 7.60 -41.89 60.04
N GLU A 54 7.38 -42.18 61.32
CA GLU A 54 6.04 -42.41 61.85
C GLU A 54 5.92 -41.80 63.24
N CYS A 55 4.70 -41.43 63.62
CA CYS A 55 4.42 -40.94 64.96
C CYS A 55 4.50 -42.10 65.95
N VAL A 56 5.67 -42.28 66.57
CA VAL A 56 5.86 -43.39 67.49
C VAL A 56 5.45 -43.04 68.92
N PHE A 57 5.36 -41.76 69.26
CA PHE A 57 4.92 -41.31 70.58
C PHE A 57 3.61 -40.55 70.43
N PHE A 58 2.58 -40.99 71.15
CA PHE A 58 1.27 -40.38 71.06
C PHE A 58 1.26 -39.07 71.83
N THR A 59 0.89 -37.99 71.16
CA THR A 59 0.82 -36.65 71.75
C THR A 59 -0.46 -35.96 71.33
N LYS A 60 -1.58 -36.66 71.46
CA LYS A 60 -2.88 -36.10 71.06
C LYS A 60 -3.18 -34.82 71.82
N ASP A 61 -3.61 -33.80 71.09
CA ASP A 61 -3.92 -32.49 71.66
C ASP A 61 -5.42 -32.29 71.76
N SER A 62 -5.82 -31.49 72.75
CA SER A 62 -7.24 -31.21 72.94
C SER A 62 -7.83 -30.44 71.77
N LYS A 63 -7.08 -29.48 71.23
CA LYS A 63 -7.56 -28.70 70.10
C LYS A 63 -7.70 -29.56 68.85
N ALA A 64 -6.92 -30.63 68.74
CA ALA A 64 -7.02 -31.51 67.58
C ALA A 64 -8.33 -32.27 67.59
N THR A 65 -8.90 -32.46 66.39
CA THR A 65 -10.15 -33.18 66.26
C THR A 65 -9.94 -34.67 66.52
N GLU A 66 -10.99 -35.30 67.06
CA GLU A 66 -11.00 -36.75 67.36
C GLU A 66 -9.88 -37.02 68.36
N ASN A 67 -9.15 -38.13 68.23
CA ASN A 67 -8.07 -38.50 69.14
C ASN A 67 -6.85 -38.96 68.35
N VAL A 68 -6.47 -38.18 67.34
CA VAL A 68 -5.33 -38.54 66.51
C VAL A 68 -4.04 -38.05 67.15
N CYS A 69 -2.91 -38.59 66.67
CA CYS A 69 -1.60 -38.15 67.12
C CYS A 69 -1.39 -36.68 66.80
N LYS A 70 -0.42 -36.07 67.49
CA LYS A 70 -0.04 -34.71 67.16
C LYS A 70 0.45 -34.58 65.72
N CYS A 71 0.91 -35.69 65.14
CA CYS A 71 1.26 -35.72 63.73
C CYS A 71 0.05 -35.70 62.82
N GLY A 72 -1.14 -35.93 63.36
CA GLY A 72 -2.36 -35.94 62.57
C GLY A 72 -2.87 -37.32 62.19
N TYR A 73 -2.14 -38.38 62.54
CA TYR A 73 -2.56 -39.74 62.24
C TYR A 73 -3.38 -40.31 63.38
N ALA A 74 -4.42 -41.05 63.03
CA ALA A 74 -5.31 -41.63 64.03
C ALA A 74 -4.58 -42.73 64.81
N GLN A 75 -5.11 -43.01 66.01
CA GLN A 75 -4.50 -44.02 66.86
C GLN A 75 -4.54 -45.40 66.21
N SER A 76 -5.63 -45.69 65.49
CA SER A 76 -5.72 -46.97 64.79
C SER A 76 -4.65 -47.07 63.70
N GLN A 77 -4.41 -45.98 62.97
CA GLN A 77 -3.39 -45.95 61.92
C GLN A 77 -2.06 -45.52 62.54
N HIS A 78 -1.49 -46.44 63.32
CA HIS A 78 -0.24 -46.20 64.01
C HIS A 78 0.64 -47.44 63.94
N MET A 79 1.94 -47.23 64.08
CA MET A 79 2.88 -48.34 64.06
C MET A 79 2.75 -49.19 65.32
N GLU A 80 3.17 -50.44 65.21
CA GLU A 80 3.11 -51.36 66.34
C GLU A 80 4.05 -50.90 67.45
N GLY A 81 3.63 -51.12 68.69
CA GLY A 81 4.40 -50.67 69.83
C GLY A 81 4.52 -49.17 69.96
N THR A 82 3.42 -48.45 69.71
CA THR A 82 3.41 -47.00 69.80
C THR A 82 3.20 -46.58 71.25
N GLN A 83 4.23 -45.97 71.83
CA GLN A 83 4.13 -45.50 73.20
C GLN A 83 3.44 -44.14 73.25
N ILE A 84 3.19 -43.66 74.46
CA ILE A 84 2.56 -42.36 74.69
C ILE A 84 3.57 -41.47 75.40
N ASN A 85 3.88 -40.34 74.77
CA ASN A 85 4.85 -39.41 75.33
C ASN A 85 4.20 -38.59 76.45
N GLN A 86 4.90 -38.51 77.59
CA GLN A 86 4.39 -37.72 78.71
C GLN A 86 4.45 -36.23 78.41
N SER A 87 5.49 -35.81 77.68
CA SER A 87 5.64 -34.39 77.35
C SER A 87 4.56 -33.95 76.36
N GLU A 88 4.13 -32.71 76.51
CA GLU A 88 3.09 -32.13 75.66
C GLU A 88 3.66 -31.56 74.36
N LYS A 89 4.98 -31.57 74.18
CA LYS A 89 5.60 -31.05 72.98
C LYS A 89 5.99 -32.21 72.06
N TRP A 90 5.52 -32.15 70.82
CA TRP A 90 5.80 -33.17 69.82
C TRP A 90 6.72 -32.61 68.75
N ASN A 91 7.78 -33.33 68.45
CA ASN A 91 8.74 -32.92 67.43
C ASN A 91 9.08 -34.11 66.55
N TYR A 92 9.51 -33.81 65.32
CA TYR A 92 9.81 -34.86 64.35
C TYR A 92 11.20 -35.48 64.56
N LYS A 93 12.00 -34.95 65.47
CA LYS A 93 13.34 -35.46 65.71
C LYS A 93 13.41 -36.44 66.88
N LYS A 94 12.70 -36.15 67.96
CA LYS A 94 12.72 -36.99 69.16
C LYS A 94 11.52 -37.93 69.24
N HIS A 95 10.31 -37.41 69.05
CA HIS A 95 9.09 -38.21 69.14
C HIS A 95 8.80 -38.99 67.88
N THR A 96 9.77 -39.14 66.98
CA THR A 96 9.59 -39.83 65.71
C THR A 96 10.73 -40.79 65.48
N LYS A 97 10.41 -41.98 64.98
CA LYS A 97 11.39 -43.02 64.70
C LYS A 97 11.51 -43.24 63.20
N GLU A 98 12.72 -43.55 62.75
CA GLU A 98 12.99 -43.78 61.34
C GLU A 98 12.88 -45.26 61.02
N PHE A 99 12.10 -45.58 59.99
CA PHE A 99 11.89 -46.94 59.53
C PHE A 99 12.13 -47.01 58.02
N PRO A 100 12.53 -48.17 57.51
CA PRO A 100 12.80 -48.27 56.07
C PRO A 100 11.56 -47.94 55.24
N THR A 101 11.81 -47.28 54.11
CA THR A 101 10.72 -46.81 53.27
C THR A 101 9.96 -47.97 52.64
N ASP A 102 8.67 -47.73 52.38
CA ASP A 102 7.81 -48.76 51.78
C ASP A 102 6.90 -48.19 50.70
N ALA A 103 7.23 -47.03 50.14
CA ALA A 103 6.43 -46.41 49.09
C ALA A 103 7.38 -45.86 48.04
N PHE A 104 7.70 -46.68 47.04
CA PHE A 104 8.58 -46.26 45.95
C PHE A 104 8.34 -47.16 44.76
N GLY A 105 8.80 -46.71 43.60
CA GLY A 105 8.64 -47.47 42.38
C GLY A 105 8.12 -46.64 41.23
N ASP A 106 7.33 -47.26 40.36
CA ASP A 106 6.75 -46.59 39.21
C ASP A 106 5.29 -46.28 39.48
N ILE A 107 4.93 -45.01 39.35
CA ILE A 107 3.55 -44.56 39.56
C ILE A 107 2.85 -44.48 38.23
N GLN A 108 1.55 -44.81 38.22
CA GLN A 108 0.75 -44.81 37.02
C GLN A 108 -0.52 -44.01 37.25
N PHE A 109 -0.97 -43.32 36.19
CA PHE A 109 -2.15 -42.48 36.25
C PHE A 109 -3.07 -42.85 35.08
N GLU A 110 -4.35 -42.53 35.26
CA GLU A 110 -5.40 -42.81 34.26
C GLU A 110 -5.44 -44.33 34.06
N THR A 111 -5.62 -44.80 32.82
CA THR A 111 -5.70 -46.23 32.53
C THR A 111 -4.49 -46.74 31.77
N LEU A 112 -4.14 -46.10 30.65
CA LEU A 112 -2.99 -46.47 29.84
C LEU A 112 -2.04 -45.29 29.68
N GLY A 113 -1.93 -44.47 30.71
CA GLY A 113 -1.08 -43.30 30.66
C GLY A 113 0.39 -43.64 30.81
N LYS A 114 1.22 -42.62 30.67
CA LYS A 114 2.66 -42.80 30.78
C LYS A 114 3.04 -43.12 32.22
N LYS A 115 3.94 -44.08 32.37
CA LYS A 115 4.39 -44.50 33.70
C LYS A 115 5.38 -43.49 34.26
N GLY A 116 5.19 -43.11 35.52
CA GLY A 116 6.05 -42.18 36.20
C GLY A 116 6.96 -42.86 37.20
N LYS A 117 7.51 -42.05 38.10
CA LYS A 117 8.37 -42.55 39.17
C LYS A 117 8.07 -41.79 40.45
N TYR A 118 8.27 -42.46 41.58
CA TYR A 118 8.03 -41.85 42.88
C TYR A 118 8.83 -42.60 43.93
N ILE A 119 9.01 -41.94 45.07
CA ILE A 119 9.71 -42.54 46.20
C ILE A 119 9.35 -41.75 47.45
N ARG A 120 9.15 -42.46 48.55
CA ARG A 120 8.87 -41.85 49.85
C ARG A 120 10.16 -41.77 50.64
N LEU A 121 10.43 -40.61 51.23
CA LEU A 121 11.69 -40.36 51.92
C LEU A 121 11.48 -39.31 53.00
N SER A 122 12.45 -39.21 53.90
CA SER A 122 12.35 -38.34 55.05
C SER A 122 13.08 -37.02 54.78
N CYS A 123 12.78 -36.02 55.63
CA CYS A 123 13.46 -34.74 55.52
C CYS A 123 14.93 -34.86 55.89
N ASP A 124 15.25 -35.73 56.85
CA ASP A 124 16.64 -35.94 57.26
C ASP A 124 17.46 -36.65 56.20
N THR A 125 16.83 -37.17 55.15
CA THR A 125 17.55 -37.84 54.08
C THR A 125 18.56 -36.89 53.45
N ASP A 126 19.80 -37.36 53.31
CA ASP A 126 20.86 -36.53 52.77
C ASP A 126 20.62 -36.25 51.29
N ALA A 127 21.29 -35.22 50.78
CA ALA A 127 21.21 -34.88 49.37
C ALA A 127 22.18 -35.67 48.51
N GLU A 128 23.26 -36.18 49.10
CA GLU A 128 24.25 -36.94 48.32
C GLU A 128 23.64 -38.21 47.76
N ILE A 129 23.03 -39.02 48.62
CA ILE A 129 22.44 -40.27 48.13
C ILE A 129 21.15 -40.02 47.36
N LEU A 130 20.48 -38.89 47.60
CA LEU A 130 19.34 -38.51 46.75
C LEU A 130 19.80 -38.23 45.33
N TYR A 131 20.89 -37.47 45.18
CA TYR A 131 21.46 -37.22 43.87
C TYR A 131 21.97 -38.51 43.24
N GLU A 132 22.53 -39.41 44.06
CA GLU A 132 22.99 -40.69 43.54
C GLU A 132 21.82 -41.52 43.01
N LEU A 133 20.70 -41.54 43.73
CA LEU A 133 19.52 -42.25 43.26
C LEU A 133 18.97 -41.62 41.99
N LEU A 134 18.93 -40.29 41.93
CA LEU A 134 18.41 -39.61 40.75
C LEU A 134 19.27 -39.91 39.53
N THR A 135 20.59 -39.74 39.66
CA THR A 135 21.48 -39.84 38.51
C THR A 135 21.82 -41.28 38.18
N GLN A 136 22.39 -42.01 39.14
CA GLN A 136 22.93 -43.34 38.85
C GLN A 136 21.83 -44.39 38.83
N HIS A 137 21.00 -44.44 39.88
CA HIS A 137 20.03 -45.51 40.04
C HIS A 137 18.67 -45.20 39.42
N TRP A 138 18.52 -44.06 38.76
CA TRP A 138 17.32 -43.76 38.00
C TRP A 138 17.59 -43.39 36.55
N HIS A 139 18.85 -43.44 36.12
CA HIS A 139 19.24 -43.19 34.73
C HIS A 139 18.82 -41.78 34.29
N LEU A 140 19.33 -40.79 35.01
CA LEU A 140 19.11 -39.39 34.68
C LEU A 140 20.45 -38.76 34.35
N LYS A 141 20.53 -38.11 33.20
CA LYS A 141 21.77 -37.45 32.81
C LYS A 141 22.06 -36.28 33.73
N THR A 142 23.33 -35.97 33.88
CA THR A 142 23.74 -34.83 34.71
C THR A 142 23.17 -33.54 34.11
N PRO A 143 22.44 -32.75 34.88
CA PRO A 143 21.81 -31.56 34.31
C PRO A 143 22.83 -30.47 34.01
N ASN A 144 22.67 -29.84 32.85
CA ASN A 144 23.44 -28.65 32.51
C ASN A 144 22.79 -27.38 33.05
N LEU A 145 21.65 -27.50 33.70
CA LEU A 145 20.91 -26.39 34.28
C LEU A 145 19.81 -26.97 35.16
N VAL A 146 19.50 -26.28 36.25
CA VAL A 146 18.43 -26.68 37.15
C VAL A 146 17.55 -25.47 37.42
N ILE A 147 16.26 -25.62 37.19
CA ILE A 147 15.29 -24.54 37.41
C ILE A 147 14.38 -24.96 38.56
N SER A 148 14.35 -24.17 39.62
CA SER A 148 13.53 -24.43 40.79
C SER A 148 12.30 -23.53 40.72
N VAL A 149 11.22 -24.06 40.13
CA VAL A 149 9.98 -23.31 39.96
C VAL A 149 9.20 -23.39 41.27
N THR A 150 9.12 -22.27 41.98
CA THR A 150 8.37 -22.18 43.23
C THR A 150 7.36 -21.04 43.09
N GLY A 151 6.20 -21.35 42.56
CA GLY A 151 5.17 -20.34 42.34
C GLY A 151 3.90 -20.63 43.10
N GLY A 152 2.77 -20.12 42.59
CA GLY A 152 1.49 -20.32 43.24
C GLY A 152 1.07 -21.77 43.32
N ALA A 153 0.75 -22.23 44.53
CA ALA A 153 0.33 -23.61 44.74
C ALA A 153 -1.09 -23.88 44.27
N LYS A 154 -1.90 -22.84 44.09
CA LYS A 154 -3.27 -23.03 43.62
C LYS A 154 -3.77 -21.72 43.02
N ASN A 155 -4.82 -21.83 42.22
CA ASN A 155 -5.49 -20.69 41.59
C ASN A 155 -4.50 -19.87 40.74
N PHE A 156 -4.02 -20.51 39.69
CA PHE A 156 -3.10 -19.90 38.73
C PHE A 156 -3.88 -19.52 37.48
N ALA A 157 -3.86 -18.24 37.14
CA ALA A 157 -4.57 -17.75 35.95
C ALA A 157 -3.79 -18.10 34.70
N LEU A 158 -4.48 -18.68 33.72
CA LEU A 158 -3.84 -19.10 32.47
C LEU A 158 -3.83 -17.96 31.46
N LYS A 159 -3.23 -16.85 31.89
CA LYS A 159 -3.08 -15.70 31.01
C LYS A 159 -2.13 -16.03 29.86
N PRO A 160 -2.36 -15.48 28.67
CA PRO A 160 -1.47 -15.79 27.54
C PRO A 160 -0.02 -15.39 27.79
N ARG A 161 0.23 -14.30 28.51
CA ARG A 161 1.59 -13.89 28.80
C ARG A 161 2.31 -14.94 29.65
N MET A 162 1.67 -15.37 30.75
CA MET A 162 2.29 -16.38 31.61
C MET A 162 2.39 -17.72 30.90
N ARG A 163 1.39 -18.07 30.09
CA ARG A 163 1.46 -19.29 29.31
C ARG A 163 2.67 -19.29 28.39
N LYS A 164 2.87 -18.18 27.66
CA LYS A 164 4.04 -18.08 26.78
C LYS A 164 5.33 -18.12 27.57
N ILE A 165 5.37 -17.43 28.71
CA ILE A 165 6.59 -17.39 29.53
C ILE A 165 6.98 -18.79 29.96
N PHE A 166 6.02 -19.55 30.47
CA PHE A 166 6.35 -20.87 31.00
C PHE A 166 6.57 -21.89 29.89
N SER A 167 5.89 -21.74 28.75
CA SER A 167 6.20 -22.58 27.59
C SER A 167 7.63 -22.35 27.12
N ARG A 168 8.06 -21.08 27.07
CA ARG A 168 9.44 -20.78 26.71
C ARG A 168 10.41 -21.34 27.75
N LEU A 169 10.04 -21.26 29.04
CA LEU A 169 10.91 -21.79 30.08
C LEU A 169 11.09 -23.30 29.93
N ILE A 170 10.00 -24.02 29.64
CA ILE A 170 10.10 -25.46 29.47
C ILE A 170 10.88 -25.80 28.20
N TYR A 171 10.70 -24.99 27.15
CA TYR A 171 11.47 -25.21 25.92
C TYR A 171 12.95 -25.00 26.17
N ILE A 172 13.31 -23.98 26.96
CA ILE A 172 14.71 -23.75 27.31
C ILE A 172 15.25 -24.90 28.12
N ALA A 173 14.47 -25.40 29.08
CA ALA A 173 14.91 -26.53 29.89
C ALA A 173 15.15 -27.75 29.03
N GLN A 174 14.26 -28.02 28.07
CA GLN A 174 14.45 -29.15 27.17
C GLN A 174 15.68 -28.96 26.29
N SER A 175 15.87 -27.75 25.76
CA SER A 175 17.00 -27.49 24.88
C SER A 175 18.33 -27.59 25.63
N LYS A 176 18.38 -27.08 26.85
CA LYS A 176 19.60 -27.08 27.65
C LYS A 176 19.78 -28.37 28.42
N GLY A 177 18.84 -29.32 28.33
CA GLY A 177 18.92 -30.53 29.11
C GLY A 177 18.82 -30.25 30.59
N ALA A 178 17.85 -29.43 30.98
CA ALA A 178 17.72 -28.95 32.34
C ALA A 178 16.70 -29.76 33.12
N TRP A 179 16.79 -29.66 34.44
CA TRP A 179 15.82 -30.23 35.36
C TRP A 179 14.90 -29.13 35.89
N ILE A 180 13.62 -29.44 36.00
CA ILE A 180 12.64 -28.51 36.56
C ILE A 180 12.18 -29.06 37.90
N LEU A 181 12.48 -28.33 38.97
CA LEU A 181 12.10 -28.72 40.32
C LEU A 181 10.85 -27.94 40.71
N THR A 182 9.70 -28.61 40.68
CA THR A 182 8.44 -28.05 41.10
C THR A 182 7.86 -28.91 42.23
N GLY A 183 6.66 -28.54 42.67
CA GLY A 183 5.93 -29.38 43.59
C GLY A 183 5.15 -30.46 42.85
N GLY A 184 4.90 -31.56 43.55
CA GLY A 184 4.19 -32.66 42.91
C GLY A 184 2.68 -32.50 42.85
N THR A 185 2.14 -31.48 43.48
CA THR A 185 0.69 -31.30 43.53
C THR A 185 0.13 -30.96 42.16
N HIS A 186 -1.08 -31.47 41.90
CA HIS A 186 -1.76 -31.27 40.62
C HIS A 186 -2.67 -30.04 40.70
N TYR A 187 -2.05 -28.89 40.96
CA TYR A 187 -2.80 -27.67 41.19
C TYR A 187 -2.02 -26.47 40.67
N GLY A 188 -2.73 -25.56 39.99
CA GLY A 188 -2.15 -24.28 39.64
C GLY A 188 -0.98 -24.39 38.69
N LEU A 189 0.13 -23.75 39.08
CA LEU A 189 1.28 -23.63 38.20
C LEU A 189 1.90 -24.99 37.90
N MET A 190 1.95 -25.87 38.90
CA MET A 190 2.55 -27.19 38.70
C MET A 190 1.77 -28.00 37.69
N LYS A 191 0.44 -27.89 37.71
CA LYS A 191 -0.38 -28.60 36.73
C LYS A 191 -0.09 -28.11 35.33
N TYR A 192 0.05 -26.80 35.14
CA TYR A 192 0.37 -26.27 33.82
C TYR A 192 1.77 -26.67 33.39
N ILE A 193 2.72 -26.71 34.32
CA ILE A 193 4.07 -27.15 33.99
C ILE A 193 4.06 -28.60 33.52
N GLY A 194 3.32 -29.45 34.22
CA GLY A 194 3.19 -30.83 33.80
C GLY A 194 2.53 -30.95 32.44
N GLU A 195 1.49 -30.15 32.19
CA GLU A 195 0.81 -30.17 30.91
C GLU A 195 1.76 -29.77 29.78
N VAL A 196 2.56 -28.73 30.00
CA VAL A 196 3.51 -28.28 28.98
C VAL A 196 4.59 -29.32 28.76
N VAL A 197 5.05 -29.96 29.84
CA VAL A 197 6.05 -31.03 29.70
C VAL A 197 5.49 -32.17 28.87
N ARG A 198 4.25 -32.58 29.14
CA ARG A 198 3.62 -33.64 28.37
C ARG A 198 3.46 -33.24 26.92
N ASP A 199 3.07 -31.99 26.67
CA ASP A 199 2.92 -31.51 25.29
C ASP A 199 4.25 -31.54 24.56
N ASN A 200 5.32 -31.11 25.22
CA ASN A 200 6.64 -31.12 24.59
C ASN A 200 7.10 -32.55 24.30
N THR A 201 6.84 -33.48 25.23
CA THR A 201 7.20 -34.87 24.98
C THR A 201 6.41 -35.45 23.82
N ILE A 202 5.12 -35.10 23.72
CA ILE A 202 4.30 -35.59 22.61
C ILE A 202 4.79 -35.03 21.29
N SER A 203 5.07 -33.73 21.25
CA SER A 203 5.45 -33.08 19.99
C SER A 203 6.78 -33.59 19.48
N ARG A 204 7.80 -33.59 20.34
CA ARG A 204 9.15 -34.01 19.95
C ARG A 204 9.52 -35.25 20.75
N SER A 205 9.15 -36.41 20.22
CA SER A 205 9.47 -37.66 20.89
C SER A 205 10.94 -38.04 20.70
N SER A 206 11.53 -37.66 19.57
CA SER A 206 12.92 -38.00 19.28
C SER A 206 13.92 -37.07 19.97
N GLU A 207 13.46 -35.95 20.53
CA GLU A 207 14.36 -35.02 21.19
C GLU A 207 14.71 -35.54 22.59
N GLU A 208 15.52 -34.76 23.31
CA GLU A 208 15.91 -35.13 24.65
C GLU A 208 14.71 -35.10 25.58
N ASN A 209 14.65 -36.08 26.49
CA ASN A 209 13.55 -36.15 27.45
C ASN A 209 13.65 -35.03 28.46
N ILE A 210 12.50 -34.60 28.97
CA ILE A 210 12.41 -33.53 29.95
C ILE A 210 12.27 -34.15 31.33
N VAL A 211 13.13 -33.72 32.25
CA VAL A 211 13.07 -34.17 33.64
C VAL A 211 12.34 -33.10 34.45
N ALA A 212 11.21 -33.49 35.03
CA ALA A 212 10.38 -32.59 35.84
C ALA A 212 10.20 -33.24 37.21
N ILE A 213 11.12 -32.97 38.12
CA ILE A 213 11.07 -33.54 39.45
C ILE A 213 10.02 -32.79 40.27
N GLY A 214 9.08 -33.54 40.85
CA GLY A 214 8.08 -32.94 41.72
C GLY A 214 8.31 -33.28 43.17
N ILE A 215 8.81 -32.31 43.94
CA ILE A 215 9.11 -32.52 45.35
C ILE A 215 7.90 -32.11 46.16
N ALA A 216 7.15 -33.10 46.64
CA ALA A 216 5.92 -32.87 47.40
C ALA A 216 6.09 -33.41 48.82
N ALA A 217 5.02 -33.33 49.59
CA ALA A 217 4.99 -33.82 50.96
C ALA A 217 4.16 -35.09 51.02
N TRP A 218 4.72 -36.14 51.63
CA TRP A 218 3.98 -37.40 51.77
C TRP A 218 2.76 -37.22 52.66
N GLY A 219 2.79 -36.26 53.57
CA GLY A 219 1.70 -36.01 54.47
C GLY A 219 0.53 -35.25 53.89
N MET A 220 0.62 -34.84 52.62
CA MET A 220 -0.46 -34.13 51.97
C MET A 220 -1.01 -34.84 50.74
N VAL A 221 -0.52 -36.04 50.43
CA VAL A 221 -1.03 -36.78 49.28
C VAL A 221 -2.43 -37.28 49.59
N SER A 222 -3.36 -37.06 48.66
CA SER A 222 -4.76 -37.39 48.91
C SER A 222 -5.00 -38.89 48.83
N ASN A 223 -4.82 -39.46 47.64
CA ASN A 223 -5.15 -40.88 47.41
C ASN A 223 -3.94 -41.75 47.76
N ARG A 224 -3.66 -41.81 49.06
CA ARG A 224 -2.60 -42.66 49.57
C ARG A 224 -3.12 -44.09 49.69
N ASP A 225 -2.36 -44.95 50.36
CA ASP A 225 -2.62 -46.37 50.53
C ASP A 225 -2.56 -47.13 49.21
N THR A 226 -2.32 -46.45 48.09
CA THR A 226 -2.09 -47.08 46.80
C THR A 226 -0.65 -46.96 46.35
N LEU A 227 0.14 -46.10 46.99
CA LEU A 227 1.56 -45.94 46.69
C LEU A 227 2.43 -46.91 47.48
N ILE A 228 1.84 -47.70 48.36
CA ILE A 228 2.58 -48.68 49.16
C ILE A 228 2.70 -49.96 48.37
N ARG A 229 3.85 -50.63 48.49
CA ARG A 229 4.06 -51.88 47.78
C ARG A 229 3.14 -52.97 48.30
N ASN A 230 2.80 -53.90 47.42
CA ASN A 230 1.93 -55.02 47.78
C ASN A 230 2.60 -55.93 48.80
N TYR A 236 8.61 -53.80 38.72
CA TYR A 236 8.05 -54.89 39.51
C TYR A 236 6.65 -54.55 39.99
N PHE A 237 6.53 -53.44 40.71
CA PHE A 237 5.26 -52.97 41.25
C PHE A 237 4.94 -51.60 40.66
N LEU A 238 3.74 -51.47 40.11
CA LEU A 238 3.27 -50.21 39.54
C LEU A 238 2.13 -49.68 40.39
N ALA A 239 2.27 -48.44 40.86
CA ALA A 239 1.28 -47.82 41.70
C ALA A 239 0.27 -47.07 40.84
N GLN A 240 -1.01 -47.42 40.98
CA GLN A 240 -2.07 -46.80 40.19
C GLN A 240 -2.64 -45.64 41.01
N TYR A 241 -2.17 -44.42 40.73
CA TYR A 241 -2.67 -43.23 41.39
C TYR A 241 -3.85 -42.67 40.60
N LEU A 242 -4.96 -43.41 40.66
CA LEU A 242 -6.19 -42.97 40.00
C LEU A 242 -6.79 -41.79 40.76
N MET A 243 -7.13 -40.74 40.02
CA MET A 243 -7.73 -39.55 40.61
C MET A 243 -9.05 -39.16 39.97
N ASP A 244 -9.53 -39.94 38.99
CA ASP A 244 -10.83 -39.64 38.40
C ASP A 244 -11.96 -39.82 39.41
N ASP A 245 -11.87 -40.86 40.24
CA ASP A 245 -12.87 -41.13 41.26
C ASP A 245 -12.53 -40.50 42.61
N PHE A 246 -11.43 -39.77 42.70
CA PHE A 246 -11.06 -39.13 43.95
C PHE A 246 -12.05 -38.01 44.29
N THR A 247 -12.42 -37.94 45.57
CA THR A 247 -13.37 -36.93 46.04
C THR A 247 -12.63 -35.63 46.35
N ARG A 248 -13.37 -34.66 46.88
CA ARG A 248 -12.81 -33.36 47.25
C ARG A 248 -12.35 -33.43 48.69
N ASP A 249 -11.03 -33.34 48.90
CA ASP A 249 -10.44 -33.41 50.23
C ASP A 249 -9.41 -32.29 50.37
N PRO A 250 -9.16 -31.83 51.60
CA PRO A 250 -8.16 -30.77 51.79
C PRO A 250 -6.75 -31.15 51.38
N LEU A 251 -6.44 -32.45 51.33
CA LEU A 251 -5.10 -32.88 50.99
C LEU A 251 -4.82 -32.66 49.51
N TYR A 252 -3.54 -32.53 49.18
CA TYR A 252 -3.13 -32.27 47.80
C TYR A 252 -3.18 -33.55 46.97
N ILE A 253 -3.27 -33.38 45.66
CA ILE A 253 -3.34 -34.48 44.70
C ILE A 253 -2.08 -34.42 43.85
N LEU A 254 -1.39 -35.56 43.74
CA LEU A 254 -0.16 -35.63 42.98
C LEU A 254 -0.41 -35.33 41.51
N ASP A 255 0.57 -34.69 40.87
CA ASP A 255 0.49 -34.41 39.44
C ASP A 255 0.76 -35.69 38.64
N ASN A 256 0.09 -35.79 37.49
CA ASN A 256 0.20 -36.98 36.65
C ASN A 256 1.27 -36.86 35.58
N ASN A 257 1.64 -35.65 35.17
CA ASN A 257 2.58 -35.45 34.08
C ASN A 257 4.00 -35.20 34.56
N HIS A 258 4.26 -35.26 35.86
CA HIS A 258 5.62 -35.07 36.37
C HIS A 258 6.43 -36.34 36.16
N THR A 259 7.67 -36.18 35.68
CA THR A 259 8.50 -37.34 35.40
C THR A 259 8.85 -38.11 36.66
N HIS A 260 9.25 -37.40 37.72
CA HIS A 260 9.64 -38.02 38.98
C HIS A 260 8.98 -37.28 40.13
N LEU A 261 8.77 -38.00 41.23
CA LEU A 261 8.13 -37.44 42.42
C LEU A 261 8.97 -37.79 43.64
N LEU A 262 9.25 -36.78 44.46
CA LEU A 262 10.02 -36.94 45.70
C LEU A 262 9.11 -36.55 46.85
N LEU A 263 8.41 -37.53 47.41
CA LEU A 263 7.46 -37.30 48.49
C LEU A 263 8.21 -37.32 49.83
N VAL A 264 8.39 -36.15 50.42
CA VAL A 264 9.12 -36.04 51.67
C VAL A 264 8.18 -36.34 52.83
N ASP A 265 8.61 -37.23 53.72
CA ASP A 265 7.80 -37.70 54.83
C ASP A 265 8.49 -37.37 56.14
N ASN A 266 7.88 -36.49 56.93
CA ASN A 266 8.34 -36.19 58.28
C ASN A 266 7.56 -36.94 59.33
N GLY A 267 6.79 -37.95 58.93
CA GLY A 267 5.94 -38.67 59.87
C GLY A 267 4.80 -37.84 60.43
N CYS A 268 4.18 -37.02 59.59
CA CYS A 268 3.08 -36.16 59.99
C CYS A 268 1.93 -36.31 59.00
N HIS A 269 0.83 -35.62 59.28
CA HIS A 269 -0.35 -35.68 58.42
C HIS A 269 -1.02 -34.31 58.43
N GLY A 270 -1.30 -33.78 57.25
CA GLY A 270 -1.92 -32.48 57.13
C GLY A 270 -1.02 -31.30 57.41
N HIS A 271 0.29 -31.52 57.51
CA HIS A 271 1.23 -30.43 57.78
C HIS A 271 1.92 -30.06 56.48
N PRO A 272 1.67 -28.88 55.92
CA PRO A 272 2.36 -28.47 54.70
C PRO A 272 3.74 -27.91 55.00
N THR A 273 4.42 -27.46 53.94
CA THR A 273 5.73 -26.83 54.04
C THR A 273 6.73 -27.77 54.72
N VAL A 274 6.67 -29.05 54.39
CA VAL A 274 7.60 -30.04 54.92
C VAL A 274 8.73 -30.32 53.95
N GLU A 275 8.42 -30.39 52.66
CA GLU A 275 9.41 -30.69 51.63
C GLU A 275 10.36 -29.53 51.38
N ALA A 276 10.11 -28.36 51.96
CA ALA A 276 10.93 -27.18 51.68
C ALA A 276 12.37 -27.40 52.12
N LYS A 277 12.56 -28.02 53.29
CA LYS A 277 13.92 -28.22 53.80
C LYS A 277 14.72 -29.13 52.88
N LEU A 278 14.11 -30.24 52.44
CA LEU A 278 14.83 -31.15 51.56
C LEU A 278 15.05 -30.54 50.19
N ARG A 279 14.09 -29.77 49.69
CA ARG A 279 14.28 -29.07 48.42
C ARG A 279 15.46 -28.11 48.51
N ASN A 280 15.54 -27.35 49.60
CA ASN A 280 16.65 -26.42 49.76
C ASN A 280 17.98 -27.16 49.89
N GLN A 281 18.01 -28.27 50.62
CA GLN A 281 19.24 -29.03 50.74
C GLN A 281 19.68 -29.61 49.39
N LEU A 282 18.73 -30.11 48.61
CA LEU A 282 19.05 -30.64 47.29
C LEU A 282 19.57 -29.54 46.37
N GLU A 283 18.94 -28.36 46.42
CA GLU A 283 19.42 -27.24 45.61
C GLU A 283 20.82 -26.83 46.03
N LYS A 284 21.09 -26.80 47.33
CA LYS A 284 22.42 -26.45 47.81
C LYS A 284 23.45 -27.46 47.34
N TYR A 285 23.12 -28.75 47.40
CA TYR A 285 24.06 -29.77 46.92
C TYR A 285 24.30 -29.64 45.43
N ILE A 286 23.25 -29.35 44.66
CA ILE A 286 23.40 -29.19 43.22
C ILE A 286 24.30 -28.00 42.91
N SER A 287 24.09 -26.88 43.62
CA SER A 287 24.93 -25.71 43.42
C SER A 287 26.37 -26.00 43.79
N GLU A 288 26.60 -26.71 44.89
CA GLU A 288 27.95 -27.05 45.32
C GLU A 288 28.54 -28.21 44.54
N ARG A 289 27.74 -28.91 43.74
CA ARG A 289 28.26 -30.03 42.96
C ARG A 289 29.23 -29.53 41.90
N THR A 290 30.29 -30.31 41.67
CA THR A 290 31.32 -29.98 40.70
C THR A 290 31.38 -31.05 39.63
N ILE A 291 31.30 -30.63 38.37
CA ILE A 291 31.41 -31.52 37.23
C ILE A 291 32.41 -30.93 36.25
N GLN A 292 33.38 -31.75 35.82
CA GLN A 292 34.44 -31.26 34.95
C GLN A 292 33.93 -30.89 33.55
N ASP A 293 32.76 -31.38 33.16
CA ASP A 293 32.19 -31.10 31.84
C ASP A 293 31.17 -29.97 31.89
N SER A 294 31.38 -28.98 32.76
CA SER A 294 30.45 -27.87 32.92
C SER A 294 31.02 -26.61 32.29
N ASN A 295 30.14 -25.85 31.63
CA ASN A 295 30.52 -24.58 31.03
C ASN A 295 30.30 -23.40 31.96
N TYR A 296 29.88 -23.65 33.20
CA TYR A 296 29.60 -22.61 34.19
C TYR A 296 30.71 -22.51 35.22
N GLY A 297 31.96 -22.69 34.80
CA GLY A 297 33.07 -22.65 35.72
C GLY A 297 33.26 -23.92 36.53
N GLY A 298 32.65 -25.02 36.12
CA GLY A 298 32.78 -26.28 36.82
C GLY A 298 31.65 -26.63 37.76
N LYS A 299 30.58 -25.85 37.78
CA LYS A 299 29.43 -26.10 38.64
C LYS A 299 28.16 -26.11 37.82
N ILE A 300 27.17 -26.85 38.29
CA ILE A 300 25.88 -26.93 37.61
C ILE A 300 25.12 -25.63 37.83
N PRO A 301 24.72 -24.93 36.76
CA PRO A 301 23.92 -23.72 36.95
C PRO A 301 22.60 -24.02 37.64
N ILE A 302 22.21 -23.13 38.54
CA ILE A 302 20.98 -23.27 39.31
C ILE A 302 20.26 -21.93 39.32
N VAL A 303 18.97 -21.95 39.01
CA VAL A 303 18.17 -20.73 38.92
C VAL A 303 16.83 -20.99 39.59
N CYS A 304 16.41 -20.07 40.44
CA CYS A 304 15.11 -20.16 41.11
C CYS A 304 14.11 -19.29 40.38
N PHE A 305 13.01 -19.89 39.95
CA PHE A 305 11.96 -19.20 39.20
C PHE A 305 10.78 -18.98 40.14
N ALA A 306 10.48 -17.72 40.43
CA ALA A 306 9.42 -17.36 41.37
C ALA A 306 8.31 -16.64 40.63
N GLN A 307 7.06 -16.90 41.06
CA GLN A 307 5.90 -16.29 40.42
C GLN A 307 4.76 -16.28 41.42
N GLY A 308 4.42 -15.10 41.93
CA GLY A 308 3.34 -14.99 42.89
C GLY A 308 3.66 -15.73 44.16
N GLY A 309 2.71 -16.55 44.61
CA GLY A 309 2.91 -17.36 45.79
C GLY A 309 2.62 -16.61 47.08
N GLY A 310 2.91 -17.27 48.19
CA GLY A 310 2.66 -16.70 49.50
C GLY A 310 3.85 -16.79 50.43
N LYS A 311 3.61 -17.28 51.65
CA LYS A 311 4.70 -17.41 52.61
C LYS A 311 5.72 -18.44 52.15
N GLU A 312 5.27 -19.54 51.56
CA GLU A 312 6.19 -20.58 51.10
C GLU A 312 7.09 -20.05 49.99
N THR A 313 6.52 -19.31 49.04
CA THR A 313 7.32 -18.75 47.95
C THR A 313 8.34 -17.75 48.48
N LEU A 314 7.92 -16.91 49.43
CA LEU A 314 8.85 -15.96 50.02
C LEU A 314 9.98 -16.66 50.76
N LYS A 315 9.66 -17.71 51.51
CA LYS A 315 10.70 -18.47 52.20
C LYS A 315 11.65 -19.13 51.21
N ALA A 316 11.11 -19.67 50.11
CA ALA A 316 11.96 -20.29 49.10
C ALA A 316 12.90 -19.26 48.48
N ILE A 317 12.38 -18.07 48.16
CA ILE A 317 13.22 -17.02 47.60
C ILE A 317 14.31 -16.61 48.58
N ASN A 318 13.94 -16.48 49.86
CA ASN A 318 14.94 -16.10 50.87
C ASN A 318 16.02 -17.15 51.00
N THR A 319 15.64 -18.43 51.02
CA THR A 319 16.62 -19.50 51.13
C THR A 319 17.52 -19.55 49.90
N SER A 320 16.95 -19.35 48.71
CA SER A 320 17.76 -19.34 47.50
C SER A 320 18.75 -18.19 47.50
N ILE A 321 18.31 -17.01 47.98
CA ILE A 321 19.22 -15.87 48.09
C ILE A 321 20.34 -16.19 49.08
N LYS A 322 20.00 -16.80 50.21
CA LYS A 322 21.01 -17.15 51.20
C LYS A 322 22.03 -18.14 50.64
N ASN A 323 21.56 -19.12 49.86
CA ASN A 323 22.44 -20.15 49.31
C ASN A 323 23.18 -19.70 48.06
N LYS A 324 23.23 -18.39 47.80
CA LYS A 324 23.93 -17.84 46.64
C LYS A 324 23.42 -18.42 45.33
N ILE A 325 22.10 -18.52 45.21
CA ILE A 325 21.43 -19.02 44.01
C ILE A 325 20.67 -17.87 43.38
N PRO A 326 20.94 -17.51 42.13
CA PRO A 326 20.18 -16.43 41.49
C PRO A 326 18.72 -16.80 41.35
N CYS A 327 17.86 -15.78 41.46
CA CYS A 327 16.42 -15.96 41.40
C CYS A 327 15.83 -15.06 40.32
N VAL A 328 14.82 -15.58 39.63
CA VAL A 328 14.13 -14.84 38.57
C VAL A 328 12.67 -14.67 38.98
N VAL A 329 12.21 -13.43 39.04
CA VAL A 329 10.85 -13.11 39.46
C VAL A 329 10.13 -12.49 38.27
N VAL A 330 8.95 -13.02 37.96
CA VAL A 330 8.16 -12.55 36.82
C VAL A 330 7.26 -11.43 37.29
N GLU A 331 7.39 -10.26 36.66
CA GLU A 331 6.55 -9.12 37.00
C GLU A 331 5.12 -9.34 36.50
N GLY A 332 4.17 -8.71 37.18
CA GLY A 332 2.78 -8.83 36.84
C GLY A 332 2.08 -10.05 37.40
N SER A 333 2.79 -10.90 38.14
CA SER A 333 2.20 -12.09 38.73
C SER A 333 1.46 -11.81 40.03
N GLY A 334 1.65 -10.63 40.63
CA GLY A 334 1.03 -10.33 41.89
C GLY A 334 1.74 -11.04 43.05
N GLN A 335 1.15 -10.88 44.23
CA GLN A 335 1.60 -11.55 45.45
C GLN A 335 3.04 -11.12 45.75
N ILE A 336 3.96 -12.05 46.02
CA ILE A 336 5.31 -11.66 46.44
C ILE A 336 6.17 -11.28 45.25
N ALA A 337 5.93 -11.87 44.07
CA ALA A 337 6.77 -11.57 42.92
C ALA A 337 6.72 -10.08 42.57
N ASP A 338 5.53 -9.51 42.52
CA ASP A 338 5.41 -8.08 42.22
C ASP A 338 5.95 -7.23 43.36
N VAL A 339 5.84 -7.70 44.60
CA VAL A 339 6.42 -6.98 45.72
C VAL A 339 7.94 -6.87 45.55
N ILE A 340 8.58 -8.00 45.20
CA ILE A 340 10.02 -8.00 45.01
C ILE A 340 10.40 -7.14 43.81
N ALA A 341 9.62 -7.21 42.72
CA ALA A 341 9.89 -6.39 41.56
C ALA A 341 9.82 -4.91 41.89
N SER A 342 8.80 -4.49 42.62
CA SER A 342 8.67 -3.10 43.02
C SER A 342 9.81 -2.69 43.95
N LEU A 343 10.20 -3.56 44.88
CA LEU A 343 11.26 -3.22 45.82
C LEU A 343 12.60 -3.06 45.11
N VAL A 344 12.89 -3.93 44.14
CA VAL A 344 14.16 -3.82 43.41
C VAL A 344 14.12 -2.70 42.37
N GLU A 345 12.93 -2.29 41.94
CA GLU A 345 12.84 -1.19 40.99
C GLU A 345 13.31 0.13 41.61
N VAL A 346 12.96 0.37 42.87
CA VAL A 346 13.32 1.60 43.55
C VAL A 346 14.75 1.52 44.04
N GLU A 347 15.32 2.66 44.44
CA GLU A 347 16.66 2.75 44.98
C GLU A 347 16.68 3.60 46.23
N ASP A 348 15.69 3.40 47.10
CA ASP A 348 15.58 4.16 48.34
C ASP A 348 16.51 3.55 49.40
N ALA A 349 16.33 3.99 50.65
CA ALA A 349 17.14 3.50 51.76
C ALA A 349 16.65 2.16 52.30
N LEU A 350 15.69 1.52 51.64
CA LEU A 350 15.16 0.22 52.04
C LEU A 350 14.58 0.28 53.46
N THR A 351 13.60 1.14 53.63
CA THR A 351 12.91 1.27 54.90
C THR A 351 11.77 0.26 55.01
N SER A 352 11.36 -0.02 56.24
CA SER A 352 10.28 -0.98 56.46
C SER A 352 8.93 -0.43 56.03
N SER A 353 8.78 0.91 56.04
CA SER A 353 7.51 1.50 55.65
C SER A 353 7.20 1.24 54.18
N ALA A 354 8.21 1.36 53.31
CA ALA A 354 7.99 1.10 51.89
C ALA A 354 7.63 -0.36 51.63
N VAL A 355 8.32 -1.28 52.33
CA VAL A 355 8.01 -2.70 52.16
C VAL A 355 6.61 -3.01 52.64
N LYS A 356 6.21 -2.42 53.77
CA LYS A 356 4.85 -2.62 54.28
C LYS A 356 3.82 -2.06 53.31
N GLU A 357 4.10 -0.89 52.72
CA GLU A 357 3.18 -0.31 51.75
C GLU A 357 3.04 -1.21 50.52
N LYS A 358 4.16 -1.75 50.03
CA LYS A 358 4.10 -2.65 48.90
C LYS A 358 3.33 -3.92 49.25
N LEU A 359 3.55 -4.45 50.45
CA LEU A 359 2.84 -5.66 50.87
C LEU A 359 1.33 -5.42 50.95
N VAL A 360 0.91 -4.31 51.54
CA VAL A 360 -0.51 -4.03 51.62
C VAL A 360 -1.10 -3.66 50.28
N ARG A 361 -0.28 -3.16 49.35
CA ARG A 361 -0.77 -2.86 48.01
C ARG A 361 -1.01 -4.14 47.21
N PHE A 362 -0.08 -5.09 47.28
CA PHE A 362 -0.17 -6.30 46.47
C PHE A 362 -0.83 -7.47 47.18
N LEU A 363 -0.74 -7.54 48.52
CA LEU A 363 -1.34 -8.62 49.29
C LEU A 363 -2.09 -8.03 50.47
N PRO A 364 -3.22 -7.36 50.23
CA PRO A 364 -3.95 -6.71 51.33
C PRO A 364 -4.56 -7.70 52.32
N ARG A 365 -5.30 -8.68 51.79
CA ARG A 365 -5.99 -9.62 52.66
C ARG A 365 -5.01 -10.44 53.50
N THR A 366 -3.90 -10.87 52.89
CA THR A 366 -2.93 -11.68 53.62
C THR A 366 -2.32 -10.90 54.77
N VAL A 367 -1.79 -9.71 54.49
CA VAL A 367 -1.18 -8.92 55.56
C VAL A 367 -2.21 -8.50 56.58
N SER A 368 -3.48 -8.37 56.18
CA SER A 368 -4.53 -8.11 57.16
C SER A 368 -4.75 -9.30 58.08
N ARG A 369 -4.65 -10.52 57.54
CA ARG A 369 -4.88 -11.72 58.35
C ARG A 369 -3.70 -12.00 59.29
N LEU A 370 -2.48 -11.82 58.81
CA LEU A 370 -1.31 -12.14 59.61
C LEU A 370 -1.16 -11.16 60.78
N PRO A 371 -0.66 -11.63 61.92
CA PRO A 371 -0.45 -10.76 63.07
C PRO A 371 0.79 -9.89 62.89
N GLU A 372 1.11 -9.13 63.94
CA GLU A 372 2.23 -8.19 63.88
C GLU A 372 3.57 -8.92 63.77
N GLU A 373 3.74 -10.00 64.53
CA GLU A 373 5.01 -10.73 64.49
C GLU A 373 5.26 -11.35 63.12
N GLU A 374 4.23 -11.94 62.52
CA GLU A 374 4.38 -12.52 61.19
C GLU A 374 4.69 -11.45 60.16
N THR A 375 4.03 -10.28 60.27
CA THR A 375 4.32 -9.19 59.35
C THR A 375 5.76 -8.70 59.49
N GLU A 376 6.24 -8.60 60.73
CA GLU A 376 7.63 -8.21 60.96
C GLU A 376 8.59 -9.23 60.35
N SER A 377 8.29 -10.52 60.52
CA SER A 377 9.13 -11.56 59.93
C SER A 377 9.14 -11.46 58.40
N TRP A 378 7.96 -11.21 57.81
CA TRP A 378 7.90 -11.03 56.36
C TRP A 378 8.73 -9.84 55.91
N ILE A 379 8.63 -8.72 56.65
CA ILE A 379 9.41 -7.54 56.31
C ILE A 379 10.90 -7.85 56.39
N LYS A 380 11.31 -8.60 57.41
CA LYS A 380 12.71 -9.00 57.52
C LYS A 380 13.12 -9.87 56.34
N TRP A 381 12.24 -10.76 55.90
CA TRP A 381 12.55 -11.63 54.76
C TRP A 381 12.74 -10.82 53.49
N LEU A 382 11.84 -9.87 53.21
CA LEU A 382 12.02 -9.01 52.05
C LEU A 382 13.28 -8.14 52.18
N LYS A 383 13.59 -7.67 53.39
CA LYS A 383 14.82 -6.90 53.56
C LYS A 383 16.05 -7.75 53.26
N GLU A 384 16.05 -9.01 53.71
CA GLU A 384 17.16 -9.91 53.41
C GLU A 384 17.26 -10.17 51.91
N ILE A 385 16.12 -10.35 51.25
CA ILE A 385 16.13 -10.60 49.81
C ILE A 385 16.69 -9.40 49.06
N LEU A 386 16.23 -8.20 49.43
CA LEU A 386 16.71 -6.99 48.77
C LEU A 386 18.13 -6.63 49.16
N GLU A 387 18.67 -7.21 50.24
CA GLU A 387 20.05 -6.94 50.62
C GLU A 387 21.02 -7.42 49.55
N CYS A 388 20.65 -8.45 48.79
CA CYS A 388 21.46 -8.95 47.68
C CYS A 388 20.69 -8.67 46.39
N SER A 389 20.85 -7.46 45.86
CA SER A 389 20.17 -7.07 44.63
C SER A 389 20.88 -7.57 43.38
N HIS A 390 22.13 -8.01 43.49
CA HIS A 390 22.83 -8.57 42.34
C HIS A 390 22.26 -9.93 41.95
N LEU A 391 21.81 -10.70 42.92
CA LEU A 391 21.23 -12.02 42.67
C LEU A 391 19.72 -11.96 42.52
N LEU A 392 19.23 -11.08 41.64
CA LEU A 392 17.80 -10.93 41.43
C LEU A 392 17.57 -10.37 40.04
N THR A 393 16.78 -11.09 39.25
CA THR A 393 16.42 -10.68 37.90
C THR A 393 14.91 -10.65 37.76
N VAL A 394 14.39 -9.60 37.11
CA VAL A 394 12.96 -9.39 36.98
C VAL A 394 12.61 -9.38 35.49
N ILE A 395 11.58 -10.14 35.13
CA ILE A 395 11.05 -10.15 33.77
C ILE A 395 10.03 -9.02 33.68
N LYS A 396 10.47 -7.87 33.15
CA LYS A 396 9.61 -6.69 33.10
C LYS A 396 8.45 -6.90 32.13
N MET A 397 7.30 -6.34 32.46
CA MET A 397 6.14 -6.42 31.58
C MET A 397 6.33 -5.60 30.32
N GLU A 398 7.03 -4.46 30.42
CA GLU A 398 7.25 -3.61 29.25
C GLU A 398 8.06 -4.33 28.17
N GLU A 399 9.09 -5.07 28.58
CA GLU A 399 9.92 -5.82 27.63
C GLU A 399 9.29 -7.17 27.33
N ALA A 400 8.08 -7.11 26.77
CA ALA A 400 7.33 -8.32 26.41
C ALA A 400 7.59 -8.70 24.96
N GLY A 401 8.85 -9.01 24.67
CA GLY A 401 9.25 -9.39 23.33
C GLY A 401 9.35 -10.90 23.16
N ASP A 402 10.48 -11.35 22.61
CA ASP A 402 10.73 -12.77 22.40
C ASP A 402 12.00 -13.18 23.14
N GLU A 403 12.05 -14.45 23.55
CA GLU A 403 13.18 -15.00 24.28
C GLU A 403 13.46 -14.21 25.56
N ILE A 404 12.40 -13.78 26.23
CA ILE A 404 12.55 -13.03 27.47
C ILE A 404 13.06 -13.94 28.58
N VAL A 405 12.54 -15.16 28.65
CA VAL A 405 12.93 -16.08 29.71
C VAL A 405 14.41 -16.44 29.60
N SER A 406 14.86 -16.72 28.38
CA SER A 406 16.28 -17.03 28.17
C SER A 406 17.15 -15.84 28.53
N ASN A 407 16.72 -14.64 28.15
CA ASN A 407 17.47 -13.44 28.51
C ASN A 407 17.58 -13.27 30.02
N ALA A 408 16.48 -13.48 30.74
CA ALA A 408 16.51 -13.32 32.19
C ALA A 408 17.38 -14.37 32.85
N ILE A 409 17.26 -15.64 32.42
CA ILE A 409 18.06 -16.70 33.02
C ILE A 409 19.54 -16.48 32.74
N SER A 410 19.87 -16.09 31.51
CA SER A 410 21.26 -15.83 31.16
C SER A 410 21.81 -14.64 31.95
N TYR A 411 21.00 -13.59 32.12
CA TYR A 411 21.44 -12.45 32.90
C TYR A 411 21.70 -12.85 34.36
N ALA A 412 20.82 -13.66 34.93
CA ALA A 412 21.03 -14.11 36.31
C ALA A 412 22.30 -14.94 36.42
N LEU A 413 22.52 -15.85 35.47
CA LEU A 413 23.72 -16.69 35.50
C LEU A 413 24.97 -15.85 35.34
N TYR A 414 24.94 -14.85 34.45
CA TYR A 414 26.11 -14.01 34.26
C TYR A 414 26.36 -13.13 35.47
N LYS A 415 25.31 -12.65 36.13
CA LYS A 415 25.49 -11.87 37.35
C LYS A 415 26.10 -12.72 38.45
N ALA A 416 25.65 -13.96 38.58
CA ALA A 416 26.25 -14.86 39.56
C ALA A 416 27.71 -15.15 39.22
N PHE A 417 28.01 -15.33 37.93
CA PHE A 417 29.39 -15.58 37.51
C PHE A 417 30.29 -14.39 37.79
N SER A 418 29.80 -13.17 37.53
CA SER A 418 30.61 -11.98 37.73
C SER A 418 30.88 -11.73 39.21
N THR A 419 29.88 -11.96 40.06
CA THR A 419 30.05 -11.78 41.50
C THR A 419 30.64 -13.05 42.13
N SER A 420 31.81 -13.44 41.62
CA SER A 420 32.48 -14.64 42.07
C SER A 420 33.98 -14.49 41.83
N GLU A 421 34.76 -15.36 42.48
CA GLU A 421 36.20 -15.33 42.33
C GLU A 421 36.66 -15.69 40.92
N GLN A 422 35.83 -16.38 40.15
CA GLN A 422 36.22 -16.77 38.79
C GLN A 422 36.29 -15.57 37.86
N ASP A 423 35.45 -14.55 38.08
CA ASP A 423 35.33 -13.45 37.14
C ASP A 423 36.61 -12.62 37.02
N LYS A 424 37.57 -12.80 37.93
CA LYS A 424 38.77 -11.99 37.92
C LYS A 424 39.53 -12.13 36.60
N ASP A 425 39.69 -13.35 36.11
CA ASP A 425 40.43 -13.58 34.87
C ASP A 425 39.78 -14.64 34.00
N ASN A 426 38.46 -14.81 34.09
CA ASN A 426 37.76 -15.80 33.26
C ASN A 426 37.14 -15.11 32.05
N TRP A 427 38.03 -14.62 31.18
CA TRP A 427 37.59 -14.10 29.88
C TRP A 427 36.92 -15.21 29.08
N ASN A 428 37.59 -16.35 28.94
CA ASN A 428 37.05 -17.45 28.15
C ASN A 428 35.77 -18.00 28.75
N GLY A 429 35.74 -18.17 30.08
CA GLY A 429 34.55 -18.73 30.70
C GLY A 429 33.34 -17.83 30.56
N GLN A 430 33.51 -16.54 30.81
CA GLN A 430 32.40 -15.60 30.66
C GLN A 430 31.95 -15.50 29.20
N LEU A 431 32.90 -15.49 28.28
CA LEU A 431 32.55 -15.43 26.86
C LEU A 431 31.76 -16.68 26.45
N LYS A 432 32.20 -17.85 26.89
CA LYS A 432 31.50 -19.08 26.55
C LYS A 432 30.11 -19.12 27.17
N LEU A 433 29.98 -18.64 28.41
CA LEU A 433 28.67 -18.60 29.04
C LEU A 433 27.73 -17.66 28.30
N LEU A 434 28.21 -16.49 27.90
CA LEU A 434 27.37 -15.55 27.18
C LEU A 434 27.03 -16.05 25.78
N LEU A 435 27.95 -16.80 25.16
CA LEU A 435 27.70 -17.32 23.82
C LEU A 435 26.72 -18.49 23.85
N GLU A 436 26.80 -19.31 24.89
CA GLU A 436 25.90 -20.46 24.99
C GLU A 436 24.44 -20.03 25.12
N TRP A 437 24.20 -18.84 25.65
CA TRP A 437 22.86 -18.31 25.83
C TRP A 437 22.50 -17.25 24.79
N ASN A 438 23.35 -17.07 23.78
CA ASN A 438 23.08 -16.13 22.68
C ASN A 438 22.86 -14.71 23.21
N GLN A 439 23.73 -14.28 24.12
CA GLN A 439 23.66 -12.94 24.70
C GLN A 439 24.74 -12.08 24.04
N LEU A 440 24.39 -11.56 22.85
CA LEU A 440 25.37 -10.79 22.08
C LEU A 440 25.57 -9.40 22.67
N ASP A 441 24.48 -8.75 23.10
CA ASP A 441 24.60 -7.41 23.65
C ASP A 441 25.45 -7.42 24.92
N LEU A 442 25.24 -8.40 25.79
CA LEU A 442 26.02 -8.48 27.02
C LEU A 442 27.50 -8.73 26.70
N ALA A 443 27.78 -9.60 25.72
CA ALA A 443 29.16 -9.85 25.35
C ALA A 443 29.82 -8.58 24.80
N ASN A 444 29.10 -7.84 23.96
CA ASN A 444 29.65 -6.61 23.41
C ASN A 444 29.88 -5.57 24.51
N ASP A 445 28.97 -5.51 25.48
CA ASP A 445 29.08 -4.48 26.52
C ASP A 445 30.17 -4.81 27.52
N GLU A 446 30.37 -6.08 27.85
CA GLU A 446 31.28 -6.47 28.92
C GLU A 446 32.54 -7.16 28.42
N ILE A 447 32.39 -8.25 27.65
CA ILE A 447 33.54 -9.05 27.26
C ILE A 447 34.45 -8.25 26.32
N PHE A 448 33.88 -7.75 25.23
CA PHE A 448 34.67 -7.07 24.20
C PHE A 448 34.63 -5.56 24.48
N THR A 449 35.64 -5.11 25.21
CA THR A 449 35.81 -3.69 25.51
C THR A 449 37.27 -3.32 25.31
N ASN A 450 37.51 -2.03 25.07
CA ASN A 450 38.87 -1.56 24.85
C ASN A 450 39.74 -1.75 26.08
N ASP A 451 39.13 -1.77 27.26
CA ASP A 451 39.90 -1.99 28.49
C ASP A 451 40.53 -3.38 28.51
N ARG A 452 39.79 -4.39 28.08
CA ARG A 452 40.31 -5.75 28.05
C ARG A 452 41.21 -5.96 26.83
N ARG A 453 41.97 -7.05 26.86
CA ARG A 453 42.88 -7.39 25.79
C ARG A 453 42.68 -8.85 25.40
N TRP A 454 42.86 -9.14 24.11
CA TRP A 454 42.72 -10.49 23.59
C TRP A 454 43.44 -10.57 22.26
N GLU A 455 43.58 -11.81 21.77
CA GLU A 455 44.23 -12.08 20.50
C GLU A 455 43.28 -12.85 19.60
N SER A 456 43.58 -12.82 18.29
CA SER A 456 42.74 -13.51 17.33
C SER A 456 42.73 -15.01 17.56
N ALA A 457 43.88 -15.60 17.85
CA ALA A 457 43.98 -17.03 18.12
C ALA A 457 43.42 -17.41 19.48
N ASP A 458 43.13 -16.43 20.34
CA ASP A 458 42.61 -16.73 21.67
C ASP A 458 41.14 -17.14 21.64
N LEU A 459 40.43 -16.84 20.55
CA LEU A 459 39.01 -17.16 20.43
C LEU A 459 38.73 -18.13 19.28
N GLN A 460 39.70 -19.00 18.98
CA GLN A 460 39.51 -20.00 17.93
C GLN A 460 38.44 -21.01 18.31
N GLU A 461 38.55 -21.59 19.51
CA GLU A 461 37.58 -22.60 19.94
C GLU A 461 36.20 -21.98 20.16
N VAL A 462 36.15 -20.74 20.65
CA VAL A 462 34.88 -20.07 20.80
C VAL A 462 34.26 -19.80 19.44
N MET A 463 35.08 -19.50 18.43
CA MET A 463 34.58 -19.37 17.07
C MET A 463 34.03 -20.69 16.56
N PHE A 464 34.72 -21.79 16.82
CA PHE A 464 34.25 -23.09 16.37
C PHE A 464 32.90 -23.43 16.99
N THR A 465 32.78 -23.23 18.30
CA THR A 465 31.52 -23.56 18.96
C THR A 465 30.41 -22.57 18.62
N ALA A 466 30.75 -21.34 18.20
CA ALA A 466 29.72 -20.46 17.67
C ALA A 466 29.27 -20.90 16.29
N LEU A 467 30.19 -21.46 15.51
CA LEU A 467 29.84 -21.96 14.19
C LEU A 467 28.94 -23.19 14.28
N ILE A 468 29.28 -24.13 15.15
CA ILE A 468 28.54 -25.39 15.21
C ILE A 468 27.23 -25.26 15.97
N LYS A 469 27.07 -24.21 16.77
CA LYS A 469 25.84 -24.00 17.53
C LYS A 469 24.92 -22.98 16.88
N ASP A 470 25.26 -22.52 15.68
CA ASP A 470 24.43 -21.59 14.90
C ASP A 470 24.17 -20.30 15.68
N ARG A 471 25.26 -19.57 15.92
CA ARG A 471 25.22 -18.26 16.58
C ARG A 471 25.78 -17.23 15.61
N PRO A 472 25.01 -16.86 14.59
CA PRO A 472 25.54 -15.94 13.56
C PRO A 472 25.97 -14.60 14.11
N LYS A 473 25.27 -14.07 15.11
CA LYS A 473 25.66 -12.80 15.70
C LYS A 473 27.03 -12.89 16.34
N PHE A 474 27.31 -14.00 17.04
CA PHE A 474 28.62 -14.16 17.64
C PHE A 474 29.69 -14.44 16.59
N VAL A 475 29.34 -15.12 15.50
CA VAL A 475 30.27 -15.28 14.39
C VAL A 475 30.69 -13.92 13.85
N ARG A 476 29.70 -13.05 13.63
CA ARG A 476 29.99 -11.70 13.15
C ARG A 476 30.81 -10.91 14.16
N LEU A 477 30.50 -11.05 15.44
CA LEU A 477 31.24 -10.34 16.49
C LEU A 477 32.70 -10.77 16.51
N PHE A 478 32.95 -12.08 16.46
CA PHE A 478 34.32 -12.57 16.46
C PHE A 478 35.05 -12.17 15.18
N LEU A 479 34.34 -12.15 14.05
CA LEU A 479 34.96 -11.75 12.79
C LEU A 479 35.37 -10.28 12.83
N GLU A 480 34.51 -9.42 13.36
CA GLU A 480 34.81 -8.00 13.43
C GLU A 480 35.65 -7.63 14.65
N ASN A 481 35.98 -8.59 15.50
CA ASN A 481 36.84 -8.35 16.66
C ASN A 481 38.24 -8.92 16.45
N GLY A 482 38.71 -8.91 15.20
CA GLY A 482 40.09 -9.19 14.90
C GLY A 482 40.39 -10.59 14.41
N LEU A 483 39.46 -11.53 14.57
CA LEU A 483 39.73 -12.90 14.16
C LEU A 483 39.80 -13.02 12.65
N ASN A 484 40.76 -13.80 12.16
CA ASN A 484 40.96 -14.01 10.74
C ASN A 484 40.33 -15.35 10.35
N LEU A 485 39.33 -15.30 9.47
CA LEU A 485 38.60 -16.51 9.11
C LEU A 485 39.42 -17.41 8.18
N ARG A 486 40.28 -16.82 7.34
CA ARG A 486 41.03 -17.62 6.38
C ARG A 486 41.99 -18.58 7.08
N LYS A 487 42.68 -18.10 8.11
CA LYS A 487 43.61 -18.96 8.83
C LYS A 487 42.90 -19.92 9.79
N PHE A 488 41.74 -19.50 10.32
CA PHE A 488 41.00 -20.37 11.22
C PHE A 488 40.45 -21.60 10.49
N LEU A 489 40.00 -21.41 9.26
CA LEU A 489 39.39 -22.49 8.47
C LEU A 489 40.48 -23.43 7.95
N THR A 490 41.03 -24.23 8.87
CA THR A 490 42.02 -25.21 8.49
C THR A 490 41.35 -26.46 7.93
N HIS A 491 42.18 -27.38 7.42
CA HIS A 491 41.65 -28.63 6.89
C HIS A 491 40.99 -29.46 7.99
N ASP A 492 41.58 -29.47 9.18
CA ASP A 492 41.00 -30.20 10.30
C ASP A 492 39.65 -29.62 10.70
N VAL A 493 39.56 -28.29 10.75
CA VAL A 493 38.30 -27.65 11.13
C VAL A 493 37.22 -27.96 10.10
N LEU A 494 37.56 -27.86 8.81
CA LEU A 494 36.59 -28.14 7.76
C LEU A 494 36.17 -29.60 7.77
N THR A 495 37.11 -30.51 8.00
CA THR A 495 36.77 -31.93 8.07
C THR A 495 35.86 -32.22 9.24
N GLU A 496 36.12 -31.60 10.39
CA GLU A 496 35.25 -31.80 11.55
C GLU A 496 33.86 -31.22 11.30
N LEU A 497 33.79 -30.07 10.63
CA LEU A 497 32.49 -29.48 10.33
C LEU A 497 31.70 -30.35 9.36
N PHE A 498 32.36 -30.88 8.33
CA PHE A 498 31.66 -31.64 7.31
C PHE A 498 31.43 -33.10 7.70
N SER A 499 32.10 -33.60 8.74
CA SER A 499 31.96 -34.99 9.15
C SER A 499 31.06 -35.16 10.37
N ASN A 500 31.28 -34.36 11.41
CA ASN A 500 30.55 -34.52 12.66
C ASN A 500 29.40 -33.55 12.81
N HIS A 501 29.47 -32.37 12.19
CA HIS A 501 28.44 -31.35 12.33
C HIS A 501 27.63 -31.16 11.05
N PHE A 502 27.64 -32.15 10.17
CA PHE A 502 26.83 -32.13 8.96
C PHE A 502 25.62 -33.02 9.14
N SER A 503 24.44 -32.48 8.87
CA SER A 503 23.20 -33.21 9.10
C SER A 503 23.12 -34.43 8.18
N THR A 504 22.61 -35.54 8.73
CA THR A 504 22.42 -36.74 7.93
C THR A 504 21.25 -36.58 6.95
N LEU A 505 20.22 -35.82 7.35
CA LEU A 505 19.14 -35.53 6.43
C LEU A 505 19.62 -34.69 5.25
N VAL A 506 20.49 -33.71 5.52
CA VAL A 506 21.04 -32.89 4.45
C VAL A 506 21.91 -33.74 3.52
N TYR A 507 22.69 -34.65 4.09
CA TYR A 507 23.50 -35.53 3.25
C TYR A 507 22.64 -36.46 2.41
N ARG A 508 21.54 -36.96 2.97
CA ARG A 508 20.63 -37.79 2.20
C ARG A 508 20.00 -37.00 1.06
N ASN A 509 19.59 -35.77 1.32
CA ASN A 509 19.04 -34.92 0.28
C ASN A 509 20.07 -34.64 -0.81
N LEU A 510 21.32 -34.40 -0.41
CA LEU A 510 22.38 -34.17 -1.38
C LEU A 510 22.63 -35.41 -2.24
N GLN A 511 22.60 -36.58 -1.62
CA GLN A 511 22.76 -37.83 -2.37
C GLN A 511 21.62 -38.03 -3.36
N ILE A 512 20.39 -37.76 -2.93
CA ILE A 512 19.25 -37.88 -3.83
C ILE A 512 19.37 -36.90 -4.99
N ALA A 513 19.81 -35.67 -4.71
CA ALA A 513 20.01 -34.69 -5.77
C ALA A 513 21.08 -35.13 -6.75
N LYS A 514 22.19 -35.69 -6.24
CA LYS A 514 23.25 -36.16 -7.12
C LYS A 514 22.76 -37.31 -7.98
N ASN A 515 21.94 -38.20 -7.43
CA ASN A 515 21.46 -39.34 -8.20
C ASN A 515 20.39 -38.95 -9.20
N SER A 516 19.57 -37.95 -8.90
CA SER A 516 18.39 -37.62 -9.70
C SER A 516 18.52 -36.32 -10.48
N TYR A 517 19.12 -35.29 -9.90
CA TYR A 517 19.22 -33.97 -10.53
C TYR A 517 20.68 -33.53 -10.61
N ASN A 518 21.53 -34.43 -11.09
CA ASN A 518 22.96 -34.17 -11.14
C ASN A 518 23.27 -33.01 -12.08
N ASP A 519 24.34 -32.29 -11.76
CA ASP A 519 24.78 -31.15 -12.55
C ASP A 519 26.27 -30.95 -12.33
N ALA A 520 26.86 -30.02 -13.08
CA ALA A 520 28.28 -29.74 -12.93
C ALA A 520 28.58 -29.18 -11.54
N LEU A 521 27.81 -28.18 -11.11
CA LEU A 521 28.03 -27.61 -9.78
C LEU A 521 27.67 -28.61 -8.69
N LEU A 522 26.61 -29.40 -8.90
CA LEU A 522 26.26 -30.42 -7.92
C LEU A 522 27.36 -31.46 -7.80
N THR A 523 27.95 -31.86 -8.93
CA THR A 523 29.09 -32.78 -8.89
C THR A 523 30.27 -32.16 -8.16
N PHE A 524 30.55 -30.89 -8.43
CA PHE A 524 31.65 -30.21 -7.75
C PHE A 524 31.44 -30.17 -6.24
N VAL A 525 30.22 -29.83 -5.81
CA VAL A 525 29.93 -29.74 -4.39
C VAL A 525 29.96 -31.13 -3.75
N TRP A 526 29.47 -32.15 -4.47
CA TRP A 526 29.53 -33.51 -3.94
C TRP A 526 30.97 -33.97 -3.77
N LYS A 527 31.83 -33.65 -4.73
CA LYS A 527 33.25 -33.99 -4.60
C LYS A 527 33.87 -33.26 -3.43
N LEU A 528 33.53 -31.99 -3.24
CA LEU A 528 34.07 -31.23 -2.11
C LEU A 528 33.64 -31.83 -0.78
N VAL A 529 32.36 -32.19 -0.67
CA VAL A 529 31.85 -32.77 0.57
C VAL A 529 32.50 -34.12 0.83
N ALA A 530 32.66 -34.94 -0.21
CA ALA A 530 33.32 -36.23 -0.04
C ALA A 530 34.78 -36.05 0.38
N ASN A 531 35.46 -35.04 -0.17
CA ASN A 531 36.83 -34.76 0.24
C ASN A 531 36.89 -34.39 1.71
N PHE A 532 35.96 -33.54 2.15
CA PHE A 532 36.01 -33.09 3.54
C PHE A 532 35.38 -34.07 4.51
N ARG A 533 34.77 -35.14 4.03
CA ARG A 533 34.22 -36.16 4.92
C ARG A 533 35.20 -37.32 5.14
N ARG A 534 36.02 -37.63 4.14
CA ARG A 534 37.00 -38.70 4.27
C ARG A 534 38.41 -38.14 4.45
N THR A 558 43.95 -21.47 -4.41
CA THR A 558 44.17 -22.44 -3.34
C THR A 558 42.97 -23.39 -3.21
N ARG A 559 42.72 -23.84 -1.99
CA ARG A 559 41.60 -24.75 -1.74
C ARG A 559 40.30 -24.02 -1.43
N HIS A 560 40.32 -22.69 -1.31
CA HIS A 560 39.15 -21.88 -1.02
C HIS A 560 38.45 -22.37 0.24
N PRO A 561 39.05 -22.23 1.42
CA PRO A 561 38.38 -22.69 2.64
C PRO A 561 37.10 -21.92 2.94
N LEU A 562 37.07 -20.63 2.64
CA LEU A 562 35.87 -19.84 2.87
C LEU A 562 34.73 -20.31 1.98
N GLN A 563 35.03 -20.70 0.76
CA GLN A 563 34.00 -21.27 -0.11
C GLN A 563 33.47 -22.58 0.46
N ALA A 564 34.35 -23.40 1.03
CA ALA A 564 33.90 -24.64 1.67
C ALA A 564 32.99 -24.36 2.85
N LEU A 565 33.35 -23.39 3.69
CA LEU A 565 32.50 -23.05 4.83
C LEU A 565 31.17 -22.45 4.37
N PHE A 566 31.20 -21.64 3.31
CA PHE A 566 29.98 -21.08 2.75
C PHE A 566 29.06 -22.18 2.23
N ILE A 567 29.63 -23.17 1.55
CA ILE A 567 28.84 -24.30 1.07
C ILE A 567 28.30 -25.11 2.25
N TRP A 568 29.10 -25.28 3.29
CA TRP A 568 28.67 -26.00 4.48
C TRP A 568 27.46 -25.32 5.12
N ALA A 569 27.49 -23.99 5.20
CA ALA A 569 26.35 -23.27 5.76
C ALA A 569 25.16 -23.24 4.80
N ILE A 570 25.43 -23.21 3.50
CA ILE A 570 24.36 -23.11 2.50
C ILE A 570 23.57 -24.41 2.42
N LEU A 571 24.27 -25.55 2.45
CA LEU A 571 23.60 -26.83 2.31
C LEU A 571 22.64 -27.11 3.46
N GLN A 572 22.91 -26.55 4.64
CA GLN A 572 22.09 -26.78 5.82
C GLN A 572 21.11 -25.66 6.09
N ASN A 573 20.93 -24.75 5.13
CA ASN A 573 19.94 -23.68 5.20
C ASN A 573 20.14 -22.80 6.43
N LYS A 574 21.40 -22.58 6.81
CA LYS A 574 21.74 -21.65 7.87
C LYS A 574 21.85 -20.26 7.24
N LYS A 575 20.71 -19.58 7.17
CA LYS A 575 20.62 -18.37 6.35
C LYS A 575 21.53 -17.26 6.88
N GLU A 576 21.43 -16.96 8.18
CA GLU A 576 22.22 -15.85 8.73
C GLU A 576 23.70 -16.20 8.79
N LEU A 577 24.03 -17.44 9.15
CA LEU A 577 25.43 -17.86 9.12
C LEU A 577 25.97 -17.81 7.70
N SER A 578 25.17 -18.22 6.72
CA SER A 578 25.60 -18.16 5.34
C SER A 578 25.84 -16.71 4.91
N LYS A 579 24.98 -15.79 5.33
CA LYS A 579 25.19 -14.38 5.00
C LYS A 579 26.47 -13.84 5.62
N VAL A 580 26.73 -14.19 6.88
CA VAL A 580 27.94 -13.75 7.55
C VAL A 580 29.18 -14.28 6.83
N ILE A 581 29.15 -15.55 6.44
CA ILE A 581 30.30 -16.14 5.74
C ILE A 581 30.45 -15.54 4.35
N TRP A 582 29.33 -15.29 3.66
CA TRP A 582 29.37 -14.73 2.31
C TRP A 582 29.92 -13.32 2.31
N GLU A 583 29.69 -12.57 3.39
CA GLU A 583 30.27 -11.23 3.47
C GLU A 583 31.79 -11.24 3.52
N GLN A 584 32.41 -12.40 3.75
CA GLN A 584 33.85 -12.52 3.81
C GLN A 584 34.45 -13.18 2.58
N THR A 585 33.64 -13.61 1.62
CA THR A 585 34.15 -14.30 0.45
C THR A 585 34.87 -13.34 -0.50
N ARG A 586 35.72 -13.91 -1.35
CA ARG A 586 36.47 -13.11 -2.32
C ARG A 586 35.62 -12.76 -3.53
N GLY A 587 35.18 -13.78 -4.27
CA GLY A 587 34.25 -13.55 -5.36
C GLY A 587 32.82 -13.64 -4.85
N CYS A 588 32.23 -12.49 -4.52
CA CYS A 588 30.95 -12.48 -3.82
C CYS A 588 29.78 -12.67 -4.75
N THR A 589 29.81 -12.05 -5.94
CA THR A 589 28.76 -12.28 -6.92
C THR A 589 28.76 -13.73 -7.39
N LEU A 590 29.95 -14.28 -7.64
CA LEU A 590 30.05 -15.68 -8.04
C LEU A 590 29.59 -16.60 -6.92
N ALA A 591 29.93 -16.28 -5.68
CA ALA A 591 29.47 -17.09 -4.55
C ALA A 591 27.96 -17.05 -4.42
N ALA A 592 27.36 -15.88 -4.58
CA ALA A 592 25.92 -15.76 -4.48
C ALA A 592 25.22 -16.53 -5.60
N LEU A 593 25.76 -16.45 -6.82
CA LEU A 593 25.15 -17.17 -7.93
C LEU A 593 25.32 -18.67 -7.78
N GLY A 594 26.49 -19.12 -7.32
CA GLY A 594 26.68 -20.55 -7.08
C GLY A 594 25.79 -21.07 -5.97
N ALA A 595 25.62 -20.28 -4.91
CA ALA A 595 24.69 -20.66 -3.85
C ALA A 595 23.26 -20.74 -4.38
N SER A 596 22.87 -19.79 -5.23
CA SER A 596 21.55 -19.84 -5.83
C SER A 596 21.36 -21.10 -6.66
N LYS A 597 22.37 -21.46 -7.45
CA LYS A 597 22.28 -22.66 -8.28
C LYS A 597 22.19 -23.92 -7.42
N LEU A 598 23.04 -24.02 -6.40
CA LEU A 598 23.05 -25.19 -5.53
C LEU A 598 21.74 -25.31 -4.76
N LEU A 599 21.21 -24.18 -4.27
CA LEU A 599 19.97 -24.22 -3.52
C LEU A 599 18.78 -24.55 -4.43
N LYS A 600 18.79 -24.06 -5.66
CA LYS A 600 17.72 -24.41 -6.59
C LYS A 600 17.78 -25.90 -6.95
N THR A 601 18.98 -26.45 -7.06
CA THR A 601 19.10 -27.89 -7.29
C THR A 601 18.60 -28.68 -6.09
N LEU A 602 18.94 -28.24 -4.88
CA LEU A 602 18.49 -28.95 -3.68
C LEU A 602 16.99 -28.82 -3.46
N ALA A 603 16.38 -27.72 -3.94
CA ALA A 603 14.95 -27.56 -3.86
C ALA A 603 14.18 -28.51 -4.77
N LYS A 604 14.86 -29.17 -5.71
CA LYS A 604 14.20 -30.13 -6.58
C LYS A 604 13.88 -31.44 -5.87
N VAL A 605 14.58 -31.74 -4.77
CA VAL A 605 14.32 -32.98 -4.05
C VAL A 605 13.01 -32.87 -3.30
N LYS A 606 12.12 -33.85 -3.52
CA LYS A 606 10.79 -33.84 -2.93
C LYS A 606 10.68 -34.74 -1.71
N ASN A 607 11.82 -35.21 -1.17
CA ASN A 607 11.78 -36.01 0.04
C ASN A 607 11.22 -35.23 1.22
N ASP A 608 11.63 -33.97 1.36
CA ASP A 608 11.15 -33.08 2.42
C ASP A 608 10.80 -31.74 1.78
N ILE A 609 9.51 -31.44 1.68
CA ILE A 609 9.11 -30.22 0.98
C ILE A 609 9.38 -28.97 1.79
N ASN A 610 9.45 -29.07 3.13
CA ASN A 610 9.80 -27.91 3.93
C ASN A 610 11.26 -27.50 3.71
N ALA A 611 12.15 -28.49 3.66
CA ALA A 611 13.55 -28.21 3.35
C ALA A 611 13.69 -27.65 1.94
N ALA A 612 12.93 -28.19 0.99
CA ALA A 612 12.98 -27.68 -0.38
C ALA A 612 12.49 -26.23 -0.44
N GLY A 613 11.43 -25.91 0.29
CA GLY A 613 10.95 -24.54 0.32
C GLY A 613 11.95 -23.58 0.94
N GLU A 614 12.60 -24.02 2.03
CA GLU A 614 13.65 -23.19 2.62
C GLU A 614 14.80 -22.99 1.65
N SER A 615 15.18 -24.04 0.93
CA SER A 615 16.25 -23.91 -0.07
C SER A 615 15.86 -22.95 -1.18
N GLU A 616 14.60 -23.01 -1.64
CA GLU A 616 14.14 -22.09 -2.68
C GLU A 616 14.17 -20.65 -2.19
N GLU A 617 13.73 -20.42 -0.95
CA GLU A 617 13.76 -19.07 -0.40
C GLU A 617 15.19 -18.56 -0.28
N LEU A 618 16.12 -19.40 0.18
CA LEU A 618 17.52 -18.99 0.28
C LEU A 618 18.12 -18.72 -1.10
N ALA A 619 17.75 -19.53 -2.09
CA ALA A 619 18.22 -19.30 -3.45
C ALA A 619 17.74 -17.97 -3.99
N ASN A 620 16.47 -17.63 -3.74
CA ASN A 620 15.95 -16.34 -4.16
C ASN A 620 16.68 -15.20 -3.45
N GLU A 621 16.95 -15.37 -2.14
CA GLU A 621 17.68 -14.35 -1.40
C GLU A 621 19.07 -14.12 -1.98
N TYR A 622 19.77 -15.20 -2.31
CA TYR A 622 21.13 -15.04 -2.82
C TYR A 622 21.14 -14.54 -4.25
N GLU A 623 20.12 -14.87 -5.05
CA GLU A 623 19.99 -14.26 -6.36
C GLU A 623 19.78 -12.75 -6.24
N THR A 624 18.92 -12.33 -5.31
CA THR A 624 18.71 -10.90 -5.09
C THR A 624 19.99 -10.23 -4.62
N ARG A 625 20.74 -10.89 -3.73
CA ARG A 625 22.01 -10.34 -3.27
C ARG A 625 23.00 -10.16 -4.42
N ALA A 626 23.10 -11.17 -5.29
CA ALA A 626 23.98 -11.05 -6.45
C ALA A 626 23.52 -9.92 -7.37
N VAL A 627 22.22 -9.78 -7.58
CA VAL A 627 21.70 -8.72 -8.44
C VAL A 627 22.07 -7.36 -7.86
N GLU A 628 21.85 -7.17 -6.56
CA GLU A 628 22.14 -5.88 -5.95
C GLU A 628 23.63 -5.57 -5.97
N LEU A 629 24.47 -6.56 -5.66
CA LEU A 629 25.90 -6.33 -5.67
C LEU A 629 26.41 -6.01 -7.08
N PHE A 630 25.92 -6.72 -8.09
CA PHE A 630 26.36 -6.44 -9.44
C PHE A 630 25.81 -5.11 -9.96
N THR A 631 24.60 -4.74 -9.54
CA THR A 631 24.09 -3.42 -9.90
C THR A 631 24.97 -2.32 -9.31
N GLU A 632 25.38 -2.48 -8.05
CA GLU A 632 26.31 -1.54 -7.45
C GLU A 632 27.63 -1.50 -8.21
N CYS A 633 28.15 -2.68 -8.59
CA CYS A 633 29.40 -2.75 -9.33
C CYS A 633 29.30 -2.04 -10.67
N TYR A 634 28.20 -2.26 -11.38
CA TYR A 634 28.04 -1.66 -12.71
C TYR A 634 27.82 -0.16 -12.61
N SER A 635 27.06 0.30 -11.62
CA SER A 635 26.90 1.73 -11.42
C SER A 635 28.23 2.39 -11.06
N SER A 636 29.10 1.68 -10.34
CA SER A 636 30.41 2.21 -10.03
C SER A 636 31.29 2.26 -11.28
N ASP A 637 31.56 1.11 -11.87
CA ASP A 637 32.36 1.01 -13.08
C ASP A 637 31.69 0.07 -14.06
N GLU A 638 31.86 0.34 -15.35
CA GLU A 638 31.26 -0.47 -16.41
C GLU A 638 32.22 -1.51 -16.98
N ASP A 639 33.49 -1.13 -17.18
CA ASP A 639 34.46 -2.09 -17.71
C ASP A 639 34.87 -3.09 -16.65
N LEU A 640 35.07 -2.64 -15.41
CA LEU A 640 35.45 -3.54 -14.34
C LEU A 640 34.33 -4.50 -14.01
N ALA A 641 33.08 -4.03 -14.02
CA ALA A 641 31.95 -4.90 -13.76
C ALA A 641 31.82 -5.96 -14.85
N GLU A 642 32.11 -5.59 -16.09
CA GLU A 642 32.04 -6.56 -17.18
C GLU A 642 33.20 -7.55 -17.14
N GLN A 643 34.36 -7.11 -16.67
CA GLN A 643 35.45 -8.05 -16.42
C GLN A 643 35.08 -9.03 -15.32
N LEU A 644 34.42 -8.54 -14.28
CA LEU A 644 33.94 -9.40 -13.19
C LEU A 644 32.86 -10.35 -13.67
N LEU A 645 32.06 -9.92 -14.67
CA LEU A 645 30.99 -10.77 -15.18
C LEU A 645 31.53 -12.05 -15.79
N VAL A 646 32.63 -11.97 -16.53
CA VAL A 646 33.20 -13.12 -17.23
C VAL A 646 34.37 -13.72 -16.46
N TYR A 647 34.59 -13.29 -15.23
CA TYR A 647 35.69 -13.84 -14.43
C TYR A 647 35.43 -15.29 -14.09
N SER A 648 36.39 -16.15 -14.38
CA SER A 648 36.27 -17.58 -14.14
C SER A 648 37.39 -18.04 -13.23
N CYS A 649 37.05 -18.94 -12.30
CA CYS A 649 38.02 -19.51 -11.39
C CYS A 649 37.52 -20.89 -11.00
N GLU A 650 38.46 -21.74 -10.56
CA GLU A 650 38.11 -23.08 -10.13
C GLU A 650 37.30 -23.10 -8.84
N ALA A 651 36.92 -21.94 -8.30
CA ALA A 651 36.23 -21.89 -7.03
C ALA A 651 34.87 -22.57 -7.10
N TRP A 652 34.12 -22.33 -8.17
CA TRP A 652 32.76 -22.86 -8.27
C TRP A 652 32.65 -23.82 -9.45
N GLY A 653 33.63 -24.72 -9.58
CA GLY A 653 33.64 -25.65 -10.68
C GLY A 653 34.19 -25.09 -11.97
N GLY A 654 35.04 -24.06 -11.90
CA GLY A 654 35.50 -23.40 -13.10
C GLY A 654 34.43 -22.64 -13.83
N SER A 655 33.33 -22.33 -13.17
CA SER A 655 32.19 -21.71 -13.81
C SER A 655 32.33 -20.18 -13.80
N ASN A 656 31.28 -19.53 -14.29
CA ASN A 656 31.29 -18.10 -14.54
C ASN A 656 30.00 -17.49 -14.00
N CYS A 657 30.02 -16.17 -13.78
CA CYS A 657 28.83 -15.49 -13.28
C CYS A 657 27.67 -15.66 -14.24
N LEU A 658 27.90 -15.38 -15.53
CA LEU A 658 26.85 -15.56 -16.52
C LEU A 658 26.47 -17.04 -16.66
N GLU A 659 27.46 -17.93 -16.68
CA GLU A 659 27.17 -19.35 -16.80
C GLU A 659 26.38 -19.85 -15.60
N LEU A 660 26.76 -19.43 -14.39
CA LEU A 660 26.03 -19.86 -13.20
C LEU A 660 24.62 -19.28 -13.18
N ALA A 661 24.45 -18.03 -13.62
CA ALA A 661 23.13 -17.43 -13.66
C ALA A 661 22.23 -18.15 -14.67
N VAL A 662 22.79 -18.54 -15.81
CA VAL A 662 22.00 -19.24 -16.82
C VAL A 662 21.65 -20.64 -16.36
N GLU A 663 22.61 -21.35 -15.77
CA GLU A 663 22.35 -22.70 -15.28
C GLU A 663 21.30 -22.71 -14.18
N ALA A 664 21.34 -21.70 -13.30
CA ALA A 664 20.38 -21.59 -12.22
C ALA A 664 19.07 -20.95 -12.66
N THR A 665 18.97 -20.54 -13.92
CA THR A 665 17.81 -19.80 -14.43
C THR A 665 17.54 -18.58 -13.55
N ASP A 666 18.62 -17.87 -13.21
CA ASP A 666 18.54 -16.63 -12.43
C ASP A 666 18.11 -15.53 -13.39
N GLN A 667 16.79 -15.45 -13.59
CA GLN A 667 16.25 -14.50 -14.57
C GLN A 667 16.46 -13.06 -14.13
N HIS A 668 16.42 -12.80 -12.83
CA HIS A 668 16.63 -11.44 -12.33
C HIS A 668 18.06 -10.98 -12.58
N PHE A 669 19.03 -11.87 -12.41
CA PHE A 669 20.42 -11.50 -12.70
C PHE A 669 20.64 -11.28 -14.18
N ILE A 670 20.05 -12.14 -15.02
CA ILE A 670 20.24 -12.01 -16.46
C ILE A 670 19.53 -10.77 -16.98
N ALA A 671 18.35 -10.46 -16.44
CA ALA A 671 17.58 -9.30 -16.87
C ALA A 671 18.12 -7.98 -16.36
N GLN A 672 19.30 -7.97 -15.76
CA GLN A 672 19.90 -6.73 -15.30
C GLN A 672 20.29 -5.87 -16.49
N PRO A 673 20.13 -4.55 -16.40
CA PRO A 673 20.56 -3.68 -17.49
C PRO A 673 22.04 -3.81 -17.83
N GLY A 674 22.89 -4.01 -16.81
CA GLY A 674 24.30 -4.22 -17.09
C GLY A 674 24.57 -5.49 -17.88
N VAL A 675 23.93 -6.59 -17.48
CA VAL A 675 24.09 -7.85 -18.20
C VAL A 675 23.51 -7.74 -19.60
N GLN A 676 22.36 -7.08 -19.73
CA GLN A 676 21.73 -6.94 -21.04
C GLN A 676 22.58 -6.10 -21.98
N ASN A 677 23.17 -5.01 -21.50
CA ASN A 677 23.98 -4.19 -22.39
C ASN A 677 25.34 -4.83 -22.64
N PHE A 678 25.82 -5.66 -21.70
CA PHE A 678 26.99 -6.49 -22.00
C PHE A 678 26.69 -7.46 -23.14
N LEU A 679 25.50 -8.08 -23.11
CA LEU A 679 25.11 -8.97 -24.19
C LEU A 679 24.96 -8.21 -25.50
N SER A 680 24.40 -7.00 -25.45
CA SER A 680 24.29 -6.19 -26.66
C SER A 680 25.66 -5.83 -27.22
N LYS A 681 26.62 -5.50 -26.35
CA LYS A 681 27.98 -5.23 -26.80
C LYS A 681 28.60 -6.46 -27.43
N GLN A 682 28.36 -7.64 -26.86
CA GLN A 682 28.84 -8.87 -27.47
C GLN A 682 28.20 -9.08 -28.83
N TRP A 683 26.91 -8.82 -28.94
CA TRP A 683 26.18 -9.02 -30.19
C TRP A 683 26.68 -8.11 -31.29
N TYR A 684 26.99 -6.86 -30.95
CA TYR A 684 27.51 -5.93 -31.94
C TYR A 684 29.00 -6.09 -32.18
N GLY A 685 29.71 -6.79 -31.31
CA GLY A 685 31.14 -6.99 -31.52
C GLY A 685 31.92 -5.71 -31.34
N GLU A 686 32.87 -5.47 -32.24
CA GLU A 686 33.66 -4.25 -32.22
C GLU A 686 32.92 -3.07 -32.82
N ILE A 687 31.75 -3.29 -33.41
CA ILE A 687 30.93 -2.21 -33.94
C ILE A 687 30.17 -1.56 -32.78
N SER A 688 30.26 -0.24 -32.70
CA SER A 688 29.53 0.49 -31.67
C SER A 688 28.03 0.39 -31.91
N ARG A 689 27.26 0.25 -30.83
CA ARG A 689 25.82 0.17 -30.95
C ARG A 689 25.18 1.49 -31.34
N ASP A 690 25.95 2.58 -31.35
CA ASP A 690 25.40 3.88 -31.74
C ASP A 690 25.19 4.00 -33.24
N THR A 691 25.84 3.15 -34.03
CA THR A 691 25.62 3.18 -35.47
C THR A 691 24.26 2.58 -35.81
N LYS A 692 23.69 3.04 -36.92
CA LYS A 692 22.38 2.59 -37.33
C LYS A 692 22.46 1.19 -37.94
N ASN A 693 21.38 0.42 -37.76
CA ASN A 693 21.34 -0.92 -38.31
C ASN A 693 21.37 -0.90 -39.83
N TRP A 694 20.66 0.04 -40.45
CA TRP A 694 20.65 0.12 -41.91
C TRP A 694 22.04 0.46 -42.45
N LYS A 695 22.83 1.23 -41.69
CA LYS A 695 24.20 1.48 -42.10
C LYS A 695 25.02 0.20 -42.12
N ILE A 696 24.85 -0.65 -41.11
CA ILE A 696 25.56 -1.92 -41.07
C ILE A 696 25.13 -2.81 -42.22
N ILE A 697 23.83 -2.85 -42.51
CA ILE A 697 23.34 -3.68 -43.60
C ILE A 697 23.87 -3.18 -44.93
N LEU A 698 23.90 -1.86 -45.13
CA LEU A 698 24.40 -1.29 -46.37
C LEU A 698 25.89 -1.58 -46.55
N CYS A 699 26.67 -1.45 -45.47
CA CYS A 699 28.08 -1.81 -45.54
C CYS A 699 28.27 -3.30 -45.77
N LEU A 700 27.32 -4.12 -45.30
CA LEU A 700 27.35 -5.54 -45.61
C LEU A 700 27.15 -5.78 -47.10
N PHE A 701 26.21 -5.07 -47.71
CA PHE A 701 25.99 -5.20 -49.15
C PHE A 701 27.05 -4.48 -49.97
N ILE A 702 27.54 -3.34 -49.48
CA ILE A 702 28.62 -2.62 -50.14
C ILE A 702 29.88 -2.77 -49.29
N ILE A 703 30.68 -3.79 -49.60
CA ILE A 703 31.84 -4.11 -48.76
C ILE A 703 32.85 -2.96 -48.68
N PRO A 704 33.23 -2.30 -49.78
CA PRO A 704 34.28 -1.25 -49.66
C PRO A 704 33.91 -0.11 -48.73
N LEU A 705 32.62 0.11 -48.46
CA LEU A 705 32.22 1.21 -47.60
C LEU A 705 32.58 0.99 -46.13
N VAL A 706 32.98 -0.22 -45.75
CA VAL A 706 33.36 -0.48 -44.36
C VAL A 706 34.62 0.30 -44.00
N GLY A 707 35.60 0.33 -44.90
CA GLY A 707 36.83 1.04 -44.66
C GLY A 707 36.79 2.53 -44.92
N CYS A 708 35.64 3.06 -45.35
CA CYS A 708 35.49 4.48 -45.63
C CYS A 708 34.98 5.27 -44.45
N GLY A 709 34.88 4.64 -43.27
CA GLY A 709 34.40 5.34 -42.08
C GLY A 709 32.89 5.41 -41.95
N PHE A 710 32.14 4.66 -42.75
CA PHE A 710 30.69 4.69 -42.65
C PHE A 710 30.21 4.09 -41.32
N VAL A 711 30.85 3.01 -40.88
CA VAL A 711 30.45 2.31 -39.66
C VAL A 711 31.45 2.68 -38.57
N SER A 712 30.93 3.19 -37.45
CA SER A 712 31.77 3.52 -36.31
C SER A 712 32.05 2.28 -35.47
N PHE A 713 33.21 2.26 -34.85
CA PHE A 713 33.66 1.12 -34.05
C PHE A 713 33.91 1.56 -32.62
N ARG A 714 33.82 0.59 -31.71
CA ARG A 714 33.99 0.88 -30.29
C ARG A 714 35.42 1.32 -29.97
N LYS A 715 36.40 0.68 -30.58
CA LYS A 715 37.81 1.00 -30.35
C LYS A 715 38.47 1.39 -31.68
N LYS A 716 39.79 1.52 -31.64
CA LYS A 716 40.59 1.92 -32.79
C LYS A 716 41.74 0.94 -32.99
N PRO A 717 42.22 0.78 -34.23
CA PRO A 717 43.34 -0.13 -34.52
C PRO A 717 44.61 0.26 -33.77
N LYS A 723 44.73 -0.04 -39.84
CA LYS A 723 45.54 -0.74 -40.83
C LYS A 723 44.70 -1.11 -42.04
N LEU A 724 43.42 -0.73 -42.01
CA LEU A 724 42.46 -0.90 -43.10
C LEU A 724 42.06 -2.38 -43.23
N LEU A 725 42.75 -3.26 -42.51
CA LEU A 725 42.38 -4.67 -42.45
C LEU A 725 41.71 -5.03 -41.12
N TRP A 726 42.15 -4.41 -40.03
CA TRP A 726 41.49 -4.62 -38.74
C TRP A 726 40.04 -4.17 -38.80
N TYR A 727 39.74 -3.13 -39.58
CA TYR A 727 38.36 -2.67 -39.71
C TYR A 727 37.48 -3.77 -40.31
N TYR A 728 37.93 -4.37 -41.42
CA TYR A 728 37.13 -5.42 -42.06
C TYR A 728 37.06 -6.66 -41.19
N VAL A 729 38.15 -7.00 -40.50
CA VAL A 729 38.13 -8.16 -39.62
C VAL A 729 37.13 -7.95 -38.47
N ALA A 730 37.15 -6.76 -37.87
CA ALA A 730 36.23 -6.47 -36.77
C ALA A 730 34.79 -6.41 -37.26
N PHE A 731 34.58 -5.89 -38.47
CA PHE A 731 33.23 -5.82 -39.02
C PHE A 731 32.68 -7.21 -39.29
N PHE A 732 33.44 -8.06 -39.98
CA PHE A 732 32.93 -9.34 -40.42
C PHE A 732 33.00 -10.43 -39.36
N THR A 733 33.60 -10.14 -38.20
CA THR A 733 33.53 -11.03 -37.06
C THR A 733 32.45 -10.64 -36.07
N SER A 734 31.72 -9.57 -36.35
CA SER A 734 30.64 -9.14 -35.46
C SER A 734 29.46 -10.10 -35.59
N PRO A 735 28.94 -10.62 -34.48
CA PRO A 735 27.80 -11.55 -34.57
C PRO A 735 26.59 -10.97 -35.28
N PHE A 736 26.32 -9.68 -35.12
CA PHE A 736 25.25 -9.03 -35.88
C PHE A 736 25.51 -9.13 -37.38
N VAL A 737 26.73 -8.77 -37.79
CA VAL A 737 27.09 -8.82 -39.21
C VAL A 737 27.08 -10.25 -39.72
N VAL A 738 27.61 -11.18 -38.93
CA VAL A 738 27.64 -12.58 -39.36
C VAL A 738 26.23 -13.12 -39.53
N PHE A 739 25.33 -12.79 -38.59
CA PHE A 739 23.94 -13.23 -38.70
C PHE A 739 23.28 -12.66 -39.94
N SER A 740 23.45 -11.37 -40.19
CA SER A 740 22.84 -10.76 -41.37
C SER A 740 23.41 -11.35 -42.65
N TRP A 741 24.72 -11.56 -42.70
CA TRP A 741 25.34 -12.17 -43.88
C TRP A 741 24.84 -13.59 -44.09
N ASN A 742 24.67 -14.34 -43.01
CA ASN A 742 24.18 -15.71 -43.13
C ASN A 742 22.75 -15.74 -43.66
N VAL A 743 21.90 -14.82 -43.19
CA VAL A 743 20.53 -14.76 -43.71
C VAL A 743 20.53 -14.37 -45.19
N VAL A 744 21.36 -13.39 -45.56
CA VAL A 744 21.42 -12.97 -46.97
C VAL A 744 21.92 -14.11 -47.85
N PHE A 745 22.96 -14.82 -47.40
CA PHE A 745 23.50 -15.92 -48.17
C PHE A 745 22.53 -17.10 -48.21
N TYR A 746 21.71 -17.27 -47.18
CA TYR A 746 20.66 -18.29 -47.23
C TYR A 746 19.61 -17.94 -48.26
N ILE A 747 19.23 -16.66 -48.35
CA ILE A 747 18.30 -16.24 -49.39
C ILE A 747 18.90 -16.46 -50.77
N ALA A 748 20.19 -16.14 -50.92
CA ALA A 748 20.86 -16.38 -52.21
C ALA A 748 20.93 -17.86 -52.55
N PHE A 749 21.17 -18.70 -51.53
CA PHE A 749 21.21 -20.15 -51.75
C PHE A 749 19.84 -20.68 -52.14
N LEU A 750 18.78 -20.11 -51.54
CA LEU A 750 17.42 -20.48 -51.95
C LEU A 750 17.14 -20.08 -53.39
N LEU A 751 17.60 -18.89 -53.80
CA LEU A 751 17.43 -18.47 -55.18
C LEU A 751 18.19 -19.39 -56.13
N LEU A 752 19.41 -19.78 -55.77
CA LEU A 752 20.18 -20.71 -56.59
C LEU A 752 19.50 -22.08 -56.65
N PHE A 753 18.93 -22.53 -55.53
CA PHE A 753 18.20 -23.79 -55.50
C PHE A 753 16.99 -23.73 -56.44
N ALA A 754 16.24 -22.64 -56.39
CA ALA A 754 15.10 -22.49 -57.29
C ALA A 754 15.54 -22.47 -58.75
N TYR A 755 16.64 -21.77 -59.05
CA TYR A 755 17.14 -21.72 -60.42
C TYR A 755 17.54 -23.10 -60.89
N VAL A 756 18.23 -23.87 -60.05
CA VAL A 756 18.64 -25.21 -60.43
C VAL A 756 17.44 -26.11 -60.65
N LEU A 757 16.43 -26.00 -59.78
CA LEU A 757 15.24 -26.83 -59.92
C LEU A 757 14.46 -26.50 -61.18
N LEU A 758 14.38 -25.22 -61.54
CA LEU A 758 13.51 -24.79 -62.63
C LEU A 758 14.20 -24.81 -63.99
N MET A 759 15.53 -24.65 -64.05
CA MET A 759 16.21 -24.51 -65.32
C MET A 759 17.52 -25.28 -65.45
N ASP A 760 17.94 -26.02 -64.43
CA ASP A 760 19.25 -26.67 -64.43
C ASP A 760 19.15 -28.11 -63.96
N PHE A 761 18.18 -28.85 -64.49
CA PHE A 761 18.00 -30.27 -64.19
C PHE A 761 17.96 -31.03 -65.51
N HIS A 762 19.11 -31.54 -65.95
CA HIS A 762 19.24 -32.22 -67.22
C HIS A 762 19.98 -33.54 -67.07
N SER A 763 19.68 -34.27 -66.00
CA SER A 763 20.24 -35.60 -65.73
C SER A 763 21.76 -35.59 -65.61
N VAL A 764 22.35 -34.43 -65.33
CA VAL A 764 23.79 -34.32 -65.13
C VAL A 764 24.04 -33.15 -64.19
N PRO A 765 25.04 -33.23 -63.30
CA PRO A 765 25.32 -32.11 -62.39
C PRO A 765 26.05 -30.99 -63.12
N HIS A 766 25.33 -29.91 -63.39
CA HIS A 766 25.92 -28.70 -63.95
C HIS A 766 26.62 -27.92 -62.84
N PRO A 767 27.53 -27.00 -63.20
CA PRO A 767 28.31 -26.27 -62.18
C PRO A 767 27.43 -25.61 -61.13
N PRO A 768 26.26 -25.06 -61.49
CA PRO A 768 25.35 -24.60 -60.43
C PRO A 768 24.95 -25.70 -59.46
N GLU A 769 24.78 -26.93 -59.95
CA GLU A 769 24.44 -28.04 -59.06
C GLU A 769 25.57 -28.34 -58.09
N LEU A 770 26.82 -28.31 -58.55
CA LEU A 770 27.94 -28.54 -57.65
C LEU A 770 28.09 -27.41 -56.65
N VAL A 771 27.83 -26.17 -57.07
CA VAL A 771 27.87 -25.05 -56.13
C VAL A 771 26.82 -25.23 -55.05
N LEU A 772 25.60 -25.63 -55.46
CA LEU A 772 24.54 -25.88 -54.49
C LEU A 772 24.90 -27.03 -53.55
N TYR A 773 25.54 -28.07 -54.09
CA TYR A 773 25.97 -29.19 -53.26
C TYR A 773 26.99 -28.75 -52.23
N SER A 774 27.94 -27.89 -52.63
CA SER A 774 28.93 -27.38 -51.68
C SER A 774 28.28 -26.53 -50.60
N LEU A 775 27.32 -25.69 -50.99
CA LEU A 775 26.61 -24.88 -50.00
C LEU A 775 25.86 -25.76 -49.01
N VAL A 776 25.19 -26.80 -49.50
CA VAL A 776 24.49 -27.72 -48.62
C VAL A 776 25.48 -28.47 -47.73
N PHE A 777 26.68 -28.76 -48.26
CA PHE A 777 27.70 -29.41 -47.44
C PHE A 777 28.14 -28.52 -46.30
N VAL A 778 28.32 -27.23 -46.55
CA VAL A 778 28.69 -26.32 -45.48
C VAL A 778 27.56 -26.18 -44.46
N LEU A 779 26.32 -26.19 -44.94
CA LEU A 779 25.18 -26.20 -44.02
C LEU A 779 25.18 -27.45 -43.15
N PHE A 780 25.52 -28.60 -43.75
CA PHE A 780 25.60 -29.85 -43.00
C PHE A 780 26.71 -29.79 -41.96
N CYS A 781 27.84 -29.16 -42.30
CA CYS A 781 28.92 -28.99 -41.32
C CYS A 781 28.47 -28.12 -40.16
N ASP A 782 27.74 -27.04 -40.45
CA ASP A 782 27.20 -26.21 -39.37
C ASP A 782 26.23 -27.00 -38.50
N GLU A 783 25.38 -27.83 -39.12
CA GLU A 783 24.44 -28.64 -38.35
C GLU A 783 25.18 -29.66 -37.49
N VAL A 784 26.26 -30.23 -38.00
CA VAL A 784 27.06 -31.18 -37.22
C VAL A 784 27.70 -30.48 -36.04
N ARG A 785 28.19 -29.25 -36.24
CA ARG A 785 28.72 -28.47 -35.13
C ARG A 785 27.66 -28.21 -34.08
N GLN A 786 26.43 -27.90 -34.52
CA GLN A 786 25.34 -27.69 -33.58
C GLN A 786 25.03 -28.96 -32.81
N TRP A 787 25.03 -30.11 -33.49
CA TRP A 787 24.84 -31.38 -32.80
C TRP A 787 25.90 -31.57 -31.73
N TYR A 788 27.17 -31.38 -32.09
CA TYR A 788 28.26 -31.60 -31.15
C TYR A 788 28.17 -30.66 -29.96
N VAL A 789 27.81 -29.40 -30.20
CA VAL A 789 27.75 -28.43 -29.12
C VAL A 789 26.57 -28.71 -28.19
N ASN A 790 25.39 -29.00 -28.76
CA ASN A 790 24.18 -29.09 -27.96
C ASN A 790 23.86 -30.48 -27.46
N GLY A 791 24.62 -31.50 -27.86
CA GLY A 791 24.32 -32.83 -27.35
C GLY A 791 22.99 -33.35 -27.86
N VAL A 792 22.32 -34.12 -26.99
CA VAL A 792 21.02 -34.68 -27.33
C VAL A 792 19.88 -33.69 -27.17
N ASN A 793 20.11 -32.57 -26.48
CA ASN A 793 19.08 -31.56 -26.31
C ASN A 793 18.80 -30.77 -27.58
N TYR A 794 19.64 -30.93 -28.61
CA TYR A 794 19.42 -30.22 -29.86
C TYR A 794 18.13 -30.68 -30.54
N PHE A 795 17.86 -31.98 -30.51
CA PHE A 795 16.67 -32.54 -31.16
C PHE A 795 15.46 -32.50 -30.22
N THR A 796 15.12 -31.29 -29.80
CA THR A 796 13.99 -31.08 -28.91
C THR A 796 13.12 -29.93 -29.41
N ASP A 797 13.70 -29.04 -30.22
CA ASP A 797 12.98 -27.85 -30.68
C ASP A 797 12.00 -28.15 -31.80
N LEU A 798 12.13 -29.31 -32.45
CA LEU A 798 11.25 -29.75 -33.55
C LEU A 798 11.50 -28.92 -34.80
N TRP A 799 12.28 -27.86 -34.69
CA TRP A 799 12.72 -27.09 -35.84
C TRP A 799 14.17 -27.32 -36.19
N ASN A 800 15.01 -27.64 -35.20
CA ASN A 800 16.33 -28.21 -35.49
C ASN A 800 16.20 -29.60 -36.12
N VAL A 801 15.24 -30.38 -35.63
CA VAL A 801 14.96 -31.68 -36.24
C VAL A 801 14.55 -31.49 -37.69
N MET A 802 13.79 -30.44 -37.99
CA MET A 802 13.39 -30.17 -39.37
C MET A 802 14.60 -29.86 -40.24
N ASP A 803 15.56 -29.09 -39.72
CA ASP A 803 16.77 -28.79 -40.50
C ASP A 803 17.59 -30.05 -40.75
N THR A 804 17.76 -30.88 -39.71
CA THR A 804 18.49 -32.13 -39.89
C THR A 804 17.80 -33.03 -40.92
N LEU A 805 16.47 -33.15 -40.84
CA LEU A 805 15.74 -33.98 -41.78
C LEU A 805 15.82 -33.41 -43.19
N GLY A 806 15.82 -32.08 -43.33
CA GLY A 806 15.98 -31.49 -44.65
C GLY A 806 17.33 -31.78 -45.25
N LEU A 807 18.39 -31.71 -44.45
CA LEU A 807 19.71 -32.06 -44.96
C LEU A 807 19.79 -33.54 -45.34
N PHE A 808 19.19 -34.40 -44.53
CA PHE A 808 19.16 -35.83 -44.86
C PHE A 808 18.38 -36.08 -46.14
N TYR A 809 17.27 -35.36 -46.32
CA TYR A 809 16.49 -35.49 -47.54
C TYR A 809 17.27 -35.00 -48.74
N PHE A 810 18.07 -33.94 -48.57
CA PHE A 810 18.94 -33.49 -49.65
C PHE A 810 19.97 -34.56 -50.02
N ILE A 811 20.53 -35.23 -49.01
CA ILE A 811 21.47 -36.31 -49.28
C ILE A 811 20.78 -37.43 -50.07
N ALA A 812 19.57 -37.79 -49.65
CA ALA A 812 18.82 -38.84 -50.35
C ALA A 812 18.51 -38.43 -51.79
N GLY A 813 18.14 -37.16 -51.98
CA GLY A 813 17.87 -36.69 -53.33
C GLY A 813 19.11 -36.68 -54.21
N ILE A 814 20.26 -36.35 -53.63
CA ILE A 814 21.52 -36.43 -54.37
C ILE A 814 21.79 -37.87 -54.77
N VAL A 815 21.56 -38.81 -53.86
CA VAL A 815 21.77 -40.22 -54.17
C VAL A 815 20.87 -40.66 -55.31
N PHE A 816 19.59 -40.26 -55.26
CA PHE A 816 18.65 -40.62 -56.31
C PHE A 816 19.04 -39.99 -57.65
N ARG A 817 19.50 -38.73 -57.60
CA ARG A 817 19.83 -38.02 -58.83
C ARG A 817 21.10 -38.56 -59.48
N LEU A 818 22.06 -39.02 -58.67
CA LEU A 818 23.30 -39.56 -59.23
C LEU A 818 23.08 -40.83 -60.03
N HIS A 819 21.95 -41.52 -59.82
CA HIS A 819 21.61 -42.72 -60.59
C HIS A 819 21.02 -42.27 -61.92
N SER A 820 21.91 -41.92 -62.84
CA SER A 820 21.49 -41.49 -64.17
C SER A 820 20.99 -42.68 -64.98
N SER A 821 20.49 -42.39 -66.19
CA SER A 821 19.90 -43.39 -67.06
C SER A 821 18.75 -44.12 -66.38
N ASN A 822 17.95 -43.37 -65.61
CA ASN A 822 16.80 -43.92 -64.91
C ASN A 822 15.80 -42.80 -64.69
N LYS A 823 14.71 -42.83 -65.47
CA LYS A 823 13.72 -41.76 -65.37
C LYS A 823 13.06 -41.73 -64.00
N SER A 824 12.77 -42.91 -63.44
CA SER A 824 12.13 -42.96 -62.12
C SER A 824 13.03 -42.36 -61.05
N SER A 825 14.33 -42.69 -61.09
CA SER A 825 15.26 -42.13 -60.11
C SER A 825 15.36 -40.62 -60.25
N LEU A 826 15.43 -40.12 -61.49
CA LEU A 826 15.52 -38.69 -61.70
C LEU A 826 14.27 -37.97 -61.21
N TYR A 827 13.09 -38.54 -61.47
CA TYR A 827 11.86 -37.91 -61.01
C TYR A 827 11.78 -37.93 -59.49
N SER A 828 12.20 -39.04 -58.86
CA SER A 828 12.23 -39.09 -57.40
C SER A 828 13.18 -38.04 -56.84
N GLY A 829 14.35 -37.87 -57.47
CA GLY A 829 15.27 -36.84 -57.03
C GLY A 829 14.69 -35.44 -57.17
N ARG A 830 14.01 -35.17 -58.27
CA ARG A 830 13.38 -33.86 -58.46
C ARG A 830 12.31 -33.61 -57.40
N VAL A 831 11.48 -34.62 -57.13
CA VAL A 831 10.42 -34.45 -56.13
C VAL A 831 11.03 -34.22 -54.75
N ILE A 832 12.07 -34.97 -54.41
CA ILE A 832 12.74 -34.79 -53.12
C ILE A 832 13.35 -33.40 -53.03
N PHE A 833 13.93 -32.91 -54.13
CA PHE A 833 14.52 -31.58 -54.11
C PHE A 833 13.47 -30.50 -53.96
N CYS A 834 12.29 -30.68 -54.56
CA CYS A 834 11.21 -29.71 -54.39
C CYS A 834 10.72 -29.70 -52.94
N LEU A 835 10.53 -30.89 -52.36
CA LEU A 835 10.12 -30.97 -50.96
C LEU A 835 11.16 -30.32 -50.04
N ASP A 836 12.44 -30.53 -50.36
CA ASP A 836 13.50 -29.91 -49.56
C ASP A 836 13.56 -28.41 -49.76
N TYR A 837 13.20 -27.92 -50.95
CA TYR A 837 13.09 -26.49 -51.14
C TYR A 837 12.01 -25.91 -50.24
N ILE A 838 10.88 -26.61 -50.14
CA ILE A 838 9.83 -26.19 -49.21
C ILE A 838 10.36 -26.19 -47.78
N ILE A 839 11.13 -27.22 -47.41
CA ILE A 839 11.67 -27.31 -46.06
C ILE A 839 12.62 -26.15 -45.77
N PHE A 840 13.50 -25.83 -46.72
CA PHE A 840 14.46 -24.76 -46.53
C PHE A 840 13.78 -23.41 -46.44
N THR A 841 12.75 -23.18 -47.26
CA THR A 841 12.00 -21.94 -47.13
C THR A 841 11.26 -21.88 -45.79
N LEU A 842 10.79 -23.02 -45.29
CA LEU A 842 10.19 -23.05 -43.97
C LEU A 842 11.20 -22.66 -42.90
N ARG A 843 12.44 -23.11 -43.05
CA ARG A 843 13.49 -22.72 -42.11
C ARG A 843 13.74 -21.22 -42.17
N LEU A 844 13.77 -20.66 -43.37
CA LEU A 844 13.93 -19.21 -43.51
C LEU A 844 12.75 -18.47 -42.87
N ILE A 845 11.53 -18.99 -43.05
CA ILE A 845 10.35 -18.36 -42.46
C ILE A 845 10.43 -18.41 -40.94
N HIS A 846 10.93 -19.52 -40.38
CA HIS A 846 11.11 -19.61 -38.95
C HIS A 846 12.15 -18.61 -38.45
N ILE A 847 13.24 -18.44 -39.21
CA ILE A 847 14.24 -17.43 -38.85
C ILE A 847 13.62 -16.04 -38.84
N PHE A 848 12.83 -15.72 -39.87
CA PHE A 848 12.18 -14.42 -39.93
C PHE A 848 11.21 -14.23 -38.77
N THR A 849 10.47 -15.29 -38.43
CA THR A 849 9.52 -15.21 -37.32
C THR A 849 10.21 -14.97 -35.99
N VAL A 850 11.33 -15.65 -35.75
CA VAL A 850 12.06 -15.47 -34.51
C VAL A 850 12.68 -14.07 -34.45
N SER A 851 13.25 -13.61 -35.57
CA SER A 851 13.90 -12.30 -35.57
C SER A 851 12.88 -11.18 -35.41
N ARG A 852 11.69 -11.33 -35.97
CA ARG A 852 10.66 -10.31 -35.82
C ARG A 852 10.19 -10.21 -34.38
N ASN A 853 10.04 -11.35 -33.70
CA ASN A 853 9.51 -11.40 -32.34
C ASN A 853 10.62 -11.52 -31.30
N LEU A 854 11.83 -11.07 -31.62
CA LEU A 854 12.96 -11.15 -30.70
C LEU A 854 12.80 -10.05 -29.66
N GLY A 855 12.01 -10.35 -28.64
CA GLY A 855 11.73 -9.40 -27.59
C GLY A 855 10.71 -9.96 -26.61
N PRO A 856 9.80 -9.11 -26.15
CA PRO A 856 8.76 -9.58 -25.22
C PRO A 856 7.86 -10.66 -25.78
N LYS A 857 7.73 -10.76 -27.11
CA LYS A 857 6.83 -11.73 -27.72
C LYS A 857 7.48 -13.08 -27.97
N ILE A 858 8.74 -13.26 -27.61
CA ILE A 858 9.41 -14.54 -27.85
C ILE A 858 8.79 -15.62 -26.97
N ILE A 859 8.34 -15.27 -25.76
CA ILE A 859 7.68 -16.25 -24.90
C ILE A 859 6.41 -16.75 -25.53
N MET A 860 5.57 -15.83 -26.01
CA MET A 860 4.33 -16.20 -26.68
C MET A 860 4.61 -17.04 -27.92
N LEU A 861 5.61 -16.65 -28.70
CA LEU A 861 5.93 -17.39 -29.92
C LEU A 861 6.35 -18.82 -29.60
N GLN A 862 7.25 -18.98 -28.62
CA GLN A 862 7.75 -20.30 -28.27
C GLN A 862 6.66 -21.18 -27.71
N ARG A 863 5.78 -20.62 -26.87
CA ARG A 863 4.66 -21.40 -26.36
C ARG A 863 3.70 -21.80 -27.48
N MET A 864 3.38 -20.85 -28.37
CA MET A 864 2.42 -21.11 -29.43
C MET A 864 2.91 -22.18 -30.39
N LEU A 865 4.22 -22.20 -30.66
CA LEU A 865 4.75 -23.22 -31.55
C LEU A 865 4.46 -24.62 -31.03
N ILE A 866 4.79 -24.87 -29.75
CA ILE A 866 4.56 -26.18 -29.15
C ILE A 866 3.08 -26.49 -29.07
N ASP A 867 2.27 -25.49 -28.71
CA ASP A 867 0.84 -25.73 -28.56
C ASP A 867 0.17 -26.08 -29.88
N VAL A 868 0.51 -25.34 -30.95
CA VAL A 868 -0.03 -25.66 -32.27
C VAL A 868 0.50 -27.01 -32.76
N PHE A 869 1.74 -27.35 -32.42
CA PHE A 869 2.25 -28.67 -32.79
C PHE A 869 1.45 -29.78 -32.13
N PHE A 870 1.12 -29.62 -30.85
CA PHE A 870 0.31 -30.63 -30.16
C PHE A 870 -1.09 -30.70 -30.76
N PHE A 871 -1.68 -29.55 -31.09
CA PHE A 871 -3.00 -29.54 -31.73
C PHE A 871 -2.95 -30.27 -33.07
N LEU A 872 -1.91 -30.04 -33.86
CA LEU A 872 -1.78 -30.72 -35.14
C LEU A 872 -1.54 -32.22 -34.97
N PHE A 873 -0.82 -32.62 -33.92
CA PHE A 873 -0.67 -34.04 -33.64
C PHE A 873 -2.00 -34.69 -33.31
N LEU A 874 -2.83 -34.01 -32.50
CA LEU A 874 -4.15 -34.54 -32.18
C LEU A 874 -5.03 -34.62 -33.42
N PHE A 875 -4.92 -33.61 -34.29
CA PHE A 875 -5.65 -33.66 -35.56
C PHE A 875 -5.18 -34.82 -36.43
N ALA A 876 -3.88 -35.11 -36.41
CA ALA A 876 -3.37 -36.25 -37.17
C ALA A 876 -3.87 -37.57 -36.62
N VAL A 877 -3.97 -37.69 -35.29
CA VAL A 877 -4.54 -38.89 -34.70
C VAL A 877 -6.00 -39.05 -35.12
N TRP A 878 -6.76 -37.95 -35.07
CA TRP A 878 -8.16 -38.01 -35.51
C TRP A 878 -8.25 -38.38 -36.99
N MET A 879 -7.33 -37.86 -37.80
CA MET A 879 -7.33 -38.17 -39.23
C MET A 879 -7.03 -39.64 -39.47
N VAL A 880 -6.12 -40.23 -38.69
CA VAL A 880 -5.85 -41.66 -38.81
C VAL A 880 -7.09 -42.46 -38.46
N ALA A 881 -7.79 -42.07 -37.40
CA ALA A 881 -9.03 -42.75 -37.04
C ALA A 881 -10.07 -42.62 -38.15
N PHE A 882 -10.19 -41.43 -38.73
CA PHE A 882 -11.15 -41.19 -39.80
C PHE A 882 -10.82 -42.01 -41.03
N GLY A 883 -9.53 -42.12 -41.36
CA GLY A 883 -9.14 -42.96 -42.49
C GLY A 883 -9.42 -44.42 -42.24
N VAL A 884 -9.19 -44.90 -41.02
CA VAL A 884 -9.52 -46.28 -40.69
C VAL A 884 -11.02 -46.52 -40.84
N ALA A 885 -11.83 -45.58 -40.34
CA ALA A 885 -13.28 -45.73 -40.46
C ALA A 885 -13.72 -45.73 -41.92
N ARG A 886 -13.16 -44.84 -42.74
CA ARG A 886 -13.51 -44.79 -44.15
C ARG A 886 -13.13 -46.07 -44.86
N GLN A 887 -11.92 -46.59 -44.59
CA GLN A 887 -11.49 -47.83 -45.22
C GLN A 887 -12.37 -48.99 -44.79
N GLY A 888 -12.80 -49.01 -43.52
CA GLY A 888 -13.70 -50.04 -43.05
C GLY A 888 -15.11 -49.92 -43.58
N ILE A 889 -15.52 -48.72 -44.00
CA ILE A 889 -16.86 -48.50 -44.53
C ILE A 889 -16.88 -48.65 -46.05
N LEU A 890 -15.98 -47.96 -46.74
CA LEU A 890 -16.00 -47.97 -48.20
C LEU A 890 -15.41 -49.26 -48.76
N ARG A 891 -14.14 -49.53 -48.48
CA ARG A 891 -13.46 -50.70 -49.00
C ARG A 891 -13.85 -51.93 -48.17
N GLN A 892 -13.16 -53.05 -48.40
CA GLN A 892 -13.43 -54.27 -47.68
C GLN A 892 -12.48 -54.43 -46.48
N ARG A 896 -3.08 -57.41 -48.48
CA ARG A 896 -2.37 -56.22 -48.90
C ARG A 896 -2.21 -55.25 -47.74
N TRP A 897 -1.32 -55.58 -46.81
CA TRP A 897 -1.11 -54.74 -45.64
C TRP A 897 -0.55 -53.37 -46.03
N ARG A 898 0.40 -53.35 -46.97
CA ARG A 898 0.97 -52.08 -47.42
C ARG A 898 -0.09 -51.19 -48.07
N TRP A 899 -0.93 -51.78 -48.92
CA TRP A 899 -1.98 -50.99 -49.57
C TRP A 899 -2.98 -50.47 -48.55
N ILE A 900 -3.35 -51.30 -47.57
CA ILE A 900 -4.30 -50.88 -46.54
C ILE A 900 -3.71 -49.73 -45.73
N PHE A 901 -2.44 -49.84 -45.34
CA PHE A 901 -1.80 -48.78 -44.57
C PHE A 901 -1.71 -47.49 -45.38
N ARG A 902 -1.35 -47.60 -46.66
CA ARG A 902 -1.27 -46.42 -47.50
C ARG A 902 -2.63 -45.74 -47.63
N SER A 903 -3.68 -46.54 -47.85
CA SER A 903 -5.03 -45.97 -47.96
C SER A 903 -5.43 -45.30 -46.66
N VAL A 904 -5.20 -45.95 -45.53
CA VAL A 904 -5.59 -45.39 -44.23
C VAL A 904 -4.87 -44.07 -44.00
N ILE A 905 -3.57 -44.01 -44.29
CA ILE A 905 -2.81 -42.79 -44.00
C ILE A 905 -3.20 -41.66 -44.96
N TYR A 906 -3.32 -41.95 -46.25
CA TYR A 906 -3.42 -40.91 -47.26
C TYR A 906 -4.84 -40.67 -47.78
N GLU A 907 -5.85 -41.36 -47.25
CA GLU A 907 -7.20 -41.11 -47.71
C GLU A 907 -7.80 -39.84 -47.12
N PRO A 908 -7.80 -39.65 -45.79
CA PRO A 908 -8.44 -38.44 -45.25
C PRO A 908 -7.76 -37.15 -45.68
N TYR A 909 -6.44 -37.15 -45.83
CA TYR A 909 -5.74 -35.93 -46.22
C TYR A 909 -6.11 -35.51 -47.64
N LEU A 910 -6.23 -36.46 -48.56
CA LEU A 910 -6.65 -36.13 -49.91
C LEU A 910 -8.13 -35.82 -49.98
N ALA A 911 -8.95 -36.49 -49.16
CA ALA A 911 -10.39 -36.28 -49.21
C ALA A 911 -10.78 -34.91 -48.68
N MET A 912 -10.26 -34.54 -47.51
CA MET A 912 -10.64 -33.28 -46.89
C MET A 912 -9.95 -32.08 -47.55
N PHE A 913 -8.77 -32.28 -48.10
CA PHE A 913 -7.99 -31.18 -48.69
C PHE A 913 -7.71 -31.44 -50.16
N GLY A 914 -8.72 -31.86 -50.90
CA GLY A 914 -8.57 -32.12 -52.33
C GLY A 914 -9.64 -33.03 -52.90
N PRO A 953 -28.22 -47.32 -43.29
CA PRO A 953 -27.92 -45.88 -43.37
C PRO A 953 -29.05 -45.02 -42.80
N GLU A 954 -29.84 -45.60 -41.89
CA GLU A 954 -30.93 -44.90 -41.24
C GLU A 954 -30.61 -44.50 -39.81
N TRP A 955 -29.98 -45.39 -39.03
CA TRP A 955 -29.60 -45.11 -37.66
C TRP A 955 -28.12 -44.78 -37.52
N ILE A 956 -27.44 -44.48 -38.62
CA ILE A 956 -26.02 -44.15 -38.58
C ILE A 956 -25.76 -42.69 -38.90
N THR A 957 -26.72 -41.97 -39.48
CA THR A 957 -26.49 -40.58 -39.86
C THR A 957 -26.47 -39.66 -38.64
N ILE A 958 -27.41 -39.85 -37.70
CA ILE A 958 -27.43 -39.02 -36.50
C ILE A 958 -26.19 -39.26 -35.64
N PRO A 959 -25.74 -40.49 -35.37
CA PRO A 959 -24.46 -40.66 -34.68
C PRO A 959 -23.28 -40.12 -35.46
N LEU A 960 -23.33 -40.16 -36.80
CA LEU A 960 -22.25 -39.56 -37.58
C LEU A 960 -22.17 -38.06 -37.35
N VAL A 961 -23.32 -37.38 -37.37
CA VAL A 961 -23.34 -35.95 -37.09
C VAL A 961 -22.86 -35.69 -35.66
N CYS A 962 -23.27 -36.54 -34.72
CA CYS A 962 -22.86 -36.35 -33.32
C CYS A 962 -21.35 -36.50 -33.17
N ILE A 963 -20.75 -37.50 -33.80
CA ILE A 963 -19.31 -37.69 -33.67
C ILE A 963 -18.55 -36.60 -34.42
N TYR A 964 -19.10 -36.09 -35.52
CA TYR A 964 -18.50 -34.94 -36.17
C TYR A 964 -18.51 -33.72 -35.25
N MET A 965 -19.62 -33.50 -34.55
CA MET A 965 -19.71 -32.40 -33.60
C MET A 965 -18.72 -32.57 -32.45
N LEU A 966 -18.59 -33.80 -31.93
CA LEU A 966 -17.66 -34.04 -30.84
C LEU A 966 -16.22 -33.84 -31.27
N SER A 967 -15.87 -34.32 -32.48
CA SER A 967 -14.52 -34.12 -32.99
C SER A 967 -14.23 -32.64 -33.21
N THR A 968 -15.20 -31.90 -33.77
CA THR A 968 -15.04 -30.46 -33.92
C THR A 968 -14.84 -29.80 -32.57
N ASN A 969 -15.61 -30.21 -31.56
CA ASN A 969 -15.49 -29.63 -30.24
C ASN A 969 -14.10 -29.84 -29.67
N ILE A 970 -13.61 -31.09 -29.68
CA ILE A 970 -12.33 -31.38 -29.05
C ILE A 970 -11.18 -30.72 -29.82
N LEU A 971 -11.21 -30.76 -31.15
CA LEU A 971 -10.13 -30.17 -31.93
C LEU A 971 -10.13 -28.65 -31.83
N LEU A 972 -11.32 -28.03 -31.86
CA LEU A 972 -11.42 -26.58 -31.70
C LEU A 972 -10.96 -26.15 -30.31
N VAL A 973 -11.29 -26.93 -29.28
CA VAL A 973 -10.84 -26.59 -27.94
C VAL A 973 -9.33 -26.69 -27.85
N ASN A 974 -8.74 -27.70 -28.51
CA ASN A 974 -7.28 -27.79 -28.54
C ASN A 974 -6.66 -26.59 -29.25
N LEU A 975 -7.27 -26.15 -30.36
CA LEU A 975 -6.77 -24.97 -31.06
C LEU A 975 -6.87 -23.72 -30.21
N LEU A 976 -7.99 -23.55 -29.49
CA LEU A 976 -8.15 -22.39 -28.63
C LEU A 976 -7.17 -22.42 -27.48
N VAL A 977 -6.90 -23.61 -26.94
CA VAL A 977 -5.87 -23.76 -25.92
C VAL A 977 -4.52 -23.34 -26.48
N ALA A 978 -4.23 -23.75 -27.72
CA ALA A 978 -3.00 -23.31 -28.36
C ALA A 978 -2.93 -21.79 -28.46
N MET A 979 -4.07 -21.16 -28.75
CA MET A 979 -4.09 -19.71 -28.91
C MET A 979 -3.91 -19.00 -27.57
N PHE A 980 -4.48 -19.54 -26.50
CA PHE A 980 -4.61 -18.79 -25.24
C PHE A 980 -3.73 -19.29 -24.10
N GLY A 981 -2.96 -20.36 -24.29
CA GLY A 981 -2.26 -20.97 -23.17
C GLY A 981 -1.08 -20.18 -22.66
N TYR A 982 -0.49 -19.33 -23.50
CA TYR A 982 0.67 -18.55 -23.08
C TYR A 982 0.31 -17.53 -22.01
N THR A 983 -0.96 -17.19 -21.86
CA THR A 983 -1.40 -16.20 -20.88
C THR A 983 -1.60 -16.78 -19.49
N VAL A 984 -1.42 -18.08 -19.32
CA VAL A 984 -1.66 -18.75 -18.04
C VAL A 984 -0.33 -19.20 -17.47
N GLY A 985 -0.09 -18.87 -16.21
CA GLY A 985 1.15 -19.25 -15.54
C GLY A 985 1.69 -18.16 -14.64
N ASN A 991 7.82 -10.93 -15.67
CA ASN A 991 7.28 -10.63 -16.99
C ASN A 991 8.38 -10.17 -17.93
N ASP A 992 9.04 -9.07 -17.57
CA ASP A 992 10.18 -8.61 -18.36
C ASP A 992 11.38 -9.54 -18.21
N GLN A 993 11.56 -10.09 -17.00
CA GLN A 993 12.71 -10.95 -16.74
C GLN A 993 12.67 -12.21 -17.59
N VAL A 994 11.48 -12.77 -17.81
CA VAL A 994 11.37 -14.02 -18.56
C VAL A 994 11.83 -13.82 -20.01
N TRP A 995 11.29 -12.80 -20.68
CA TRP A 995 11.67 -12.57 -22.06
C TRP A 995 13.10 -12.06 -22.18
N LYS A 996 13.58 -11.32 -21.17
CA LYS A 996 14.98 -10.91 -21.18
C LYS A 996 15.90 -12.11 -21.05
N PHE A 997 15.54 -13.08 -20.21
CA PHE A 997 16.32 -14.31 -20.10
C PHE A 997 16.31 -15.08 -21.41
N GLN A 998 15.15 -15.17 -22.06
CA GLN A 998 15.09 -15.87 -23.34
C GLN A 998 15.92 -15.16 -24.41
N ARG A 999 15.86 -13.82 -24.43
CA ARG A 999 16.66 -13.04 -25.37
C ARG A 999 18.14 -13.27 -25.13
N TYR A 1000 18.57 -13.25 -23.86
CA TYR A 1000 19.97 -13.54 -23.56
C TYR A 1000 20.35 -14.94 -24.01
N PHE A 1001 19.48 -15.92 -23.76
CA PHE A 1001 19.77 -17.28 -24.17
C PHE A 1001 20.02 -17.37 -25.67
N LEU A 1002 19.11 -16.80 -26.47
CA LEU A 1002 19.24 -16.88 -27.92
C LEU A 1002 20.46 -16.12 -28.42
N VAL A 1003 20.65 -14.89 -27.95
CA VAL A 1003 21.73 -14.05 -28.46
C VAL A 1003 23.08 -14.60 -28.04
N GLN A 1004 23.18 -15.12 -26.81
CA GLN A 1004 24.44 -15.73 -26.36
C GLN A 1004 24.71 -17.03 -27.10
N GLU A 1005 23.65 -17.80 -27.41
CA GLU A 1005 23.85 -19.01 -28.19
C GLU A 1005 24.40 -18.69 -29.57
N TYR A 1006 23.90 -17.62 -30.20
CA TYR A 1006 24.45 -17.27 -31.51
C TYR A 1006 25.83 -16.63 -31.40
N CYS A 1007 26.09 -15.87 -30.33
CA CYS A 1007 27.36 -15.18 -30.18
C CYS A 1007 28.49 -16.12 -29.79
N SER A 1008 28.17 -17.31 -29.31
CA SER A 1008 29.17 -18.29 -28.89
C SER A 1008 29.71 -19.11 -30.05
N ARG A 1009 29.23 -18.89 -31.26
CA ARG A 1009 29.73 -19.61 -32.43
C ARG A 1009 31.08 -19.04 -32.86
N LEU A 1010 31.61 -19.56 -33.96
CA LEU A 1010 32.88 -19.07 -34.48
C LEU A 1010 32.79 -17.67 -35.08
N ASN A 1011 31.57 -17.20 -35.37
CA ASN A 1011 31.35 -15.85 -35.90
C ASN A 1011 32.12 -15.63 -37.19
N ILE A 1012 32.11 -16.62 -38.07
CA ILE A 1012 32.70 -16.53 -39.40
C ILE A 1012 31.56 -16.54 -40.41
N PRO A 1013 31.54 -15.60 -41.35
CA PRO A 1013 30.42 -15.56 -42.31
C PRO A 1013 30.34 -16.81 -43.17
N PHE A 1014 29.12 -17.26 -43.40
CA PHE A 1014 28.87 -18.39 -44.28
C PHE A 1014 29.17 -18.00 -45.73
N PRO A 1015 29.78 -18.89 -46.52
CA PRO A 1015 30.19 -20.26 -46.21
C PRO A 1015 31.66 -20.37 -45.83
N PHE A 1016 32.31 -19.26 -45.44
CA PHE A 1016 33.72 -19.29 -45.10
C PHE A 1016 34.00 -20.01 -43.78
N ILE A 1017 32.95 -20.35 -43.01
CA ILE A 1017 33.13 -21.03 -41.74
C ILE A 1017 33.63 -22.47 -41.90
N VAL A 1018 33.57 -23.03 -43.11
CA VAL A 1018 34.02 -24.39 -43.32
C VAL A 1018 35.54 -24.49 -43.12
N PHE A 1019 36.27 -23.45 -43.54
CA PHE A 1019 37.71 -23.43 -43.30
C PHE A 1019 38.02 -23.38 -41.81
N ALA A 1020 37.26 -22.59 -41.06
CA ALA A 1020 37.44 -22.54 -39.61
C ALA A 1020 37.12 -23.89 -38.97
N TYR A 1021 36.08 -24.56 -39.45
CA TYR A 1021 35.75 -25.90 -38.94
C TYR A 1021 36.88 -26.89 -39.22
N PHE A 1022 37.43 -26.85 -40.43
CA PHE A 1022 38.53 -27.75 -40.77
C PHE A 1022 39.76 -27.47 -39.93
N TYR A 1023 40.09 -26.19 -39.73
CA TYR A 1023 41.22 -25.84 -38.90
C TYR A 1023 41.01 -26.30 -37.45
N MET A 1024 39.79 -26.13 -36.93
CA MET A 1024 39.50 -26.56 -35.57
C MET A 1024 39.61 -28.07 -35.43
N VAL A 1025 39.10 -28.82 -36.41
CA VAL A 1025 39.20 -30.27 -36.33
C VAL A 1025 40.65 -30.73 -36.47
N VAL A 1026 41.44 -30.03 -37.29
CA VAL A 1026 42.86 -30.37 -37.42
C VAL A 1026 43.59 -30.12 -36.10
N LYS A 1027 43.30 -28.99 -35.46
CA LYS A 1027 43.92 -28.69 -34.16
C LYS A 1027 43.50 -29.70 -33.10
N LYS A 1028 42.22 -30.11 -33.11
CA LYS A 1028 41.76 -31.09 -32.15
C LYS A 1028 42.42 -32.45 -32.37
N CYS A 1029 42.58 -32.84 -33.64
CA CYS A 1029 43.27 -34.10 -33.94
C CYS A 1029 44.73 -34.04 -33.52
N PHE A 1030 45.39 -32.91 -33.77
CA PHE A 1030 46.79 -32.77 -33.37
C PHE A 1030 46.94 -32.79 -31.86
N LYS A 1031 46.03 -32.14 -31.14
CA LYS A 1031 46.09 -32.09 -29.69
C LYS A 1031 45.04 -33.02 -29.08
N ASP A 1050 43.32 -10.30 -12.50
CA ASP A 1050 42.51 -11.28 -11.79
C ASP A 1050 42.29 -10.85 -10.34
N ASN A 1051 43.39 -10.62 -9.62
CA ASN A 1051 43.29 -10.16 -8.24
C ASN A 1051 42.77 -8.72 -8.17
N GLU A 1052 43.07 -7.91 -9.18
CA GLU A 1052 42.56 -6.54 -9.20
C GLU A 1052 41.04 -6.52 -9.27
N THR A 1053 40.46 -7.38 -10.12
CA THR A 1053 39.00 -7.44 -10.22
C THR A 1053 38.37 -7.89 -8.92
N LEU A 1054 38.97 -8.89 -8.27
CA LEU A 1054 38.43 -9.39 -7.00
C LEU A 1054 38.55 -8.33 -5.90
N ALA A 1055 39.64 -7.60 -5.86
CA ALA A 1055 39.78 -6.53 -4.88
C ALA A 1055 38.77 -5.41 -5.13
N TRP A 1056 38.58 -5.04 -6.41
CA TRP A 1056 37.58 -4.03 -6.74
C TRP A 1056 36.19 -4.49 -6.34
N GLU A 1057 35.87 -5.76 -6.59
CA GLU A 1057 34.58 -6.29 -6.19
C GLU A 1057 34.44 -6.34 -4.68
N GLY A 1058 35.52 -6.60 -3.95
CA GLY A 1058 35.46 -6.52 -2.50
C GLY A 1058 35.16 -5.12 -2.01
N VAL A 1059 35.77 -4.11 -2.64
CA VAL A 1059 35.46 -2.74 -2.28
C VAL A 1059 34.00 -2.42 -2.58
N MET A 1060 33.52 -2.86 -3.74
CA MET A 1060 32.12 -2.64 -4.09
C MET A 1060 31.19 -3.34 -3.11
N LYS A 1061 31.56 -4.54 -2.66
CA LYS A 1061 30.75 -5.25 -1.69
C LYS A 1061 30.72 -4.52 -0.36
N GLU A 1062 31.86 -3.95 0.05
CA GLU A 1062 31.86 -3.16 1.27
C GLU A 1062 30.95 -1.95 1.15
N ASN A 1063 30.99 -1.27 0.00
CA ASN A 1063 30.10 -0.14 -0.22
C ASN A 1063 28.64 -0.58 -0.19
N TYR A 1064 28.33 -1.72 -0.82
CA TYR A 1064 26.97 -2.22 -0.88
C TYR A 1064 26.46 -2.62 0.50
N LEU A 1065 27.32 -3.24 1.31
CA LEU A 1065 26.95 -3.60 2.68
C LEU A 1065 26.70 -2.35 3.52
N VAL A 1066 27.55 -1.34 3.36
CA VAL A 1066 27.31 -0.08 4.06
C VAL A 1066 25.98 0.52 3.63
N LYS A 1067 25.68 0.48 2.33
CA LYS A 1067 24.45 1.05 1.84
C LYS A 1067 23.22 0.33 2.40
N ILE A 1068 23.24 -1.00 2.40
CA ILE A 1068 22.08 -1.74 2.90
C ILE A 1068 21.94 -1.57 4.41
N ASN A 1069 23.07 -1.48 5.13
CA ASN A 1069 22.99 -1.24 6.57
C ASN A 1069 22.41 0.14 6.87
N THR A 1070 22.82 1.16 6.11
CA THR A 1070 22.25 2.49 6.32
C THR A 1070 20.78 2.53 5.95
N LYS A 1071 20.39 1.84 4.88
CA LYS A 1071 18.98 1.80 4.50
C LYS A 1071 18.15 1.05 5.53
N ALA A 1072 18.73 0.05 6.19
CA ALA A 1072 18.00 -0.68 7.23
C ALA A 1072 17.64 0.24 8.40
N ASN A 1073 18.56 1.12 8.79
CA ASN A 1073 18.31 2.04 9.89
C ASN A 1073 17.30 3.11 9.50
N GLU A 1078 15.60 7.77 15.52
CA GLU A 1078 14.23 8.00 15.10
C GLU A 1078 13.31 8.14 16.31
N MET A 1079 12.15 7.47 16.25
CA MET A 1079 11.20 7.52 17.36
C MET A 1079 11.79 6.88 18.61
N ARG A 1080 12.48 5.75 18.44
CA ARG A 1080 13.09 5.09 19.59
C ARG A 1080 14.18 5.95 20.22
N HIS A 1081 15.00 6.60 19.39
CA HIS A 1081 16.05 7.48 19.91
C HIS A 1081 15.45 8.67 20.65
N ARG A 1082 14.37 9.25 20.11
CA ARG A 1082 13.72 10.37 20.78
C ARG A 1082 13.11 9.93 22.10
N PHE A 1083 12.49 8.76 22.13
CA PHE A 1083 11.93 8.25 23.38
C PHE A 1083 13.02 8.00 24.42
N ARG A 1084 14.15 7.43 23.99
CA ARG A 1084 15.26 7.19 24.92
C ARG A 1084 15.81 8.50 25.44
N GLN A 1085 15.95 9.51 24.58
CA GLN A 1085 16.44 10.81 25.03
C GLN A 1085 15.47 11.45 26.02
N LEU A 1086 14.17 11.35 25.75
CA LEU A 1086 13.17 11.90 26.68
C LEU A 1086 13.22 11.18 28.01
N ASP A 1087 13.37 9.86 28.00
CA ASP A 1087 13.46 9.10 29.25
C ASP A 1087 14.71 9.49 30.03
N THR A 1088 15.84 9.65 29.33
CA THR A 1088 17.07 10.06 30.01
C THR A 1088 16.92 11.45 30.61
N LYS A 1089 16.29 12.38 29.87
CA LYS A 1089 16.08 13.72 30.40
C LYS A 1089 15.17 13.69 31.63
N LEU A 1090 14.12 12.88 31.58
CA LEU A 1090 13.21 12.78 32.73
C LEU A 1090 13.93 12.18 33.94
N ASN A 1091 14.77 11.17 33.71
CA ASN A 1091 15.54 10.59 34.80
C ASN A 1091 16.51 11.59 35.40
N ASP A 1092 17.18 12.38 34.55
CA ASP A 1092 18.09 13.41 35.03
C ASP A 1092 17.35 14.46 35.84
N LEU A 1093 16.17 14.88 35.37
CA LEU A 1093 15.38 15.85 36.10
C LEU A 1093 14.94 15.31 37.46
N LYS A 1094 14.52 14.03 37.48
CA LYS A 1094 14.12 13.41 38.76
C LYS A 1094 15.30 13.33 39.72
N GLY A 1095 16.48 12.97 39.21
CA GLY A 1095 17.65 12.93 40.07
C GLY A 1095 18.03 14.30 40.60
N LEU A 1096 17.94 15.33 39.75
CA LEU A 1096 18.23 16.69 40.20
C LEU A 1096 17.23 17.14 41.26
N LEU A 1097 15.96 16.82 41.07
CA LEU A 1097 14.95 17.18 42.06
C LEU A 1097 15.19 16.46 43.38
N LYS A 1098 15.56 15.17 43.32
CA LYS A 1098 15.86 14.43 44.53
C LYS A 1098 17.06 15.01 45.25
N GLU A 1099 18.10 15.38 44.50
CA GLU A 1099 19.28 15.99 45.11
C GLU A 1099 18.93 17.33 45.75
N ILE A 1100 18.11 18.14 45.09
CA ILE A 1100 17.70 19.43 45.64
C ILE A 1100 16.90 19.23 46.92
N ALA A 1101 15.99 18.25 46.93
CA ALA A 1101 15.20 17.97 48.12
C ALA A 1101 16.10 17.50 49.26
N ASN A 1102 17.09 16.65 48.96
CA ASN A 1102 18.00 16.18 50.00
C ASN A 1102 18.83 17.33 50.55
N LYS A 1103 19.29 18.23 49.69
CA LYS A 1103 20.06 19.38 50.15
C LYS A 1103 19.20 20.30 51.01
N ILE A 1104 17.95 20.52 50.61
CA ILE A 1104 17.06 21.38 51.39
C ILE A 1104 16.77 20.76 52.76
N LYS A 1105 16.52 19.46 52.79
CA LYS A 1105 16.22 18.77 54.04
C LYS A 1105 17.48 18.60 54.87
N LEU B 42 67.84 13.44 -4.27
CA LEU B 42 67.00 13.09 -3.14
C LEU B 42 67.82 12.46 -2.02
N VAL B 43 68.65 11.49 -2.37
CA VAL B 43 69.47 10.80 -1.38
C VAL B 43 70.44 11.76 -0.72
N ASN B 44 71.04 12.65 -1.51
CA ASN B 44 71.99 13.60 -0.97
C ASN B 44 71.33 14.54 0.03
N PHE B 45 70.12 15.02 -0.28
CA PHE B 45 69.41 15.91 0.63
C PHE B 45 69.10 15.20 1.95
N ILE B 46 68.64 13.95 1.87
CA ILE B 46 68.34 13.21 3.09
C ILE B 46 69.59 12.98 3.91
N GLN B 47 70.70 12.66 3.24
CA GLN B 47 71.96 12.42 3.96
C GLN B 47 72.47 13.69 4.62
N ALA B 48 72.33 14.83 3.95
CA ALA B 48 72.88 16.08 4.45
C ALA B 48 71.91 16.87 5.33
N ASN B 49 70.67 16.41 5.47
CA ASN B 49 69.68 17.15 6.24
C ASN B 49 69.01 16.33 7.34
N PHE B 50 69.09 15.01 7.31
CA PHE B 50 68.45 14.16 8.31
C PHE B 50 69.51 13.33 9.02
N LYS B 51 69.31 13.12 10.32
CA LYS B 51 70.29 12.46 11.16
C LYS B 51 69.61 11.44 12.06
N LYS B 52 70.39 10.47 12.51
CA LYS B 52 69.95 9.44 13.44
C LYS B 52 70.65 9.64 14.79
N ARG B 53 70.22 8.86 15.78
CA ARG B 53 70.75 8.94 17.13
C ARG B 53 71.05 7.54 17.65
N GLU B 54 72.09 7.44 18.48
CA GLU B 54 72.53 6.18 19.04
C GLU B 54 72.95 6.36 20.49
N CYS B 55 72.83 5.28 21.27
CA CYS B 55 73.31 5.29 22.65
C CYS B 55 74.83 5.28 22.66
N VAL B 56 75.44 6.46 22.75
CA VAL B 56 76.90 6.56 22.73
C VAL B 56 77.52 6.42 24.11
N PHE B 57 76.75 6.61 25.18
CA PHE B 57 77.24 6.45 26.54
C PHE B 57 76.48 5.30 27.20
N PHE B 58 77.22 4.31 27.69
CA PHE B 58 76.62 3.13 28.29
C PHE B 58 76.12 3.47 29.69
N THR B 59 74.84 3.23 29.93
CA THR B 59 74.20 3.49 31.22
C THR B 59 73.32 2.31 31.62
N LYS B 60 73.88 1.10 31.54
CA LYS B 60 73.12 -0.10 31.86
C LYS B 60 72.60 -0.04 33.30
N ASP B 61 71.33 -0.38 33.47
CA ASP B 61 70.69 -0.35 34.77
C ASP B 61 70.51 -1.77 35.31
N SER B 62 70.51 -1.88 36.64
CA SER B 62 70.34 -3.18 37.28
C SER B 62 68.96 -3.76 36.99
N LYS B 63 67.92 -2.92 37.02
CA LYS B 63 66.57 -3.40 36.75
C LYS B 63 66.42 -3.86 35.31
N ALA B 64 67.21 -3.32 34.39
CA ALA B 64 67.13 -3.73 33.00
C ALA B 64 67.63 -5.15 32.83
N THR B 65 66.98 -5.90 31.94
CA THR B 65 67.37 -7.27 31.66
C THR B 65 68.69 -7.31 30.90
N GLU B 66 69.45 -8.37 31.14
CA GLU B 66 70.75 -8.61 30.48
C GLU B 66 71.66 -7.44 30.81
N ASN B 67 72.46 -6.96 29.86
CA ASN B 67 73.41 -5.87 30.08
C ASN B 67 73.33 -4.86 28.93
N VAL B 68 72.10 -4.48 28.58
CA VAL B 68 71.90 -3.55 27.47
C VAL B 68 72.02 -2.11 27.97
N CYS B 69 72.17 -1.19 27.02
CA CYS B 69 72.22 0.24 27.34
C CYS B 69 70.89 0.67 27.97
N LYS B 70 70.94 1.83 28.64
CA LYS B 70 69.71 2.41 29.16
C LYS B 70 68.72 2.71 28.04
N CYS B 71 69.21 2.88 26.81
CA CYS B 71 68.34 3.03 25.65
C CYS B 71 67.67 1.73 25.25
N GLY B 72 68.12 0.59 25.78
CA GLY B 72 67.55 -0.70 25.44
C GLY B 72 68.34 -1.50 24.42
N TYR B 73 69.42 -0.94 23.87
CA TYR B 73 70.23 -1.64 22.89
C TYR B 73 71.35 -2.40 23.59
N ALA B 74 71.63 -3.60 23.09
CA ALA B 74 72.66 -4.43 23.68
C ALA B 74 74.05 -3.83 23.43
N GLN B 75 75.00 -4.23 24.28
CA GLN B 75 76.36 -3.72 24.16
C GLN B 75 76.99 -4.11 22.83
N SER B 76 76.69 -5.32 22.34
CA SER B 76 77.20 -5.74 21.04
C SER B 76 76.65 -4.86 19.93
N GLN B 77 75.36 -4.52 20.00
CA GLN B 77 74.72 -3.66 19.00
C GLN B 77 74.87 -2.21 19.42
N HIS B 78 76.10 -1.71 19.33
CA HIS B 78 76.44 -0.36 19.72
C HIS B 78 77.40 0.25 18.70
N MET B 79 77.41 1.57 18.65
CA MET B 79 78.29 2.27 17.74
C MET B 79 79.74 2.16 18.19
N GLU B 80 80.65 2.31 17.23
CA GLU B 80 82.08 2.24 17.54
C GLU B 80 82.48 3.39 18.45
N GLY B 81 83.43 3.10 19.34
CA GLY B 81 83.87 4.10 20.30
C GLY B 81 82.81 4.50 21.31
N THR B 82 82.04 3.53 21.80
CA THR B 82 80.98 3.80 22.77
C THR B 82 81.59 3.88 24.17
N GLN B 83 81.57 5.07 24.76
CA GLN B 83 82.07 5.25 26.11
C GLN B 83 81.02 4.83 27.14
N ILE B 84 81.43 4.84 28.40
CA ILE B 84 80.56 4.50 29.52
C ILE B 84 80.38 5.75 30.38
N ASN B 85 79.13 6.18 30.53
CA ASN B 85 78.84 7.36 31.33
C ASN B 85 78.90 7.05 32.81
N GLN B 86 79.61 7.88 33.57
CA GLN B 86 79.70 7.69 35.01
C GLN B 86 78.37 7.99 35.68
N SER B 87 77.64 8.98 35.18
CA SER B 87 76.36 9.35 35.76
C SER B 87 75.33 8.25 35.54
N GLU B 88 74.44 8.08 36.52
CA GLU B 88 73.39 7.07 36.45
C GLU B 88 72.15 7.55 35.72
N LYS B 89 72.13 8.80 35.27
CA LYS B 89 70.99 9.36 34.54
C LYS B 89 71.31 9.39 33.05
N TRP B 90 70.44 8.78 32.25
CA TRP B 90 70.59 8.73 30.81
C TRP B 90 69.53 9.59 30.16
N ASN B 91 69.95 10.45 29.24
CA ASN B 91 69.03 11.33 28.51
C ASN B 91 69.40 11.32 27.04
N TYR B 92 68.41 11.62 26.20
CA TYR B 92 68.60 11.59 24.75
C TYR B 92 69.27 12.84 24.22
N LYS B 93 69.51 13.85 25.06
CA LYS B 93 70.14 15.09 24.62
C LYS B 93 71.63 15.13 24.88
N LYS B 94 72.08 14.64 26.04
CA LYS B 94 73.49 14.66 26.41
C LYS B 94 74.18 13.33 26.16
N HIS B 95 73.60 12.23 26.61
CA HIS B 95 74.19 10.91 26.46
C HIS B 95 73.95 10.30 25.08
N THR B 96 73.55 11.10 24.10
CA THR B 96 73.25 10.61 22.76
C THR B 96 73.90 11.52 21.73
N LYS B 97 74.46 10.92 20.68
CA LYS B 97 75.15 11.64 19.62
C LYS B 97 74.36 11.51 18.32
N GLU B 98 74.37 12.57 17.52
CA GLU B 98 73.65 12.61 16.26
C GLU B 98 74.57 12.17 15.12
N PHE B 99 74.10 11.23 14.32
CA PHE B 99 74.83 10.71 13.19
C PHE B 99 73.93 10.72 11.96
N PRO B 100 74.50 10.83 10.76
CA PRO B 100 73.67 10.87 9.55
C PRO B 100 72.81 9.63 9.40
N THR B 101 71.59 9.84 8.90
CA THR B 101 70.62 8.76 8.81
C THR B 101 71.07 7.72 7.79
N ASP B 102 70.64 6.47 8.02
CA ASP B 102 70.99 5.37 7.13
C ASP B 102 69.81 4.45 6.86
N ALA B 103 68.59 4.90 7.09
CA ALA B 103 67.39 4.09 6.85
C ALA B 103 66.34 4.99 6.19
N PHE B 104 66.35 5.02 4.86
CA PHE B 104 65.39 5.80 4.12
C PHE B 104 65.29 5.24 2.71
N GLY B 105 64.22 5.62 2.01
CA GLY B 105 64.01 5.17 0.66
C GLY B 105 62.61 4.65 0.42
N ASP B 106 62.48 3.65 -0.45
CA ASP B 106 61.19 3.07 -0.78
C ASP B 106 61.03 1.73 -0.05
N ILE B 107 59.97 1.60 0.72
CA ILE B 107 59.68 0.38 1.47
C ILE B 107 58.72 -0.47 0.66
N GLN B 108 58.89 -1.79 0.75
CA GLN B 108 58.06 -2.74 0.01
C GLN B 108 57.52 -3.79 0.97
N PHE B 109 56.30 -4.23 0.69
CA PHE B 109 55.63 -5.22 1.51
C PHE B 109 55.10 -6.34 0.61
N GLU B 110 54.90 -7.50 1.23
CA GLU B 110 54.40 -8.71 0.54
C GLU B 110 55.43 -9.07 -0.55
N THR B 111 54.98 -9.50 -1.73
CA THR B 111 55.88 -9.88 -2.82
C THR B 111 55.85 -8.90 -3.98
N LEU B 112 54.66 -8.59 -4.49
CA LEU B 112 54.49 -7.64 -5.60
C LEU B 112 53.55 -6.52 -5.20
N GLY B 113 53.59 -6.12 -3.93
CA GLY B 113 52.71 -5.08 -3.44
C GLY B 113 53.16 -3.69 -3.86
N LYS B 114 52.33 -2.72 -3.52
CA LYS B 114 52.62 -1.33 -3.87
C LYS B 114 53.82 -0.83 -3.07
N LYS B 115 54.71 -0.11 -3.75
CA LYS B 115 55.91 0.42 -3.10
C LYS B 115 55.56 1.65 -2.28
N GLY B 116 56.07 1.70 -1.05
CA GLY B 116 55.85 2.81 -0.16
C GLY B 116 57.06 3.70 -0.03
N LYS B 117 57.06 4.51 1.03
CA LYS B 117 58.17 5.39 1.34
C LYS B 117 58.40 5.41 2.83
N TYR B 118 59.66 5.63 3.24
CA TYR B 118 60.00 5.68 4.65
C TYR B 118 61.30 6.46 4.80
N ILE B 119 61.55 6.91 6.02
CA ILE B 119 62.77 7.63 6.36
C ILE B 119 62.95 7.60 7.86
N ARG B 120 64.19 7.42 8.30
CA ARG B 120 64.54 7.43 9.72
C ARG B 120 65.07 8.81 10.07
N LEU B 121 64.58 9.37 11.17
CA LEU B 121 64.90 10.73 11.57
C LEU B 121 64.78 10.86 13.08
N SER B 122 65.35 11.94 13.60
CA SER B 122 65.41 12.18 15.03
C SER B 122 64.28 13.09 15.48
N CYS B 123 64.05 13.10 16.80
CA CYS B 123 63.04 13.98 17.36
C CYS B 123 63.46 15.44 17.23
N ASP B 124 64.76 15.72 17.35
CA ASP B 124 65.25 17.08 17.23
C ASP B 124 65.17 17.61 15.80
N THR B 125 64.84 16.75 14.83
CA THR B 125 64.71 17.19 13.45
C THR B 125 63.64 18.27 13.34
N ASP B 126 63.98 19.37 12.67
CA ASP B 126 63.06 20.49 12.53
C ASP B 126 61.89 20.11 11.64
N ALA B 127 60.81 20.89 11.75
CA ALA B 127 59.64 20.68 10.91
C ALA B 127 59.74 21.37 9.56
N GLU B 128 60.58 22.40 9.45
CA GLU B 128 60.71 23.12 8.18
C GLU B 128 61.29 22.21 7.10
N ILE B 129 62.43 21.58 7.38
CA ILE B 129 63.02 20.71 6.37
C ILE B 129 62.27 19.39 6.24
N LEU B 130 61.51 18.99 7.26
CA LEU B 130 60.62 17.84 7.11
C LEU B 130 59.51 18.14 6.11
N TYR B 131 58.90 19.33 6.23
CA TYR B 131 57.90 19.75 5.27
C TYR B 131 58.51 19.93 3.88
N GLU B 132 59.75 20.41 3.82
CA GLU B 132 60.43 20.55 2.54
C GLU B 132 60.65 19.18 1.88
N LEU B 133 61.06 18.18 2.66
CA LEU B 133 61.23 16.84 2.13
C LEU B 133 59.90 16.26 1.68
N LEU B 134 58.85 16.46 2.47
CA LEU B 134 57.54 15.93 2.10
C LEU B 134 57.03 16.55 0.82
N THR B 135 57.07 17.88 0.73
CA THR B 135 56.45 18.57 -0.40
C THR B 135 57.36 18.59 -1.62
N GLN B 136 58.57 19.14 -1.47
CA GLN B 136 59.43 19.36 -2.63
C GLN B 136 60.16 18.09 -3.05
N HIS B 137 60.81 17.42 -2.10
CA HIS B 137 61.68 16.29 -2.43
C HIS B 137 60.97 14.95 -2.40
N TRP B 138 59.65 14.94 -2.16
CA TRP B 138 58.88 13.72 -2.27
C TRP B 138 57.68 13.86 -3.21
N HIS B 139 57.50 15.02 -3.84
CA HIS B 139 56.45 15.26 -4.82
C HIS B 139 55.07 15.05 -4.19
N LEU B 140 54.80 15.83 -3.14
CA LEU B 140 53.51 15.84 -2.47
C LEU B 140 52.88 17.22 -2.63
N LYS B 141 51.65 17.26 -3.11
CA LYS B 141 50.97 18.54 -3.28
C LYS B 141 50.70 19.17 -1.92
N THR B 142 50.63 20.49 -1.90
CA THR B 142 50.31 21.20 -0.67
C THR B 142 48.92 20.81 -0.19
N PRO B 143 48.77 20.35 1.04
CA PRO B 143 47.45 19.88 1.48
C PRO B 143 46.49 21.04 1.70
N ASN B 144 45.25 20.84 1.26
CA ASN B 144 44.17 21.77 1.57
C ASN B 144 43.51 21.46 2.90
N LEU B 145 43.96 20.40 3.58
CA LEU B 145 43.43 19.97 4.86
C LEU B 145 44.38 18.90 5.41
N VAL B 146 44.54 18.88 6.72
CA VAL B 146 45.36 17.88 7.39
C VAL B 146 44.55 17.30 8.54
N ILE B 147 44.44 15.98 8.57
CA ILE B 147 43.70 15.27 9.61
C ILE B 147 44.71 14.45 10.42
N SER B 148 44.78 14.72 11.71
CA SER B 148 45.69 14.02 12.61
C SER B 148 44.89 12.99 13.39
N VAL B 149 44.85 11.76 12.86
CA VAL B 149 44.10 10.68 13.48
C VAL B 149 44.95 10.07 14.58
N THR B 150 44.55 10.29 15.83
CA THR B 150 45.25 9.75 17.00
C THR B 150 44.22 8.96 17.82
N GLY B 151 44.05 7.70 17.48
CA GLY B 151 43.08 6.86 18.17
C GLY B 151 43.71 5.67 18.86
N GLY B 152 42.93 4.60 19.03
CA GLY B 152 43.42 3.40 19.68
C GLY B 152 44.56 2.73 18.94
N ALA B 153 45.67 2.50 19.64
CA ALA B 153 46.83 1.86 19.04
C ALA B 153 46.65 0.37 18.84
N LYS B 154 45.70 -0.26 19.52
CA LYS B 154 45.45 -1.69 19.36
C LYS B 154 44.04 -2.00 19.83
N ASN B 155 43.54 -3.15 19.38
CA ASN B 155 42.23 -3.68 19.76
C ASN B 155 41.12 -2.68 19.41
N PHE B 156 40.96 -2.47 18.11
CA PHE B 156 39.94 -1.59 17.58
C PHE B 156 38.79 -2.44 17.03
N ALA B 157 37.59 -2.23 17.56
CA ALA B 157 36.42 -2.99 17.13
C ALA B 157 35.91 -2.45 15.79
N LEU B 158 35.70 -3.37 14.84
CA LEU B 158 35.26 -2.99 13.50
C LEU B 158 33.72 -2.90 13.45
N LYS B 159 33.19 -2.04 14.32
CA LYS B 159 31.75 -1.81 14.33
C LYS B 159 31.33 -1.09 13.06
N PRO B 160 30.13 -1.38 12.55
CA PRO B 160 29.68 -0.71 11.31
C PRO B 160 29.62 0.79 11.42
N ARG B 161 29.28 1.34 12.59
CA ARG B 161 29.24 2.79 12.75
C ARG B 161 30.62 3.40 12.59
N MET B 162 31.62 2.84 13.29
CA MET B 162 32.97 3.37 13.18
C MET B 162 33.55 3.12 11.79
N ARG B 163 33.23 1.98 11.19
CA ARG B 163 33.67 1.71 9.83
C ARG B 163 33.15 2.77 8.87
N LYS B 164 31.85 3.08 8.95
CA LYS B 164 31.28 4.10 8.09
C LYS B 164 31.88 5.47 8.38
N ILE B 165 32.09 5.79 9.66
CA ILE B 165 32.66 7.09 10.03
C ILE B 165 34.04 7.27 9.41
N PHE B 166 34.89 6.26 9.53
CA PHE B 166 36.25 6.40 9.03
C PHE B 166 36.33 6.28 7.52
N SER B 167 35.44 5.49 6.90
CA SER B 167 35.36 5.49 5.44
C SER B 167 34.96 6.85 4.92
N ARG B 168 33.99 7.50 5.57
CA ARG B 168 33.61 8.85 5.18
C ARG B 168 34.75 9.83 5.40
N LEU B 169 35.50 9.66 6.50
CA LEU B 169 36.63 10.54 6.76
C LEU B 169 37.69 10.42 5.67
N ILE B 170 38.00 9.18 5.26
CA ILE B 170 39.00 8.98 4.21
C ILE B 170 38.47 9.51 2.87
N TYR B 171 37.18 9.34 2.62
CA TYR B 171 36.59 9.89 1.39
C TYR B 171 36.69 11.42 1.37
N ILE B 172 36.43 12.05 2.52
CA ILE B 172 36.56 13.51 2.61
C ILE B 172 38.01 13.93 2.39
N ALA B 173 38.95 13.20 2.99
CA ALA B 173 40.35 13.52 2.80
C ALA B 173 40.76 13.41 1.34
N GLN B 174 40.28 12.37 0.65
CA GLN B 174 40.58 12.22 -0.77
C GLN B 174 39.95 13.33 -1.59
N SER B 175 38.69 13.67 -1.28
CA SER B 175 37.99 14.71 -2.04
C SER B 175 38.63 16.08 -1.83
N LYS B 176 39.02 16.39 -0.61
CA LYS B 176 39.62 17.68 -0.28
C LYS B 176 41.12 17.72 -0.53
N GLY B 177 41.71 16.62 -0.98
CA GLY B 177 43.15 16.56 -1.16
C GLY B 177 43.89 16.73 0.16
N ALA B 178 43.44 15.98 1.17
CA ALA B 178 43.95 16.13 2.52
C ALA B 178 45.00 15.09 2.84
N TRP B 179 45.79 15.37 3.88
CA TRP B 179 46.76 14.44 4.42
C TRP B 179 46.21 13.83 5.71
N ILE B 180 46.44 12.54 5.90
CA ILE B 180 46.03 11.83 7.11
C ILE B 180 47.28 11.46 7.87
N LEU B 181 47.43 12.02 9.07
CA LEU B 181 48.58 11.76 9.92
C LEU B 181 48.16 10.75 10.99
N THR B 182 48.59 9.50 10.80
CA THR B 182 48.36 8.43 11.74
C THR B 182 49.70 7.86 12.19
N GLY B 183 49.64 6.82 13.02
CA GLY B 183 50.84 6.07 13.36
C GLY B 183 51.12 5.02 12.30
N GLY B 184 52.40 4.65 12.20
CA GLY B 184 52.79 3.67 11.21
C GLY B 184 52.53 2.23 11.59
N THR B 185 52.13 1.98 12.82
CA THR B 185 51.95 0.61 13.29
C THR B 185 50.78 -0.06 12.58
N HIS B 186 50.92 -1.36 12.35
CA HIS B 186 49.90 -2.16 11.66
C HIS B 186 48.96 -2.79 12.68
N TYR B 187 48.28 -1.95 13.45
CA TYR B 187 47.45 -2.42 14.55
C TYR B 187 46.25 -1.51 14.72
N GLY B 188 45.09 -2.12 14.93
CA GLY B 188 43.92 -1.37 15.33
C GLY B 188 43.45 -0.37 14.29
N LEU B 189 43.28 0.88 14.73
CA LEU B 189 42.69 1.90 13.88
C LEU B 189 43.58 2.22 12.68
N MET B 190 44.90 2.23 12.88
CA MET B 190 45.81 2.55 11.78
C MET B 190 45.73 1.50 10.68
N LYS B 191 45.58 0.23 11.07
CA LYS B 191 45.44 -0.83 10.08
C LYS B 191 44.18 -0.65 9.25
N TYR B 192 43.07 -0.29 9.90
CA TYR B 192 41.83 -0.05 9.16
C TYR B 192 41.95 1.17 8.26
N ILE B 193 42.64 2.21 8.74
CA ILE B 193 42.84 3.42 7.92
C ILE B 193 43.63 3.06 6.68
N GLY B 194 44.71 2.27 6.84
CA GLY B 194 45.46 1.83 5.68
C GLY B 194 44.64 0.98 4.74
N GLU B 195 43.81 0.09 5.29
CA GLU B 195 42.96 -0.75 4.45
C GLU B 195 41.98 0.10 3.64
N VAL B 196 41.38 1.11 4.27
CA VAL B 196 40.44 1.98 3.57
C VAL B 196 41.15 2.81 2.52
N VAL B 197 42.37 3.27 2.82
CA VAL B 197 43.14 4.03 1.84
C VAL B 197 43.45 3.16 0.63
N ARG B 198 43.87 1.92 0.87
CA ARG B 198 44.14 1.00 -0.24
C ARG B 198 42.89 0.72 -1.05
N ASP B 199 41.76 0.54 -0.37
CA ASP B 199 40.50 0.31 -1.07
C ASP B 199 40.12 1.50 -1.94
N ASN B 200 40.29 2.72 -1.42
CA ASN B 200 39.97 3.91 -2.20
C ASN B 200 40.90 4.04 -3.41
N THR B 201 42.19 3.74 -3.22
CA THR B 201 43.12 3.81 -4.35
C THR B 201 42.76 2.78 -5.41
N ILE B 202 42.36 1.58 -4.98
CA ILE B 202 41.97 0.54 -5.93
C ILE B 202 40.72 0.93 -6.69
N SER B 203 39.71 1.44 -5.98
CA SER B 203 38.43 1.76 -6.61
C SER B 203 38.57 2.90 -7.61
N ARG B 204 39.18 4.01 -7.19
CA ARG B 204 39.33 5.19 -8.04
C ARG B 204 40.81 5.42 -8.29
N SER B 205 41.34 4.77 -9.32
CA SER B 205 42.74 4.95 -9.67
C SER B 205 42.99 6.27 -10.37
N SER B 206 42.01 6.77 -11.11
CA SER B 206 42.17 8.02 -11.85
C SER B 206 41.96 9.26 -10.98
N GLU B 207 41.44 9.10 -9.76
CA GLU B 207 41.21 10.23 -8.88
C GLU B 207 42.52 10.67 -8.24
N GLU B 208 42.44 11.69 -7.39
CA GLU B 208 43.61 12.19 -6.68
C GLU B 208 44.12 11.15 -5.70
N ASN B 209 45.45 11.03 -5.62
CA ASN B 209 46.05 10.08 -4.70
C ASN B 209 45.84 10.52 -3.25
N ILE B 210 45.79 9.55 -2.36
CA ILE B 210 45.59 9.78 -0.93
C ILE B 210 46.94 9.72 -0.25
N VAL B 211 47.27 10.75 0.53
CA VAL B 211 48.49 10.81 1.32
C VAL B 211 48.15 10.39 2.73
N ALA B 212 48.76 9.30 3.20
CA ALA B 212 48.55 8.78 4.54
C ALA B 212 49.91 8.65 5.21
N ILE B 213 50.34 9.72 5.87
CA ILE B 213 51.64 9.74 6.53
C ILE B 213 51.53 8.98 7.84
N GLY B 214 52.42 7.99 8.02
CA GLY B 214 52.46 7.25 9.26
C GLY B 214 53.67 7.60 10.11
N ILE B 215 53.46 8.37 11.16
CA ILE B 215 54.54 8.82 12.03
C ILE B 215 54.68 7.82 13.17
N ALA B 216 55.70 6.97 13.09
CA ALA B 216 55.94 5.92 14.07
C ALA B 216 57.27 6.17 14.78
N ALA B 217 57.65 5.25 15.64
CA ALA B 217 58.90 5.31 16.38
C ALA B 217 59.86 4.27 15.82
N TRP B 218 61.09 4.70 15.50
CA TRP B 218 62.08 3.77 15.00
C TRP B 218 62.46 2.73 16.05
N GLY B 219 62.30 3.06 17.32
CA GLY B 219 62.64 2.16 18.40
C GLY B 219 61.62 1.09 18.69
N MET B 220 60.50 1.08 17.97
CA MET B 220 59.47 0.08 18.16
C MET B 220 59.18 -0.75 16.91
N VAL B 221 59.92 -0.54 15.83
CA VAL B 221 59.72 -1.33 14.62
C VAL B 221 60.22 -2.74 14.85
N SER B 222 59.40 -3.73 14.49
CA SER B 222 59.74 -5.12 14.80
C SER B 222 60.81 -5.65 13.86
N ASN B 223 60.50 -5.74 12.56
CA ASN B 223 61.40 -6.35 11.59
C ASN B 223 62.36 -5.29 11.05
N ARG B 224 63.26 -4.86 11.93
CA ARG B 224 64.30 -3.92 11.55
C ARG B 224 65.43 -4.68 10.87
N ASP B 225 66.57 -4.01 10.67
CA ASP B 225 67.76 -4.52 9.97
C ASP B 225 67.49 -4.76 8.50
N THR B 226 66.26 -4.56 8.03
CA THR B 226 65.93 -4.62 6.62
C THR B 226 65.64 -3.25 6.03
N LEU B 227 65.43 -2.25 6.87
CA LEU B 227 65.20 -0.88 6.43
C LEU B 227 66.50 -0.10 6.22
N ILE B 228 67.64 -0.71 6.53
CA ILE B 228 68.93 -0.07 6.36
C ILE B 228 69.41 -0.29 4.94
N ARG B 229 70.07 0.71 4.37
CA ARG B 229 70.58 0.60 3.01
C ARG B 229 71.69 -0.43 2.94
N ASN B 230 71.82 -1.06 1.78
CA ASN B 230 72.85 -2.07 1.55
C ASN B 230 74.24 -1.44 1.60
N TYR B 236 66.49 3.47 -6.02
CA TYR B 236 67.80 2.81 -5.98
C TYR B 236 67.75 1.58 -5.08
N PHE B 237 67.37 1.77 -3.83
CA PHE B 237 67.28 0.69 -2.85
C PHE B 237 65.85 0.56 -2.37
N LEU B 238 65.31 -0.66 -2.44
CA LEU B 238 63.96 -0.96 -2.00
C LEU B 238 64.03 -1.86 -0.77
N ALA B 239 63.40 -1.42 0.32
CA ALA B 239 63.41 -2.16 1.57
C ALA B 239 62.22 -3.12 1.60
N GLN B 240 62.50 -4.40 1.77
CA GLN B 240 61.45 -5.43 1.81
C GLN B 240 61.07 -5.66 3.26
N TYR B 241 59.99 -5.00 3.69
CA TYR B 241 59.47 -5.19 5.05
C TYR B 241 58.47 -6.34 5.06
N LEU B 242 59.01 -7.55 4.90
CA LEU B 242 58.18 -8.75 4.94
C LEU B 242 57.72 -9.01 6.37
N MET B 243 56.42 -9.24 6.54
CA MET B 243 55.86 -9.52 7.85
C MET B 243 55.08 -10.83 7.91
N ASP B 244 55.01 -11.57 6.80
CA ASP B 244 54.33 -12.86 6.82
C ASP B 244 55.05 -13.85 7.73
N ASP B 245 56.38 -13.85 7.69
CA ASP B 245 57.19 -14.74 8.51
C ASP B 245 57.60 -14.11 9.84
N PHE B 246 57.15 -12.89 10.12
CA PHE B 246 57.49 -12.24 11.38
C PHE B 246 56.81 -12.94 12.54
N THR B 247 57.55 -13.13 13.64
CA THR B 247 57.02 -13.80 14.82
C THR B 247 56.27 -12.80 15.69
N ARG B 248 55.83 -13.27 16.86
CA ARG B 248 55.11 -12.43 17.82
C ARG B 248 56.12 -11.79 18.76
N ASP B 249 56.28 -10.48 18.68
CA ASP B 249 57.20 -9.73 19.50
C ASP B 249 56.51 -8.50 20.08
N PRO B 250 56.96 -8.00 21.23
CA PRO B 250 56.33 -6.81 21.81
C PRO B 250 56.45 -5.57 20.95
N LEU B 251 57.42 -5.51 20.05
CA LEU B 251 57.61 -4.33 19.22
C LEU B 251 56.51 -4.22 18.18
N TYR B 252 56.26 -2.99 17.73
CA TYR B 252 55.21 -2.72 16.76
C TYR B 252 55.65 -3.12 15.35
N ILE B 253 54.66 -3.36 14.49
CA ILE B 253 54.88 -3.75 13.10
C ILE B 253 54.37 -2.64 12.21
N LEU B 254 55.21 -2.20 11.27
CA LEU B 254 54.84 -1.10 10.39
C LEU B 254 53.65 -1.48 9.52
N ASP B 255 52.81 -0.50 9.22
CA ASP B 255 51.68 -0.72 8.33
C ASP B 255 52.15 -0.81 6.88
N ASN B 256 51.45 -1.62 6.10
CA ASN B 256 51.82 -1.85 4.70
C ASN B 256 51.10 -0.92 3.73
N ASN B 257 49.94 -0.40 4.09
CA ASN B 257 49.15 0.41 3.19
C ASN B 257 49.33 1.90 3.38
N HIS B 258 50.23 2.32 4.27
CA HIS B 258 50.50 3.74 4.46
C HIS B 258 51.39 4.26 3.34
N THR B 259 51.03 5.44 2.81
CA THR B 259 51.78 6.00 1.69
C THR B 259 53.19 6.36 2.09
N HIS B 260 53.36 7.02 3.23
CA HIS B 260 54.66 7.45 3.72
C HIS B 260 54.80 7.11 5.19
N LEU B 261 56.04 6.91 5.62
CA LEU B 261 56.35 6.55 7.00
C LEU B 261 57.45 7.46 7.52
N LEU B 262 57.23 8.03 8.70
CA LEU B 262 58.19 8.91 9.36
C LEU B 262 58.58 8.26 10.67
N LEU B 263 59.65 7.47 10.65
CA LEU B 263 60.12 6.73 11.81
C LEU B 263 61.03 7.63 12.64
N VAL B 264 60.53 8.10 13.78
CA VAL B 264 61.29 9.00 14.62
C VAL B 264 62.22 8.19 15.52
N ASP B 265 63.49 8.57 15.54
CA ASP B 265 64.51 7.83 16.26
C ASP B 265 65.15 8.74 17.31
N ASN B 266 64.95 8.41 18.58
CA ASN B 266 65.61 9.10 19.68
C ASN B 266 66.83 8.34 20.19
N GLY B 267 67.29 7.35 19.44
CA GLY B 267 68.39 6.51 19.88
C GLY B 267 68.05 5.64 21.07
N CYS B 268 66.84 5.07 21.08
CA CYS B 268 66.39 4.21 22.16
C CYS B 268 65.80 2.94 21.57
N HIS B 269 65.38 2.03 22.45
CA HIS B 269 64.81 0.76 22.04
C HIS B 269 63.73 0.36 23.04
N GLY B 270 62.54 0.04 22.54
CA GLY B 270 61.45 -0.35 23.39
C GLY B 270 60.78 0.79 24.13
N HIS B 271 61.08 2.03 23.78
CA HIS B 271 60.48 3.19 24.44
C HIS B 271 59.40 3.77 23.55
N PRO B 272 58.13 3.67 23.91
CA PRO B 272 57.06 4.25 23.08
C PRO B 272 56.91 5.73 23.35
N THR B 273 55.92 6.33 22.69
CA THR B 273 55.60 7.75 22.85
C THR B 273 56.80 8.64 22.57
N VAL B 274 57.57 8.29 21.54
CA VAL B 274 58.72 9.07 21.13
C VAL B 274 58.38 10.00 19.96
N GLU B 275 57.58 9.51 19.00
CA GLU B 275 57.21 10.28 17.83
C GLU B 275 56.21 11.39 18.15
N ALA B 276 55.67 11.44 19.37
CA ALA B 276 54.65 12.43 19.69
C ALA B 276 55.19 13.85 19.58
N LYS B 277 56.42 14.08 20.04
CA LYS B 277 56.99 15.42 20.00
C LYS B 277 57.14 15.91 18.56
N LEU B 278 57.65 15.06 17.68
CA LEU B 278 57.83 15.46 16.29
C LEU B 278 56.49 15.60 15.58
N ARG B 279 55.53 14.75 15.90
CA ARG B 279 54.19 14.90 15.34
C ARG B 279 53.59 16.24 15.73
N ASN B 280 53.71 16.61 17.00
CA ASN B 280 53.17 17.89 17.46
C ASN B 280 53.88 19.06 16.80
N GLN B 281 55.21 18.97 16.66
CA GLN B 281 55.95 20.05 16.00
C GLN B 281 55.54 20.18 14.54
N LEU B 282 55.37 19.06 13.84
CA LEU B 282 54.94 19.10 12.45
C LEU B 282 53.54 19.69 12.32
N GLU B 283 52.63 19.30 13.22
CA GLU B 283 51.29 19.87 13.20
C GLU B 283 51.32 21.37 13.47
N LYS B 284 52.15 21.81 14.41
CA LYS B 284 52.28 23.23 14.69
C LYS B 284 52.81 23.98 13.47
N TYR B 285 53.81 23.42 12.79
CA TYR B 285 54.34 24.09 11.60
C TYR B 285 53.29 24.15 10.50
N ILE B 286 52.51 23.07 10.32
CA ILE B 286 51.47 23.06 9.31
C ILE B 286 50.41 24.12 9.62
N SER B 287 50.01 24.22 10.89
CA SER B 287 49.03 25.23 11.27
C SER B 287 49.57 26.63 11.05
N GLU B 288 50.84 26.86 11.40
CA GLU B 288 51.45 28.16 11.21
C GLU B 288 51.88 28.43 9.78
N ARG B 289 51.85 27.41 8.91
CA ARG B 289 52.23 27.60 7.52
C ARG B 289 51.22 28.50 6.81
N THR B 290 51.73 29.34 5.93
CA THR B 290 50.91 30.29 5.17
C THR B 290 51.04 30.01 3.68
N ILE B 291 49.91 29.83 3.01
CA ILE B 291 49.86 29.62 1.57
C ILE B 291 48.84 30.58 0.98
N GLN B 292 49.24 31.31 -0.06
CA GLN B 292 48.37 32.31 -0.66
C GLN B 292 47.17 31.71 -1.36
N ASP B 293 47.22 30.42 -1.71
CA ASP B 293 46.13 29.74 -2.39
C ASP B 293 45.23 28.97 -1.43
N SER B 294 45.05 29.48 -0.22
CA SER B 294 44.24 28.80 0.81
C SER B 294 42.91 29.51 0.98
N ASN B 295 41.86 28.71 1.14
CA ASN B 295 40.52 29.23 1.39
C ASN B 295 40.21 29.36 2.88
N TYR B 296 41.17 29.07 3.75
CA TYR B 296 41.00 29.12 5.19
C TYR B 296 41.64 30.37 5.79
N GLY B 297 41.60 31.48 5.08
CA GLY B 297 42.23 32.70 5.56
C GLY B 297 43.72 32.75 5.34
N GLY B 298 44.26 31.90 4.49
CA GLY B 298 45.68 31.89 4.21
C GLY B 298 46.49 30.84 4.95
N LYS B 299 45.84 29.95 5.69
CA LYS B 299 46.52 28.90 6.43
C LYS B 299 45.92 27.55 6.09
N ILE B 300 46.74 26.51 6.22
CA ILE B 300 46.28 25.15 5.94
C ILE B 300 45.39 24.69 7.08
N PRO B 301 44.14 24.29 6.79
CA PRO B 301 43.29 23.76 7.85
C PRO B 301 43.88 22.51 8.48
N ILE B 302 43.76 22.41 9.80
CA ILE B 302 44.30 21.30 10.57
C ILE B 302 43.24 20.86 11.57
N VAL B 303 42.97 19.55 11.61
CA VAL B 303 41.94 18.99 12.46
C VAL B 303 42.49 17.72 13.11
N CYS B 304 42.31 17.59 14.42
CA CYS B 304 42.73 16.41 15.15
C CYS B 304 41.54 15.50 15.36
N PHE B 305 41.66 14.25 14.90
CA PHE B 305 40.58 13.26 15.01
C PHE B 305 40.95 12.28 16.11
N ALA B 306 40.16 12.27 17.18
CA ALA B 306 40.43 11.43 18.34
C ALA B 306 39.34 10.38 18.48
N GLN B 307 39.74 9.18 18.92
CA GLN B 307 38.79 8.08 19.06
C GLN B 307 39.37 7.10 20.08
N GLY B 308 38.76 7.07 21.27
CA GLY B 308 39.23 6.16 22.31
C GLY B 308 40.64 6.50 22.73
N GLY B 309 41.50 5.48 22.78
CA GLY B 309 42.89 5.68 23.13
C GLY B 309 43.13 5.71 24.63
N GLY B 310 44.37 6.02 24.98
CA GLY B 310 44.77 6.05 26.38
C GLY B 310 45.50 7.31 26.77
N LYS B 311 46.64 7.16 27.44
CA LYS B 311 47.43 8.32 27.84
C LYS B 311 47.97 9.07 26.63
N GLU B 312 48.41 8.34 25.60
CA GLU B 312 48.96 8.98 24.41
C GLU B 312 47.90 9.80 23.69
N THR B 313 46.68 9.26 23.56
CA THR B 313 45.61 10.00 22.92
C THR B 313 45.25 11.25 23.70
N LEU B 314 45.19 11.13 25.03
CA LEU B 314 44.89 12.29 25.87
C LEU B 314 45.96 13.36 25.73
N LYS B 315 47.23 12.94 25.71
CA LYS B 315 48.32 13.91 25.54
C LYS B 315 48.24 14.58 24.17
N ALA B 316 47.92 13.81 23.13
CA ALA B 316 47.78 14.39 21.80
C ALA B 316 46.65 15.40 21.75
N ILE B 317 45.52 15.09 22.37
CA ILE B 317 44.40 16.02 22.40
C ILE B 317 44.79 17.28 23.15
N ASN B 318 45.48 17.13 24.29
CA ASN B 318 45.89 18.30 25.05
C ASN B 318 46.85 19.17 24.26
N THR B 319 47.82 18.56 23.57
CA THR B 319 48.76 19.34 22.78
C THR B 319 48.06 20.04 21.62
N SER B 320 47.11 19.36 20.97
CA SER B 320 46.38 19.99 19.88
C SER B 320 45.54 21.16 20.38
N ILE B 321 44.94 21.02 21.57
CA ILE B 321 44.20 22.14 22.15
C ILE B 321 45.13 23.30 22.45
N LYS B 322 46.32 23.00 22.99
CA LYS B 322 47.27 24.05 23.31
C LYS B 322 47.72 24.78 22.05
N ASN B 323 47.94 24.05 20.96
CA ASN B 323 48.43 24.63 19.71
C ASN B 323 47.32 25.27 18.88
N LYS B 324 46.16 25.53 19.48
CA LYS B 324 45.03 26.17 18.80
C LYS B 324 44.61 25.37 17.56
N ILE B 325 44.53 24.06 17.70
CA ILE B 325 44.10 23.16 16.63
C ILE B 325 42.78 22.55 17.04
N PRO B 326 41.70 22.71 16.26
CA PRO B 326 40.43 22.09 16.61
C PRO B 326 40.53 20.57 16.60
N CYS B 327 39.78 19.95 17.51
CA CYS B 327 39.79 18.50 17.67
C CYS B 327 38.38 17.96 17.55
N VAL B 328 38.26 16.78 16.93
CA VAL B 328 36.98 16.11 16.75
C VAL B 328 37.03 14.78 17.48
N VAL B 329 36.10 14.57 18.40
CA VAL B 329 36.04 13.36 19.22
C VAL B 329 34.76 12.61 18.86
N VAL B 330 34.89 11.32 18.56
CA VAL B 330 33.76 10.50 18.17
C VAL B 330 33.14 9.89 19.42
N GLU B 331 31.86 10.15 19.64
CA GLU B 331 31.16 9.60 20.78
C GLU B 331 30.92 8.10 20.59
N GLY B 332 30.82 7.39 21.71
CA GLY B 332 30.61 5.95 21.68
C GLY B 332 31.86 5.13 21.51
N SER B 333 33.03 5.76 21.39
CA SER B 333 34.28 5.04 21.22
C SER B 333 34.86 4.53 22.54
N GLY B 334 34.36 5.02 23.67
CA GLY B 334 34.91 4.65 24.95
C GLY B 334 36.22 5.37 25.23
N GLN B 335 36.83 4.98 26.34
CA GLN B 335 38.17 5.45 26.75
C GLN B 335 38.11 6.97 26.92
N ILE B 336 39.04 7.73 26.35
CA ILE B 336 39.10 9.17 26.60
C ILE B 336 38.09 9.93 25.75
N ALA B 337 37.77 9.43 24.55
CA ALA B 337 36.84 10.15 23.68
C ALA B 337 35.49 10.32 24.34
N ASP B 338 34.95 9.26 24.92
CA ASP B 338 33.66 9.37 25.61
C ASP B 338 33.78 10.22 26.88
N VAL B 339 34.92 10.18 27.55
CA VAL B 339 35.12 11.04 28.72
C VAL B 339 35.03 12.51 28.31
N ILE B 340 35.69 12.87 27.22
CA ILE B 340 35.65 14.25 26.74
C ILE B 340 34.26 14.62 26.29
N ALA B 341 33.57 13.69 25.60
CA ALA B 341 32.20 13.97 25.16
C ALA B 341 31.28 14.23 26.35
N SER B 342 31.38 13.40 27.39
CA SER B 342 30.56 13.60 28.58
C SER B 342 30.91 14.90 29.27
N LEU B 343 32.20 15.23 29.34
CA LEU B 343 32.61 16.45 30.03
C LEU B 343 32.12 17.69 29.29
N VAL B 344 32.17 17.69 27.96
CA VAL B 344 31.68 18.85 27.21
C VAL B 344 30.17 18.88 27.13
N GLU B 345 29.50 17.74 27.32
CA GLU B 345 28.04 17.74 27.30
C GLU B 345 27.47 18.52 28.47
N VAL B 346 28.08 18.39 29.65
CA VAL B 346 27.59 19.07 30.85
C VAL B 346 28.05 20.52 30.85
N GLU B 347 27.48 21.33 31.73
CA GLU B 347 27.83 22.73 31.89
C GLU B 347 28.00 23.07 33.36
N ASP B 348 28.65 22.19 34.10
CA ASP B 348 28.85 22.39 35.54
C ASP B 348 30.05 23.31 35.76
N ALA B 349 30.52 23.39 37.00
CA ALA B 349 31.65 24.23 37.36
C ALA B 349 33.00 23.59 37.05
N LEU B 350 32.99 22.43 36.37
CA LEU B 350 34.22 21.73 35.99
C LEU B 350 35.05 21.37 37.21
N THR B 351 34.45 20.58 38.10
CA THR B 351 35.13 20.12 39.29
C THR B 351 35.89 18.83 39.00
N SER B 352 36.89 18.55 39.85
CA SER B 352 37.69 17.34 39.66
C SER B 352 36.91 16.08 39.97
N SER B 353 35.90 16.18 40.84
CA SER B 353 35.11 15.01 41.20
C SER B 353 34.35 14.46 39.99
N ALA B 354 33.75 15.34 39.19
CA ALA B 354 33.02 14.89 38.01
C ALA B 354 33.96 14.24 36.99
N VAL B 355 35.14 14.82 36.79
CA VAL B 355 36.10 14.24 35.86
C VAL B 355 36.57 12.88 36.34
N LYS B 356 36.82 12.76 37.65
CA LYS B 356 37.21 11.46 38.20
C LYS B 356 36.10 10.43 38.04
N GLU B 357 34.85 10.85 38.26
CA GLU B 357 33.73 9.93 38.09
C GLU B 357 33.62 9.47 36.65
N LYS B 358 33.77 10.39 35.70
CA LYS B 358 33.74 10.01 34.28
C LYS B 358 34.88 9.06 33.94
N LEU B 359 36.08 9.33 34.48
CA LEU B 359 37.22 8.48 34.20
C LEU B 359 37.01 7.07 34.74
N VAL B 360 36.51 6.94 35.97
CA VAL B 360 36.28 5.61 36.53
C VAL B 360 35.09 4.94 35.87
N ARG B 361 34.16 5.71 35.28
CA ARG B 361 33.04 5.11 34.58
C ARG B 361 33.47 4.54 33.24
N PHE B 362 34.32 5.27 32.50
CA PHE B 362 34.71 4.84 31.16
C PHE B 362 36.03 4.08 31.12
N LEU B 363 36.93 4.33 32.05
CA LEU B 363 38.23 3.65 32.11
C LEU B 363 38.49 3.19 33.54
N PRO B 364 37.75 2.18 34.01
CA PRO B 364 37.92 1.74 35.40
C PRO B 364 39.27 1.09 35.67
N ARG B 365 39.65 0.12 34.84
CA ARG B 365 40.89 -0.62 35.06
C ARG B 365 42.11 0.30 34.97
N THR B 366 42.11 1.21 34.00
CA THR B 366 43.25 2.10 33.83
C THR B 366 43.43 3.00 35.05
N VAL B 367 42.38 3.70 35.46
CA VAL B 367 42.50 4.58 36.61
C VAL B 367 42.78 3.78 37.88
N SER B 368 42.35 2.53 37.93
CA SER B 368 42.70 1.69 39.06
C SER B 368 44.20 1.37 39.07
N ARG B 369 44.79 1.17 37.88
CA ARG B 369 46.21 0.84 37.82
C ARG B 369 47.09 2.05 38.08
N LEU B 370 46.72 3.21 37.56
CA LEU B 370 47.56 4.39 37.71
C LEU B 370 47.58 4.88 39.16
N PRO B 371 48.69 5.43 39.61
CA PRO B 371 48.78 5.95 40.98
C PRO B 371 48.07 7.30 41.11
N GLU B 372 48.18 7.89 42.29
CA GLU B 372 47.49 9.15 42.57
C GLU B 372 48.06 10.30 41.74
N GLU B 373 49.38 10.37 41.61
CA GLU B 373 49.99 11.46 40.85
C GLU B 373 49.59 11.41 39.38
N GLU B 374 49.60 10.21 38.79
CA GLU B 374 49.19 10.07 37.40
C GLU B 374 47.72 10.43 37.21
N THR B 375 46.87 10.03 38.16
CA THR B 375 45.46 10.39 38.09
C THR B 375 45.27 11.90 38.18
N GLU B 376 46.02 12.56 39.06
CA GLU B 376 45.94 14.01 39.16
C GLU B 376 46.40 14.68 37.87
N SER B 377 47.46 14.15 37.26
CA SER B 377 47.93 14.70 35.98
C SER B 377 46.87 14.52 34.89
N TRP B 378 46.23 13.35 34.86
CA TRP B 378 45.15 13.13 33.89
C TRP B 378 44.01 14.10 34.12
N ILE B 379 43.62 14.32 35.37
CA ILE B 379 42.55 15.25 35.68
C ILE B 379 42.92 16.65 35.22
N LYS B 380 44.18 17.05 35.43
CA LYS B 380 44.64 18.35 34.95
C LYS B 380 44.57 18.43 33.44
N TRP B 381 44.90 17.33 32.75
CA TRP B 381 44.86 17.33 31.29
C TRP B 381 43.43 17.50 30.78
N LEU B 382 42.48 16.76 31.36
CA LEU B 382 41.07 16.94 30.98
C LEU B 382 40.58 18.35 31.33
N LYS B 383 41.01 18.90 32.46
CA LYS B 383 40.61 20.27 32.80
C LYS B 383 41.13 21.27 31.77
N GLU B 384 42.39 21.09 31.33
CA GLU B 384 42.94 21.96 30.31
C GLU B 384 42.19 21.81 28.99
N ILE B 385 41.83 20.58 28.64
CA ILE B 385 41.10 20.35 27.39
C ILE B 385 39.74 21.02 27.45
N LEU B 386 39.03 20.85 28.57
CA LEU B 386 37.70 21.44 28.72
C LEU B 386 37.76 22.96 28.92
N GLU B 387 38.93 23.50 29.26
CA GLU B 387 39.06 24.95 29.40
C GLU B 387 38.78 25.66 28.08
N CYS B 388 39.06 25.01 26.96
CA CYS B 388 38.78 25.56 25.63
C CYS B 388 37.70 24.69 25.00
N SER B 389 36.44 25.01 25.31
CA SER B 389 35.31 24.25 24.78
C SER B 389 34.93 24.69 23.37
N HIS B 390 35.41 25.83 22.90
CA HIS B 390 35.13 26.26 21.54
C HIS B 390 35.88 25.40 20.52
N LEU B 391 37.08 24.94 20.88
CA LEU B 391 37.89 24.10 20.00
C LEU B 391 37.65 22.61 20.26
N LEU B 392 36.39 22.19 20.25
CA LEU B 392 36.06 20.79 20.50
C LEU B 392 34.72 20.48 19.86
N THR B 393 34.71 19.47 18.98
CA THR B 393 33.50 19.03 18.30
C THR B 393 33.31 17.54 18.56
N VAL B 394 32.06 17.15 18.83
CA VAL B 394 31.73 15.78 19.17
C VAL B 394 30.74 15.25 18.14
N ILE B 395 31.03 14.05 17.62
CA ILE B 395 30.13 13.35 16.71
C ILE B 395 29.15 12.56 17.58
N LYS B 396 27.96 13.13 17.79
CA LYS B 396 26.97 12.51 18.66
C LYS B 396 26.44 11.22 18.06
N MET B 397 26.16 10.24 18.93
CA MET B 397 25.58 8.98 18.46
C MET B 397 24.16 9.16 17.98
N GLU B 398 23.39 10.06 18.59
CA GLU B 398 22.01 10.27 18.20
C GLU B 398 21.92 10.78 16.76
N GLU B 399 22.80 11.70 16.38
CA GLU B 399 22.81 12.25 15.02
C GLU B 399 23.61 11.34 14.09
N ALA B 400 23.14 10.09 13.97
CA ALA B 400 23.78 9.09 13.13
C ALA B 400 23.14 9.08 11.73
N GLY B 401 23.27 10.22 11.05
CA GLY B 401 22.73 10.35 9.71
C GLY B 401 23.77 10.15 8.63
N ASP B 402 23.84 11.08 7.68
CA ASP B 402 24.79 11.04 6.60
C ASP B 402 25.65 12.30 6.62
N GLU B 403 26.89 12.16 6.12
CA GLU B 403 27.85 13.25 6.08
C GLU B 403 28.09 13.84 7.47
N ILE B 404 28.12 12.98 8.48
CA ILE B 404 28.36 13.43 9.84
C ILE B 404 29.80 13.91 10.02
N VAL B 405 30.75 13.18 9.43
CA VAL B 405 32.16 13.53 9.57
C VAL B 405 32.44 14.88 8.93
N SER B 406 31.90 15.11 7.73
CA SER B 406 32.09 16.40 7.08
C SER B 406 31.45 17.52 7.88
N ASN B 407 30.27 17.28 8.45
CA ASN B 407 29.63 18.29 9.29
C ASN B 407 30.48 18.62 10.50
N ALA B 408 31.03 17.61 11.16
CA ALA B 408 31.85 17.86 12.35
C ALA B 408 33.13 18.60 12.00
N ILE B 409 33.81 18.18 10.92
CA ILE B 409 35.05 18.84 10.53
C ILE B 409 34.80 20.29 10.13
N SER B 410 33.73 20.53 9.38
CA SER B 410 33.39 21.88 8.97
C SER B 410 33.01 22.74 10.17
N TYR B 411 32.28 22.17 11.13
CA TYR B 411 31.94 22.92 12.33
C TYR B 411 33.19 23.29 13.12
N ALA B 412 34.13 22.35 13.24
CA ALA B 412 35.38 22.66 13.96
C ALA B 412 36.16 23.75 13.24
N LEU B 413 36.25 23.66 11.92
CA LEU B 413 36.98 24.68 11.16
C LEU B 413 36.31 26.04 11.28
N TYR B 414 34.97 26.08 11.23
CA TYR B 414 34.27 27.35 11.35
C TYR B 414 34.39 27.93 12.75
N LYS B 415 34.39 27.07 13.77
CA LYS B 415 34.59 27.56 15.13
C LYS B 415 35.98 28.13 15.30
N ALA B 416 36.99 27.48 14.73
CA ALA B 416 38.35 28.03 14.78
C ALA B 416 38.43 29.36 14.02
N PHE B 417 37.75 29.44 12.88
CA PHE B 417 37.77 30.68 12.10
C PHE B 417 37.08 31.82 12.85
N SER B 418 35.96 31.53 13.51
CA SER B 418 35.22 32.57 14.22
C SER B 418 36.01 33.08 15.42
N THR B 419 36.67 32.18 16.15
CA THR B 419 37.48 32.56 17.31
C THR B 419 38.88 32.99 16.86
N SER B 420 38.91 33.98 15.98
CA SER B 420 40.16 34.48 15.43
C SER B 420 39.98 35.93 15.01
N GLU B 421 41.11 36.60 14.78
CA GLU B 421 41.07 38.00 14.37
C GLU B 421 40.47 38.19 12.98
N GLN B 422 40.45 37.15 12.16
CA GLN B 422 39.89 37.28 10.81
C GLN B 422 38.39 37.45 10.84
N ASP B 423 37.70 36.85 11.82
CA ASP B 423 36.24 36.82 11.82
C ASP B 423 35.61 38.19 11.95
N LYS B 424 36.40 39.21 12.31
CA LYS B 424 35.83 40.54 12.54
C LYS B 424 35.14 41.07 11.29
N ASP B 425 35.77 40.93 10.12
CA ASP B 425 35.20 41.45 8.89
C ASP B 425 35.40 40.50 7.72
N ASN B 426 35.51 39.20 7.97
CA ASN B 426 35.68 38.23 6.90
C ASN B 426 34.34 37.59 6.54
N TRP B 427 33.46 38.42 5.99
CA TRP B 427 32.21 37.92 5.44
C TRP B 427 32.49 36.95 4.29
N ASN B 428 33.32 37.37 3.34
CA ASN B 428 33.62 36.54 2.19
C ASN B 428 34.35 35.26 2.59
N GLY B 429 35.33 35.38 3.47
CA GLY B 429 36.09 34.20 3.87
C GLY B 429 35.24 33.17 4.58
N GLN B 430 34.43 33.62 5.54
CA GLN B 430 33.55 32.70 6.26
C GLN B 430 32.50 32.09 5.32
N LEU B 431 31.95 32.89 4.41
CA LEU B 431 30.98 32.36 3.46
C LEU B 431 31.62 31.32 2.55
N LYS B 432 32.83 31.58 2.06
CA LYS B 432 33.50 30.61 1.19
C LYS B 432 33.85 29.34 1.96
N LEU B 433 34.28 29.47 3.22
CA LEU B 433 34.57 28.29 4.01
C LEU B 433 33.32 27.44 4.23
N LEU B 434 32.20 28.09 4.55
CA LEU B 434 30.97 27.34 4.78
C LEU B 434 30.43 26.74 3.49
N LEU B 435 30.65 27.41 2.36
CA LEU B 435 30.17 26.89 1.08
C LEU B 435 31.03 25.72 0.60
N GLU B 436 32.34 25.77 0.85
CA GLU B 436 33.22 24.70 0.42
C GLU B 436 32.88 23.38 1.10
N TRP B 437 32.31 23.44 2.30
CA TRP B 437 31.94 22.26 3.06
C TRP B 437 30.45 21.97 3.01
N ASN B 438 29.70 22.69 2.17
CA ASN B 438 28.26 22.46 1.99
C ASN B 438 27.50 22.58 3.31
N GLN B 439 27.82 23.63 4.06
CA GLN B 439 27.16 23.89 5.35
C GLN B 439 26.14 25.01 5.14
N LEU B 440 24.96 24.62 4.64
CA LEU B 440 23.94 25.61 4.32
C LEU B 440 23.28 26.14 5.58
N ASP B 441 22.99 25.27 6.55
CA ASP B 441 22.32 25.71 7.77
C ASP B 441 23.20 26.70 8.54
N LEU B 442 24.49 26.43 8.64
CA LEU B 442 25.39 27.34 9.32
C LEU B 442 25.46 28.68 8.61
N ALA B 443 25.52 28.67 7.28
CA ALA B 443 25.54 29.91 6.52
C ALA B 443 24.26 30.71 6.74
N ASN B 444 23.11 30.05 6.73
CA ASN B 444 21.85 30.74 6.97
C ASN B 444 21.79 31.30 8.38
N ASP B 445 22.32 30.56 9.36
CA ASP B 445 22.20 30.99 10.74
C ASP B 445 23.16 32.14 11.07
N GLU B 446 24.36 32.12 10.47
CA GLU B 446 25.39 33.08 10.84
C GLU B 446 25.67 34.11 9.75
N ILE B 447 26.00 33.66 8.53
CA ILE B 447 26.42 34.58 7.48
C ILE B 447 25.26 35.48 7.07
N PHE B 448 24.14 34.88 6.68
CA PHE B 448 23.01 35.64 6.16
C PHE B 448 22.04 35.92 7.30
N THR B 449 22.22 37.09 7.92
CA THR B 449 21.34 37.55 8.98
C THR B 449 21.02 39.02 8.73
N ASN B 450 19.89 39.46 9.30
CA ASN B 450 19.46 40.85 9.11
C ASN B 450 20.46 41.82 9.74
N ASP B 451 21.21 41.38 10.75
CA ASP B 451 22.20 42.25 11.37
C ASP B 451 23.31 42.61 10.38
N ARG B 452 23.77 41.64 9.60
CA ARG B 452 24.81 41.89 8.62
C ARG B 452 24.24 42.56 7.38
N ARG B 453 25.14 43.10 6.56
CA ARG B 453 24.76 43.78 5.33
C ARG B 453 25.62 43.27 4.18
N TRP B 454 25.01 43.21 2.99
CA TRP B 454 25.70 42.75 1.80
C TRP B 454 24.95 43.26 0.58
N GLU B 455 25.59 43.10 -0.58
CA GLU B 455 25.02 43.52 -1.86
C GLU B 455 24.96 42.33 -2.81
N SER B 456 24.12 42.45 -3.84
CA SER B 456 23.98 41.37 -4.80
C SER B 456 25.28 41.11 -5.55
N ALA B 457 25.97 42.17 -5.96
CA ALA B 457 27.24 42.02 -6.65
C ALA B 457 28.38 41.60 -5.73
N ASP B 458 28.17 41.61 -4.42
CA ASP B 458 29.22 41.22 -3.49
C ASP B 458 29.43 39.71 -3.45
N LEU B 459 28.47 38.92 -3.92
CA LEU B 459 28.55 37.47 -3.90
C LEU B 459 28.53 36.86 -5.30
N GLN B 460 29.06 37.61 -6.27
CA GLN B 460 29.12 37.10 -7.64
C GLN B 460 30.08 35.91 -7.74
N GLU B 461 31.30 36.07 -7.23
CA GLU B 461 32.29 35.00 -7.30
C GLU B 461 31.87 33.80 -6.45
N VAL B 462 31.24 34.06 -5.31
CA VAL B 462 30.75 32.96 -4.50
C VAL B 462 29.63 32.22 -5.22
N MET B 463 28.81 32.95 -5.97
CA MET B 463 27.80 32.29 -6.81
C MET B 463 28.45 31.44 -7.89
N PHE B 464 29.49 31.96 -8.52
CA PHE B 464 30.17 31.19 -9.57
C PHE B 464 30.76 29.89 -9.01
N THR B 465 31.43 29.99 -7.86
CA THR B 465 32.03 28.79 -7.29
C THR B 465 31.00 27.85 -6.68
N ALA B 466 29.81 28.35 -6.32
CA ALA B 466 28.73 27.45 -5.94
C ALA B 466 28.16 26.73 -7.16
N LEU B 467 28.13 27.43 -8.31
CA LEU B 467 27.64 26.81 -9.53
C LEU B 467 28.58 25.73 -10.03
N ILE B 468 29.89 25.99 -10.02
CA ILE B 468 30.84 25.05 -10.59
C ILE B 468 31.16 23.90 -9.64
N LYS B 469 30.87 24.04 -8.35
CA LYS B 469 31.12 22.99 -7.38
C LYS B 469 29.87 22.19 -7.04
N ASP B 470 28.76 22.45 -7.73
CA ASP B 470 27.50 21.72 -7.56
C ASP B 470 27.01 21.81 -6.11
N ARG B 471 26.67 23.03 -5.72
CA ARG B 471 26.09 23.33 -4.42
C ARG B 471 24.72 23.94 -4.63
N PRO B 472 23.72 23.13 -5.00
CA PRO B 472 22.40 23.68 -5.32
C PRO B 472 21.74 24.43 -4.17
N LYS B 473 21.95 23.97 -2.93
CA LYS B 473 21.38 24.67 -1.78
C LYS B 473 21.95 26.07 -1.67
N PHE B 474 23.25 26.23 -1.89
CA PHE B 474 23.84 27.55 -1.84
C PHE B 474 23.44 28.40 -3.04
N VAL B 475 23.25 27.79 -4.19
CA VAL B 475 22.70 28.52 -5.34
C VAL B 475 21.34 29.10 -5.00
N ARG B 476 20.48 28.28 -4.40
CA ARG B 476 19.16 28.74 -3.99
C ARG B 476 19.25 29.83 -2.93
N LEU B 477 20.17 29.67 -1.97
CA LEU B 477 20.34 30.66 -0.92
C LEU B 477 20.76 32.01 -1.49
N PHE B 478 21.75 32.00 -2.39
CA PHE B 478 22.20 33.24 -3.00
C PHE B 478 21.12 33.86 -3.88
N LEU B 479 20.34 33.01 -4.56
CA LEU B 479 19.26 33.52 -5.40
C LEU B 479 18.19 34.20 -4.55
N GLU B 480 17.82 33.60 -3.43
CA GLU B 480 16.79 34.17 -2.57
C GLU B 480 17.35 35.22 -1.61
N ASN B 481 18.65 35.48 -1.63
CA ASN B 481 19.26 36.51 -0.81
C ASN B 481 19.65 37.73 -1.63
N GLY B 482 18.87 38.03 -2.66
CA GLY B 482 18.96 39.28 -3.37
C GLY B 482 19.73 39.25 -4.67
N LEU B 483 20.50 38.19 -4.93
CA LEU B 483 21.30 38.13 -6.14
C LEU B 483 20.41 37.98 -7.37
N ASN B 484 20.76 38.70 -8.43
CA ASN B 484 20.02 38.66 -9.69
C ASN B 484 20.75 37.76 -10.66
N LEU B 485 20.09 36.67 -11.07
CA LEU B 485 20.73 35.69 -11.94
C LEU B 485 20.87 36.19 -13.37
N ARG B 486 19.93 37.02 -13.83
CA ARG B 486 19.97 37.48 -15.22
C ARG B 486 21.20 38.33 -15.49
N LYS B 487 21.55 39.24 -14.58
CA LYS B 487 22.72 40.07 -14.77
C LYS B 487 24.01 39.32 -14.48
N PHE B 488 23.98 38.35 -13.57
CA PHE B 488 25.18 37.58 -13.26
C PHE B 488 25.61 36.73 -14.44
N LEU B 489 24.65 36.15 -15.17
CA LEU B 489 24.94 35.25 -16.28
C LEU B 489 25.38 36.07 -17.50
N THR B 490 26.61 36.57 -17.43
CA THR B 490 27.18 37.31 -18.54
C THR B 490 27.73 36.35 -19.58
N HIS B 491 28.15 36.90 -20.72
CA HIS B 491 28.73 36.08 -21.78
C HIS B 491 30.03 35.44 -21.32
N ASP B 492 30.84 36.17 -20.55
CA ASP B 492 32.09 35.61 -20.04
C ASP B 492 31.83 34.47 -19.08
N VAL B 493 30.84 34.63 -18.19
CA VAL B 493 30.51 33.58 -17.23
C VAL B 493 30.03 32.33 -17.95
N LEU B 494 29.14 32.51 -18.94
CA LEU B 494 28.62 31.37 -19.69
C LEU B 494 29.71 30.69 -20.49
N THR B 495 30.62 31.47 -21.09
CA THR B 495 31.72 30.88 -21.84
C THR B 495 32.65 30.09 -20.94
N GLU B 496 32.93 30.62 -19.75
CA GLU B 496 33.78 29.89 -18.80
C GLU B 496 33.09 28.62 -18.33
N LEU B 497 31.78 28.67 -18.11
CA LEU B 497 31.05 27.47 -17.68
C LEU B 497 31.04 26.41 -18.77
N PHE B 498 30.83 26.81 -20.02
CA PHE B 498 30.72 25.85 -21.11
C PHE B 498 32.06 25.41 -21.66
N SER B 499 33.15 26.11 -21.34
CA SER B 499 34.47 25.77 -21.86
C SER B 499 35.33 25.02 -20.84
N ASN B 500 35.41 25.52 -19.61
CA ASN B 500 36.29 24.95 -18.61
C ASN B 500 35.58 24.03 -17.64
N HIS B 501 34.28 24.24 -17.39
CA HIS B 501 33.53 23.44 -16.43
C HIS B 501 32.52 22.53 -17.09
N PHE B 502 32.71 22.22 -18.37
CA PHE B 502 31.86 21.29 -19.09
C PHE B 502 32.60 19.96 -19.23
N SER B 503 31.93 18.88 -18.84
CA SER B 503 32.57 17.57 -18.85
C SER B 503 32.89 17.14 -20.27
N THR B 504 34.07 16.52 -20.44
CA THR B 504 34.45 15.99 -21.73
C THR B 504 33.63 14.76 -22.11
N LEU B 505 33.26 13.95 -21.12
CA LEU B 505 32.37 12.82 -21.39
C LEU B 505 31.00 13.30 -21.87
N VAL B 506 30.48 14.36 -21.25
CA VAL B 506 29.21 14.91 -21.67
C VAL B 506 29.30 15.47 -23.08
N TYR B 507 30.41 16.13 -23.40
CA TYR B 507 30.58 16.66 -24.76
C TYR B 507 30.70 15.53 -25.78
N ARG B 508 31.39 14.44 -25.41
CA ARG B 508 31.47 13.29 -26.30
C ARG B 508 30.10 12.67 -26.54
N ASN B 509 29.29 12.54 -25.48
CA ASN B 509 27.94 12.02 -25.64
C ASN B 509 27.09 12.93 -26.50
N LEU B 510 27.23 14.25 -26.33
CA LEU B 510 26.50 15.20 -27.15
C LEU B 510 26.91 15.09 -28.62
N GLN B 511 28.21 14.93 -28.88
CA GLN B 511 28.68 14.76 -30.25
C GLN B 511 28.13 13.47 -30.86
N ILE B 512 28.13 12.38 -30.10
CA ILE B 512 27.58 11.12 -30.59
C ILE B 512 26.09 11.28 -30.89
N ALA B 513 25.36 11.98 -30.02
CA ALA B 513 23.93 12.20 -30.25
C ALA B 513 23.71 13.04 -31.51
N LYS B 514 24.52 14.07 -31.71
CA LYS B 514 24.39 14.90 -32.90
C LYS B 514 24.68 14.10 -34.16
N ASN B 515 25.66 13.20 -34.10
CA ASN B 515 26.00 12.43 -35.29
C ASN B 515 24.99 11.32 -35.57
N SER B 516 24.38 10.75 -34.53
CA SER B 516 23.55 9.57 -34.67
C SER B 516 22.06 9.82 -34.49
N TYR B 517 21.68 10.69 -33.54
CA TYR B 517 20.28 10.94 -33.23
C TYR B 517 19.98 12.43 -33.34
N ASN B 518 20.40 13.03 -34.46
CA ASN B 518 20.25 14.46 -34.63
C ASN B 518 18.78 14.86 -34.70
N ASP B 519 18.50 16.07 -34.25
CA ASP B 519 17.15 16.61 -34.24
C ASP B 519 17.24 18.13 -34.27
N ALA B 520 16.07 18.77 -34.39
CA ALA B 520 16.04 20.22 -34.43
C ALA B 520 16.52 20.82 -33.11
N LEU B 521 15.99 20.30 -31.99
CA LEU B 521 16.42 20.80 -30.69
C LEU B 521 17.87 20.41 -30.40
N LEU B 522 18.28 19.21 -30.81
CA LEU B 522 19.67 18.81 -30.62
C LEU B 522 20.60 19.69 -31.43
N THR B 523 20.21 20.05 -32.65
CA THR B 523 21.00 20.98 -33.44
C THR B 523 21.07 22.35 -32.78
N PHE B 524 19.95 22.82 -32.24
CA PHE B 524 19.93 24.11 -31.57
C PHE B 524 20.86 24.12 -30.36
N VAL B 525 20.80 23.05 -29.56
CA VAL B 525 21.64 22.97 -28.36
C VAL B 525 23.11 22.82 -28.74
N TRP B 526 23.40 22.06 -29.80
CA TRP B 526 24.77 21.93 -30.27
C TRP B 526 25.32 23.27 -30.73
N LYS B 527 24.51 24.05 -31.46
CA LYS B 527 24.94 25.37 -31.88
C LYS B 527 25.17 26.28 -30.69
N LEU B 528 24.29 26.21 -29.68
CA LEU B 528 24.48 27.03 -28.48
C LEU B 528 25.77 26.67 -27.75
N VAL B 529 26.04 25.37 -27.61
CA VAL B 529 27.25 24.93 -26.92
C VAL B 529 28.49 25.34 -27.70
N ALA B 530 28.44 25.22 -29.03
CA ALA B 530 29.58 25.64 -29.85
C ALA B 530 29.81 27.15 -29.74
N ASN B 531 28.72 27.92 -29.69
CA ASN B 531 28.84 29.37 -29.51
C ASN B 531 29.51 29.69 -28.18
N PHE B 532 29.10 29.01 -27.12
CA PHE B 532 29.65 29.32 -25.80
C PHE B 532 30.98 28.65 -25.54
N ARG B 533 31.46 27.79 -26.42
CA ARG B 533 32.77 27.19 -26.27
C ARG B 533 33.85 27.95 -27.04
N ARG B 534 33.51 28.55 -28.16
CA ARG B 534 34.46 29.32 -28.95
C ARG B 534 34.23 30.82 -28.77
N THR B 558 16.13 38.16 -26.38
CA THR B 558 17.57 38.33 -26.22
C THR B 558 18.30 37.01 -26.45
N ARG B 559 19.42 36.84 -25.75
CA ARG B 559 20.22 35.62 -25.86
C ARG B 559 19.78 34.53 -24.89
N HIS B 560 18.85 34.82 -24.00
CA HIS B 560 18.34 33.87 -23.00
C HIS B 560 19.49 33.25 -22.21
N PRO B 561 20.18 34.03 -21.36
CA PRO B 561 21.27 33.46 -20.57
C PRO B 561 20.81 32.39 -19.60
N LEU B 562 19.62 32.56 -19.02
CA LEU B 562 19.10 31.57 -18.08
C LEU B 562 18.82 30.26 -18.79
N GLN B 563 18.35 30.32 -20.03
CA GLN B 563 18.16 29.10 -20.81
C GLN B 563 19.49 28.40 -21.07
N ALA B 564 20.54 29.18 -21.33
CA ALA B 564 21.87 28.60 -21.53
C ALA B 564 22.37 27.92 -20.26
N LEU B 565 22.19 28.57 -19.10
CA LEU B 565 22.61 27.95 -17.85
C LEU B 565 21.78 26.71 -17.53
N PHE B 566 20.48 26.75 -17.83
CA PHE B 566 19.62 25.59 -17.63
C PHE B 566 20.07 24.42 -18.51
N ILE B 567 20.43 24.71 -19.76
CA ILE B 567 20.94 23.66 -20.64
C ILE B 567 22.28 23.14 -20.14
N TRP B 568 23.13 24.03 -19.64
CA TRP B 568 24.41 23.62 -19.09
C TRP B 568 24.24 22.66 -17.92
N ALA B 569 23.28 22.95 -17.04
CA ALA B 569 23.01 22.05 -15.91
C ALA B 569 22.32 20.78 -16.36
N ILE B 570 21.46 20.87 -17.38
CA ILE B 570 20.68 19.72 -17.82
C ILE B 570 21.57 18.69 -18.52
N LEU B 571 22.50 19.16 -19.35
CA LEU B 571 23.35 18.24 -20.11
C LEU B 571 24.25 17.41 -19.19
N GLN B 572 24.59 17.94 -18.02
CA GLN B 572 25.48 17.27 -17.10
C GLN B 572 24.73 16.54 -15.98
N ASN B 573 23.41 16.42 -16.10
CA ASN B 573 22.59 15.66 -15.16
C ASN B 573 22.72 16.19 -13.73
N LYS B 574 22.87 17.51 -13.60
CA LYS B 574 22.87 18.16 -12.29
C LYS B 574 21.41 18.43 -11.94
N LYS B 575 20.77 17.43 -11.32
CA LYS B 575 19.32 17.47 -11.15
C LYS B 575 18.87 18.64 -10.28
N GLU B 576 19.47 18.77 -9.09
CA GLU B 576 19.02 19.82 -8.17
C GLU B 576 19.41 21.20 -8.67
N LEU B 577 20.61 21.34 -9.24
CA LEU B 577 21.00 22.61 -9.83
C LEU B 577 20.08 22.97 -10.99
N SER B 578 19.71 21.98 -11.81
CA SER B 578 18.80 22.23 -12.90
C SER B 578 17.43 22.67 -12.39
N LYS B 579 16.95 22.06 -11.30
CA LYS B 579 15.68 22.49 -10.73
C LYS B 579 15.74 23.92 -10.22
N VAL B 580 16.84 24.27 -9.54
CA VAL B 580 17.00 25.63 -9.03
C VAL B 580 17.01 26.63 -10.18
N ILE B 581 17.73 26.32 -11.26
CA ILE B 581 17.79 27.22 -12.40
C ILE B 581 16.45 27.30 -13.11
N TRP B 582 15.75 26.17 -13.23
CA TRP B 582 14.46 26.14 -13.90
C TRP B 582 13.41 26.93 -13.15
N GLU B 583 13.52 26.99 -11.82
CA GLU B 583 12.58 27.82 -11.07
C GLU B 583 12.72 29.30 -11.37
N GLN B 584 13.79 29.71 -12.05
CA GLN B 584 14.00 31.10 -12.40
C GLN B 584 13.73 31.41 -13.87
N THR B 585 13.41 30.41 -14.67
CA THR B 585 13.21 30.61 -16.10
C THR B 585 11.91 31.37 -16.38
N ARG B 586 11.85 31.98 -17.57
CA ARG B 586 10.66 32.73 -17.96
C ARG B 586 9.57 31.80 -18.48
N GLY B 587 9.83 31.09 -19.57
CA GLY B 587 8.91 30.08 -20.03
C GLY B 587 9.21 28.74 -19.39
N CYS B 588 8.51 28.42 -18.30
CA CYS B 588 8.88 27.28 -17.48
C CYS B 588 8.36 25.97 -18.05
N THR B 589 7.13 25.97 -18.56
CA THR B 589 6.62 24.76 -19.21
C THR B 589 7.42 24.44 -20.46
N LEU B 590 7.74 25.46 -21.25
CA LEU B 590 8.56 25.24 -22.44
C LEU B 590 9.95 24.76 -22.07
N ALA B 591 10.53 25.32 -21.01
CA ALA B 591 11.85 24.88 -20.56
C ALA B 591 11.81 23.43 -20.10
N ALA B 592 10.78 23.05 -19.35
CA ALA B 592 10.67 21.67 -18.89
C ALA B 592 10.49 20.71 -20.06
N LEU B 593 9.68 21.08 -21.05
CA LEU B 593 9.48 20.20 -22.19
C LEU B 593 10.74 20.11 -23.05
N GLY B 594 11.44 21.22 -23.24
CA GLY B 594 12.69 21.18 -23.98
C GLY B 594 13.75 20.36 -23.27
N ALA B 595 13.82 20.48 -21.94
CA ALA B 595 14.74 19.64 -21.17
C ALA B 595 14.38 18.17 -21.31
N SER B 596 13.09 17.85 -21.27
CA SER B 596 12.66 16.47 -21.46
C SER B 596 13.07 15.95 -22.83
N LYS B 597 12.89 16.76 -23.87
CA LYS B 597 13.27 16.34 -25.22
C LYS B 597 14.79 16.13 -25.33
N LEU B 598 15.56 17.08 -24.81
CA LEU B 598 17.01 16.98 -24.87
C LEU B 598 17.52 15.79 -24.08
N LEU B 599 16.95 15.54 -22.89
CA LEU B 599 17.38 14.42 -22.07
C LEU B 599 17.00 13.09 -22.69
N LYS B 600 15.82 13.02 -23.33
CA LYS B 600 15.44 11.80 -24.02
C LYS B 600 16.34 11.53 -25.21
N THR B 601 16.76 12.58 -25.91
CA THR B 601 17.71 12.40 -27.00
C THR B 601 19.07 11.92 -26.47
N LEU B 602 19.52 12.49 -25.36
CA LEU B 602 20.81 12.08 -24.80
C LEU B 602 20.75 10.67 -24.22
N ALA B 603 19.59 10.23 -23.78
CA ALA B 603 19.43 8.87 -23.28
C ALA B 603 19.52 7.82 -24.39
N LYS B 604 19.47 8.24 -25.65
CA LYS B 604 19.60 7.29 -26.76
C LYS B 604 21.03 6.83 -26.96
N VAL B 605 22.01 7.60 -26.48
CA VAL B 605 23.40 7.22 -26.65
C VAL B 605 23.73 6.06 -25.71
N LYS B 606 24.27 4.99 -26.29
CA LYS B 606 24.57 3.78 -25.55
C LYS B 606 26.04 3.66 -25.16
N ASN B 607 26.80 4.74 -25.29
CA ASN B 607 28.21 4.72 -24.87
C ASN B 607 28.33 4.48 -23.37
N ASP B 608 27.49 5.14 -22.58
CA ASP B 608 27.46 4.98 -21.12
C ASP B 608 26.01 4.81 -20.70
N ILE B 609 25.63 3.59 -20.30
CA ILE B 609 24.23 3.33 -19.98
C ILE B 609 23.82 3.94 -18.66
N ASN B 610 24.75 4.16 -17.73
CA ASN B 610 24.40 4.84 -16.48
C ASN B 610 24.03 6.29 -16.73
N ALA B 611 24.81 6.98 -17.57
CA ALA B 611 24.48 8.35 -17.94
C ALA B 611 23.16 8.41 -18.69
N ALA B 612 22.91 7.44 -19.57
CA ALA B 612 21.64 7.40 -20.29
C ALA B 612 20.47 7.18 -19.34
N GLY B 613 20.63 6.31 -18.35
CA GLY B 613 19.57 6.10 -17.38
C GLY B 613 19.30 7.33 -16.54
N GLU B 614 20.37 8.03 -16.13
CA GLU B 614 20.19 9.28 -15.41
C GLU B 614 19.47 10.32 -16.27
N SER B 615 19.83 10.39 -17.55
CA SER B 615 19.16 11.32 -18.46
C SER B 615 17.69 10.97 -18.62
N GLU B 616 17.37 9.68 -18.71
CA GLU B 616 15.97 9.27 -18.83
C GLU B 616 15.19 9.62 -17.58
N GLU B 617 15.79 9.41 -16.40
CA GLU B 617 15.11 9.78 -15.16
C GLU B 617 14.87 11.27 -15.06
N LEU B 618 15.87 12.07 -15.45
CA LEU B 618 15.70 13.53 -15.43
C LEU B 618 14.65 13.98 -16.44
N ALA B 619 14.60 13.33 -17.60
CA ALA B 619 13.58 13.65 -18.60
C ALA B 619 12.19 13.36 -18.06
N ASN B 620 12.02 12.22 -17.39
CA ASN B 620 10.72 11.91 -16.79
C ASN B 620 10.37 12.93 -15.71
N GLU B 621 11.35 13.34 -14.90
CA GLU B 621 11.09 14.33 -13.87
C GLU B 621 10.63 15.65 -14.47
N TYR B 622 11.28 16.09 -15.55
CA TYR B 622 10.91 17.36 -16.13
C TYR B 622 9.60 17.29 -16.90
N GLU B 623 9.29 16.12 -17.48
CA GLU B 623 7.96 15.94 -18.06
C GLU B 623 6.88 16.02 -16.99
N THR B 624 7.11 15.40 -15.84
CA THR B 624 6.15 15.49 -14.74
C THR B 624 6.01 16.93 -14.25
N ARG B 625 7.13 17.66 -14.17
CA ARG B 625 7.08 19.06 -13.76
C ARG B 625 6.27 19.89 -14.73
N ALA B 626 6.47 19.68 -16.04
CA ALA B 626 5.68 20.41 -17.04
C ALA B 626 4.21 20.06 -16.93
N VAL B 627 3.90 18.78 -16.70
CA VAL B 627 2.51 18.36 -16.58
C VAL B 627 1.85 19.04 -15.39
N GLU B 628 2.53 19.05 -14.25
CA GLU B 628 1.96 19.65 -13.04
C GLU B 628 1.80 21.16 -13.21
N LEU B 629 2.80 21.83 -13.76
CA LEU B 629 2.71 23.28 -13.95
C LEU B 629 1.58 23.63 -14.92
N PHE B 630 1.45 22.88 -16.02
CA PHE B 630 0.38 23.19 -16.97
C PHE B 630 -0.99 22.83 -16.41
N THR B 631 -1.08 21.79 -15.59
CA THR B 631 -2.35 21.49 -14.94
C THR B 631 -2.75 22.62 -14.01
N GLU B 632 -1.80 23.16 -13.25
CA GLU B 632 -2.07 24.33 -12.42
C GLU B 632 -2.52 25.51 -13.27
N CYS B 633 -1.82 25.75 -14.39
CA CYS B 633 -2.17 26.86 -15.27
C CYS B 633 -3.58 26.71 -15.81
N TYR B 634 -3.95 25.50 -16.25
CA TYR B 634 -5.26 25.28 -16.85
C TYR B 634 -6.36 25.37 -15.80
N SER B 635 -6.11 24.85 -14.60
CA SER B 635 -7.09 24.99 -13.53
C SER B 635 -7.27 26.45 -13.15
N SER B 636 -6.22 27.26 -13.23
CA SER B 636 -6.36 28.68 -12.96
C SER B 636 -7.14 29.38 -14.06
N ASP B 637 -6.62 29.34 -15.28
CA ASP B 637 -7.29 29.94 -16.43
C ASP B 637 -7.23 28.97 -17.61
N GLU B 638 -8.26 29.02 -18.45
CA GLU B 638 -8.36 28.15 -19.61
C GLU B 638 -7.89 28.82 -20.89
N ASP B 639 -8.22 30.09 -21.10
CA ASP B 639 -7.79 30.79 -22.31
C ASP B 639 -6.30 31.15 -22.22
N LEU B 640 -5.85 31.59 -21.05
CA LEU B 640 -4.44 31.94 -20.89
C LEU B 640 -3.55 30.70 -20.98
N ALA B 641 -4.01 29.58 -20.41
CA ALA B 641 -3.23 28.35 -20.51
C ALA B 641 -3.14 27.87 -21.96
N GLU B 642 -4.20 28.06 -22.74
CA GLU B 642 -4.16 27.67 -24.14
C GLU B 642 -3.31 28.61 -24.97
N GLN B 643 -3.28 29.90 -24.61
CA GLN B 643 -2.33 30.82 -25.24
C GLN B 643 -0.90 30.41 -24.93
N LEU B 644 -0.65 30.00 -23.69
CA LEU B 644 0.68 29.51 -23.31
C LEU B 644 1.03 28.22 -24.02
N LEU B 645 0.03 27.39 -24.32
CA LEU B 645 0.27 26.12 -25.00
C LEU B 645 0.89 26.33 -26.37
N VAL B 646 0.41 27.31 -27.12
CA VAL B 646 0.88 27.55 -28.48
C VAL B 646 1.91 28.68 -28.53
N TYR B 647 2.38 29.15 -27.39
CA TYR B 647 3.37 30.23 -27.37
C TYR B 647 4.69 29.73 -27.96
N SER B 648 5.21 30.48 -28.91
CA SER B 648 6.44 30.12 -29.60
C SER B 648 7.46 31.25 -29.44
N CYS B 649 8.71 30.87 -29.22
CA CYS B 649 9.80 31.83 -29.11
C CYS B 649 11.08 31.13 -29.56
N GLU B 650 12.06 31.95 -29.96
CA GLU B 650 13.34 31.41 -30.38
C GLU B 650 14.14 30.79 -29.25
N ALA B 651 13.58 30.72 -28.04
CA ALA B 651 14.31 30.22 -26.89
C ALA B 651 14.70 28.76 -27.07
N TRP B 652 13.78 27.93 -27.55
CA TRP B 652 14.05 26.50 -27.66
C TRP B 652 14.03 26.06 -29.12
N GLY B 653 14.68 26.82 -29.99
CA GLY B 653 14.68 26.51 -31.40
C GLY B 653 13.46 26.98 -32.15
N GLY B 654 12.77 28.00 -31.65
CA GLY B 654 11.52 28.43 -32.25
C GLY B 654 10.41 27.42 -32.09
N SER B 655 10.52 26.51 -31.14
CA SER B 655 9.57 25.42 -30.99
C SER B 655 8.42 25.84 -30.08
N ASN B 656 7.54 24.89 -29.81
CA ASN B 656 6.28 25.12 -29.11
C ASN B 656 6.11 24.06 -28.04
N CYS B 657 5.25 24.36 -27.07
CA CYS B 657 4.98 23.39 -26.00
C CYS B 657 4.41 22.10 -26.57
N LEU B 658 3.39 22.21 -27.42
CA LEU B 658 2.82 21.02 -28.05
C LEU B 658 3.83 20.35 -28.98
N GLU B 659 4.55 21.15 -29.76
CA GLU B 659 5.55 20.58 -30.67
C GLU B 659 6.66 19.87 -29.90
N LEU B 660 7.14 20.48 -28.82
CA LEU B 660 8.18 19.85 -28.03
C LEU B 660 7.68 18.59 -27.34
N ALA B 661 6.44 18.60 -26.86
CA ALA B 661 5.87 17.42 -26.22
C ALA B 661 5.72 16.28 -27.22
N VAL B 662 5.31 16.61 -28.46
CA VAL B 662 5.15 15.57 -29.47
C VAL B 662 6.50 15.02 -29.91
N GLU B 663 7.48 15.91 -30.12
CA GLU B 663 8.81 15.47 -30.54
C GLU B 663 9.45 14.59 -29.47
N ALA B 664 9.26 14.94 -28.20
CA ALA B 664 9.81 14.16 -27.11
C ALA B 664 8.97 12.95 -26.75
N THR B 665 7.83 12.76 -27.42
CA THR B 665 6.87 11.70 -27.08
C THR B 665 6.49 11.79 -25.61
N ASP B 666 6.24 13.01 -25.15
CA ASP B 666 5.78 13.26 -23.79
C ASP B 666 4.30 12.93 -23.73
N GLN B 667 4.02 11.64 -23.53
CA GLN B 667 2.65 11.16 -23.57
C GLN B 667 1.84 11.70 -22.39
N HIS B 668 2.48 11.87 -21.24
CA HIS B 668 1.77 12.39 -20.08
C HIS B 668 1.33 13.84 -20.30
N PHE B 669 2.19 14.64 -20.93
CA PHE B 669 1.81 16.03 -21.22
C PHE B 669 0.70 16.09 -22.26
N ILE B 670 0.77 15.25 -23.28
CA ILE B 670 -0.24 15.26 -24.33
C ILE B 670 -1.56 14.72 -23.80
N ALA B 671 -1.53 13.71 -22.93
CA ALA B 671 -2.73 13.11 -22.38
C ALA B 671 -3.37 13.97 -21.29
N GLN B 672 -2.91 15.20 -21.10
CA GLN B 672 -3.53 16.07 -20.12
C GLN B 672 -4.94 16.45 -20.57
N PRO B 673 -5.89 16.56 -19.64
CA PRO B 673 -7.25 17.00 -20.04
C PRO B 673 -7.26 18.37 -20.69
N GLY B 674 -6.41 19.28 -20.25
CA GLY B 674 -6.35 20.59 -20.89
C GLY B 674 -5.87 20.50 -22.33
N VAL B 675 -4.80 19.73 -22.57
CA VAL B 675 -4.30 19.55 -23.93
C VAL B 675 -5.32 18.82 -24.79
N GLN B 676 -5.98 17.81 -24.23
CA GLN B 676 -6.96 17.04 -24.99
C GLN B 676 -8.16 17.90 -25.37
N ASN B 677 -8.64 18.75 -24.45
CA ASN B 677 -9.80 19.57 -24.80
C ASN B 677 -9.39 20.74 -25.68
N PHE B 678 -8.13 21.18 -25.61
CA PHE B 678 -7.61 22.12 -26.60
C PHE B 678 -7.62 21.50 -27.99
N LEU B 679 -7.20 20.24 -28.08
CA LEU B 679 -7.24 19.53 -29.37
C LEU B 679 -8.67 19.35 -29.85
N SER B 680 -9.60 19.06 -28.94
CA SER B 680 -11.00 18.93 -29.32
C SER B 680 -11.56 20.25 -29.83
N LYS B 681 -11.20 21.37 -29.19
CA LYS B 681 -11.61 22.68 -29.66
C LYS B 681 -11.04 22.97 -31.03
N GLN B 682 -9.78 22.60 -31.27
CA GLN B 682 -9.21 22.75 -32.60
C GLN B 682 -9.96 21.90 -33.62
N TRP B 683 -10.31 20.67 -33.25
CA TRP B 683 -10.99 19.76 -34.16
C TRP B 683 -12.38 20.28 -34.54
N TYR B 684 -13.10 20.86 -33.57
CA TYR B 684 -14.41 21.41 -33.86
C TYR B 684 -14.36 22.80 -34.48
N GLY B 685 -13.22 23.48 -34.41
CA GLY B 685 -13.11 24.80 -35.01
C GLY B 685 -13.94 25.82 -34.25
N GLU B 686 -14.63 26.67 -35.00
CA GLU B 686 -15.51 27.67 -34.40
C GLU B 686 -16.84 27.09 -33.95
N ILE B 687 -17.12 25.83 -34.27
CA ILE B 687 -18.33 25.16 -33.82
C ILE B 687 -18.13 24.72 -32.38
N SER B 688 -19.09 25.05 -31.52
CA SER B 688 -19.02 24.61 -30.14
C SER B 688 -19.18 23.10 -30.05
N ARG B 689 -18.43 22.47 -29.15
CA ARG B 689 -18.52 21.03 -28.96
C ARG B 689 -19.82 20.62 -28.30
N ASP B 690 -20.62 21.56 -27.80
CA ASP B 690 -21.89 21.22 -27.17
C ASP B 690 -22.96 20.84 -28.18
N THR B 691 -22.79 21.21 -29.45
CA THR B 691 -23.75 20.80 -30.46
C THR B 691 -23.59 19.32 -30.79
N LYS B 692 -24.69 18.71 -31.21
CA LYS B 692 -24.69 17.29 -31.51
C LYS B 692 -24.00 17.03 -32.85
N ASN B 693 -23.37 15.85 -32.95
CA ASN B 693 -22.70 15.48 -34.20
C ASN B 693 -23.69 15.33 -35.34
N TRP B 694 -24.85 14.72 -35.06
CA TRP B 694 -25.85 14.55 -36.11
C TRP B 694 -26.37 15.88 -36.61
N LYS B 695 -26.42 16.89 -35.75
CA LYS B 695 -26.81 18.23 -36.21
C LYS B 695 -25.79 18.78 -37.20
N ILE B 696 -24.50 18.59 -36.91
CA ILE B 696 -23.46 19.06 -37.83
C ILE B 696 -23.54 18.31 -39.15
N ILE B 697 -23.78 16.99 -39.10
CA ILE B 697 -23.88 16.21 -40.33
C ILE B 697 -25.09 16.65 -41.15
N LEU B 698 -26.22 16.90 -40.47
CA LEU B 698 -27.42 17.34 -41.17
C LEU B 698 -27.23 18.70 -41.81
N CYS B 699 -26.58 19.63 -41.10
CA CYS B 699 -26.27 20.93 -41.70
C CYS B 699 -25.27 20.80 -42.83
N LEU B 700 -24.40 19.79 -42.77
CA LEU B 700 -23.51 19.50 -43.89
C LEU B 700 -24.30 19.07 -45.11
N PHE B 701 -25.30 18.20 -44.92
CA PHE B 701 -26.13 17.78 -46.04
C PHE B 701 -27.15 18.84 -46.45
N ILE B 702 -27.67 19.59 -45.49
CA ILE B 702 -28.58 20.70 -45.77
C ILE B 702 -27.86 22.01 -45.51
N ILE B 703 -27.22 22.55 -46.55
CA ILE B 703 -26.37 23.73 -46.37
C ILE B 703 -27.14 24.93 -45.84
N PRO B 704 -28.33 25.28 -46.32
CA PRO B 704 -28.98 26.51 -45.83
C PRO B 704 -29.29 26.49 -44.34
N LEU B 705 -29.35 25.32 -43.71
CA LEU B 705 -29.66 25.24 -42.29
C LEU B 705 -28.53 25.74 -41.40
N VAL B 706 -27.33 25.96 -41.95
CA VAL B 706 -26.23 26.47 -41.16
C VAL B 706 -26.51 27.89 -40.68
N GLY B 707 -27.04 28.72 -41.56
CA GLY B 707 -27.37 30.10 -41.22
C GLY B 707 -28.68 30.29 -40.48
N CYS B 708 -29.42 29.23 -40.22
CA CYS B 708 -30.70 29.32 -39.52
C CYS B 708 -30.56 29.11 -38.01
N GLY B 709 -29.34 29.05 -37.50
CA GLY B 709 -29.13 28.88 -36.07
C GLY B 709 -29.19 27.45 -35.59
N PHE B 710 -29.18 26.46 -36.49
CA PHE B 710 -29.21 25.06 -36.07
C PHE B 710 -27.94 24.66 -35.34
N VAL B 711 -26.79 25.14 -35.81
CA VAL B 711 -25.50 24.80 -35.24
C VAL B 711 -25.02 25.97 -34.40
N SER B 712 -24.71 25.71 -33.14
CA SER B 712 -24.19 26.74 -32.26
C SER B 712 -22.68 26.89 -32.46
N PHE B 713 -22.19 28.12 -32.25
CA PHE B 713 -20.79 28.44 -32.45
C PHE B 713 -20.19 28.95 -31.16
N ARG B 714 -18.87 28.80 -31.05
CA ARG B 714 -18.16 29.21 -29.84
C ARG B 714 -18.22 30.72 -29.66
N LYS B 715 -18.06 31.49 -30.73
CA LYS B 715 -18.07 32.94 -30.67
C LYS B 715 -19.18 33.49 -31.57
N LYS B 716 -19.18 34.80 -31.75
CA LYS B 716 -20.17 35.49 -32.56
C LYS B 716 -19.49 36.40 -33.56
N PRO B 717 -20.14 36.68 -34.70
CA PRO B 717 -19.57 37.56 -35.73
C PRO B 717 -19.32 38.98 -35.22
N LYS B 723 -22.98 38.22 -40.00
CA LYS B 723 -23.04 38.74 -41.36
C LYS B 723 -23.58 37.70 -42.33
N LEU B 724 -23.93 36.53 -41.77
CA LEU B 724 -24.54 35.41 -42.48
C LEU B 724 -23.54 34.73 -43.40
N LEU B 725 -22.36 35.33 -43.56
CA LEU B 725 -21.25 34.72 -44.30
C LEU B 725 -20.18 34.17 -43.38
N TRP B 726 -19.91 34.86 -42.27
CA TRP B 726 -18.97 34.35 -41.29
C TRP B 726 -19.43 33.03 -40.73
N TYR B 727 -20.75 32.82 -40.61
CA TYR B 727 -21.27 31.54 -40.12
C TYR B 727 -20.86 30.41 -41.05
N TYR B 728 -21.08 30.58 -42.35
CA TYR B 728 -20.75 29.53 -43.31
C TYR B 728 -19.24 29.33 -43.41
N VAL B 729 -18.47 30.42 -43.34
CA VAL B 729 -17.02 30.30 -43.39
C VAL B 729 -16.51 29.53 -42.18
N ALA B 730 -17.02 29.84 -40.99
CA ALA B 730 -16.60 29.15 -39.77
C ALA B 730 -17.05 27.69 -39.78
N PHE B 731 -18.23 27.42 -40.32
CA PHE B 731 -18.72 26.05 -40.40
C PHE B 731 -17.85 25.21 -41.34
N PHE B 732 -17.62 25.71 -42.56
CA PHE B 732 -16.95 24.91 -43.56
C PHE B 732 -15.44 24.92 -43.45
N THR B 733 -14.88 25.71 -42.53
CA THR B 733 -13.45 25.64 -42.21
C THR B 733 -13.18 24.78 -40.98
N SER B 734 -14.22 24.23 -40.37
CA SER B 734 -14.05 23.38 -39.20
C SER B 734 -13.46 22.03 -39.62
N PRO B 735 -12.38 21.57 -38.99
CA PRO B 735 -11.80 20.29 -39.39
C PRO B 735 -12.76 19.12 -39.30
N PHE B 736 -13.67 19.13 -38.31
CA PHE B 736 -14.71 18.10 -38.25
C PHE B 736 -15.58 18.14 -39.50
N VAL B 737 -16.05 19.33 -39.86
CA VAL B 737 -16.91 19.50 -41.03
C VAL B 737 -16.15 19.15 -42.29
N VAL B 738 -14.89 19.58 -42.40
CA VAL B 738 -14.10 19.30 -43.60
C VAL B 738 -13.88 17.80 -43.74
N PHE B 739 -13.59 17.12 -42.63
CA PHE B 739 -13.40 15.68 -42.68
C PHE B 739 -14.67 14.97 -43.12
N SER B 740 -15.82 15.35 -42.54
CA SER B 740 -17.07 14.70 -42.91
C SER B 740 -17.41 14.97 -44.37
N TRP B 741 -17.20 16.20 -44.84
CA TRP B 741 -17.46 16.54 -46.23
C TRP B 741 -16.54 15.75 -47.16
N ASN B 742 -15.28 15.58 -46.77
CA ASN B 742 -14.35 14.84 -47.60
C ASN B 742 -14.75 13.38 -47.70
N VAL B 743 -15.20 12.78 -46.60
CA VAL B 743 -15.67 11.40 -46.65
C VAL B 743 -16.91 11.28 -47.52
N VAL B 744 -17.85 12.21 -47.38
CA VAL B 744 -19.07 12.17 -48.19
C VAL B 744 -18.74 12.33 -49.66
N PHE B 745 -17.85 13.25 -49.99
CA PHE B 745 -17.48 13.47 -51.38
C PHE B 745 -16.66 12.30 -51.92
N TYR B 746 -15.91 11.61 -51.08
CA TYR B 746 -15.22 10.39 -51.51
C TYR B 746 -16.22 9.29 -51.84
N ILE B 747 -17.28 9.16 -51.03
CA ILE B 747 -18.32 8.18 -51.34
C ILE B 747 -19.00 8.55 -52.66
N ALA B 748 -19.27 9.84 -52.86
CA ALA B 748 -19.88 10.29 -54.12
C ALA B 748 -18.95 10.02 -55.30
N PHE B 749 -17.65 10.24 -55.12
CA PHE B 749 -16.68 9.98 -56.19
C PHE B 749 -16.60 8.48 -56.49
N LEU B 750 -16.72 7.64 -55.47
CA LEU B 750 -16.77 6.20 -55.70
C LEU B 750 -18.03 5.82 -56.47
N LEU B 751 -19.16 6.43 -56.14
CA LEU B 751 -20.39 6.16 -56.90
C LEU B 751 -20.26 6.59 -58.35
N LEU B 752 -19.65 7.76 -58.58
CA LEU B 752 -19.42 8.22 -59.96
C LEU B 752 -18.47 7.29 -60.69
N PHE B 753 -17.43 6.81 -60.00
CA PHE B 753 -16.50 5.85 -60.60
C PHE B 753 -17.22 4.57 -61.00
N ALA B 754 -18.07 4.05 -60.12
CA ALA B 754 -18.83 2.85 -60.45
C ALA B 754 -19.75 3.10 -61.64
N TYR B 755 -20.42 4.25 -61.66
CA TYR B 755 -21.30 4.56 -62.78
C TYR B 755 -20.53 4.63 -64.09
N VAL B 756 -19.36 5.27 -64.08
CA VAL B 756 -18.55 5.37 -65.29
C VAL B 756 -18.08 3.99 -65.73
N LEU B 757 -17.66 3.15 -64.79
CA LEU B 757 -17.19 1.83 -65.14
C LEU B 757 -18.30 0.96 -65.73
N LEU B 758 -19.52 1.07 -65.17
CA LEU B 758 -20.60 0.17 -65.55
C LEU B 758 -21.41 0.65 -66.74
N MET B 759 -21.49 1.97 -66.97
CA MET B 759 -22.38 2.48 -68.00
C MET B 759 -21.81 3.60 -68.86
N ASP B 760 -20.56 4.00 -68.65
CA ASP B 760 -19.99 5.16 -69.34
C ASP B 760 -18.58 4.85 -69.85
N PHE B 761 -18.42 3.70 -70.50
CA PHE B 761 -17.15 3.30 -71.11
C PHE B 761 -17.43 2.94 -72.56
N HIS B 762 -17.24 3.90 -73.46
CA HIS B 762 -17.55 3.73 -74.88
C HIS B 762 -16.40 4.23 -75.74
N SER B 763 -15.16 3.94 -75.33
CA SER B 763 -13.95 4.27 -76.06
C SER B 763 -13.79 5.77 -76.31
N VAL B 764 -14.45 6.60 -75.50
CA VAL B 764 -14.32 8.05 -75.61
C VAL B 764 -14.60 8.64 -74.23
N PRO B 765 -13.90 9.71 -73.83
CA PRO B 765 -14.16 10.32 -72.52
C PRO B 765 -15.44 11.14 -72.53
N HIS B 766 -16.49 10.61 -71.91
CA HIS B 766 -17.72 11.34 -71.71
C HIS B 766 -17.58 12.31 -70.54
N PRO B 767 -18.45 13.31 -70.46
CA PRO B 767 -18.30 14.35 -69.41
C PRO B 767 -18.18 13.76 -68.01
N PRO B 768 -18.91 12.68 -67.68
CA PRO B 768 -18.63 12.00 -66.40
C PRO B 768 -17.18 11.55 -66.27
N GLU B 769 -16.57 11.09 -67.36
CA GLU B 769 -15.18 10.67 -67.30
C GLU B 769 -14.26 11.84 -67.00
N LEU B 770 -14.50 13.00 -67.61
CA LEU B 770 -13.67 14.17 -67.32
C LEU B 770 -13.88 14.66 -65.90
N VAL B 771 -15.12 14.59 -65.40
CA VAL B 771 -15.37 14.96 -64.00
C VAL B 771 -14.60 14.03 -63.07
N LEU B 772 -14.63 12.73 -63.34
CA LEU B 772 -13.88 11.78 -62.54
C LEU B 772 -12.38 12.04 -62.63
N TYR B 773 -11.89 12.39 -63.81
CA TYR B 773 -10.48 12.71 -63.97
C TYR B 773 -10.09 13.93 -63.15
N SER B 774 -10.94 14.96 -63.14
CA SER B 774 -10.65 16.14 -62.33
C SER B 774 -10.66 15.81 -60.84
N LEU B 775 -11.61 14.98 -60.39
CA LEU B 775 -11.62 14.58 -58.99
C LEU B 775 -10.36 13.82 -58.61
N VAL B 776 -9.93 12.89 -59.48
CA VAL B 776 -8.69 12.17 -59.24
C VAL B 776 -7.50 13.11 -59.26
N PHE B 777 -7.54 14.14 -60.08
CA PHE B 777 -6.46 15.13 -60.11
C PHE B 777 -6.37 15.87 -58.79
N VAL B 778 -7.51 16.26 -58.22
CA VAL B 778 -7.49 16.94 -56.93
C VAL B 778 -7.01 16.00 -55.84
N LEU B 779 -7.39 14.72 -55.92
CA LEU B 779 -6.85 13.72 -54.99
C LEU B 779 -5.34 13.61 -55.11
N PHE B 780 -4.83 13.65 -56.34
CA PHE B 780 -3.39 13.59 -56.56
C PHE B 780 -2.70 14.82 -55.99
N CYS B 781 -3.33 16.00 -56.11
CA CYS B 781 -2.77 17.20 -55.51
C CYS B 781 -2.71 17.09 -54.00
N ASP B 782 -3.76 16.54 -53.39
CA ASP B 782 -3.74 16.31 -51.94
C ASP B 782 -2.63 15.34 -51.55
N GLU B 783 -2.45 14.28 -52.34
CA GLU B 783 -1.39 13.32 -52.05
C GLU B 783 -0.01 13.95 -52.20
N VAL B 784 0.16 14.83 -53.19
CA VAL B 784 1.43 15.54 -53.36
C VAL B 784 1.69 16.44 -52.17
N ARG B 785 0.66 17.13 -51.68
CA ARG B 785 0.81 17.94 -50.48
C ARG B 785 1.22 17.09 -49.28
N GLN B 786 0.62 15.90 -49.16
CA GLN B 786 1.01 15.00 -48.07
C GLN B 786 2.46 14.56 -48.20
N TRP B 787 2.90 14.25 -49.43
CA TRP B 787 4.30 13.93 -49.66
C TRP B 787 5.20 15.06 -49.20
N TYR B 788 4.90 16.29 -49.64
CA TYR B 788 5.74 17.43 -49.31
C TYR B 788 5.78 17.68 -47.81
N VAL B 789 4.64 17.54 -47.13
CA VAL B 789 4.59 17.80 -45.71
C VAL B 789 5.33 16.72 -44.92
N ASN B 790 5.12 15.45 -45.26
CA ASN B 790 5.62 14.36 -44.44
C ASN B 790 7.00 13.85 -44.86
N GLY B 791 7.55 14.35 -45.97
CA GLY B 791 8.87 13.88 -46.33
C GLY B 791 8.88 12.42 -46.74
N VAL B 792 9.98 11.73 -46.41
CA VAL B 792 10.12 10.31 -46.73
C VAL B 792 9.39 9.42 -45.74
N ASN B 793 8.99 9.95 -44.58
CA ASN B 793 8.28 9.15 -43.59
C ASN B 793 6.84 8.86 -44.01
N TYR B 794 6.35 9.50 -45.07
CA TYR B 794 4.98 9.25 -45.52
C TYR B 794 4.82 7.83 -46.03
N PHE B 795 5.82 7.32 -46.75
CA PHE B 795 5.76 5.98 -47.33
C PHE B 795 6.26 4.94 -46.32
N THR B 796 5.58 4.89 -45.18
CA THR B 796 5.93 3.94 -44.13
C THR B 796 4.68 3.24 -43.60
N ASP B 797 3.52 3.87 -43.79
CA ASP B 797 2.28 3.33 -43.25
C ASP B 797 1.72 2.17 -44.05
N LEU B 798 2.20 1.98 -45.29
CA LEU B 798 1.78 0.90 -46.19
C LEU B 798 0.35 1.13 -46.68
N TRP B 799 -0.34 2.11 -46.11
CA TRP B 799 -1.65 2.52 -46.59
C TRP B 799 -1.60 3.86 -47.33
N ASN B 800 -0.67 4.74 -46.97
CA ASN B 800 -0.35 5.87 -47.83
C ASN B 800 0.28 5.41 -49.13
N VAL B 801 1.15 4.40 -49.04
CA VAL B 801 1.73 3.80 -50.24
C VAL B 801 0.63 3.25 -51.13
N MET B 802 -0.41 2.66 -50.53
CA MET B 802 -1.53 2.14 -51.31
C MET B 802 -2.25 3.26 -52.06
N ASP B 803 -2.45 4.41 -51.40
CA ASP B 803 -3.10 5.53 -52.06
C ASP B 803 -2.26 6.06 -53.21
N THR B 804 -0.95 6.20 -52.99
CA THR B 804 -0.07 6.66 -54.05
C THR B 804 -0.08 5.69 -55.23
N LEU B 805 -0.02 4.39 -54.95
CA LEU B 805 -0.03 3.39 -56.01
C LEU B 805 -1.37 3.38 -56.74
N GLY B 806 -2.47 3.62 -56.02
CA GLY B 806 -3.77 3.70 -56.68
C GLY B 806 -3.86 4.88 -57.63
N LEU B 807 -3.32 6.04 -57.21
CA LEU B 807 -3.31 7.19 -58.10
C LEU B 807 -2.42 6.94 -59.32
N PHE B 808 -1.27 6.30 -59.11
CA PHE B 808 -0.40 5.96 -60.24
C PHE B 808 -1.07 4.98 -61.18
N TYR B 809 -1.80 4.01 -60.63
CA TYR B 809 -2.54 3.07 -61.45
C TYR B 809 -3.65 3.75 -62.23
N PHE B 810 -4.30 4.76 -61.62
CA PHE B 810 -5.29 5.54 -62.36
C PHE B 810 -4.65 6.29 -63.51
N ILE B 811 -3.45 6.86 -63.30
CA ILE B 811 -2.75 7.53 -64.38
C ILE B 811 -2.44 6.54 -65.51
N ALA B 812 -1.96 5.34 -65.15
CA ALA B 812 -1.66 4.33 -66.16
C ALA B 812 -2.92 3.91 -66.92
N GLY B 813 -4.04 3.76 -66.21
CA GLY B 813 -5.27 3.41 -66.86
C GLY B 813 -5.77 4.50 -67.80
N ILE B 814 -5.59 5.77 -67.41
CA ILE B 814 -5.93 6.87 -68.30
C ILE B 814 -5.07 6.82 -69.55
N VAL B 815 -3.77 6.54 -69.40
CA VAL B 815 -2.88 6.44 -70.55
C VAL B 815 -3.35 5.32 -71.48
N PHE B 816 -3.68 4.17 -70.91
CA PHE B 816 -4.15 3.04 -71.72
C PHE B 816 -5.46 3.36 -72.42
N ARG B 817 -6.37 4.05 -71.71
CA ARG B 817 -7.68 4.35 -72.27
C ARG B 817 -7.61 5.39 -73.37
N LEU B 818 -6.68 6.34 -73.28
CA LEU B 818 -6.57 7.38 -74.29
C LEU B 818 -6.11 6.82 -75.63
N HIS B 819 -5.52 5.62 -75.65
CA HIS B 819 -5.12 4.96 -76.89
C HIS B 819 -6.36 4.29 -77.49
N SER B 820 -7.17 5.10 -78.18
CA SER B 820 -8.38 4.60 -78.81
C SER B 820 -8.02 3.77 -80.04
N SER B 821 -9.05 3.19 -80.66
CA SER B 821 -8.88 2.31 -81.81
C SER B 821 -7.95 1.14 -81.49
N ASN B 822 -8.07 0.61 -80.27
CA ASN B 822 -7.26 -0.52 -79.83
C ASN B 822 -8.05 -1.26 -78.76
N LYS B 823 -8.58 -2.42 -79.11
CA LYS B 823 -9.39 -3.18 -78.16
C LYS B 823 -8.58 -3.64 -76.96
N SER B 824 -7.33 -4.07 -77.20
CA SER B 824 -6.48 -4.52 -76.09
C SER B 824 -6.20 -3.38 -75.11
N SER B 825 -5.89 -2.19 -75.63
CA SER B 825 -5.64 -1.05 -74.77
C SER B 825 -6.87 -0.68 -73.96
N LEU B 826 -8.04 -0.70 -74.60
CA LEU B 826 -9.28 -0.36 -73.88
C LEU B 826 -9.59 -1.38 -72.79
N TYR B 827 -9.39 -2.67 -73.08
CA TYR B 827 -9.64 -3.69 -72.06
C TYR B 827 -8.65 -3.57 -70.92
N SER B 828 -7.37 -3.28 -71.22
CA SER B 828 -6.39 -3.06 -70.16
C SER B 828 -6.78 -1.87 -69.30
N GLY B 829 -7.25 -0.79 -69.93
CA GLY B 829 -7.70 0.36 -69.17
C GLY B 829 -8.88 0.05 -68.28
N ARG B 830 -9.85 -0.72 -68.80
CA ARG B 830 -10.99 -1.11 -67.98
C ARG B 830 -10.58 -1.96 -66.80
N VAL B 831 -9.67 -2.92 -67.02
CA VAL B 831 -9.22 -3.79 -65.93
C VAL B 831 -8.48 -2.97 -64.88
N ILE B 832 -7.62 -2.05 -65.33
CA ILE B 832 -6.89 -1.20 -64.40
C ILE B 832 -7.86 -0.33 -63.59
N PHE B 833 -8.90 0.18 -64.26
CA PHE B 833 -9.88 1.01 -63.56
C PHE B 833 -10.66 0.21 -62.53
N CYS B 834 -10.99 -1.05 -62.84
CA CYS B 834 -11.67 -1.89 -61.86
C CYS B 834 -10.77 -2.18 -60.67
N LEU B 835 -9.51 -2.51 -60.92
CA LEU B 835 -8.58 -2.74 -59.82
C LEU B 835 -8.42 -1.49 -58.97
N ASP B 836 -8.38 -0.31 -59.61
CA ASP B 836 -8.27 0.93 -58.86
C ASP B 836 -9.55 1.24 -58.10
N TYR B 837 -10.70 0.83 -58.61
CA TYR B 837 -11.93 0.97 -57.84
C TYR B 837 -11.86 0.14 -56.57
N ILE B 838 -11.32 -1.07 -56.68
CA ILE B 838 -11.11 -1.89 -55.48
C ILE B 838 -10.15 -1.18 -54.52
N ILE B 839 -9.08 -0.59 -55.04
CA ILE B 839 -8.11 0.11 -54.20
C ILE B 839 -8.77 1.29 -53.48
N PHE B 840 -9.55 2.07 -54.20
CA PHE B 840 -10.20 3.25 -53.60
C PHE B 840 -11.21 2.84 -52.55
N THR B 841 -11.98 1.78 -52.80
CA THR B 841 -12.88 1.28 -51.76
C THR B 841 -12.11 0.76 -50.56
N LEU B 842 -10.94 0.16 -50.79
CA LEU B 842 -10.11 -0.25 -49.66
C LEU B 842 -9.66 0.94 -48.84
N ARG B 843 -9.33 2.04 -49.50
CA ARG B 843 -8.97 3.26 -48.78
C ARG B 843 -10.14 3.78 -47.97
N LEU B 844 -11.34 3.75 -48.53
CA LEU B 844 -12.52 4.15 -47.77
C LEU B 844 -12.75 3.23 -46.57
N ILE B 845 -12.54 1.94 -46.75
CA ILE B 845 -12.70 0.97 -45.66
C ILE B 845 -11.68 1.25 -44.57
N HIS B 846 -10.45 1.60 -44.95
CA HIS B 846 -9.44 1.95 -43.95
C HIS B 846 -9.83 3.21 -43.20
N ILE B 847 -10.39 4.20 -43.90
CA ILE B 847 -10.86 5.42 -43.24
C ILE B 847 -11.95 5.08 -42.22
N PHE B 848 -12.90 4.24 -42.63
CA PHE B 848 -13.98 3.83 -41.73
C PHE B 848 -13.43 3.08 -40.52
N THR B 849 -12.45 2.21 -40.74
CA THR B 849 -11.85 1.44 -39.66
C THR B 849 -11.14 2.34 -38.66
N VAL B 850 -10.40 3.33 -39.15
CA VAL B 850 -9.70 4.24 -38.26
C VAL B 850 -10.70 5.11 -37.49
N SER B 851 -11.73 5.61 -38.18
CA SER B 851 -12.69 6.48 -37.52
C SER B 851 -13.51 5.73 -36.48
N ARG B 852 -13.81 4.46 -36.72
CA ARG B 852 -14.56 3.67 -35.75
C ARG B 852 -13.73 3.42 -34.50
N ASN B 853 -12.44 3.15 -34.66
CA ASN B 853 -11.56 2.82 -33.54
C ASN B 853 -10.73 4.01 -33.08
N LEU B 854 -11.21 5.22 -33.32
CA LEU B 854 -10.49 6.43 -32.92
C LEU B 854 -10.66 6.62 -31.43
N GLY B 855 -9.83 5.94 -30.66
CA GLY B 855 -9.89 5.97 -29.22
C GLY B 855 -8.89 5.03 -28.60
N PRO B 856 -9.30 4.34 -27.53
CA PRO B 856 -8.40 3.38 -26.88
C PRO B 856 -8.00 2.21 -27.77
N LYS B 857 -8.77 1.90 -28.80
CA LYS B 857 -8.49 0.75 -29.67
C LYS B 857 -7.59 1.10 -30.84
N ILE B 858 -7.14 2.35 -30.96
CA ILE B 858 -6.28 2.72 -32.07
C ILE B 858 -4.91 2.04 -31.95
N ILE B 859 -4.44 1.82 -30.73
CA ILE B 859 -3.17 1.13 -30.53
C ILE B 859 -3.26 -0.31 -31.04
N MET B 860 -4.33 -1.00 -30.64
CA MET B 860 -4.54 -2.37 -31.10
C MET B 860 -4.69 -2.43 -32.60
N LEU B 861 -5.44 -1.49 -33.18
CA LEU B 861 -5.63 -1.47 -34.63
C LEU B 861 -4.31 -1.28 -35.37
N GLN B 862 -3.51 -0.30 -34.93
CA GLN B 862 -2.25 -0.01 -35.60
C GLN B 862 -1.28 -1.18 -35.47
N ARG B 863 -1.22 -1.81 -34.30
CA ARG B 863 -0.36 -2.99 -34.15
C ARG B 863 -0.83 -4.15 -35.02
N MET B 864 -2.14 -4.39 -35.04
CA MET B 864 -2.69 -5.52 -35.78
C MET B 864 -2.46 -5.37 -37.27
N LEU B 865 -2.54 -4.14 -37.78
CA LEU B 865 -2.31 -3.93 -39.20
C LEU B 865 -0.91 -4.41 -39.61
N ILE B 866 0.11 -3.96 -38.87
CA ILE B 866 1.49 -4.34 -39.18
C ILE B 866 1.68 -5.84 -38.99
N ASP B 867 1.11 -6.39 -37.92
CA ASP B 867 1.30 -7.81 -37.63
C ASP B 867 0.68 -8.70 -38.71
N VAL B 868 -0.55 -8.37 -39.13
CA VAL B 868 -1.18 -9.13 -40.19
C VAL B 868 -0.44 -8.94 -41.51
N PHE B 869 0.11 -7.75 -41.74
CA PHE B 869 0.90 -7.55 -42.95
C PHE B 869 2.13 -8.44 -42.96
N PHE B 870 2.81 -8.57 -41.82
CA PHE B 870 3.97 -9.46 -41.75
C PHE B 870 3.57 -10.92 -41.93
N PHE B 871 2.44 -11.31 -41.34
CA PHE B 871 1.95 -12.68 -41.53
C PHE B 871 1.64 -12.96 -42.99
N LEU B 872 1.02 -12.00 -43.69
CA LEU B 872 0.72 -12.16 -45.10
C LEU B 872 1.99 -12.20 -45.95
N PHE B 873 3.01 -11.42 -45.57
CA PHE B 873 4.29 -11.50 -46.27
C PHE B 873 4.91 -12.88 -46.12
N LEU B 874 4.87 -13.45 -44.91
CA LEU B 874 5.40 -14.79 -44.71
C LEU B 874 4.61 -15.83 -45.49
N PHE B 875 3.29 -15.66 -45.55
CA PHE B 875 2.47 -16.54 -46.37
C PHE B 875 2.82 -16.41 -47.84
N ALA B 876 3.13 -15.20 -48.31
CA ALA B 876 3.54 -15.02 -49.70
C ALA B 876 4.88 -15.69 -49.98
N VAL B 877 5.81 -15.63 -49.02
CA VAL B 877 7.08 -16.32 -49.19
C VAL B 877 6.84 -17.83 -49.30
N TRP B 878 5.99 -18.36 -48.41
CA TRP B 878 5.68 -19.79 -48.48
C TRP B 878 4.99 -20.14 -49.79
N MET B 879 4.13 -19.26 -50.29
CA MET B 879 3.45 -19.51 -51.55
C MET B 879 4.44 -19.53 -52.71
N VAL B 880 5.43 -18.64 -52.68
CA VAL B 880 6.46 -18.67 -53.72
C VAL B 880 7.23 -19.98 -53.68
N ALA B 881 7.58 -20.44 -52.48
CA ALA B 881 8.25 -21.74 -52.36
C ALA B 881 7.37 -22.87 -52.89
N PHE B 882 6.08 -22.84 -52.55
CA PHE B 882 5.16 -23.88 -53.00
C PHE B 882 5.02 -23.87 -54.52
N GLY B 883 4.97 -22.68 -55.12
CA GLY B 883 4.90 -22.60 -56.56
C GLY B 883 6.16 -23.12 -57.23
N VAL B 884 7.33 -22.82 -56.65
CA VAL B 884 8.57 -23.35 -57.18
C VAL B 884 8.57 -24.88 -57.10
N ALA B 885 8.12 -25.43 -55.98
CA ALA B 885 8.07 -26.88 -55.83
C ALA B 885 7.11 -27.51 -56.84
N ARG B 886 5.94 -26.89 -57.02
CA ARG B 886 4.97 -27.42 -57.97
C ARG B 886 5.51 -27.38 -59.40
N GLN B 887 6.15 -26.27 -59.78
CA GLN B 887 6.72 -26.17 -61.12
C GLN B 887 7.84 -27.18 -61.31
N GLY B 888 8.64 -27.44 -60.27
CA GLY B 888 9.67 -28.45 -60.37
C GLY B 888 9.15 -29.87 -60.38
N ILE B 889 7.94 -30.09 -59.85
CA ILE B 889 7.36 -31.42 -59.82
C ILE B 889 6.50 -31.68 -61.05
N LEU B 890 5.58 -30.76 -61.35
CA LEU B 890 4.64 -30.97 -62.45
C LEU B 890 5.32 -30.72 -63.80
N ARG B 891 5.77 -29.50 -64.03
CA ARG B 891 6.37 -29.13 -65.30
C ARG B 891 7.81 -29.62 -65.36
N GLN B 892 8.55 -29.19 -66.37
CA GLN B 892 9.94 -29.59 -66.52
C GLN B 892 10.88 -28.54 -65.93
N ARG B 896 12.44 -20.22 -71.37
CA ARG B 896 11.29 -19.35 -71.11
C ARG B 896 11.30 -18.86 -69.67
N TRP B 897 12.22 -17.93 -69.37
CA TRP B 897 12.33 -17.41 -68.01
C TRP B 897 11.07 -16.67 -67.59
N ARG B 898 10.50 -15.87 -68.50
CA ARG B 898 9.28 -15.13 -68.17
C ARG B 898 8.12 -16.08 -67.88
N TRP B 899 7.97 -17.12 -68.69
CA TRP B 899 6.90 -18.08 -68.46
C TRP B 899 7.09 -18.82 -67.15
N ILE B 900 8.33 -19.21 -66.85
CA ILE B 900 8.62 -19.91 -65.60
C ILE B 900 8.31 -19.02 -64.40
N PHE B 901 8.72 -17.75 -64.47
CA PHE B 901 8.43 -16.83 -63.38
C PHE B 901 6.94 -16.61 -63.20
N ARG B 902 6.21 -16.44 -64.31
CA ARG B 902 4.77 -16.27 -64.23
C ARG B 902 4.10 -17.48 -63.61
N SER B 903 4.50 -18.67 -64.04
CA SER B 903 3.92 -19.89 -63.47
C SER B 903 4.22 -19.99 -61.98
N VAL B 904 5.46 -19.73 -61.59
CA VAL B 904 5.84 -19.84 -60.18
C VAL B 904 5.02 -18.85 -59.34
N ILE B 905 4.87 -17.62 -59.82
CA ILE B 905 4.17 -16.62 -59.02
C ILE B 905 2.67 -16.91 -58.95
N TYR B 906 2.06 -17.26 -60.08
CA TYR B 906 0.60 -17.30 -60.17
C TYR B 906 0.00 -18.69 -60.10
N GLU B 907 0.81 -19.73 -59.89
CA GLU B 907 0.24 -21.07 -59.80
C GLU B 907 -0.38 -21.33 -58.43
N PRO B 908 0.33 -21.12 -57.31
CA PRO B 908 -0.28 -21.44 -56.01
C PRO B 908 -1.51 -20.61 -55.69
N TYR B 909 -1.52 -19.34 -56.09
CA TYR B 909 -2.66 -18.48 -55.79
C TYR B 909 -3.92 -18.95 -56.51
N LEU B 910 -3.79 -19.36 -57.77
CA LEU B 910 -4.94 -19.88 -58.49
C LEU B 910 -5.32 -21.29 -58.02
N ALA B 911 -4.32 -22.10 -57.64
CA ALA B 911 -4.60 -23.46 -57.22
C ALA B 911 -5.32 -23.51 -55.89
N MET B 912 -4.82 -22.78 -54.90
CA MET B 912 -5.42 -22.83 -53.57
C MET B 912 -6.70 -22.04 -53.46
N PHE B 913 -6.85 -20.98 -54.27
CA PHE B 913 -8.01 -20.11 -54.21
C PHE B 913 -8.75 -20.07 -55.55
N GLY B 914 -8.96 -21.24 -56.15
CA GLY B 914 -9.67 -21.32 -57.41
C GLY B 914 -9.41 -22.61 -58.16
N PRO B 953 6.59 -42.09 -55.62
CA PRO B 953 5.45 -41.55 -54.87
C PRO B 953 5.11 -42.40 -53.65
N GLU B 954 6.08 -43.16 -53.15
CA GLU B 954 5.91 -44.00 -51.98
C GLU B 954 6.54 -43.43 -50.73
N TRP B 955 7.75 -42.88 -50.83
CA TRP B 955 8.44 -42.28 -49.71
C TRP B 955 8.38 -40.75 -49.73
N ILE B 956 7.47 -40.18 -50.53
CA ILE B 956 7.33 -38.73 -50.61
C ILE B 956 6.02 -38.25 -50.01
N THR B 957 5.04 -39.12 -49.78
CA THR B 957 3.76 -38.69 -49.25
C THR B 957 3.85 -38.33 -47.77
N ILE B 958 4.52 -39.16 -46.98
CA ILE B 958 4.68 -38.86 -45.55
C ILE B 958 5.48 -37.58 -45.33
N PRO B 959 6.62 -37.36 -45.99
CA PRO B 959 7.27 -36.03 -45.85
C PRO B 959 6.41 -34.90 -46.38
N LEU B 960 5.58 -35.12 -47.39
CA LEU B 960 4.69 -34.07 -47.86
C LEU B 960 3.70 -33.68 -46.78
N VAL B 961 3.10 -34.67 -46.11
CA VAL B 961 2.19 -34.38 -45.00
C VAL B 961 2.94 -33.68 -43.88
N CYS B 962 4.17 -34.12 -43.61
CA CYS B 962 4.94 -33.50 -42.53
C CYS B 962 5.25 -32.03 -42.83
N ILE B 963 5.64 -31.72 -44.07
CA ILE B 963 5.96 -30.34 -44.40
C ILE B 963 4.69 -29.49 -44.45
N TYR B 964 3.56 -30.09 -44.84
CA TYR B 964 2.30 -29.36 -44.76
C TYR B 964 1.96 -29.02 -43.31
N MET B 965 2.19 -29.97 -42.41
CA MET B 965 1.93 -29.72 -40.99
C MET B 965 2.87 -28.64 -40.45
N LEU B 966 4.14 -28.68 -40.85
CA LEU B 966 5.10 -27.68 -40.38
C LEU B 966 4.74 -26.29 -40.91
N SER B 967 4.36 -26.20 -42.18
CA SER B 967 3.94 -24.92 -42.75
C SER B 967 2.70 -24.40 -42.05
N THR B 968 1.72 -25.27 -41.81
CA THR B 968 0.54 -24.87 -41.07
C THR B 968 0.91 -24.37 -39.69
N ASN B 969 1.83 -25.06 -39.01
CA ASN B 969 2.25 -24.65 -37.67
C ASN B 969 2.85 -23.26 -37.70
N ILE B 970 3.82 -23.02 -38.58
CA ILE B 970 4.53 -21.74 -38.57
C ILE B 970 3.59 -20.61 -38.98
N LEU B 971 2.77 -20.82 -40.02
CA LEU B 971 1.88 -19.77 -40.48
C LEU B 971 0.78 -19.47 -39.46
N LEU B 972 0.23 -20.51 -38.84
CA LEU B 972 -0.78 -20.31 -37.80
C LEU B 972 -0.20 -19.60 -36.59
N VAL B 973 1.04 -19.93 -36.22
CA VAL B 973 1.67 -19.25 -35.10
C VAL B 973 1.90 -17.78 -35.44
N ASN B 974 2.28 -17.49 -36.68
CA ASN B 974 2.41 -16.09 -37.08
C ASN B 974 1.07 -15.35 -37.02
N LEU B 975 -0.01 -16.02 -37.45
CA LEU B 975 -1.33 -15.40 -37.37
C LEU B 975 -1.74 -15.15 -35.92
N LEU B 976 -1.48 -16.11 -35.03
CA LEU B 976 -1.83 -15.94 -33.62
C LEU B 976 -0.99 -14.84 -32.99
N VAL B 977 0.28 -14.73 -33.37
CA VAL B 977 1.10 -13.62 -32.93
C VAL B 977 0.51 -12.30 -33.40
N ALA B 978 0.04 -12.26 -34.64
CA ALA B 978 -0.64 -11.06 -35.13
C ALA B 978 -1.86 -10.74 -34.29
N MET B 979 -2.60 -11.76 -33.86
CA MET B 979 -3.81 -11.51 -33.08
C MET B 979 -3.49 -11.03 -31.67
N PHE B 980 -2.41 -11.54 -31.07
CA PHE B 980 -2.18 -11.37 -29.64
C PHE B 980 -1.01 -10.45 -29.28
N GLY B 981 -0.26 -9.94 -30.26
CA GLY B 981 0.95 -9.22 -29.93
C GLY B 981 0.75 -7.84 -29.33
N TYR B 982 -0.41 -7.23 -29.56
CA TYR B 982 -0.65 -5.90 -29.02
C TYR B 982 -0.77 -5.91 -27.51
N THR B 983 -1.01 -7.07 -26.90
CA THR B 983 -1.17 -7.18 -25.45
C THR B 983 0.16 -7.29 -24.71
N VAL B 984 1.29 -7.34 -25.43
CA VAL B 984 2.59 -7.54 -24.83
C VAL B 984 3.40 -6.25 -24.98
N GLY B 985 3.96 -5.77 -23.87
CA GLY B 985 4.75 -4.56 -23.88
C GLY B 985 4.54 -3.70 -22.65
N ASN B 991 -1.28 3.47 -20.30
CA ASN B 991 -2.39 2.82 -21.00
C ASN B 991 -3.28 3.86 -21.68
N ASP B 992 -3.86 4.76 -20.87
CA ASP B 992 -4.65 5.85 -21.43
C ASP B 992 -3.77 6.86 -22.15
N GLN B 993 -2.56 7.09 -21.63
CA GLN B 993 -1.67 8.08 -22.22
C GLN B 993 -1.26 7.70 -23.63
N VAL B 994 -1.04 6.41 -23.89
CA VAL B 994 -0.58 5.97 -25.20
C VAL B 994 -1.63 6.26 -26.26
N TRP B 995 -2.87 5.83 -26.01
CA TRP B 995 -3.91 6.06 -27.01
C TRP B 995 -4.30 7.53 -27.08
N LYS B 996 -4.19 8.28 -25.98
CA LYS B 996 -4.43 9.72 -26.05
C LYS B 996 -3.37 10.41 -26.90
N PHE B 997 -2.11 9.99 -26.78
CA PHE B 997 -1.05 10.52 -27.63
C PHE B 997 -1.31 10.21 -29.09
N GLN B 998 -1.73 8.97 -29.39
CA GLN B 998 -2.02 8.62 -30.77
C GLN B 998 -3.21 9.40 -31.32
N ARG B 999 -4.23 9.59 -30.49
CA ARG B 999 -5.38 10.39 -30.89
C ARG B 999 -4.98 11.83 -31.18
N TYR B 1000 -4.15 12.41 -30.32
CA TYR B 1000 -3.66 13.75 -30.57
C TYR B 1000 -2.86 13.80 -31.86
N PHE B 1001 -2.00 12.81 -32.09
CA PHE B 1001 -1.20 12.79 -33.31
C PHE B 1001 -2.09 12.81 -34.54
N LEU B 1002 -3.08 11.93 -34.59
CA LEU B 1002 -3.95 11.85 -35.77
C LEU B 1002 -4.78 13.12 -35.94
N VAL B 1003 -5.41 13.58 -34.86
CA VAL B 1003 -6.31 14.73 -34.97
C VAL B 1003 -5.54 15.99 -35.30
N GLN B 1004 -4.35 16.16 -34.73
CA GLN B 1004 -3.53 17.32 -35.04
C GLN B 1004 -2.98 17.24 -36.45
N GLU B 1005 -2.66 16.04 -36.94
CA GLU B 1005 -2.24 15.89 -38.32
C GLU B 1005 -3.33 16.31 -39.28
N TYR B 1006 -4.57 15.94 -38.98
CA TYR B 1006 -5.67 16.36 -39.86
C TYR B 1006 -6.00 17.85 -39.69
N CYS B 1007 -5.88 18.37 -38.48
CA CYS B 1007 -6.23 19.77 -38.22
C CYS B 1007 -5.19 20.74 -38.77
N SER B 1008 -3.99 20.27 -39.07
CA SER B 1008 -2.92 21.13 -39.57
C SER B 1008 -3.00 21.34 -41.08
N ARG B 1009 -3.99 20.74 -41.75
CA ARG B 1009 -4.16 20.94 -43.18
C ARG B 1009 -4.79 22.30 -43.45
N LEU B 1010 -5.08 22.57 -44.73
CA LEU B 1010 -5.70 23.84 -45.10
C LEU B 1010 -7.16 23.92 -44.66
N ASN B 1011 -7.78 22.79 -44.31
CA ASN B 1011 -9.16 22.76 -43.83
C ASN B 1011 -10.12 23.39 -44.84
N ILE B 1012 -9.92 23.06 -46.10
CA ILE B 1012 -10.81 23.48 -47.19
C ILE B 1012 -11.53 22.24 -47.71
N PRO B 1013 -12.85 22.25 -47.83
CA PRO B 1013 -13.57 21.06 -48.28
C PRO B 1013 -13.16 20.64 -49.68
N PHE B 1014 -13.04 19.33 -49.86
CA PHE B 1014 -12.77 18.75 -51.17
C PHE B 1014 -13.97 18.93 -52.09
N PRO B 1015 -13.77 19.24 -53.37
CA PRO B 1015 -12.50 19.43 -54.08
C PRO B 1015 -12.09 20.90 -54.19
N PHE B 1016 -12.65 21.77 -53.35
CA PHE B 1016 -12.32 23.19 -53.42
C PHE B 1016 -10.90 23.50 -52.94
N ILE B 1017 -10.21 22.53 -52.34
CA ILE B 1017 -8.86 22.75 -51.84
C ILE B 1017 -7.85 22.93 -52.96
N VAL B 1018 -8.20 22.61 -54.20
CA VAL B 1018 -7.26 22.77 -55.31
C VAL B 1018 -6.98 24.25 -55.55
N PHE B 1019 -7.99 25.12 -55.39
CA PHE B 1019 -7.77 26.55 -55.52
C PHE B 1019 -6.83 27.06 -54.44
N ALA B 1020 -6.99 26.56 -53.20
CA ALA B 1020 -6.08 26.93 -52.13
C ALA B 1020 -4.67 26.47 -52.42
N TYR B 1021 -4.52 25.25 -52.96
CA TYR B 1021 -3.20 24.76 -53.32
C TYR B 1021 -2.55 25.63 -54.39
N PHE B 1022 -3.33 26.02 -55.40
CA PHE B 1022 -2.80 26.86 -56.47
C PHE B 1022 -2.40 28.24 -55.93
N TYR B 1023 -3.22 28.81 -55.06
CA TYR B 1023 -2.88 30.10 -54.47
C TYR B 1023 -1.63 30.00 -53.61
N MET B 1024 -1.49 28.91 -52.84
CA MET B 1024 -0.31 28.73 -52.01
C MET B 1024 0.95 28.57 -52.87
N VAL B 1025 0.86 27.81 -53.97
CA VAL B 1025 2.03 27.64 -54.82
C VAL B 1025 2.37 28.94 -55.53
N VAL B 1026 1.36 29.74 -55.90
CA VAL B 1026 1.62 31.04 -56.52
C VAL B 1026 2.32 31.97 -55.53
N LYS B 1027 1.86 31.99 -54.28
CA LYS B 1027 2.49 32.82 -53.26
C LYS B 1027 3.92 32.35 -53.00
N LYS B 1028 4.14 31.04 -52.96
CA LYS B 1028 5.50 30.52 -52.75
C LYS B 1028 6.42 30.89 -53.90
N CYS B 1029 5.92 30.81 -55.14
CA CYS B 1029 6.73 31.19 -56.29
C CYS B 1029 7.04 32.69 -56.26
N PHE B 1030 6.06 33.51 -55.90
CA PHE B 1030 6.29 34.95 -55.82
C PHE B 1030 7.28 35.30 -54.73
N LYS B 1031 7.19 34.64 -53.58
CA LYS B 1031 8.10 34.88 -52.47
C LYS B 1031 9.13 33.77 -52.35
N ASP B 1050 2.37 38.57 -25.43
CA ASP B 1050 3.52 37.69 -25.31
C ASP B 1050 4.11 37.75 -23.90
N ASN B 1051 4.47 38.96 -23.47
CA ASN B 1051 4.99 39.13 -22.12
C ASN B 1051 3.92 38.91 -21.07
N GLU B 1052 2.66 39.21 -21.39
CA GLU B 1052 1.57 38.97 -20.45
C GLU B 1052 1.43 37.48 -20.15
N THR B 1053 1.50 36.65 -21.18
CA THR B 1053 1.39 35.21 -20.97
C THR B 1053 2.55 34.68 -20.15
N LEU B 1054 3.76 35.17 -20.40
CA LEU B 1054 4.92 34.71 -19.63
C LEU B 1054 4.84 35.16 -18.18
N ALA B 1055 4.36 36.39 -17.93
CA ALA B 1055 4.18 36.84 -16.56
C ALA B 1055 3.11 36.04 -15.83
N TRP B 1056 1.99 35.75 -16.52
CA TRP B 1056 0.95 34.93 -15.92
C TRP B 1056 1.47 33.53 -15.61
N GLU B 1057 2.26 32.95 -16.51
CA GLU B 1057 2.85 31.65 -16.25
C GLU B 1057 3.86 31.70 -15.10
N GLY B 1058 4.58 32.81 -14.96
CA GLY B 1058 5.46 32.96 -13.80
C GLY B 1058 4.69 32.99 -12.50
N VAL B 1059 3.55 33.70 -12.49
CA VAL B 1059 2.70 33.71 -11.30
C VAL B 1059 2.19 32.30 -11.00
N MET B 1060 1.75 31.59 -12.05
CA MET B 1060 1.27 30.22 -11.86
C MET B 1060 2.38 29.31 -11.35
N LYS B 1061 3.61 29.51 -11.84
CA LYS B 1061 4.73 28.72 -11.36
C LYS B 1061 5.03 29.01 -9.90
N GLU B 1062 4.93 30.27 -9.49
CA GLU B 1062 5.11 30.59 -8.08
C GLU B 1062 4.05 29.91 -7.22
N ASN B 1063 2.79 29.93 -7.67
CA ASN B 1063 1.73 29.24 -6.94
C ASN B 1063 2.00 27.74 -6.88
N TYR B 1064 2.46 27.15 -7.98
CA TYR B 1064 2.72 25.71 -8.04
C TYR B 1064 3.88 25.32 -7.13
N LEU B 1065 4.93 26.16 -7.09
CA LEU B 1065 6.06 25.91 -6.20
C LEU B 1065 5.63 26.01 -4.75
N VAL B 1066 4.81 27.01 -4.42
CA VAL B 1066 4.27 27.11 -3.06
C VAL B 1066 3.47 25.87 -2.71
N LYS B 1067 2.65 25.40 -3.66
CA LYS B 1067 1.82 24.23 -3.41
C LYS B 1067 2.66 22.98 -3.16
N ILE B 1068 3.68 22.75 -3.97
CA ILE B 1068 4.49 21.56 -3.80
C ILE B 1068 5.33 21.65 -2.53
N ASN B 1069 5.79 22.86 -2.19
CA ASN B 1069 6.53 23.02 -0.93
C ASN B 1069 5.64 22.75 0.27
N THR B 1070 4.39 23.24 0.24
CA THR B 1070 3.47 22.97 1.35
C THR B 1070 3.12 21.49 1.43
N LYS B 1071 2.93 20.84 0.28
CA LYS B 1071 2.64 19.40 0.28
C LYS B 1071 3.82 18.59 0.77
N ALA B 1072 5.05 19.06 0.54
CA ALA B 1072 6.22 18.36 1.02
C ALA B 1072 6.27 18.34 2.55
N ASN B 1073 5.88 19.44 3.18
CA ASN B 1073 5.88 19.52 4.64
C ASN B 1073 4.76 18.68 5.23
N GLU B 1078 4.98 18.71 13.03
CA GLU B 1078 4.45 17.36 13.17
C GLU B 1078 5.06 16.65 14.36
N MET B 1079 5.47 15.39 14.16
CA MET B 1079 6.09 14.63 15.25
C MET B 1079 7.42 15.24 15.65
N ARG B 1080 8.22 15.68 14.68
CA ARG B 1080 9.50 16.31 15.00
C ARG B 1080 9.30 17.61 15.76
N HIS B 1081 8.32 18.42 15.36
CA HIS B 1081 8.05 19.67 16.07
C HIS B 1081 7.58 19.41 17.49
N ARG B 1082 6.73 18.40 17.68
CA ARG B 1082 6.26 18.06 19.01
C ARG B 1082 7.41 17.57 19.88
N PHE B 1083 8.30 16.75 19.31
CA PHE B 1083 9.45 16.27 20.06
C PHE B 1083 10.38 17.42 20.45
N ARG B 1084 10.60 18.36 19.52
CA ARG B 1084 11.44 19.51 19.83
C ARG B 1084 10.82 20.38 20.92
N GLN B 1085 9.50 20.58 20.86
CA GLN B 1085 8.82 21.36 21.89
C GLN B 1085 8.92 20.67 23.25
N LEU B 1086 8.74 19.35 23.28
CA LEU B 1086 8.86 18.61 24.53
C LEU B 1086 10.28 18.69 25.09
N ASP B 1087 11.29 18.59 24.23
CA ASP B 1087 12.67 18.70 24.68
C ASP B 1087 12.96 20.09 25.22
N THR B 1088 12.45 21.13 24.55
CA THR B 1088 12.64 22.49 25.05
C THR B 1088 11.95 22.70 26.39
N LYS B 1089 10.74 22.15 26.55
CA LYS B 1089 10.04 22.27 27.83
C LYS B 1089 10.79 21.54 28.93
N LEU B 1090 11.33 20.35 28.63
CA LEU B 1090 12.10 19.62 29.63
C LEU B 1090 13.36 20.37 30.01
N ASN B 1091 14.05 20.96 29.03
CA ASN B 1091 15.24 21.74 29.32
C ASN B 1091 14.91 22.96 30.18
N ASP B 1092 13.80 23.64 29.87
CA ASP B 1092 13.39 24.79 30.67
C ASP B 1092 13.05 24.36 32.09
N LEU B 1093 12.37 23.23 32.26
CA LEU B 1093 12.05 22.75 33.59
C LEU B 1093 13.31 22.39 34.36
N LYS B 1094 14.28 21.75 33.70
CA LYS B 1094 15.54 21.43 34.36
C LYS B 1094 16.29 22.68 34.77
N GLY B 1095 16.31 23.70 33.91
CA GLY B 1095 16.96 24.95 34.27
C GLY B 1095 16.27 25.64 35.43
N LEU B 1096 14.95 25.63 35.45
CA LEU B 1096 14.21 26.23 36.56
C LEU B 1096 14.49 25.49 37.86
N LEU B 1097 14.53 24.15 37.80
CA LEU B 1097 14.84 23.37 39.00
C LEU B 1097 16.25 23.64 39.49
N LYS B 1098 17.21 23.75 38.57
CA LYS B 1098 18.59 24.07 38.96
C LYS B 1098 18.67 25.45 39.60
N GLU B 1099 17.97 26.43 39.03
CA GLU B 1099 17.96 27.77 39.61
C GLU B 1099 17.33 27.78 40.99
N ILE B 1100 16.24 27.03 41.16
CA ILE B 1100 15.59 26.95 42.48
C ILE B 1100 16.52 26.31 43.49
N ALA B 1101 17.21 25.23 43.09
CA ALA B 1101 18.15 24.58 43.99
C ALA B 1101 19.30 25.51 44.37
N ASN B 1102 19.81 26.27 43.40
CA ASN B 1102 20.89 27.21 43.69
C ASN B 1102 20.42 28.31 44.63
N LYS B 1103 19.20 28.81 44.43
CA LYS B 1103 18.67 29.83 45.33
C LYS B 1103 18.47 29.30 46.73
N ILE B 1104 17.97 28.06 46.85
CA ILE B 1104 17.76 27.45 48.16
C ILE B 1104 19.10 27.24 48.87
N LYS B 1105 20.10 26.75 48.15
CA LYS B 1105 21.41 26.50 48.72
C LYS B 1105 22.16 27.81 48.97
N LEU C 42 -9.01 67.98 -9.98
CA LEU C 42 -8.06 67.24 -9.15
C LEU C 42 -6.81 68.07 -8.87
N VAL C 43 -6.25 68.65 -9.93
CA VAL C 43 -5.03 69.45 -9.79
C VAL C 43 -5.29 70.66 -8.91
N ASN C 44 -6.45 71.31 -9.10
CA ASN C 44 -6.76 72.49 -8.30
C ASN C 44 -6.88 72.15 -6.82
N PHE C 45 -7.51 71.01 -6.50
CA PHE C 45 -7.64 70.62 -5.10
C PHE C 45 -6.28 70.35 -4.48
N ILE C 46 -5.40 69.67 -5.20
CA ILE C 46 -4.07 69.39 -4.67
C ILE C 46 -3.29 70.68 -4.47
N GLN C 47 -3.41 71.61 -5.42
CA GLN C 47 -2.70 72.88 -5.31
C GLN C 47 -3.21 73.72 -4.14
N ALA C 48 -4.51 73.70 -3.91
CA ALA C 48 -5.11 74.54 -2.88
C ALA C 48 -5.21 73.85 -1.52
N ASN C 49 -4.85 72.57 -1.42
CA ASN C 49 -4.96 71.86 -0.16
C ASN C 49 -3.67 71.20 0.32
N PHE C 50 -2.68 71.03 -0.54
CA PHE C 50 -1.42 70.38 -0.18
C PHE C 50 -0.27 71.34 -0.38
N LYS C 51 0.71 71.28 0.52
CA LYS C 51 1.81 72.22 0.51
C LYS C 51 3.13 71.49 0.71
N LYS C 52 4.21 72.13 0.28
CA LYS C 52 5.57 71.64 0.44
C LYS C 52 6.33 72.53 1.43
N ARG C 53 7.53 72.09 1.78
CA ARG C 53 8.37 72.80 2.74
C ARG C 53 9.79 72.91 2.20
N GLU C 54 10.45 74.02 2.53
CA GLU C 54 11.81 74.28 2.07
C GLU C 54 12.63 74.91 3.18
N CYS C 55 13.95 74.70 3.13
CA CYS C 55 14.86 75.35 4.06
C CYS C 55 14.96 76.83 3.73
N VAL C 56 14.15 77.66 4.40
CA VAL C 56 14.15 79.09 4.12
C VAL C 56 15.19 79.85 4.93
N PHE C 57 15.68 79.29 6.03
CA PHE C 57 16.71 79.91 6.85
C PHE C 57 17.96 79.05 6.79
N PHE C 58 19.07 79.65 6.40
CA PHE C 58 20.32 78.92 6.25
C PHE C 58 20.94 78.69 7.62
N THR C 59 21.20 77.42 7.94
CA THR C 59 21.80 77.02 9.22
C THR C 59 22.90 76.00 8.99
N LYS C 60 23.80 76.30 8.06
CA LYS C 60 24.88 75.38 7.72
C LYS C 60 25.74 75.08 8.95
N ASP C 61 26.03 73.81 9.16
CA ASP C 61 26.81 73.35 10.30
C ASP C 61 28.22 72.99 9.88
N SER C 62 29.17 73.14 10.80
CA SER C 62 30.56 72.82 10.52
C SER C 62 30.74 71.33 10.24
N LYS C 63 30.05 70.48 11.02
CA LYS C 63 30.16 69.04 10.82
C LYS C 63 29.58 68.60 9.49
N ALA C 64 28.62 69.37 8.95
CA ALA C 64 28.03 69.03 7.67
C ALA C 64 29.04 69.21 6.54
N THR C 65 28.99 68.33 5.56
CA THR C 65 29.90 68.42 4.42
C THR C 65 29.51 69.59 3.52
N GLU C 66 30.51 70.16 2.88
CA GLU C 66 30.35 71.29 1.94
C GLU C 66 29.73 72.45 2.72
N ASN C 67 28.80 73.19 2.12
CA ASN C 67 28.16 74.34 2.75
C ASN C 67 26.65 74.30 2.52
N VAL C 68 26.05 73.14 2.76
CA VAL C 68 24.61 72.96 2.55
C VAL C 68 23.85 73.42 3.79
N CYS C 69 22.54 73.62 3.61
CA CYS C 69 21.67 73.97 4.73
C CYS C 69 21.66 72.84 5.76
N LYS C 70 21.21 73.19 6.97
CA LYS C 70 21.03 72.17 7.99
C LYS C 70 20.02 71.12 7.55
N CYS C 71 19.13 71.46 6.63
CA CYS C 71 18.22 70.49 6.04
C CYS C 71 18.92 69.54 5.08
N GLY C 72 20.15 69.84 4.67
CA GLY C 72 20.89 69.00 3.75
C GLY C 72 20.88 69.48 2.31
N TYR C 73 20.17 70.56 2.01
CA TYR C 73 20.12 71.08 0.65
C TYR C 73 21.21 72.13 0.46
N ALA C 74 21.83 72.11 -0.73
CA ALA C 74 22.91 73.04 -1.02
C ALA C 74 22.37 74.47 -1.14
N GLN C 75 23.28 75.43 -0.97
CA GLN C 75 22.88 76.84 -1.04
C GLN C 75 22.36 77.19 -2.42
N SER C 76 22.96 76.61 -3.47
CA SER C 76 22.47 76.86 -4.82
C SER C 76 21.05 76.33 -5.00
N GLN C 77 20.76 75.15 -4.45
CA GLN C 77 19.42 74.56 -4.52
C GLN C 77 18.58 75.04 -3.34
N HIS C 78 18.23 76.32 -3.39
CA HIS C 78 17.46 76.95 -2.32
C HIS C 78 16.41 77.85 -2.94
N MET C 79 15.36 78.11 -2.15
CA MET C 79 14.28 78.98 -2.61
C MET C 79 14.76 80.43 -2.66
N GLU C 80 14.08 81.22 -3.48
CA GLU C 80 14.41 82.63 -3.62
C GLU C 80 14.15 83.37 -2.31
N GLY C 81 15.00 84.35 -2.02
CA GLY C 81 14.88 85.09 -0.78
C GLY C 81 15.16 84.27 0.45
N THR C 82 16.16 83.41 0.41
CA THR C 82 16.51 82.56 1.54
C THR C 82 17.39 83.35 2.50
N GLN C 83 16.87 83.62 3.69
CA GLN C 83 17.63 84.33 4.70
C GLN C 83 18.54 83.37 5.46
N ILE C 84 19.38 83.94 6.33
CA ILE C 84 20.30 83.17 7.15
C ILE C 84 19.89 83.34 8.61
N ASN C 85 19.59 82.23 9.27
CA ASN C 85 19.17 82.27 10.67
C ASN C 85 20.39 82.48 11.57
N GLN C 86 20.27 83.43 12.50
CA GLN C 86 21.35 83.66 13.44
C GLN C 86 21.47 82.51 14.44
N SER C 87 20.35 81.93 14.84
CA SER C 87 20.38 80.82 15.79
C SER C 87 21.00 79.58 15.17
N GLU C 88 21.71 78.82 15.99
CA GLU C 88 22.38 77.60 15.56
C GLU C 88 21.46 76.39 15.57
N LYS C 89 20.22 76.54 16.03
CA LYS C 89 19.27 75.44 16.07
C LYS C 89 18.30 75.55 14.90
N TRP C 90 18.20 74.49 14.11
CA TRP C 90 17.32 74.44 12.95
C TRP C 90 16.18 73.47 13.22
N ASN C 91 14.96 73.92 12.97
CA ASN C 91 13.77 73.10 13.17
C ASN C 91 12.85 73.26 11.97
N TYR C 92 12.02 72.24 11.74
CA TYR C 92 11.12 72.23 10.60
C TYR C 92 9.86 73.05 10.82
N LYS C 93 9.65 73.57 12.02
CA LYS C 93 8.45 74.36 12.32
C LYS C 93 8.69 75.86 12.21
N LYS C 94 9.83 76.35 12.68
CA LYS C 94 10.13 77.78 12.65
C LYS C 94 11.03 78.18 11.49
N HIS C 95 12.12 77.46 11.28
CA HIS C 95 13.07 77.77 10.21
C HIS C 95 12.63 77.24 8.85
N THR C 96 11.36 76.86 8.70
CA THR C 96 10.86 76.30 7.46
C THR C 96 9.54 76.98 7.10
N LYS C 97 9.36 77.26 5.81
CA LYS C 97 8.16 77.93 5.31
C LYS C 97 7.38 76.97 4.43
N GLU C 98 6.06 77.07 4.47
CA GLU C 98 5.18 76.20 3.70
C GLU C 98 4.82 76.86 2.37
N PHE C 99 5.01 76.12 1.28
CA PHE C 99 4.72 76.59 -0.05
C PHE C 99 3.87 75.55 -0.77
N PRO C 100 3.04 75.98 -1.73
CA PRO C 100 2.18 75.02 -2.44
C PRO C 100 2.99 73.91 -3.12
N THR C 101 2.44 72.70 -3.10
CA THR C 101 3.15 71.55 -3.62
C THR C 101 3.31 71.65 -5.14
N ASP C 102 4.39 71.03 -5.64
CA ASP C 102 4.68 71.05 -7.07
C ASP C 102 5.14 69.69 -7.58
N ALA C 103 4.86 68.61 -6.85
CA ALA C 103 5.26 67.26 -7.26
C ALA C 103 4.09 66.33 -6.97
N PHE C 104 3.22 66.16 -7.96
CA PHE C 104 2.08 65.26 -7.82
C PHE C 104 1.58 64.88 -9.21
N GLY C 105 0.78 63.82 -9.26
CA GLY C 105 0.25 63.35 -10.53
C GLY C 105 0.41 61.86 -10.70
N ASP C 106 0.60 61.42 -11.94
CA ASP C 106 0.77 60.02 -12.27
C ASP C 106 2.23 59.72 -12.52
N ILE C 107 2.77 58.75 -11.78
CA ILE C 107 4.17 58.35 -11.91
C ILE C 107 4.25 57.14 -12.83
N GLN C 108 5.32 57.08 -13.62
CA GLN C 108 5.51 55.99 -14.57
C GLN C 108 6.90 55.40 -14.39
N PHE C 109 6.99 54.09 -14.59
CA PHE C 109 8.24 53.36 -14.45
C PHE C 109 8.48 52.52 -15.69
N GLU C 110 9.75 52.18 -15.91
CA GLU C 110 10.20 51.38 -17.06
C GLU C 110 9.84 52.17 -18.32
N THR C 111 9.37 51.50 -19.38
CA THR C 111 9.02 52.16 -20.63
C THR C 111 7.52 52.16 -20.89
N LEU C 112 6.88 50.99 -20.83
CA LEU C 112 5.44 50.87 -21.04
C LEU C 112 4.79 50.19 -19.84
N GLY C 113 5.30 50.48 -18.65
CA GLY C 113 4.77 49.89 -17.44
C GLY C 113 3.46 50.53 -17.00
N LYS C 114 2.89 49.95 -15.95
CA LYS C 114 1.63 50.45 -15.42
C LYS C 114 1.83 51.81 -14.77
N LYS C 115 0.89 52.72 -15.04
CA LYS C 115 0.98 54.07 -14.50
C LYS C 115 0.55 54.08 -13.03
N GLY C 116 1.32 54.75 -12.19
CA GLY C 116 1.04 54.85 -10.78
C GLY C 116 0.52 56.22 -10.40
N LYS C 117 0.59 56.51 -9.10
CA LYS C 117 0.17 57.80 -8.58
C LYS C 117 1.14 58.22 -7.48
N TYR C 118 1.29 59.54 -7.32
CA TYR C 118 2.19 60.08 -6.30
C TYR C 118 1.76 61.51 -6.00
N ILE C 119 2.22 61.99 -4.85
CA ILE C 119 1.96 63.36 -4.43
C ILE C 119 2.96 63.73 -3.34
N ARG C 120 3.46 64.97 -3.41
CA ARG C 120 4.38 65.49 -2.41
C ARG C 120 3.59 66.32 -1.41
N LEU C 121 3.84 66.09 -0.12
CA LEU C 121 3.07 66.71 0.95
C LEU C 121 3.93 66.82 2.19
N SER C 122 3.48 67.65 3.13
CA SER C 122 4.24 67.94 4.33
C SER C 122 3.76 67.06 5.50
N CYS C 123 4.59 67.02 6.54
CA CYS C 123 4.21 66.28 7.74
C CYS C 123 3.05 66.94 8.45
N ASP C 124 2.98 68.27 8.42
CA ASP C 124 1.89 69.00 9.06
C ASP C 124 0.57 68.82 8.33
N THR C 125 0.57 68.22 7.15
CA THR C 125 -0.66 67.99 6.41
C THR C 125 -1.62 67.14 7.23
N ASP C 126 -2.87 67.59 7.33
CA ASP C 126 -3.85 66.87 8.13
C ASP C 126 -4.21 65.54 7.47
N ALA C 127 -4.80 64.66 8.28
CA ALA C 127 -5.24 63.37 7.78
C ALA C 127 -6.63 63.42 7.16
N GLU C 128 -7.45 64.41 7.53
CA GLU C 128 -8.80 64.51 6.98
C GLU C 128 -8.77 64.76 5.49
N ILE C 129 -8.04 65.79 5.05
CA ILE C 129 -7.99 66.06 3.62
C ILE C 129 -7.12 65.05 2.87
N LEU C 130 -6.20 64.39 3.56
CA LEU C 130 -5.47 63.28 2.94
C LEU C 130 -6.41 62.13 2.62
N TYR C 131 -7.27 61.78 3.57
CA TYR C 131 -8.28 60.75 3.33
C TYR C 131 -9.26 61.19 2.25
N GLU C 132 -9.60 62.48 2.24
CA GLU C 132 -10.49 63.00 1.20
C GLU C 132 -9.86 62.86 -0.18
N LEU C 133 -8.57 63.19 -0.30
CA LEU C 133 -7.87 63.03 -1.57
C LEU C 133 -7.80 61.57 -1.98
N LEU C 134 -7.51 60.68 -1.02
CA LEU C 134 -7.40 59.26 -1.34
C LEU C 134 -8.75 58.70 -1.81
N THR C 135 -9.82 58.98 -1.06
CA THR C 135 -11.11 58.36 -1.35
C THR C 135 -11.85 59.09 -2.46
N GLN C 136 -12.10 60.39 -2.28
CA GLN C 136 -12.96 61.10 -3.20
C GLN C 136 -12.22 61.52 -4.46
N HIS C 137 -11.07 62.17 -4.32
CA HIS C 137 -10.37 62.75 -5.45
C HIS C 137 -9.37 61.81 -6.10
N TRP C 138 -9.27 60.57 -5.63
CA TRP C 138 -8.46 59.56 -6.30
C TRP C 138 -9.24 58.31 -6.65
N HIS C 139 -10.55 58.27 -6.37
CA HIS C 139 -11.42 57.15 -6.73
C HIS C 139 -10.94 55.86 -6.08
N LEU C 140 -10.88 55.88 -4.74
CA LEU C 140 -10.53 54.71 -3.95
C LEU C 140 -11.72 54.34 -3.07
N LYS C 141 -12.14 53.09 -3.14
CA LYS C 141 -13.25 52.64 -2.33
C LYS C 141 -12.87 52.67 -0.84
N THR C 142 -13.88 52.85 0.00
CA THR C 142 -13.65 52.85 1.44
C THR C 142 -13.13 51.48 1.86
N PRO C 143 -11.98 51.40 2.54
CA PRO C 143 -11.42 50.09 2.88
C PRO C 143 -12.22 49.41 3.97
N ASN C 144 -12.44 48.11 3.80
CA ASN C 144 -13.01 47.27 4.84
C ASN C 144 -11.94 46.75 5.80
N LEU C 145 -10.68 47.07 5.56
CA LEU C 145 -9.55 46.66 6.37
C LEU C 145 -8.34 47.44 5.92
N VAL C 146 -7.46 47.77 6.86
CA VAL C 146 -6.22 48.47 6.56
C VAL C 146 -5.08 47.74 7.24
N ILE C 147 -4.06 47.38 6.48
CA ILE C 147 -2.89 46.67 6.98
C ILE C 147 -1.69 47.61 6.87
N SER C 148 -1.06 47.90 8.00
CA SER C 148 0.11 48.77 8.04
C SER C 148 1.35 47.89 8.16
N VAL C 149 1.94 47.56 7.01
CA VAL C 149 3.12 46.70 6.98
C VAL C 149 4.35 47.58 7.24
N THR C 150 4.96 47.39 8.41
CA THR C 150 6.16 48.12 8.80
C THR C 150 7.22 47.09 9.16
N GLY C 151 7.97 46.63 8.17
CA GLY C 151 9.00 45.63 8.38
C GLY C 151 10.38 46.11 8.02
N GLY C 152 11.26 45.18 7.66
CA GLY C 152 12.62 45.51 7.30
C GLY C 152 12.73 46.40 6.07
N ALA C 153 13.42 47.52 6.21
CA ALA C 153 13.59 48.46 5.10
C ALA C 153 14.59 47.98 4.06
N LYS C 154 15.45 47.02 4.40
CA LYS C 154 16.42 46.49 3.46
C LYS C 154 16.88 45.12 3.92
N ASN C 155 17.44 44.36 2.99
CA ASN C 155 18.01 43.04 3.26
C ASN C 155 16.96 42.10 3.85
N PHE C 156 15.95 41.81 3.04
CA PHE C 156 14.88 40.90 3.40
C PHE C 156 15.11 39.56 2.72
N ALA C 157 15.21 38.49 3.52
CA ALA C 157 15.44 37.16 2.99
C ALA C 157 14.15 36.59 2.41
N LEU C 158 14.22 36.08 1.18
CA LEU C 158 13.04 35.54 0.51
C LEU C 158 12.85 34.07 0.87
N LYS C 159 12.74 33.82 2.16
CA LYS C 159 12.48 32.47 2.63
C LYS C 159 11.08 32.02 2.21
N PRO C 160 10.91 30.73 1.92
CA PRO C 160 9.58 30.25 1.50
C PRO C 160 8.48 30.50 2.52
N ARG C 161 8.81 30.42 3.82
CA ARG C 161 7.80 30.67 4.84
C ARG C 161 7.31 32.11 4.79
N MET C 162 8.24 33.07 4.76
CA MET C 162 7.85 34.48 4.70
C MET C 162 7.18 34.81 3.38
N ARG C 163 7.65 34.20 2.28
CA ARG C 163 7.01 34.40 0.99
C ARG C 163 5.55 33.96 1.03
N LYS C 164 5.29 32.76 1.58
CA LYS C 164 3.92 32.28 1.70
C LYS C 164 3.10 33.17 2.63
N ILE C 165 3.69 33.61 3.74
CA ILE C 165 2.97 34.44 4.69
C ILE C 165 2.50 35.73 4.03
N PHE C 166 3.42 36.39 3.32
CA PHE C 166 3.06 37.68 2.73
C PHE C 166 2.19 37.53 1.48
N SER C 167 2.34 36.43 0.73
CA SER C 167 1.40 36.16 -0.35
C SER C 167 0.00 35.96 0.19
N ARG C 168 -0.14 35.22 1.29
CA ARG C 168 -1.44 35.05 1.92
C ARG C 168 -1.98 36.38 2.44
N LEU C 169 -1.10 37.22 2.99
CA LEU C 169 -1.55 38.52 3.48
C LEU C 169 -2.08 39.38 2.35
N ILE C 170 -1.39 39.41 1.21
CA ILE C 170 -1.85 40.19 0.07
C ILE C 170 -3.14 39.61 -0.49
N TYR C 171 -3.26 38.28 -0.50
CA TYR C 171 -4.50 37.66 -0.95
C TYR C 171 -5.66 38.03 -0.05
N ILE C 172 -5.43 38.05 1.27
CA ILE C 172 -6.47 38.46 2.21
C ILE C 172 -6.85 39.91 1.98
N ALA C 173 -5.85 40.77 1.77
CA ALA C 173 -6.13 42.18 1.51
C ALA C 173 -6.97 42.36 0.25
N GLN C 174 -6.64 41.61 -0.80
CA GLN C 174 -7.43 41.68 -2.02
C GLN C 174 -8.85 41.16 -1.82
N SER C 175 -8.99 40.04 -1.09
CA SER C 175 -10.30 39.46 -0.87
C SER C 175 -11.17 40.36 -0.01
N LYS C 176 -10.59 40.96 1.02
CA LYS C 176 -11.34 41.83 1.93
C LYS C 176 -11.44 43.26 1.43
N GLY C 177 -10.86 43.58 0.28
CA GLY C 177 -10.85 44.94 -0.20
C GLY C 177 -10.07 45.86 0.72
N ALA C 178 -8.89 45.43 1.12
CA ALA C 178 -8.10 46.13 2.12
C ALA C 178 -7.03 47.00 1.48
N TRP C 179 -6.54 47.96 2.27
CA TRP C 179 -5.41 48.80 1.89
C TRP C 179 -4.16 48.31 2.60
N ILE C 180 -3.04 48.33 1.89
CA ILE C 180 -1.75 47.95 2.45
C ILE C 180 -0.89 49.21 2.53
N LEU C 181 -0.55 49.62 3.75
CA LEU C 181 0.27 50.81 3.97
C LEU C 181 1.70 50.35 4.23
N THR C 182 2.56 50.50 3.23
CA THR C 182 3.97 50.21 3.33
C THR C 182 4.77 51.46 3.02
N GLY C 183 6.09 51.31 3.01
CA GLY C 183 6.96 52.38 2.54
C GLY C 183 7.10 52.33 1.03
N GLY C 184 7.38 53.49 0.44
CA GLY C 184 7.52 53.55 -1.00
C GLY C 184 8.85 53.09 -1.55
N THR C 185 9.81 52.80 -0.68
CA THR C 185 11.15 52.44 -1.14
C THR C 185 11.14 51.08 -1.82
N HIS C 186 11.99 50.94 -2.84
CA HIS C 186 12.09 49.71 -3.62
C HIS C 186 13.18 48.81 -3.04
N TYR C 187 12.99 48.42 -1.78
CA TYR C 187 14.00 47.67 -1.07
C TYR C 187 13.34 46.69 -0.11
N GLY C 188 13.88 45.47 -0.06
CA GLY C 188 13.49 44.52 0.97
C GLY C 188 12.04 44.12 0.90
N LEU C 189 11.35 44.25 2.04
CA LEU C 189 9.99 43.75 2.16
C LEU C 189 9.03 44.51 1.25
N MET C 190 9.23 45.83 1.13
CA MET C 190 8.33 46.62 0.29
C MET C 190 8.43 46.20 -1.17
N LYS C 191 9.63 45.87 -1.63
CA LYS C 191 9.80 45.41 -3.00
C LYS C 191 9.05 44.10 -3.24
N TYR C 192 9.13 43.18 -2.28
CA TYR C 192 8.40 41.92 -2.42
C TYR C 192 6.89 42.14 -2.35
N ILE C 193 6.44 43.07 -1.51
CA ILE C 193 5.02 43.38 -1.44
C ILE C 193 4.53 43.93 -2.76
N GLY C 194 5.30 44.84 -3.36
CA GLY C 194 4.94 45.34 -4.68
C GLY C 194 4.94 44.26 -5.74
N GLU C 195 5.92 43.35 -5.68
CA GLU C 195 5.96 42.26 -6.65
C GLU C 195 4.74 41.36 -6.51
N VAL C 196 4.34 41.04 -5.28
CA VAL C 196 3.17 40.20 -5.07
C VAL C 196 1.90 40.91 -5.50
N VAL C 197 1.82 42.22 -5.25
CA VAL C 197 0.65 42.98 -5.70
C VAL C 197 0.55 42.96 -7.21
N ARG C 198 1.68 43.17 -7.90
CA ARG C 198 1.69 43.11 -9.36
C ARG C 198 1.30 41.74 -9.87
N ASP C 199 1.81 40.69 -9.22
CA ASP C 199 1.46 39.32 -9.61
C ASP C 199 -0.03 39.07 -9.45
N ASN C 200 -0.62 39.53 -8.34
CA ASN C 200 -2.04 39.34 -8.11
C ASN C 200 -2.87 40.11 -9.14
N THR C 201 -2.44 41.33 -9.48
CA THR C 201 -3.17 42.09 -10.50
C THR C 201 -3.08 41.41 -11.85
N ILE C 202 -1.92 40.85 -12.19
CA ILE C 202 -1.74 40.16 -13.45
C ILE C 202 -2.62 38.91 -13.51
N SER C 203 -2.61 38.12 -12.43
CA SER C 203 -3.34 36.85 -12.42
C SER C 203 -4.84 37.07 -12.50
N ARG C 204 -5.37 37.92 -11.64
CA ARG C 204 -6.82 38.18 -11.59
C ARG C 204 -7.06 39.64 -11.95
N SER C 205 -7.20 39.89 -13.26
CA SER C 205 -7.47 41.24 -13.73
C SER C 205 -8.93 41.64 -13.47
N SER C 206 -9.85 40.67 -13.52
CA SER C 206 -11.27 40.97 -13.33
C SER C 206 -11.66 41.10 -11.87
N GLU C 207 -10.79 40.73 -10.93
CA GLU C 207 -11.10 40.84 -9.52
C GLU C 207 -10.94 42.28 -9.05
N GLU C 208 -11.18 42.51 -7.76
CA GLU C 208 -11.04 43.84 -7.18
C GLU C 208 -9.58 44.27 -7.20
N ASN C 209 -9.36 45.55 -7.50
CA ASN C 209 -8.00 46.08 -7.53
C ASN C 209 -7.43 46.15 -6.12
N ILE C 210 -6.10 46.03 -6.04
CA ILE C 210 -5.37 46.08 -4.77
C ILE C 210 -4.81 47.48 -4.59
N VAL C 211 -5.09 48.08 -3.44
CA VAL C 211 -4.55 49.39 -3.09
C VAL C 211 -3.34 49.18 -2.20
N ALA C 212 -2.17 49.62 -2.67
CA ALA C 212 -0.91 49.49 -1.93
C ALA C 212 -0.31 50.89 -1.80
N ILE C 213 -0.68 51.59 -0.75
CA ILE C 213 -0.19 52.95 -0.51
C ILE C 213 1.24 52.88 0.02
N GLY C 214 2.15 53.57 -0.64
CA GLY C 214 3.52 53.65 -0.18
C GLY C 214 3.86 55.00 0.40
N ILE C 215 3.95 55.08 1.72
CA ILE C 215 4.23 56.34 2.41
C ILE C 215 5.73 56.44 2.62
N ALA C 216 6.39 57.25 1.81
CA ALA C 216 7.83 57.42 1.85
C ALA C 216 8.16 58.86 2.24
N ALA C 217 9.45 59.17 2.23
CA ALA C 217 9.95 60.50 2.55
C ALA C 217 10.45 61.17 1.27
N TRP C 218 9.99 62.39 1.03
CA TRP C 218 10.43 63.12 -0.15
C TRP C 218 11.92 63.42 -0.09
N GLY C 219 12.48 63.52 1.12
CA GLY C 219 13.88 63.81 1.29
C GLY C 219 14.82 62.65 1.09
N MET C 220 14.30 61.47 0.78
CA MET C 220 15.13 60.30 0.53
C MET C 220 14.94 59.70 -0.85
N VAL C 221 14.12 60.32 -1.71
CA VAL C 221 13.93 59.81 -3.06
C VAL C 221 15.19 60.07 -3.88
N SER C 222 15.67 59.04 -4.57
CA SER C 222 16.94 59.14 -5.28
C SER C 222 16.81 59.96 -6.55
N ASN C 223 16.02 59.47 -7.51
CA ASN C 223 15.92 60.11 -8.83
C ASN C 223 14.82 61.17 -8.79
N ARG C 224 15.11 62.24 -8.06
CA ARG C 224 14.21 63.38 -8.00
C ARG C 224 14.43 64.25 -9.23
N ASP C 225 13.85 65.46 -9.22
CA ASP C 225 13.86 66.42 -10.31
C ASP C 225 13.08 65.92 -11.53
N THR C 226 12.55 64.69 -11.48
CA THR C 226 11.67 64.18 -12.51
C THR C 226 10.23 64.07 -12.04
N LEU C 227 9.98 64.18 -10.74
CA LEU C 227 8.65 64.14 -10.17
C LEU C 227 8.01 65.53 -10.13
N ILE C 228 8.72 66.56 -10.53
CA ILE C 228 8.21 67.93 -10.54
C ILE C 228 7.49 68.16 -11.87
N ARG C 229 6.39 68.91 -11.82
CA ARG C 229 5.64 69.20 -13.03
C ARG C 229 6.44 70.09 -13.97
N ASN C 230 6.18 69.93 -15.26
CA ASN C 230 6.86 70.72 -16.28
C ASN C 230 6.50 72.20 -16.17
N TYR C 236 -2.60 64.56 -17.15
CA TYR C 236 -2.00 65.71 -17.82
C TYR C 236 -0.48 65.56 -17.90
N PHE C 237 0.16 65.38 -16.75
CA PHE C 237 1.60 65.23 -16.66
C PHE C 237 1.93 63.87 -16.06
N LEU C 238 2.78 63.11 -16.75
CA LEU C 238 3.22 61.80 -16.30
C LEU C 238 4.69 61.87 -15.94
N ALA C 239 5.02 61.47 -14.72
CA ALA C 239 6.40 61.51 -14.23
C ALA C 239 7.07 60.18 -14.54
N GLN C 240 8.18 60.24 -15.27
CA GLN C 240 8.92 59.03 -15.64
C GLN C 240 10.01 58.81 -14.60
N TYR C 241 9.73 57.94 -13.64
CA TYR C 241 10.72 57.58 -12.61
C TYR C 241 11.54 56.39 -13.09
N LEU C 242 12.38 56.66 -14.08
CA LEU C 242 13.28 55.64 -14.60
C LEU C 242 14.37 55.33 -13.59
N MET C 243 14.58 54.05 -13.31
CA MET C 243 15.61 53.63 -12.37
C MET C 243 16.59 52.63 -12.97
N ASP C 244 16.45 52.27 -14.24
CA ASP C 244 17.41 51.37 -14.87
C ASP C 244 18.78 52.01 -14.96
N ASP C 245 18.83 53.30 -15.29
CA ASP C 245 20.10 54.03 -15.39
C ASP C 245 20.49 54.71 -14.09
N PHE C 246 19.71 54.56 -13.03
CA PHE C 246 20.05 55.17 -11.76
C PHE C 246 21.30 54.52 -11.16
N THR C 247 22.19 55.36 -10.62
CA THR C 247 23.42 54.89 -10.02
C THR C 247 23.18 54.46 -8.58
N ARG C 248 24.26 54.09 -7.88
CA ARG C 248 24.19 53.68 -6.49
C ARG C 248 24.38 54.91 -5.60
N ASP C 249 23.33 55.29 -4.89
CA ASP C 249 23.34 56.44 -4.00
C ASP C 249 22.74 56.07 -2.67
N PRO C 250 23.13 56.77 -1.59
CA PRO C 250 22.55 56.45 -0.27
C PRO C 250 21.06 56.69 -0.18
N LEU C 251 20.49 57.51 -1.04
CA LEU C 251 19.07 57.82 -0.98
C LEU C 251 18.24 56.61 -1.45
N TYR C 252 17.00 56.55 -0.98
CA TYR C 252 16.11 55.45 -1.31
C TYR C 252 15.54 55.62 -2.71
N ILE C 253 15.11 54.50 -3.29
CA ILE C 253 14.53 54.46 -4.62
C ILE C 253 13.07 54.04 -4.49
N LEU C 254 12.19 54.81 -5.11
CA LEU C 254 10.75 54.54 -5.03
C LEU C 254 10.42 53.20 -5.66
N ASP C 255 9.42 52.52 -5.09
CA ASP C 255 8.95 51.27 -5.64
C ASP C 255 8.12 51.51 -6.89
N ASN C 256 8.19 50.57 -7.82
CA ASN C 256 7.49 50.70 -9.10
C ASN C 256 6.12 50.05 -9.11
N ASN C 257 5.88 49.07 -8.25
CA ASN C 257 4.64 48.33 -8.26
C ASN C 257 3.62 48.82 -7.23
N HIS C 258 3.93 49.89 -6.50
CA HIS C 258 3.00 50.44 -5.53
C HIS C 258 1.92 51.25 -6.25
N THR C 259 0.67 51.05 -5.86
CA THR C 259 -0.44 51.73 -6.52
C THR C 259 -0.38 53.24 -6.30
N HIS C 260 -0.13 53.68 -5.06
CA HIS C 260 -0.08 55.08 -4.73
C HIS C 260 1.14 55.36 -3.86
N LEU C 261 1.64 56.59 -3.94
CA LEU C 261 2.82 57.00 -3.18
C LEU C 261 2.53 58.30 -2.47
N LEU C 262 2.84 58.36 -1.18
CA LEU C 262 2.65 59.55 -0.35
C LEU C 262 4.02 59.98 0.14
N LEU C 263 4.67 60.87 -0.61
CA LEU C 263 6.01 61.34 -0.28
C LEU C 263 5.90 62.50 0.70
N VAL C 264 6.24 62.25 1.96
CA VAL C 264 6.15 63.28 2.98
C VAL C 264 7.40 64.15 2.95
N ASP C 265 7.21 65.46 2.91
CA ASP C 265 8.30 66.42 2.78
C ASP C 265 8.30 67.35 3.99
N ASN C 266 9.36 67.26 4.79
CA ASN C 266 9.58 68.18 5.90
C ASN C 266 10.56 69.28 5.54
N GLY C 267 10.86 69.45 4.26
CA GLY C 267 11.85 70.43 3.84
C GLY C 267 13.26 70.09 4.26
N CYS C 268 13.64 68.81 4.19
CA CYS C 268 14.96 68.34 4.57
C CYS C 268 15.52 67.45 3.46
N HIS C 269 16.75 66.99 3.66
CA HIS C 269 17.41 66.14 2.69
C HIS C 269 18.30 65.16 3.44
N GLY C 270 18.15 63.88 3.13
CA GLY C 270 18.94 62.85 3.78
C GLY C 270 18.50 62.51 5.19
N HIS C 271 17.35 62.99 5.63
CA HIS C 271 16.86 62.71 6.96
C HIS C 271 15.77 61.65 6.89
N PRO C 272 16.00 60.45 7.38
CA PRO C 272 14.98 59.41 7.35
C PRO C 272 14.00 59.58 8.52
N THR C 273 13.05 58.63 8.60
CA THR C 273 12.06 58.60 9.68
C THR C 273 11.27 59.90 9.75
N VAL C 274 10.92 60.44 8.58
CA VAL C 274 10.12 61.66 8.50
C VAL C 274 8.65 61.34 8.27
N GLU C 275 8.37 60.34 7.42
CA GLU C 275 7.00 59.97 7.11
C GLU C 275 6.29 59.26 8.25
N ALA C 276 7.01 58.91 9.31
CA ALA C 276 6.40 58.13 10.40
C ALA C 276 5.29 58.91 11.08
N LYS C 277 5.47 60.21 11.29
CA LYS C 277 4.45 61.01 11.96
C LYS C 277 3.16 61.05 11.14
N LEU C 278 3.28 61.29 9.84
CA LEU C 278 2.08 61.35 9.00
C LEU C 278 1.44 59.98 8.85
N ARG C 279 2.25 58.92 8.79
CA ARG C 279 1.69 57.57 8.75
C ARG C 279 0.89 57.28 10.01
N ASN C 280 1.42 57.65 11.17
CA ASN C 280 0.72 57.42 12.42
C ASN C 280 -0.56 58.25 12.49
N GLN C 281 -0.51 59.50 12.03
CA GLN C 281 -1.71 60.33 12.04
C GLN C 281 -2.78 59.77 11.11
N LEU C 282 -2.37 59.29 9.93
CA LEU C 282 -3.34 58.71 9.00
C LEU C 282 -3.94 57.43 9.58
N GLU C 283 -3.13 56.60 10.23
CA GLU C 283 -3.65 55.39 10.85
C GLU C 283 -4.63 55.74 11.97
N LYS C 284 -4.30 56.76 12.76
CA LYS C 284 -5.20 57.18 13.83
C LYS C 284 -6.53 57.68 13.27
N TYR C 285 -6.48 58.46 12.19
CA TYR C 285 -7.71 58.94 11.58
C TYR C 285 -8.53 57.78 11.02
N ILE C 286 -7.87 56.80 10.39
CA ILE C 286 -8.58 55.64 9.86
C ILE C 286 -9.24 54.86 10.97
N SER C 287 -8.53 54.65 12.09
CA SER C 287 -9.11 53.94 13.21
C SER C 287 -10.30 54.71 13.80
N GLU C 288 -10.17 56.02 13.91
CA GLU C 288 -11.25 56.84 14.45
C GLU C 288 -12.36 57.11 13.43
N ARG C 289 -12.14 56.78 12.16
CA ARG C 289 -13.15 57.00 11.14
C ARG C 289 -14.35 56.10 11.38
N THR C 290 -15.54 56.63 11.13
CA THR C 290 -16.79 55.91 11.33
C THR C 290 -17.52 55.79 9.99
N ILE C 291 -17.89 54.56 9.64
CA ILE C 291 -18.66 54.28 8.42
C ILE C 291 -19.82 53.38 8.81
N GLN C 292 -21.03 53.78 8.38
CA GLN C 292 -22.24 53.03 8.75
C GLN C 292 -22.30 51.65 8.12
N ASP C 293 -21.54 51.42 7.04
CA ASP C 293 -21.53 50.14 6.35
C ASP C 293 -20.37 49.24 6.80
N SER C 294 -19.97 49.33 8.06
CA SER C 294 -18.86 48.56 8.59
C SER C 294 -19.36 47.42 9.45
N ASN C 295 -18.71 46.26 9.32
CA ASN C 295 -19.03 45.10 10.13
C ASN C 295 -18.19 45.02 11.39
N TYR C 296 -17.35 46.01 11.65
CA TYR C 296 -16.47 46.05 12.83
C TYR C 296 -17.00 46.99 13.90
N GLY C 297 -18.32 47.05 14.07
CA GLY C 297 -18.89 47.97 15.04
C GLY C 297 -18.98 49.40 14.58
N GLY C 298 -18.85 49.65 13.28
CA GLY C 298 -18.94 50.99 12.75
C GLY C 298 -17.61 51.68 12.49
N LYS C 299 -16.50 50.97 12.63
CA LYS C 299 -15.17 51.55 12.40
C LYS C 299 -14.41 50.66 11.44
N ILE C 300 -13.48 51.28 10.70
CA ILE C 300 -12.65 50.55 9.75
C ILE C 300 -11.62 49.73 10.52
N PRO C 301 -11.57 48.42 10.33
CA PRO C 301 -10.53 47.62 11.01
C PRO C 301 -9.15 48.06 10.57
N ILE C 302 -8.22 48.08 11.53
CA ILE C 302 -6.85 48.51 11.31
C ILE C 302 -5.92 47.52 12.01
N VAL C 303 -4.92 47.02 11.30
CA VAL C 303 -4.00 46.04 11.83
C VAL C 303 -2.58 46.41 11.41
N CYS C 304 -1.65 46.40 12.36
CA CYS C 304 -0.26 46.69 12.09
C CYS C 304 0.50 45.36 11.94
N PHE C 305 1.16 45.19 10.80
CA PHE C 305 1.93 43.98 10.51
C PHE C 305 3.41 44.30 10.65
N ALA C 306 4.06 43.67 11.63
CA ALA C 306 5.46 43.92 11.93
C ALA C 306 6.29 42.68 11.61
N GLN C 307 7.50 42.90 11.11
CA GLN C 307 8.39 41.81 10.75
C GLN C 307 9.82 42.31 10.79
N GLY C 308 10.58 41.88 11.80
CA GLY C 308 11.97 42.31 11.91
C GLY C 308 12.07 43.80 12.13
N GLY C 309 12.92 44.44 11.35
CA GLY C 309 13.08 45.88 11.42
C GLY C 309 14.04 46.32 12.52
N GLY C 310 14.10 47.63 12.70
CA GLY C 310 15.00 48.20 13.69
C GLY C 310 14.32 49.21 14.61
N LYS C 311 14.94 50.39 14.76
CA LYS C 311 14.36 51.42 15.60
C LYS C 311 13.04 51.92 15.03
N GLU C 312 12.97 52.08 13.70
CA GLU C 312 11.74 52.58 13.08
C GLU C 312 10.58 51.60 13.29
N THR C 313 10.84 50.31 13.12
CA THR C 313 9.79 49.31 13.33
C THR C 313 9.33 49.29 14.78
N LEU C 314 10.27 49.39 15.72
CA LEU C 314 9.90 49.43 17.13
C LEU C 314 9.07 50.66 17.45
N LYS C 315 9.45 51.81 16.91
CA LYS C 315 8.67 53.02 17.12
C LYS C 315 7.27 52.90 16.53
N ALA C 316 7.17 52.29 15.34
CA ALA C 316 5.86 52.09 14.72
C ALA C 316 4.99 51.18 15.56
N ILE C 317 5.57 50.10 16.08
CA ILE C 317 4.81 49.19 16.93
C ILE C 317 4.34 49.91 18.20
N ASN C 318 5.23 50.70 18.80
CA ASN C 318 4.86 51.43 20.02
C ASN C 318 3.73 52.42 19.75
N THR C 319 3.81 53.15 18.63
CA THR C 319 2.77 54.11 18.30
C THR C 319 1.44 53.41 18.02
N SER C 320 1.49 52.26 17.32
CA SER C 320 0.27 51.52 17.05
C SER C 320 -0.35 51.00 18.35
N ILE C 321 0.48 50.54 19.28
CA ILE C 321 -0.03 50.10 20.57
C ILE C 321 -0.67 51.27 21.31
N LYS C 322 -0.03 52.44 21.27
CA LYS C 322 -0.58 53.61 21.95
C LYS C 322 -1.92 54.02 21.35
N ASN C 323 -2.05 53.95 20.02
CA ASN C 323 -3.26 54.36 19.34
C ASN C 323 -4.35 53.30 19.36
N LYS C 324 -4.23 52.30 20.23
CA LYS C 324 -5.23 51.23 20.35
C LYS C 324 -5.44 50.51 19.03
N ILE C 325 -4.35 50.20 18.33
CA ILE C 325 -4.38 49.47 17.07
C ILE C 325 -3.72 48.12 17.30
N PRO C 326 -4.42 47.01 17.04
CA PRO C 326 -3.79 45.70 17.21
C PRO C 326 -2.63 45.51 16.24
N CYS C 327 -1.62 44.78 16.71
CA CYS C 327 -0.40 44.54 15.93
C CYS C 327 -0.15 43.04 15.81
N VAL C 328 0.34 42.63 14.65
CA VAL C 328 0.66 41.23 14.38
C VAL C 328 2.16 41.14 14.09
N VAL C 329 2.85 40.30 14.87
CA VAL C 329 4.29 40.13 14.75
C VAL C 329 4.56 38.70 14.30
N VAL C 330 5.36 38.55 13.25
CA VAL C 330 5.67 37.24 12.69
C VAL C 330 6.90 36.69 13.40
N GLU C 331 6.76 35.52 14.00
CA GLU C 331 7.88 34.89 14.68
C GLU C 331 8.89 34.34 13.67
N GLY C 332 10.15 34.27 14.09
CA GLY C 332 11.20 33.79 13.23
C GLY C 332 11.80 34.83 12.32
N SER C 333 11.31 36.06 12.35
CA SER C 333 11.83 37.12 11.51
C SER C 333 13.09 37.77 12.05
N GLY C 334 13.42 37.53 13.33
CA GLY C 334 14.56 38.16 13.93
C GLY C 334 14.27 39.62 14.29
N GLN C 335 15.33 40.29 14.76
CA GLN C 335 15.30 41.72 15.06
C GLN C 335 14.25 41.97 16.14
N ILE C 336 13.36 42.95 15.97
CA ILE C 336 12.43 43.31 17.04
C ILE C 336 11.24 42.35 17.09
N ALA C 337 10.84 41.79 15.95
CA ALA C 337 9.67 40.91 15.95
C ALA C 337 9.87 39.71 16.86
N ASP C 338 11.03 39.06 16.76
CA ASP C 338 11.31 37.92 17.64
C ASP C 338 11.49 38.36 19.07
N VAL C 339 12.01 39.56 19.31
CA VAL C 339 12.12 40.07 20.68
C VAL C 339 10.73 40.20 21.30
N ILE C 340 9.79 40.77 20.56
CA ILE C 340 8.43 40.92 21.06
C ILE C 340 7.77 39.57 21.25
N ALA C 341 8.00 38.64 20.32
CA ALA C 341 7.42 37.31 20.46
C ALA C 341 7.93 36.61 21.71
N SER C 342 9.25 36.69 21.96
CA SER C 342 9.81 36.09 23.17
C SER C 342 9.29 36.76 24.43
N LEU C 343 9.16 38.10 24.40
CA LEU C 343 8.69 38.82 25.57
C LEU C 343 7.24 38.47 25.90
N VAL C 344 6.39 38.34 24.88
CA VAL C 344 4.99 37.98 25.13
C VAL C 344 4.82 36.50 25.42
N GLU C 345 5.78 35.66 25.01
CA GLU C 345 5.68 34.24 25.32
C GLU C 345 5.80 33.99 26.82
N VAL C 346 6.69 34.72 27.50
CA VAL C 346 6.93 34.52 28.92
C VAL C 346 5.84 35.25 29.72
N GLU C 347 5.76 34.94 31.01
CA GLU C 347 4.81 35.58 31.91
C GLU C 347 5.50 36.00 33.20
N ASP C 348 6.70 36.58 33.08
CA ASP C 348 7.48 37.00 34.23
C ASP C 348 6.99 38.37 34.69
N ALA C 349 7.75 39.00 35.58
CA ALA C 349 7.41 40.31 36.12
C ALA C 349 7.78 41.45 35.19
N LEU C 350 8.23 41.16 33.97
CA LEU C 350 8.59 42.16 32.97
C LEU C 350 9.70 43.07 33.49
N THR C 351 10.84 42.45 33.80
CA THR C 351 12.00 43.19 34.26
C THR C 351 12.83 43.65 33.07
N SER C 352 13.66 44.67 33.31
CA SER C 352 14.50 45.21 32.25
C SER C 352 15.62 44.25 31.89
N SER C 353 16.05 43.40 32.83
CA SER C 353 17.12 42.46 32.55
C SER C 353 16.72 41.46 31.46
N ALA C 354 15.49 40.94 31.54
CA ALA C 354 15.04 39.99 30.53
C ALA C 354 14.93 40.64 29.16
N VAL C 355 14.44 41.87 29.10
CA VAL C 355 14.33 42.57 27.82
C VAL C 355 15.71 42.84 27.25
N LYS C 356 16.66 43.23 28.10
CA LYS C 356 18.02 43.45 27.62
C LYS C 356 18.65 42.15 27.11
N GLU C 357 18.39 41.04 27.82
CA GLU C 357 18.92 39.75 27.37
C GLU C 357 18.33 39.36 26.02
N LYS C 358 17.02 39.57 25.84
CA LYS C 358 16.42 39.27 24.54
C LYS C 358 16.99 40.16 23.45
N LEU C 359 17.19 41.44 23.75
CA LEU C 359 17.73 42.37 22.77
C LEU C 359 19.14 41.97 22.34
N VAL C 360 19.99 41.61 23.31
CA VAL C 360 21.36 41.22 22.96
C VAL C 360 21.38 39.85 22.30
N ARG C 361 20.36 39.01 22.54
CA ARG C 361 20.30 37.71 21.90
C ARG C 361 19.89 37.85 20.43
N PHE C 362 18.92 38.71 20.14
CA PHE C 362 18.40 38.83 18.78
C PHE C 362 19.03 39.96 17.98
N LEU C 363 19.50 41.02 18.65
CA LEU C 363 20.13 42.16 17.98
C LEU C 363 21.41 42.52 18.71
N PRO C 364 22.45 41.67 18.60
CA PRO C 364 23.69 41.94 19.34
C PRO C 364 24.44 43.17 18.85
N ARG C 365 24.66 43.25 17.53
CA ARG C 365 25.44 44.34 16.98
C ARG C 365 24.76 45.68 17.20
N THR C 366 23.43 45.73 17.03
CA THR C 366 22.71 46.99 17.19
C THR C 366 22.82 47.50 18.64
N VAL C 367 22.49 46.65 19.61
CA VAL C 367 22.56 47.08 21.00
C VAL C 367 24.00 47.37 21.41
N SER C 368 24.97 46.73 20.76
CA SER C 368 26.36 47.08 21.01
C SER C 368 26.69 48.47 20.49
N ARG C 369 26.13 48.84 19.34
CA ARG C 369 26.41 50.15 18.76
C ARG C 369 25.71 51.28 19.52
N LEU C 370 24.47 51.07 19.93
CA LEU C 370 23.72 52.12 20.58
C LEU C 370 24.28 52.42 21.97
N PRO C 371 24.21 53.67 22.41
CA PRO C 371 24.70 54.03 23.75
C PRO C 371 23.71 53.62 24.83
N GLU C 372 24.03 54.00 26.07
CA GLU C 372 23.21 53.60 27.21
C GLU C 372 21.83 54.25 27.17
N GLU C 373 21.76 55.53 26.81
CA GLU C 373 20.49 56.23 26.79
C GLU C 373 19.55 55.63 25.73
N GLU C 374 20.09 55.34 24.54
CA GLU C 374 19.27 54.73 23.50
C GLU C 374 18.79 53.35 23.90
N THR C 375 19.66 52.58 24.57
CA THR C 375 19.25 51.26 25.04
C THR C 375 18.15 51.37 26.09
N GLU C 376 18.26 52.34 26.99
CA GLU C 376 17.21 52.55 27.98
C GLU C 376 15.90 52.94 27.33
N SER C 377 15.96 53.80 26.30
CA SER C 377 14.76 54.18 25.57
C SER C 377 14.13 52.98 24.88
N TRP C 378 14.96 52.13 24.27
CA TRP C 378 14.44 50.91 23.64
C TRP C 378 13.78 50.00 24.66
N ILE C 379 14.40 49.84 25.83
CA ILE C 379 13.82 49.01 26.88
C ILE C 379 12.48 49.57 27.31
N LYS C 380 12.40 50.90 27.45
CA LYS C 380 11.12 51.53 27.78
C LYS C 380 10.08 51.27 26.70
N TRP C 381 10.49 51.31 25.44
CA TRP C 381 9.55 51.06 24.34
C TRP C 381 9.01 49.63 24.38
N LEU C 382 9.89 48.66 24.58
CA LEU C 382 9.43 47.27 24.72
C LEU C 382 8.55 47.10 25.95
N LYS C 383 8.88 47.77 27.05
CA LYS C 383 8.03 47.68 28.25
C LYS C 383 6.64 48.24 27.97
N GLU C 384 6.56 49.37 27.25
CA GLU C 384 5.28 49.94 26.90
C GLU C 384 4.49 49.01 25.98
N ILE C 385 5.18 48.37 25.02
CA ILE C 385 4.51 47.46 24.10
C ILE C 385 3.97 46.26 24.86
N LEU C 386 4.77 45.69 25.77
CA LEU C 386 4.33 44.53 26.54
C LEU C 386 3.31 44.90 27.61
N GLU C 387 3.18 46.18 27.94
CA GLU C 387 2.17 46.59 28.92
C GLU C 387 0.77 46.28 28.43
N CYS C 388 0.56 46.28 27.12
CA CYS C 388 -0.73 45.94 26.52
C CYS C 388 -0.54 44.64 25.75
N SER C 389 -0.66 43.52 26.45
CA SER C 389 -0.49 42.21 25.84
C SER C 389 -1.74 41.72 25.13
N HIS C 390 -2.90 42.35 25.38
CA HIS C 390 -4.11 41.97 24.67
C HIS C 390 -4.07 42.41 23.22
N LEU C 391 -3.41 43.53 22.93
CA LEU C 391 -3.28 44.05 21.57
C LEU C 391 -2.01 43.58 20.89
N LEU C 392 -1.76 42.27 20.91
CA LEU C 392 -0.55 41.71 20.31
C LEU C 392 -0.82 40.27 19.93
N THR C 393 -0.60 39.95 18.65
CA THR C 393 -0.77 38.61 18.13
C THR C 393 0.51 38.17 17.45
N VAL C 394 0.91 36.92 17.68
CA VAL C 394 2.16 36.38 17.18
C VAL C 394 1.85 35.19 16.28
N ILE C 395 2.44 35.17 15.09
CA ILE C 395 2.34 34.04 14.17
C ILE C 395 3.44 33.05 14.55
N LYS C 396 3.07 32.04 15.32
CA LYS C 396 4.06 31.08 15.82
C LYS C 396 4.62 30.23 14.68
N MET C 397 5.90 29.89 14.79
CA MET C 397 6.53 29.04 13.80
C MET C 397 6.00 27.61 13.85
N GLU C 398 5.66 27.13 15.05
CA GLU C 398 5.16 25.76 15.18
C GLU C 398 3.85 25.58 14.44
N GLU C 399 2.95 26.56 14.52
CA GLU C 399 1.67 26.49 13.84
C GLU C 399 1.80 26.97 12.39
N ALA C 400 2.65 26.26 11.64
CA ALA C 400 2.91 26.59 10.24
C ALA C 400 1.98 25.79 9.32
N GLY C 401 0.68 26.03 9.48
CA GLY C 401 -0.31 25.35 8.68
C GLY C 401 -0.79 26.19 7.51
N ASP C 402 -2.11 26.29 7.35
CA ASP C 402 -2.72 27.08 6.29
C ASP C 402 -3.62 28.15 6.90
N GLU C 403 -3.75 29.26 6.17
CA GLU C 403 -4.56 30.40 6.59
C GLU C 403 -4.11 30.92 7.96
N ILE C 404 -2.79 30.93 8.18
CA ILE C 404 -2.25 31.43 9.44
C ILE C 404 -2.41 32.94 9.54
N VAL C 405 -2.19 33.65 8.43
CA VAL C 405 -2.28 35.10 8.44
C VAL C 405 -3.70 35.55 8.74
N SER C 406 -4.68 34.90 8.09
CA SER C 406 -6.08 35.24 8.36
C SER C 406 -6.45 34.94 9.79
N ASN C 407 -5.97 33.82 10.33
CA ASN C 407 -6.24 33.49 11.73
C ASN C 407 -5.66 34.55 12.66
N ALA C 408 -4.43 34.99 12.41
CA ALA C 408 -3.81 35.99 13.28
C ALA C 408 -4.52 37.33 13.19
N ILE C 409 -4.86 37.76 11.98
CA ILE C 409 -5.54 39.05 11.81
C ILE C 409 -6.92 39.01 12.46
N SER C 410 -7.65 37.91 12.27
CA SER C 410 -8.96 37.78 12.89
C SER C 410 -8.87 37.74 14.40
N TYR C 411 -7.86 37.05 14.93
CA TYR C 411 -7.67 37.02 16.38
C TYR C 411 -7.38 38.40 16.92
N ALA C 412 -6.53 39.17 16.24
CA ALA C 412 -6.23 40.52 16.67
C ALA C 412 -7.47 41.40 16.64
N LEU C 413 -8.26 41.30 15.57
CA LEU C 413 -9.48 42.10 15.47
C LEU C 413 -10.48 41.71 16.54
N TYR C 414 -10.62 40.41 16.83
CA TYR C 414 -11.56 39.99 17.86
C TYR C 414 -11.08 40.40 19.24
N LYS C 415 -9.77 40.37 19.49
CA LYS C 415 -9.26 40.84 20.77
C LYS C 415 -9.51 42.33 20.95
N ALA C 416 -9.32 43.11 19.89
CA ALA C 416 -9.63 44.54 19.96
C ALA C 416 -11.11 44.77 20.19
N PHE C 417 -11.96 43.97 19.53
CA PHE C 417 -13.40 44.10 19.71
C PHE C 417 -13.83 43.76 21.13
N SER C 418 -13.26 42.70 21.70
CA SER C 418 -13.64 42.28 23.04
C SER C 418 -13.19 43.29 24.10
N THR C 419 -12.00 43.86 23.94
CA THR C 419 -11.51 44.87 24.86
C THR C 419 -12.04 46.25 24.48
N SER C 420 -13.36 46.36 24.42
CA SER C 420 -14.02 47.60 24.03
C SER C 420 -15.41 47.64 24.66
N GLU C 421 -16.00 48.83 24.65
CA GLU C 421 -17.34 49.00 25.22
C GLU C 421 -18.41 48.26 24.42
N GLN C 422 -18.15 47.94 23.16
CA GLN C 422 -19.15 47.25 22.35
C GLN C 422 -19.35 45.81 22.81
N ASP C 423 -18.30 45.17 23.33
CA ASP C 423 -18.36 43.75 23.63
C ASP C 423 -19.36 43.40 24.72
N LYS C 424 -19.86 44.40 25.45
CA LYS C 424 -20.77 44.13 26.57
C LYS C 424 -22.01 43.39 26.11
N ASP C 425 -22.61 43.82 25.00
CA ASP C 425 -23.84 43.19 24.52
C ASP C 425 -23.87 43.06 23.00
N ASN C 426 -22.69 42.96 22.37
CA ASN C 426 -22.63 42.80 20.92
C ASN C 426 -22.45 41.33 20.56
N TRP C 427 -23.50 40.55 20.86
CA TRP C 427 -23.54 39.17 20.39
C TRP C 427 -23.52 39.11 18.88
N ASN C 428 -24.41 39.88 18.23
CA ASN C 428 -24.50 39.84 16.78
C ASN C 428 -23.23 40.37 16.14
N GLY C 429 -22.68 41.47 16.66
CA GLY C 429 -21.48 42.05 16.06
C GLY C 429 -20.29 41.12 16.14
N GLN C 430 -20.07 40.53 17.33
CA GLN C 430 -18.96 39.60 17.49
C GLN C 430 -19.15 38.35 16.64
N LEU C 431 -20.38 37.84 16.57
CA LEU C 431 -20.65 36.67 15.74
C LEU C 431 -20.39 36.98 14.27
N LYS C 432 -20.84 38.14 13.80
CA LYS C 432 -20.62 38.49 12.39
C LYS C 432 -19.14 38.71 12.10
N LEU C 433 -18.40 39.30 13.04
CA LEU C 433 -16.97 39.48 12.84
C LEU C 433 -16.26 38.14 12.77
N LEU C 434 -16.61 37.21 13.65
CA LEU C 434 -15.97 35.90 13.63
C LEU C 434 -16.36 35.08 12.41
N LEU C 435 -17.59 35.28 11.92
CA LEU C 435 -18.05 34.55 10.75
C LEU C 435 -17.42 35.10 9.47
N GLU C 436 -17.22 36.42 9.40
CA GLU C 436 -16.63 37.01 8.21
C GLU C 436 -15.20 36.53 7.99
N TRP C 437 -14.51 36.14 9.06
CA TRP C 437 -13.14 35.66 8.98
C TRP C 437 -13.03 34.15 9.09
N ASN C 438 -14.17 33.44 9.08
CA ASN C 438 -14.20 31.98 9.11
C ASN C 438 -13.49 31.44 10.36
N GLN C 439 -13.78 32.05 11.51
CA GLN C 439 -13.20 31.62 12.77
C GLN C 439 -14.24 30.81 13.53
N LEU C 440 -14.33 29.53 13.18
CA LEU C 440 -15.35 28.66 13.78
C LEU C 440 -14.99 28.29 15.22
N ASP C 441 -13.72 27.98 15.45
CA ASP C 441 -13.30 27.58 16.80
C ASP C 441 -13.52 28.71 17.80
N LEU C 442 -13.17 29.94 17.41
CA LEU C 442 -13.37 31.07 18.29
C LEU C 442 -14.85 31.30 18.57
N ALA C 443 -15.70 31.16 17.55
CA ALA C 443 -17.13 31.32 17.75
C ALA C 443 -17.67 30.26 18.69
N ASN C 444 -17.24 29.02 18.52
CA ASN C 444 -17.69 27.95 19.42
C ASN C 444 -17.22 28.17 20.84
N ASP C 445 -15.99 28.68 21.00
CA ASP C 445 -15.43 28.84 22.33
C ASP C 445 -16.04 30.03 23.08
N GLU C 446 -16.34 31.12 22.35
CA GLU C 446 -16.78 32.35 23.00
C GLU C 446 -18.24 32.67 22.74
N ILE C 447 -18.66 32.74 21.48
CA ILE C 447 -20.02 33.18 21.17
C ILE C 447 -21.04 32.17 21.67
N PHE C 448 -20.90 30.92 21.25
CA PHE C 448 -21.88 29.88 21.58
C PHE C 448 -21.42 29.15 22.83
N THR C 449 -21.90 29.62 23.97
CA THR C 449 -21.63 28.99 25.26
C THR C 449 -22.92 28.91 26.04
N ASN C 450 -22.97 27.99 27.00
CA ASN C 450 -24.17 27.81 27.81
C ASN C 450 -24.45 29.04 28.67
N ASP C 451 -23.41 29.82 28.99
CA ASP C 451 -23.62 31.03 29.77
C ASP C 451 -24.46 32.05 29.01
N ARG C 452 -24.21 32.20 27.71
CA ARG C 452 -24.96 33.13 26.89
C ARG C 452 -26.31 32.54 26.51
N ARG C 453 -27.20 33.41 26.02
CA ARG C 453 -28.53 33.00 25.59
C ARG C 453 -28.83 33.59 24.22
N TRP C 454 -29.58 32.83 23.43
CA TRP C 454 -29.96 33.26 22.09
C TRP C 454 -31.17 32.46 21.65
N GLU C 455 -31.77 32.89 20.54
CA GLU C 455 -32.94 32.25 19.96
C GLU C 455 -32.63 31.85 18.52
N SER C 456 -33.44 30.91 18.01
CA SER C 456 -33.25 30.44 16.64
C SER C 456 -33.45 31.56 15.63
N ALA C 457 -34.49 32.38 15.82
CA ALA C 457 -34.75 33.50 14.92
C ALA C 457 -33.77 34.65 15.10
N ASP C 458 -32.94 34.62 16.15
CA ASP C 458 -31.98 35.69 16.37
C ASP C 458 -30.79 35.62 15.43
N LEU C 459 -30.55 34.46 14.80
CA LEU C 459 -29.42 34.28 13.90
C LEU C 459 -29.87 33.96 12.47
N GLN C 460 -31.03 34.48 12.08
CA GLN C 460 -31.52 34.28 10.72
C GLN C 460 -30.63 34.97 9.69
N GLU C 461 -30.33 36.25 9.91
CA GLU C 461 -29.51 37.01 8.98
C GLU C 461 -28.08 36.49 8.96
N VAL C 462 -27.57 36.08 10.12
CA VAL C 462 -26.23 35.50 10.17
C VAL C 462 -26.20 34.17 9.41
N MET C 463 -27.30 33.41 9.48
CA MET C 463 -27.39 32.20 8.67
C MET C 463 -27.40 32.52 7.19
N PHE C 464 -28.14 33.55 6.79
CA PHE C 464 -28.19 33.94 5.38
C PHE C 464 -26.80 34.33 4.87
N THR C 465 -26.09 35.15 5.64
CA THR C 465 -24.77 35.59 5.20
C THR C 465 -23.73 34.50 5.30
N ALA C 466 -23.95 33.48 6.15
CA ALA C 466 -23.08 32.31 6.12
C ALA C 466 -23.36 31.46 4.88
N LEU C 467 -24.62 31.41 4.45
CA LEU C 467 -24.97 30.65 3.26
C LEU C 467 -24.40 31.31 2.00
N ILE C 468 -24.54 32.63 1.89
CA ILE C 468 -24.11 33.30 0.66
C ILE C 468 -22.61 33.51 0.60
N LYS C 469 -21.90 33.43 1.72
CA LYS C 469 -20.46 33.61 1.74
C LYS C 469 -19.71 32.29 1.79
N ASP C 470 -20.42 31.16 1.67
CA ASP C 470 -19.83 29.83 1.63
C ASP C 470 -18.99 29.55 2.88
N ARG C 471 -19.70 29.51 4.01
CA ARG C 471 -19.11 29.17 5.31
C ARG C 471 -19.80 27.92 5.83
N PRO C 472 -19.47 26.75 5.27
CA PRO C 472 -20.18 25.52 5.66
C PRO C 472 -20.04 25.18 7.13
N LYS C 473 -18.89 25.47 7.74
CA LYS C 473 -18.71 25.19 9.16
C LYS C 473 -19.68 26.02 9.99
N PHE C 474 -19.86 27.29 9.64
CA PHE C 474 -20.81 28.12 10.36
C PHE C 474 -22.24 27.73 10.07
N VAL C 475 -22.53 27.27 8.86
CA VAL C 475 -23.87 26.73 8.57
C VAL C 475 -24.17 25.55 9.50
N ARG C 476 -23.21 24.64 9.62
CA ARG C 476 -23.38 23.50 10.51
C ARG C 476 -23.52 23.93 11.97
N LEU C 477 -22.72 24.92 12.38
CA LEU C 477 -22.80 25.41 13.76
C LEU C 477 -24.17 26.01 14.06
N PHE C 478 -24.68 26.84 13.15
CA PHE C 478 -26.00 27.43 13.37
C PHE C 478 -27.09 26.37 13.33
N LEU C 479 -26.94 25.37 12.46
CA LEU C 479 -27.93 24.31 12.39
C LEU C 479 -27.97 23.50 13.68
N GLU C 480 -26.80 23.18 14.24
CA GLU C 480 -26.74 22.40 15.47
C GLU C 480 -26.89 23.26 16.71
N ASN C 481 -27.02 24.57 16.57
CA ASN C 481 -27.25 25.47 17.69
C ASN C 481 -28.69 25.97 17.74
N GLY C 482 -29.63 25.12 17.32
CA GLY C 482 -31.04 25.36 17.54
C GLY C 482 -31.79 25.93 16.37
N LEU C 483 -31.10 26.44 15.36
CA LEU C 483 -31.80 27.06 14.23
C LEU C 483 -32.53 26.00 13.40
N ASN C 484 -33.74 26.33 12.97
CA ASN C 484 -34.57 25.43 12.17
C ASN C 484 -34.45 25.85 10.71
N LEU C 485 -33.92 24.95 9.88
CA LEU C 485 -33.70 25.26 8.47
C LEU C 485 -35.00 25.31 7.68
N ARG C 486 -35.98 24.49 8.05
CA ARG C 486 -37.22 24.43 7.27
C ARG C 486 -37.97 25.75 7.31
N LYS C 487 -38.06 26.38 8.49
CA LYS C 487 -38.75 27.65 8.60
C LYS C 487 -37.91 28.80 8.07
N PHE C 488 -36.58 28.72 8.17
CA PHE C 488 -35.73 29.78 7.65
C PHE C 488 -35.81 29.88 6.13
N LEU C 489 -35.89 28.74 5.45
CA LEU C 489 -35.91 28.70 3.99
C LEU C 489 -37.29 29.13 3.48
N THR C 490 -37.56 30.42 3.58
CA THR C 490 -38.81 30.97 3.07
C THR C 490 -38.70 31.19 1.55
N HIS C 491 -39.84 31.55 0.95
CA HIS C 491 -39.86 31.82 -0.49
C HIS C 491 -38.99 33.03 -0.82
N ASP C 492 -39.01 34.05 0.03
CA ASP C 492 -38.19 35.23 -0.20
C ASP C 492 -36.71 34.89 -0.13
N VAL C 493 -36.32 34.07 0.86
CA VAL C 493 -34.91 33.69 1.00
C VAL C 493 -34.46 32.88 -0.21
N LEU C 494 -35.28 31.93 -0.64
CA LEU C 494 -34.93 31.10 -1.80
C LEU C 494 -34.86 31.94 -3.07
N THR C 495 -35.79 32.88 -3.24
CA THR C 495 -35.76 33.74 -4.41
C THR C 495 -34.52 34.62 -4.41
N GLU C 496 -34.13 35.16 -3.26
CA GLU C 496 -32.92 35.97 -3.18
C GLU C 496 -31.67 35.13 -3.47
N LEU C 497 -31.65 33.88 -2.98
CA LEU C 497 -30.51 33.01 -3.23
C LEU C 497 -30.41 32.66 -4.71
N PHE C 498 -31.53 32.36 -5.35
CA PHE C 498 -31.51 31.93 -6.74
C PHE C 498 -31.45 33.08 -7.74
N SER C 499 -31.71 34.31 -7.30
CA SER C 499 -31.70 35.46 -8.19
C SER C 499 -30.43 36.29 -8.08
N ASN C 500 -30.01 36.63 -6.86
CA ASN C 500 -28.88 37.51 -6.65
C ASN C 500 -27.59 36.77 -6.33
N HIS C 501 -27.67 35.59 -5.73
CA HIS C 501 -26.49 34.84 -5.33
C HIS C 501 -26.27 33.59 -6.17
N PHE C 502 -26.86 33.55 -7.36
CA PHE C 502 -26.66 32.45 -8.30
C PHE C 502 -25.69 32.90 -9.39
N SER C 503 -24.64 32.11 -9.61
CA SER C 503 -23.62 32.47 -10.57
C SER C 503 -24.18 32.53 -11.99
N THR C 504 -23.74 33.53 -12.75
CA THR C 504 -24.17 33.63 -14.14
C THR C 504 -23.51 32.55 -15.00
N LEU C 505 -22.28 32.16 -14.67
CA LEU C 505 -21.64 31.06 -15.39
C LEU C 505 -22.39 29.75 -15.15
N VAL C 506 -22.83 29.53 -13.91
CA VAL C 506 -23.61 28.33 -13.59
C VAL C 506 -24.93 28.34 -14.34
N TYR C 507 -25.59 29.50 -14.42
CA TYR C 507 -26.84 29.59 -15.15
C TYR C 507 -26.63 29.36 -16.65
N ARG C 508 -25.53 29.87 -17.20
CA ARG C 508 -25.21 29.61 -18.59
C ARG C 508 -24.97 28.13 -18.84
N ASN C 509 -24.24 27.47 -17.95
CA ASN C 509 -24.02 26.03 -18.09
C ASN C 509 -25.34 25.26 -17.99
N LEU C 510 -26.21 25.67 -17.08
CA LEU C 510 -27.52 25.03 -16.95
C LEU C 510 -28.35 25.20 -18.22
N GLN C 511 -28.31 26.41 -18.80
CA GLN C 511 -29.03 26.65 -20.05
C GLN C 511 -28.49 25.79 -21.17
N ILE C 512 -27.16 25.69 -21.28
CA ILE C 512 -26.55 24.84 -22.29
C ILE C 512 -26.95 23.39 -22.10
N ALA C 513 -26.97 22.93 -20.85
CA ALA C 513 -27.37 21.55 -20.57
C ALA C 513 -28.82 21.32 -20.95
N LYS C 514 -29.70 22.28 -20.64
CA LYS C 514 -31.11 22.15 -21.00
C LYS C 514 -31.29 22.11 -22.51
N ASN C 515 -30.51 22.91 -23.24
CA ASN C 515 -30.65 22.94 -24.69
C ASN C 515 -30.05 21.71 -25.36
N SER C 516 -28.99 21.15 -24.79
CA SER C 516 -28.22 20.09 -25.45
C SER C 516 -28.39 18.72 -24.82
N TYR C 517 -28.46 18.64 -23.49
CA TYR C 517 -28.54 17.36 -22.79
C TYR C 517 -29.76 17.33 -21.88
N ASN C 518 -30.91 17.70 -22.44
CA ASN C 518 -32.13 17.81 -21.66
C ASN C 518 -32.56 16.44 -21.14
N ASP C 519 -33.22 16.46 -19.99
CA ASP C 519 -33.69 15.24 -19.34
C ASP C 519 -34.87 15.60 -18.45
N ALA C 520 -35.52 14.58 -17.89
CA ALA C 520 -36.65 14.82 -17.00
C ALA C 520 -36.21 15.57 -15.75
N LEU C 521 -35.14 15.11 -15.10
CA LEU C 521 -34.65 15.79 -13.91
C LEU C 521 -34.09 17.17 -14.26
N LEU C 522 -33.41 17.28 -15.41
CA LEU C 522 -32.90 18.58 -15.83
C LEU C 522 -34.03 19.55 -16.09
N THR C 523 -35.12 19.06 -16.70
CA THR C 523 -36.30 19.92 -16.90
C THR C 523 -36.91 20.33 -15.57
N PHE C 524 -36.99 19.39 -14.62
CA PHE C 524 -37.54 19.70 -13.30
C PHE C 524 -36.71 20.77 -12.60
N VAL C 525 -35.38 20.63 -12.64
CA VAL C 525 -34.50 21.59 -11.98
C VAL C 525 -34.55 22.94 -12.69
N TRP C 526 -34.63 22.94 -14.01
CA TRP C 526 -34.75 24.18 -14.75
C TRP C 526 -36.04 24.91 -14.40
N LYS C 527 -37.15 24.17 -14.29
CA LYS C 527 -38.41 24.78 -13.89
C LYS C 527 -38.32 25.34 -12.46
N LEU C 528 -37.67 24.60 -11.56
CA LEU C 528 -37.51 25.09 -10.19
C LEU C 528 -36.69 26.38 -10.15
N VAL C 529 -35.60 26.42 -10.89
CA VAL C 529 -34.74 27.60 -10.93
C VAL C 529 -35.49 28.79 -11.53
N ALA C 530 -36.25 28.54 -12.60
CA ALA C 530 -37.03 29.62 -13.21
C ALA C 530 -38.10 30.13 -12.25
N ASN C 531 -38.72 29.23 -11.49
CA ASN C 531 -39.70 29.64 -10.49
C ASN C 531 -39.06 30.52 -9.43
N PHE C 532 -37.87 30.15 -8.96
CA PHE C 532 -37.23 30.90 -7.90
C PHE C 532 -36.48 32.13 -8.41
N ARG C 533 -36.37 32.30 -9.72
CA ARG C 533 -35.73 33.49 -10.27
C ARG C 533 -36.73 34.58 -10.61
N ARG C 534 -37.95 34.21 -11.01
CA ARG C 534 -38.98 35.18 -11.33
C ARG C 534 -40.02 35.26 -10.22
N THR C 558 -45.15 19.34 0.14
CA THR C 558 -45.10 20.80 0.04
C THR C 558 -44.19 21.22 -1.10
N ARG C 559 -43.54 22.38 -0.94
CA ARG C 559 -42.64 22.91 -1.96
C ARG C 559 -41.21 22.41 -1.81
N HIS C 560 -40.90 21.67 -0.74
CA HIS C 560 -39.57 21.14 -0.47
C HIS C 560 -38.51 22.23 -0.49
N PRO C 561 -38.53 23.16 0.47
CA PRO C 561 -37.52 24.24 0.46
C PRO C 561 -36.11 23.71 0.63
N LEU C 562 -35.94 22.66 1.44
CA LEU C 562 -34.61 22.10 1.65
C LEU C 562 -34.08 21.48 0.37
N GLN C 563 -34.94 20.87 -0.43
CA GLN C 563 -34.52 20.36 -1.72
C GLN C 563 -34.08 21.49 -2.64
N ALA C 564 -34.79 22.62 -2.60
CA ALA C 564 -34.40 23.77 -3.40
C ALA C 564 -33.03 24.31 -2.97
N LEU C 565 -32.79 24.40 -1.66
CA LEU C 565 -31.49 24.86 -1.19
C LEU C 565 -30.39 23.87 -1.53
N PHE C 566 -30.69 22.57 -1.44
CA PHE C 566 -29.72 21.55 -1.82
C PHE C 566 -29.37 21.64 -3.30
N ILE C 567 -30.36 21.88 -4.15
CA ILE C 567 -30.11 22.05 -5.58
C ILE C 567 -29.30 23.33 -5.81
N TRP C 568 -29.61 24.39 -5.07
CA TRP C 568 -28.87 25.65 -5.20
C TRP C 568 -27.40 25.45 -4.87
N ALA C 569 -27.10 24.68 -3.81
CA ALA C 569 -25.71 24.42 -3.47
C ALA C 569 -25.07 23.43 -4.43
N ILE C 570 -25.84 22.48 -4.96
CA ILE C 570 -25.29 21.45 -5.84
C ILE C 570 -24.91 22.02 -7.19
N LEU C 571 -25.74 22.91 -7.73
CA LEU C 571 -25.49 23.47 -9.06
C LEU C 571 -24.22 24.30 -9.08
N GLN C 572 -23.83 24.90 -7.95
CA GLN C 572 -22.67 25.76 -7.87
C GLN C 572 -21.45 25.04 -7.30
N ASN C 573 -21.51 23.72 -7.19
CA ASN C 573 -20.37 22.90 -6.76
C ASN C 573 -19.85 23.32 -5.39
N LYS C 574 -20.76 23.72 -4.50
CA LYS C 574 -20.42 24.01 -3.11
C LYS C 574 -20.48 22.71 -2.35
N LYS C 575 -19.37 21.97 -2.35
CA LYS C 575 -19.38 20.59 -1.89
C LYS C 575 -19.73 20.49 -0.41
N GLU C 576 -19.03 21.25 0.44
CA GLU C 576 -19.26 21.14 1.87
C GLU C 576 -20.62 21.70 2.27
N LEU C 577 -21.01 22.82 1.66
CA LEU C 577 -22.35 23.36 1.91
C LEU C 577 -23.42 22.38 1.47
N SER C 578 -23.21 21.74 0.31
CA SER C 578 -24.15 20.73 -0.15
C SER C 578 -24.25 19.57 0.81
N LYS C 579 -23.11 19.13 1.36
CA LYS C 579 -23.15 18.04 2.34
C LYS C 579 -23.90 18.44 3.59
N VAL C 580 -23.67 19.66 4.08
CA VAL C 580 -24.37 20.14 5.27
C VAL C 580 -25.87 20.19 5.02
N ILE C 581 -26.29 20.68 3.85
CA ILE C 581 -27.71 20.76 3.54
C ILE C 581 -28.31 19.37 3.35
N TRP C 582 -27.55 18.47 2.72
CA TRP C 582 -28.04 17.12 2.47
C TRP C 582 -28.23 16.34 3.77
N GLU C 583 -27.41 16.64 4.78
CA GLU C 583 -27.61 15.99 6.07
C GLU C 583 -28.93 16.36 6.73
N GLN C 584 -29.62 17.38 6.23
CA GLN C 584 -30.89 17.80 6.78
C GLN C 584 -32.09 17.41 5.91
N THR C 585 -31.86 16.79 4.77
CA THR C 585 -32.95 16.44 3.86
C THR C 585 -33.78 15.28 4.41
N ARG C 586 -35.02 15.18 3.91
CA ARG C 586 -35.91 14.10 4.34
C ARG C 586 -35.60 12.80 3.62
N GLY C 587 -35.74 12.78 2.30
CA GLY C 587 -35.31 11.64 1.53
C GLY C 587 -33.87 11.78 1.12
N CYS C 588 -32.97 11.17 1.90
CA CYS C 588 -31.55 11.44 1.73
C CYS C 588 -30.94 10.60 0.60
N THR C 589 -31.33 9.33 0.48
CA THR C 589 -30.87 8.51 -0.63
C THR C 589 -31.37 9.07 -1.96
N LEU C 590 -32.64 9.47 -2.00
CA LEU C 590 -33.20 10.08 -3.20
C LEU C 590 -32.51 11.39 -3.53
N ALA C 591 -32.23 12.19 -2.51
CA ALA C 591 -31.52 13.45 -2.74
C ALA C 591 -30.12 13.21 -3.29
N ALA C 592 -29.41 12.23 -2.72
CA ALA C 592 -28.06 11.93 -3.20
C ALA C 592 -28.09 11.43 -4.64
N LEU C 593 -29.05 10.56 -4.98
CA LEU C 593 -29.14 10.06 -6.34
C LEU C 593 -29.55 11.14 -7.32
N GLY C 594 -30.48 12.02 -6.93
CA GLY C 594 -30.84 13.13 -7.79
C GLY C 594 -29.71 14.11 -8.00
N ALA C 595 -28.93 14.37 -6.94
CA ALA C 595 -27.75 15.20 -7.08
C ALA C 595 -26.73 14.56 -8.01
N SER C 596 -26.55 13.25 -7.89
CA SER C 596 -25.64 12.55 -8.80
C SER C 596 -26.09 12.67 -10.24
N LYS C 597 -27.39 12.51 -10.49
CA LYS C 597 -27.92 12.62 -11.85
C LYS C 597 -27.74 14.03 -12.40
N LEU C 598 -28.09 15.04 -11.59
CA LEU C 598 -27.96 16.43 -12.02
C LEU C 598 -26.51 16.81 -12.28
N LEU C 599 -25.60 16.36 -11.41
CA LEU C 599 -24.19 16.68 -11.58
C LEU C 599 -23.59 15.96 -12.78
N LYS C 600 -24.02 14.73 -13.04
CA LYS C 600 -23.55 14.04 -14.23
C LYS C 600 -24.05 14.70 -15.50
N THR C 601 -25.29 15.22 -15.46
CA THR C 601 -25.80 15.97 -16.61
C THR C 601 -25.01 17.27 -16.81
N LEU C 602 -24.70 17.96 -15.73
CA LEU C 602 -23.95 19.21 -15.84
C LEU C 602 -22.50 18.98 -16.26
N ALA C 603 -21.95 17.82 -15.94
CA ALA C 603 -20.60 17.46 -16.37
C ALA C 603 -20.51 17.22 -17.88
N LYS C 604 -21.65 17.07 -18.57
CA LYS C 604 -21.63 16.87 -20.00
C LYS C 604 -21.32 18.16 -20.77
N VAL C 605 -21.54 19.32 -20.14
CA VAL C 605 -21.28 20.59 -20.81
C VAL C 605 -19.77 20.80 -20.91
N LYS C 606 -19.29 21.06 -22.11
CA LYS C 606 -17.87 21.22 -22.38
C LYS C 606 -17.45 22.68 -22.48
N ASN C 607 -18.32 23.61 -22.08
CA ASN C 607 -17.95 25.03 -22.09
C ASN C 607 -16.79 25.30 -21.14
N ASP C 608 -16.83 24.71 -19.94
CA ASP C 608 -15.77 24.84 -18.95
C ASP C 608 -15.46 23.45 -18.40
N ILE C 609 -14.30 22.91 -18.77
CA ILE C 609 -13.97 21.54 -18.39
C ILE C 609 -13.61 21.43 -16.91
N ASN C 610 -13.12 22.51 -16.28
CA ASN C 610 -12.86 22.47 -14.85
C ASN C 610 -14.16 22.34 -14.05
N ALA C 611 -15.17 23.12 -14.43
CA ALA C 611 -16.47 23.00 -13.79
C ALA C 611 -17.08 21.62 -14.03
N ALA C 612 -16.92 21.08 -15.23
CA ALA C 612 -17.43 19.75 -15.52
C ALA C 612 -16.72 18.69 -14.68
N GLY C 613 -15.40 18.82 -14.51
CA GLY C 613 -14.69 17.87 -13.67
C GLY C 613 -15.10 17.96 -12.21
N GLU C 614 -15.30 19.18 -11.72
CA GLU C 614 -15.81 19.34 -10.35
C GLU C 614 -17.19 18.72 -10.21
N SER C 615 -18.06 18.91 -11.20
CA SER C 615 -19.39 18.30 -11.17
C SER C 615 -19.31 16.79 -11.18
N GLU C 616 -18.41 16.22 -11.97
CA GLU C 616 -18.26 14.77 -12.01
C GLU C 616 -17.76 14.24 -10.66
N GLU C 617 -16.81 14.94 -10.04
CA GLU C 617 -16.32 14.51 -8.73
C GLU C 617 -17.43 14.58 -7.69
N LEU C 618 -18.23 15.65 -7.70
CA LEU C 618 -19.32 15.76 -6.75
C LEU C 618 -20.38 14.68 -6.99
N ALA C 619 -20.65 14.37 -8.27
CA ALA C 619 -21.59 13.30 -8.58
C ALA C 619 -21.10 11.96 -8.06
N ASN C 620 -19.81 11.67 -8.22
CA ASN C 620 -19.27 10.44 -7.66
C ASN C 620 -19.37 10.41 -6.15
N GLU C 621 -19.09 11.56 -5.51
CA GLU C 621 -19.20 11.63 -4.05
C GLU C 621 -20.62 11.34 -3.59
N TYR C 622 -21.62 11.92 -4.28
CA TYR C 622 -22.99 11.72 -3.84
C TYR C 622 -23.50 10.33 -4.18
N GLU C 623 -23.01 9.73 -5.26
CA GLU C 623 -23.31 8.33 -5.52
C GLU C 623 -22.76 7.43 -4.43
N THR C 624 -21.53 7.70 -3.99
CA THR C 624 -20.95 6.92 -2.89
C THR C 624 -21.73 7.12 -1.61
N ARG C 625 -22.17 8.36 -1.34
CA ARG C 625 -22.98 8.62 -0.16
C ARG C 625 -24.29 7.86 -0.20
N ALA C 626 -24.96 7.85 -1.36
CA ALA C 626 -26.20 7.09 -1.48
C ALA C 626 -25.95 5.60 -1.29
N VAL C 627 -24.86 5.08 -1.85
CA VAL C 627 -24.54 3.67 -1.69
C VAL C 627 -24.33 3.32 -0.23
N GLU C 628 -23.55 4.14 0.48
CA GLU C 628 -23.28 3.85 1.88
C GLU C 628 -24.54 3.95 2.74
N LEU C 629 -25.36 4.98 2.51
CA LEU C 629 -26.58 5.13 3.28
C LEU C 629 -27.54 3.98 3.01
N PHE C 630 -27.69 3.56 1.77
CA PHE C 630 -28.60 2.46 1.47
C PHE C 630 -28.05 1.13 1.97
N THR C 631 -26.72 0.95 1.97
CA THR C 631 -26.16 -0.25 2.56
C THR C 631 -26.44 -0.31 4.05
N GLU C 632 -26.31 0.83 4.74
CA GLU C 632 -26.68 0.88 6.15
C GLU C 632 -28.16 0.56 6.33
N CYS C 633 -29.01 1.13 5.48
CA CYS C 633 -30.46 0.88 5.58
C CYS C 633 -30.78 -0.59 5.39
N TYR C 634 -30.16 -1.22 4.39
CA TYR C 634 -30.44 -2.63 4.11
C TYR C 634 -29.90 -3.54 5.19
N SER C 635 -28.71 -3.24 5.73
CA SER C 635 -28.19 -4.02 6.84
C SER C 635 -29.07 -3.88 8.08
N SER C 636 -29.68 -2.71 8.27
CA SER C 636 -30.60 -2.54 9.39
C SER C 636 -31.89 -3.32 9.16
N ASP C 637 -32.62 -2.99 8.10
CA ASP C 637 -33.86 -3.68 7.75
C ASP C 637 -33.87 -3.96 6.26
N GLU C 638 -34.51 -5.07 5.88
CA GLU C 638 -34.59 -5.48 4.49
C GLU C 638 -35.90 -5.06 3.82
N ASP C 639 -37.03 -5.17 4.53
CA ASP C 639 -38.30 -4.78 3.95
C ASP C 639 -38.44 -3.26 3.92
N LEU C 640 -38.00 -2.57 4.97
CA LEU C 640 -38.07 -1.12 4.99
C LEU C 640 -37.14 -0.51 3.96
N ALA C 641 -35.95 -1.07 3.80
CA ALA C 641 -35.02 -0.56 2.79
C ALA C 641 -35.58 -0.76 1.38
N GLU C 642 -36.29 -1.86 1.15
CA GLU C 642 -36.89 -2.08 -0.16
C GLU C 642 -38.10 -1.20 -0.39
N GLN C 643 -38.85 -0.87 0.67
CA GLN C 643 -39.90 0.14 0.55
C GLN C 643 -39.30 1.50 0.22
N LEU C 644 -38.18 1.84 0.84
CA LEU C 644 -37.49 3.09 0.53
C LEU C 644 -36.93 3.09 -0.89
N LEU C 645 -36.55 1.92 -1.40
CA LEU C 645 -36.00 1.83 -2.74
C LEU C 645 -37.01 2.29 -3.79
N VAL C 646 -38.27 1.90 -3.64
CA VAL C 646 -39.30 2.23 -4.62
C VAL C 646 -40.14 3.43 -4.20
N TYR C 647 -39.73 4.13 -3.15
CA TYR C 647 -40.48 5.30 -2.69
C TYR C 647 -40.41 6.40 -3.73
N SER C 648 -41.56 6.94 -4.10
CA SER C 648 -41.66 7.97 -5.11
C SER C 648 -42.35 9.19 -4.52
N CYS C 649 -41.85 10.37 -4.87
CA CYS C 649 -42.44 11.62 -4.43
C CYS C 649 -42.13 12.68 -5.48
N GLU C 650 -42.95 13.73 -5.50
CA GLU C 650 -42.74 14.83 -6.44
C GLU C 650 -41.48 15.63 -6.15
N ALA C 651 -40.69 15.23 -5.15
CA ALA C 651 -39.52 16.01 -4.76
C ALA C 651 -38.50 16.09 -5.88
N TRP C 652 -38.23 14.98 -6.56
CA TRP C 652 -37.20 14.95 -7.58
C TRP C 652 -37.79 14.66 -8.95
N GLY C 653 -38.90 15.31 -9.28
CA GLY C 653 -39.58 15.06 -10.53
C GLY C 653 -40.49 13.87 -10.53
N GLY C 654 -40.98 13.46 -9.36
CA GLY C 654 -41.77 12.25 -9.29
C GLY C 654 -40.97 10.99 -9.54
N SER C 655 -39.65 11.06 -9.41
CA SER C 655 -38.78 9.95 -9.76
C SER C 655 -38.58 9.03 -8.56
N ASN C 656 -37.72 8.03 -8.75
CA ASN C 656 -37.54 6.95 -7.80
C ASN C 656 -36.05 6.71 -7.61
N CYS C 657 -35.70 6.06 -6.51
CA CYS C 657 -34.30 5.76 -6.24
C CYS C 657 -33.71 4.89 -7.34
N LEU C 658 -34.39 3.81 -7.69
CA LEU C 658 -33.93 2.95 -8.78
C LEU C 658 -33.95 3.68 -10.11
N GLU C 659 -35.02 4.43 -10.37
CA GLU C 659 -35.12 5.17 -11.62
C GLU C 659 -34.02 6.22 -11.73
N LEU C 660 -33.75 6.95 -10.65
CA LEU C 660 -32.70 7.96 -10.66
C LEU C 660 -31.33 7.32 -10.82
N ALA C 661 -31.10 6.18 -10.16
CA ALA C 661 -29.82 5.49 -10.30
C ALA C 661 -29.61 4.99 -11.73
N VAL C 662 -30.67 4.49 -12.36
CA VAL C 662 -30.54 4.01 -13.73
C VAL C 662 -30.33 5.16 -14.70
N GLU C 663 -31.09 6.25 -14.52
CA GLU C 663 -30.94 7.40 -15.41
C GLU C 663 -29.55 8.00 -15.29
N ALA C 664 -29.00 8.05 -14.07
CA ALA C 664 -27.67 8.59 -13.85
C ALA C 664 -26.56 7.59 -14.14
N THR C 665 -26.92 6.36 -14.51
CA THR C 665 -25.96 5.28 -14.70
C THR C 665 -25.09 5.12 -13.45
N ASP C 666 -25.75 5.16 -12.29
CA ASP C 666 -25.09 4.94 -11.01
C ASP C 666 -24.88 3.45 -10.84
N GLN C 667 -23.79 2.96 -11.43
CA GLN C 667 -23.52 1.53 -11.45
C GLN C 667 -23.22 1.00 -10.05
N HIS C 668 -22.57 1.81 -9.22
CA HIS C 668 -22.28 1.36 -7.86
C HIS C 668 -23.54 1.19 -7.04
N PHE C 669 -24.52 2.08 -7.20
CA PHE C 669 -25.78 1.94 -6.48
C PHE C 669 -26.56 0.73 -6.99
N ILE C 670 -26.57 0.51 -8.29
CA ILE C 670 -27.31 -0.62 -8.85
C ILE C 670 -26.65 -1.93 -8.49
N ALA C 671 -25.31 -1.97 -8.47
CA ALA C 671 -24.57 -3.18 -8.15
C ALA C 671 -24.56 -3.50 -6.66
N GLN C 672 -25.35 -2.80 -5.86
CA GLN C 672 -25.41 -3.11 -4.44
C GLN C 672 -26.08 -4.46 -4.23
N PRO C 673 -25.62 -5.25 -3.26
CA PRO C 673 -26.29 -6.53 -2.98
C PRO C 673 -27.76 -6.38 -2.63
N GLY C 674 -28.12 -5.32 -1.92
CA GLY C 674 -29.53 -5.10 -1.61
C GLY C 674 -30.36 -4.85 -2.85
N VAL C 675 -29.87 -3.98 -3.74
CA VAL C 675 -30.57 -3.71 -4.99
C VAL C 675 -30.62 -4.95 -5.86
N GLN C 676 -29.53 -5.71 -5.92
CA GLN C 676 -29.50 -6.91 -6.74
C GLN C 676 -30.47 -7.98 -6.23
N ASN C 677 -30.55 -8.16 -4.92
CA ASN C 677 -31.47 -9.17 -4.41
C ASN C 677 -32.91 -8.68 -4.45
N PHE C 678 -33.12 -7.36 -4.39
CA PHE C 678 -34.44 -6.81 -4.67
C PHE C 678 -34.86 -7.12 -6.11
N LEU C 679 -33.94 -6.96 -7.05
CA LEU C 679 -34.23 -7.30 -8.44
C LEU C 679 -34.49 -8.79 -8.61
N SER C 680 -33.72 -9.63 -7.89
CA SER C 680 -33.97 -11.07 -7.95
C SER C 680 -35.34 -11.43 -7.39
N LYS C 681 -35.74 -10.78 -6.30
CA LYS C 681 -37.08 -11.00 -5.75
C LYS C 681 -38.15 -10.58 -6.73
N GLN C 682 -37.94 -9.45 -7.42
CA GLN C 682 -38.89 -9.04 -8.46
C GLN C 682 -38.94 -10.07 -9.59
N TRP C 683 -37.78 -10.59 -9.99
CA TRP C 683 -37.71 -11.55 -11.08
C TRP C 683 -38.43 -12.85 -10.74
N TYR C 684 -38.29 -13.31 -9.50
CA TYR C 684 -38.98 -14.52 -9.08
C TYR C 684 -40.43 -14.29 -8.70
N GLY C 685 -40.84 -13.05 -8.48
CA GLY C 685 -42.22 -12.78 -8.13
C GLY C 685 -42.57 -13.29 -6.75
N GLU C 686 -43.74 -13.91 -6.64
CA GLU C 686 -44.16 -14.49 -5.37
C GLU C 686 -43.52 -15.84 -5.10
N ILE C 687 -42.78 -16.38 -6.06
CA ILE C 687 -42.05 -17.63 -5.86
C ILE C 687 -40.76 -17.33 -5.10
N SER C 688 -40.53 -18.08 -4.03
CA SER C 688 -39.29 -17.92 -3.27
C SER C 688 -38.10 -18.35 -4.10
N ARG C 689 -37.00 -17.60 -3.98
CA ARG C 689 -35.78 -17.95 -4.71
C ARG C 689 -35.11 -19.20 -4.18
N ASP C 690 -35.56 -19.73 -3.04
CA ASP C 690 -34.97 -20.95 -2.49
C ASP C 690 -35.39 -22.19 -3.26
N THR C 691 -36.48 -22.13 -4.02
CA THR C 691 -36.88 -23.27 -4.82
C THR C 691 -35.95 -23.44 -6.02
N LYS C 692 -35.82 -24.68 -6.47
CA LYS C 692 -34.93 -24.98 -7.58
C LYS C 692 -35.55 -24.55 -8.90
N ASN C 693 -34.69 -24.16 -9.84
CA ASN C 693 -35.16 -23.75 -11.15
C ASN C 693 -35.83 -24.89 -11.90
N TRP C 694 -35.26 -26.10 -11.80
CA TRP C 694 -35.86 -27.24 -12.48
C TRP C 694 -37.23 -27.56 -11.91
N LYS C 695 -37.45 -27.32 -10.63
CA LYS C 695 -38.79 -27.49 -10.06
C LYS C 695 -39.79 -26.53 -10.70
N ILE C 696 -39.38 -25.28 -10.88
CA ILE C 696 -40.26 -24.30 -11.52
C ILE C 696 -40.55 -24.69 -12.96
N ILE C 697 -39.53 -25.16 -13.68
CA ILE C 697 -39.73 -25.57 -15.06
C ILE C 697 -40.67 -26.78 -15.14
N LEU C 698 -40.49 -27.73 -14.23
CA LEU C 698 -41.34 -28.92 -14.23
C LEU C 698 -42.78 -28.56 -13.91
N CYS C 699 -42.99 -27.66 -12.94
CA CYS C 699 -44.35 -27.20 -12.65
C CYS C 699 -44.92 -26.40 -13.81
N LEU C 700 -44.06 -25.74 -14.58
CA LEU C 700 -44.51 -25.08 -15.79
C LEU C 700 -45.02 -26.08 -16.82
N PHE C 701 -44.29 -27.20 -16.99
CA PHE C 701 -44.73 -28.23 -17.92
C PHE C 701 -45.86 -29.08 -17.34
N ILE C 702 -45.84 -29.32 -16.02
CA ILE C 702 -46.93 -30.03 -15.36
C ILE C 702 -47.71 -29.04 -14.51
N ILE C 703 -48.77 -28.46 -15.10
CA ILE C 703 -49.50 -27.40 -14.43
C ILE C 703 -50.12 -27.84 -13.10
N PRO C 704 -50.77 -29.01 -12.99
CA PRO C 704 -51.43 -29.34 -11.72
C PRO C 704 -50.47 -29.44 -10.53
N LEU C 705 -49.18 -29.63 -10.77
CA LEU C 705 -48.22 -29.77 -9.69
C LEU C 705 -47.97 -28.46 -8.95
N VAL C 706 -48.42 -27.33 -9.50
CA VAL C 706 -48.22 -26.04 -8.83
C VAL C 706 -49.02 -26.00 -7.53
N GLY C 707 -50.26 -26.48 -7.55
CA GLY C 707 -51.10 -26.49 -6.37
C GLY C 707 -50.86 -27.62 -5.40
N CYS C 708 -49.92 -28.51 -5.70
CA CYS C 708 -49.61 -29.64 -4.84
C CYS C 708 -48.48 -29.35 -3.86
N GLY C 709 -48.02 -28.11 -3.77
CA GLY C 709 -46.96 -27.75 -2.86
C GLY C 709 -45.56 -28.01 -3.37
N PHE C 710 -45.39 -28.29 -4.66
CA PHE C 710 -44.06 -28.54 -5.19
C PHE C 710 -43.21 -27.28 -5.18
N VAL C 711 -43.81 -26.13 -5.50
CA VAL C 711 -43.10 -24.87 -5.57
C VAL C 711 -43.43 -24.06 -4.31
N SER C 712 -42.40 -23.64 -3.59
CA SER C 712 -42.60 -22.83 -2.41
C SER C 712 -42.75 -21.36 -2.80
N PHE C 713 -43.52 -20.63 -2.00
CA PHE C 713 -43.81 -19.23 -2.26
C PHE C 713 -43.33 -18.36 -1.10
N ARG C 714 -43.07 -17.10 -1.40
CA ARG C 714 -42.57 -16.17 -0.39
C ARG C 714 -43.60 -15.92 0.70
N LYS C 715 -44.87 -15.77 0.32
CA LYS C 715 -45.94 -15.50 1.27
C LYS C 715 -47.00 -16.60 1.17
N LYS C 716 -48.12 -16.38 1.84
CA LYS C 716 -49.22 -17.32 1.90
C LYS C 716 -50.53 -16.62 1.54
N PRO C 717 -51.51 -17.35 1.00
CA PRO C 717 -52.81 -16.77 0.64
C PRO C 717 -53.54 -16.18 1.84
N LYS C 723 -56.26 -20.53 -1.41
CA LYS C 723 -57.54 -20.67 -2.10
C LYS C 723 -57.39 -21.52 -3.36
N LEU C 724 -56.16 -22.01 -3.58
CA LEU C 724 -55.81 -22.91 -4.67
C LEU C 724 -55.83 -22.18 -6.01
N LEU C 725 -56.31 -20.94 -6.02
CA LEU C 725 -56.26 -20.08 -7.20
C LEU C 725 -55.18 -19.02 -7.09
N TRP C 726 -54.99 -18.47 -5.88
CA TRP C 726 -53.90 -17.53 -5.67
C TRP C 726 -52.55 -18.15 -5.96
N TYR C 727 -52.40 -19.45 -5.70
CA TYR C 727 -51.14 -20.12 -6.01
C TYR C 727 -50.85 -20.08 -7.50
N TYR C 728 -51.83 -20.43 -8.33
CA TYR C 728 -51.62 -20.42 -9.78
C TYR C 728 -51.46 -19.01 -10.31
N VAL C 729 -52.19 -18.05 -9.74
CA VAL C 729 -52.05 -16.66 -10.18
C VAL C 729 -50.65 -16.15 -9.87
N ALA C 730 -50.15 -16.43 -8.66
CA ALA C 730 -48.82 -15.99 -8.27
C ALA C 730 -47.74 -16.70 -9.07
N PHE C 731 -47.95 -17.98 -9.39
CA PHE C 731 -46.97 -18.71 -10.18
C PHE C 731 -46.89 -18.16 -11.60
N PHE C 732 -48.04 -18.00 -12.26
CA PHE C 732 -48.05 -17.63 -13.67
C PHE C 732 -47.89 -16.14 -13.90
N THR C 733 -47.86 -15.32 -12.86
CA THR C 733 -47.52 -13.91 -12.98
C THR C 733 -46.06 -13.65 -12.64
N SER C 734 -45.30 -14.68 -12.29
CA SER C 734 -43.89 -14.51 -11.97
C SER C 734 -43.11 -14.25 -13.25
N PRO C 735 -42.28 -13.20 -13.30
CA PRO C 735 -41.52 -12.92 -14.53
C PRO C 735 -40.63 -14.07 -14.96
N PHE C 736 -40.05 -14.82 -14.02
CA PHE C 736 -39.29 -16.02 -14.37
C PHE C 736 -40.18 -17.03 -15.09
N VAL C 737 -41.35 -17.31 -14.52
CA VAL C 737 -42.28 -18.26 -15.12
C VAL C 737 -42.78 -17.77 -16.46
N VAL C 738 -43.10 -16.48 -16.54
CA VAL C 738 -43.62 -15.91 -17.79
C VAL C 738 -42.56 -16.00 -18.88
N PHE C 739 -41.30 -15.69 -18.53
CA PHE C 739 -40.20 -15.79 -19.49
C PHE C 739 -40.03 -17.22 -19.99
N SER C 740 -40.01 -18.18 -19.07
CA SER C 740 -39.84 -19.58 -19.45
C SER C 740 -41.00 -20.05 -20.32
N TRP C 741 -42.23 -19.68 -19.95
CA TRP C 741 -43.40 -20.05 -20.74
C TRP C 741 -43.34 -19.42 -22.13
N ASN C 742 -42.89 -18.18 -22.22
CA ASN C 742 -42.80 -17.52 -23.52
C ASN C 742 -41.77 -18.20 -24.40
N VAL C 743 -40.64 -18.61 -23.84
CA VAL C 743 -39.64 -19.32 -24.63
C VAL C 743 -40.17 -20.67 -25.09
N VAL C 744 -40.86 -21.39 -24.20
CA VAL C 744 -41.42 -22.69 -24.56
C VAL C 744 -42.47 -22.54 -25.65
N PHE C 745 -43.34 -21.54 -25.52
CA PHE C 745 -44.37 -21.32 -26.52
C PHE C 745 -43.78 -20.82 -27.83
N TYR C 746 -42.66 -20.11 -27.79
CA TYR C 746 -41.97 -19.73 -29.02
C TYR C 746 -41.40 -20.95 -29.73
N ILE C 747 -40.84 -21.89 -28.96
CA ILE C 747 -40.37 -23.13 -29.57
C ILE C 747 -41.53 -23.90 -30.19
N ALA C 748 -42.66 -23.94 -29.48
CA ALA C 748 -43.84 -24.62 -30.02
C ALA C 748 -44.35 -23.92 -31.28
N PHE C 749 -44.32 -22.60 -31.30
CA PHE C 749 -44.75 -21.85 -32.48
C PHE C 749 -43.81 -22.09 -33.65
N LEU C 750 -42.51 -22.22 -33.38
CA LEU C 750 -41.56 -22.57 -34.42
C LEU C 750 -41.84 -23.98 -34.97
N LEU C 751 -42.16 -24.92 -34.09
CA LEU C 751 -42.51 -26.26 -34.54
C LEU C 751 -43.77 -26.25 -35.40
N LEU C 752 -44.78 -25.47 -34.99
CA LEU C 752 -45.99 -25.35 -35.80
C LEU C 752 -45.70 -24.69 -37.14
N PHE C 753 -44.83 -23.67 -37.14
CA PHE C 753 -44.43 -23.02 -38.39
C PHE C 753 -43.76 -24.01 -39.34
N ALA C 754 -42.85 -24.83 -38.80
CA ALA C 754 -42.18 -25.83 -39.63
C ALA C 754 -43.18 -26.85 -40.17
N TYR C 755 -44.12 -27.28 -39.32
CA TYR C 755 -45.13 -28.24 -39.77
C TYR C 755 -45.98 -27.65 -40.89
N VAL C 756 -46.39 -26.39 -40.74
CA VAL C 756 -47.21 -25.74 -41.77
C VAL C 756 -46.42 -25.60 -43.06
N LEU C 757 -45.14 -25.23 -42.96
CA LEU C 757 -44.33 -25.06 -44.16
C LEU C 757 -44.10 -26.39 -44.88
N LEU C 758 -43.90 -27.47 -44.13
CA LEU C 758 -43.52 -28.73 -44.73
C LEU C 758 -44.70 -29.60 -45.15
N MET C 759 -45.86 -29.46 -44.50
CA MET C 759 -46.97 -30.38 -44.76
C MET C 759 -48.34 -29.71 -44.84
N ASP C 760 -48.43 -28.40 -44.70
CA ASP C 760 -49.73 -27.72 -44.64
C ASP C 760 -49.74 -26.47 -45.52
N PHE C 761 -49.27 -26.62 -46.76
CA PHE C 761 -49.29 -25.54 -47.74
C PHE C 761 -49.96 -26.06 -49.01
N HIS C 762 -51.26 -25.83 -49.13
CA HIS C 762 -52.07 -26.34 -50.24
C HIS C 762 -52.93 -25.24 -50.83
N SER C 763 -52.37 -24.04 -50.98
CA SER C 763 -53.02 -22.89 -51.60
C SER C 763 -54.32 -22.50 -50.89
N VAL C 764 -54.47 -22.87 -49.63
CA VAL C 764 -55.63 -22.49 -48.83
C VAL C 764 -55.21 -22.47 -47.37
N PRO C 765 -55.74 -21.54 -46.56
CA PRO C 765 -55.37 -21.50 -45.14
C PRO C 765 -56.08 -22.60 -44.35
N HIS C 766 -55.34 -23.63 -43.98
CA HIS C 766 -55.84 -24.68 -43.11
C HIS C 766 -55.82 -24.19 -41.66
N PRO C 767 -56.59 -24.84 -40.77
CA PRO C 767 -56.69 -24.36 -39.38
C PRO C 767 -55.33 -24.17 -38.72
N PRO C 768 -54.33 -25.04 -38.99
CA PRO C 768 -52.99 -24.72 -38.49
C PRO C 768 -52.47 -23.38 -38.99
N GLU C 769 -52.77 -23.02 -40.23
CA GLU C 769 -52.33 -21.72 -40.76
C GLU C 769 -52.99 -20.57 -40.01
N LEU C 770 -54.28 -20.68 -39.70
CA LEU C 770 -54.94 -19.62 -38.95
C LEU C 770 -54.42 -19.54 -37.52
N VAL C 771 -54.11 -20.69 -36.91
CA VAL C 771 -53.50 -20.68 -35.58
C VAL C 771 -52.15 -19.97 -35.62
N LEU C 772 -51.33 -20.28 -36.63
CA LEU C 772 -50.04 -19.62 -36.78
C LEU C 772 -50.22 -18.13 -37.01
N TYR C 773 -51.22 -17.74 -37.79
CA TYR C 773 -51.48 -16.33 -38.03
C TYR C 773 -51.86 -15.61 -36.74
N SER C 774 -52.69 -16.25 -35.91
CA SER C 774 -53.05 -15.64 -34.63
C SER C 774 -51.84 -15.51 -33.71
N LEU C 775 -50.98 -16.53 -33.69
CA LEU C 775 -49.77 -16.43 -32.86
C LEU C 775 -48.87 -15.30 -33.33
N VAL C 776 -48.71 -15.17 -34.66
CA VAL C 776 -47.91 -14.06 -35.20
C VAL C 776 -48.57 -12.73 -34.90
N PHE C 777 -49.91 -12.69 -34.87
CA PHE C 777 -50.61 -11.46 -34.53
C PHE C 777 -50.31 -11.05 -33.08
N VAL C 778 -50.32 -12.01 -32.16
CA VAL C 778 -50.00 -11.70 -30.77
C VAL C 778 -48.54 -11.26 -30.64
N LEU C 779 -47.65 -11.88 -31.41
CA LEU C 779 -46.27 -11.43 -31.43
C LEU C 779 -46.16 -9.99 -31.94
N PHE C 780 -46.96 -9.64 -32.95
CA PHE C 780 -46.98 -8.28 -33.48
C PHE C 780 -47.50 -7.30 -32.43
N CYS C 781 -48.51 -7.72 -31.67
CA CYS C 781 -49.02 -6.86 -30.59
C CYS C 781 -47.94 -6.63 -29.53
N ASP C 782 -47.19 -7.67 -29.18
CA ASP C 782 -46.10 -7.50 -28.23
C ASP C 782 -45.03 -6.55 -28.78
N GLU C 783 -44.72 -6.68 -30.08
CA GLU C 783 -43.74 -5.79 -30.69
C GLU C 783 -44.24 -4.34 -30.72
N VAL C 784 -45.53 -4.15 -30.95
CA VAL C 784 -46.10 -2.80 -30.93
C VAL C 784 -46.02 -2.21 -29.53
N ARG C 785 -46.28 -3.03 -28.51
CA ARG C 785 -46.13 -2.56 -27.14
C ARG C 785 -44.68 -2.17 -26.85
N GLN C 786 -43.73 -2.95 -27.36
CA GLN C 786 -42.32 -2.61 -27.18
C GLN C 786 -41.98 -1.29 -27.88
N TRP C 787 -42.52 -1.10 -29.09
CA TRP C 787 -42.34 0.19 -29.78
C TRP C 787 -42.85 1.33 -28.92
N TYR C 788 -44.08 1.20 -28.43
CA TYR C 788 -44.70 2.28 -27.66
C TYR C 788 -43.92 2.57 -26.39
N VAL C 789 -43.44 1.53 -25.72
CA VAL C 789 -42.73 1.71 -24.46
C VAL C 789 -41.35 2.34 -24.70
N ASN C 790 -40.61 1.85 -25.69
CA ASN C 790 -39.22 2.25 -25.86
C ASN C 790 -39.03 3.43 -26.80
N GLY C 791 -40.08 3.92 -27.46
CA GLY C 791 -39.88 5.08 -28.31
C GLY C 791 -39.03 4.74 -29.52
N VAL C 792 -38.23 5.74 -29.94
CA VAL C 792 -37.34 5.55 -31.09
C VAL C 792 -36.06 4.82 -30.74
N ASN C 793 -35.75 4.69 -29.45
CA ASN C 793 -34.54 3.96 -29.04
C ASN C 793 -34.68 2.46 -29.21
N TYR C 794 -35.88 1.95 -29.50
CA TYR C 794 -36.06 0.52 -29.70
C TYR C 794 -35.30 0.04 -30.92
N PHE C 795 -35.33 0.82 -32.01
CA PHE C 795 -34.67 0.43 -33.25
C PHE C 795 -33.21 0.86 -33.26
N THR C 796 -32.48 0.34 -32.27
CA THR C 796 -31.05 0.64 -32.15
C THR C 796 -30.25 -0.63 -31.90
N ASP C 797 -30.92 -1.68 -31.40
CA ASP C 797 -30.24 -2.91 -31.04
C ASP C 797 -29.90 -3.78 -32.25
N LEU C 798 -30.53 -3.52 -33.40
CA LEU C 798 -30.30 -4.25 -34.65
C LEU C 798 -30.88 -5.66 -34.56
N TRP C 799 -31.30 -6.07 -33.38
CA TRP C 799 -32.01 -7.33 -33.19
C TRP C 799 -33.49 -7.14 -32.93
N ASN C 800 -33.88 -6.02 -32.32
CA ASN C 800 -35.28 -5.61 -32.34
C ASN C 800 -35.73 -5.24 -33.75
N VAL C 801 -34.84 -4.59 -34.51
CA VAL C 801 -35.12 -4.30 -35.90
C VAL C 801 -35.33 -5.59 -36.67
N MET C 802 -34.56 -6.62 -36.36
CA MET C 802 -34.74 -7.91 -37.01
C MET C 802 -36.11 -8.51 -36.72
N ASP C 803 -36.58 -8.40 -35.47
CA ASP C 803 -37.90 -8.92 -35.13
C ASP C 803 -39.00 -8.14 -35.85
N THR C 804 -38.89 -6.82 -35.89
CA THR C 804 -39.87 -6.01 -36.61
C THR C 804 -39.88 -6.36 -38.10
N LEU C 805 -38.70 -6.51 -38.70
CA LEU C 805 -38.63 -6.85 -40.11
C LEU C 805 -39.16 -8.26 -40.37
N GLY C 806 -38.96 -9.18 -39.44
CA GLY C 806 -39.51 -10.51 -39.60
C GLY C 806 -41.03 -10.51 -39.55
N LEU C 807 -41.61 -9.71 -38.65
CA LEU C 807 -43.07 -9.61 -38.61
C LEU C 807 -43.61 -8.96 -39.88
N PHE C 808 -42.91 -7.92 -40.38
CA PHE C 808 -43.33 -7.29 -41.62
C PHE C 808 -43.24 -8.26 -42.80
N TYR C 809 -42.18 -9.07 -42.82
CA TYR C 809 -42.03 -10.08 -43.86
C TYR C 809 -43.12 -11.14 -43.77
N PHE C 810 -43.54 -11.50 -42.55
CA PHE C 810 -44.66 -12.40 -42.40
C PHE C 810 -45.94 -11.80 -42.95
N ILE C 811 -46.17 -10.50 -42.70
CA ILE C 811 -47.34 -9.83 -43.26
C ILE C 811 -47.28 -9.87 -44.79
N ALA C 812 -46.11 -9.58 -45.37
CA ALA C 812 -45.98 -9.60 -46.82
C ALA C 812 -46.21 -11.01 -47.37
N GLY C 813 -45.71 -12.03 -46.68
CA GLY C 813 -45.94 -13.40 -47.12
C GLY C 813 -47.40 -13.80 -47.04
N ILE C 814 -48.11 -13.33 -46.01
CA ILE C 814 -49.54 -13.57 -45.91
C ILE C 814 -50.26 -12.92 -47.08
N VAL C 815 -49.86 -11.69 -47.43
CA VAL C 815 -50.49 -10.99 -48.56
C VAL C 815 -50.25 -11.77 -49.85
N PHE C 816 -49.02 -12.25 -50.06
CA PHE C 816 -48.72 -13.01 -51.26
C PHE C 816 -49.48 -14.32 -51.29
N ARG C 817 -49.61 -14.98 -50.14
CA ARG C 817 -50.28 -16.28 -50.08
C ARG C 817 -51.78 -16.17 -50.28
N LEU C 818 -52.38 -15.07 -49.83
CA LEU C 818 -53.82 -14.89 -49.98
C LEU C 818 -54.23 -14.73 -51.44
N HIS C 819 -53.29 -14.39 -52.32
CA HIS C 819 -53.57 -14.30 -53.75
C HIS C 819 -53.51 -15.70 -54.35
N SER C 820 -54.62 -16.43 -54.18
CA SER C 820 -54.71 -17.78 -54.70
C SER C 820 -54.86 -17.75 -56.22
N SER C 821 -54.87 -18.94 -56.82
CA SER C 821 -54.92 -19.10 -58.27
C SER C 821 -53.77 -18.36 -58.96
N ASN C 822 -52.59 -18.42 -58.34
CA ASN C 822 -51.40 -17.79 -58.88
C ASN C 822 -50.19 -18.55 -58.35
N LYS C 823 -49.56 -19.33 -59.22
CA LYS C 823 -48.41 -20.14 -58.79
C LYS C 823 -47.25 -19.27 -58.35
N SER C 824 -47.00 -18.17 -59.07
CA SER C 824 -45.90 -17.28 -58.72
C SER C 824 -46.12 -16.66 -57.34
N SER C 825 -47.34 -16.21 -57.06
CA SER C 825 -47.63 -15.63 -55.75
C SER C 825 -47.47 -16.67 -54.64
N LEU C 826 -47.94 -17.89 -54.87
CA LEU C 826 -47.81 -18.93 -53.86
C LEU C 826 -46.36 -19.27 -53.60
N TYR C 827 -45.54 -19.36 -54.66
CA TYR C 827 -44.13 -19.65 -54.46
C TYR C 827 -43.42 -18.52 -53.74
N SER C 828 -43.76 -17.27 -54.08
CA SER C 828 -43.18 -16.14 -53.36
C SER C 828 -43.57 -16.17 -51.88
N GLY C 829 -44.82 -16.50 -51.60
CA GLY C 829 -45.23 -16.63 -50.21
C GLY C 829 -44.49 -17.72 -49.47
N ARG C 830 -44.29 -18.87 -50.12
CA ARG C 830 -43.54 -19.95 -49.49
C ARG C 830 -42.10 -19.55 -49.22
N VAL C 831 -41.46 -18.88 -50.18
CA VAL C 831 -40.07 -18.45 -50.00
C VAL C 831 -39.98 -17.44 -48.87
N ILE C 832 -40.91 -16.49 -48.82
CA ILE C 832 -40.92 -15.50 -47.75
C ILE C 832 -41.13 -16.17 -46.40
N PHE C 833 -42.01 -17.18 -46.34
CA PHE C 833 -42.25 -17.88 -45.09
C PHE C 833 -41.02 -18.66 -44.64
N CYS C 834 -40.28 -19.25 -45.58
CA CYS C 834 -39.05 -19.95 -45.20
C CYS C 834 -38.00 -18.97 -44.68
N LEU C 835 -37.84 -17.83 -45.35
CA LEU C 835 -36.91 -16.81 -44.88
C LEU C 835 -37.30 -16.31 -43.50
N ASP C 836 -38.61 -16.15 -43.26
CA ASP C 836 -39.07 -15.71 -41.95
C ASP C 836 -38.89 -16.79 -40.90
N TYR C 837 -38.97 -18.06 -41.29
CA TYR C 837 -38.65 -19.13 -40.35
C TYR C 837 -37.20 -19.04 -39.92
N ILE C 838 -36.32 -18.76 -40.87
CA ILE C 838 -34.91 -18.55 -40.52
C ILE C 838 -34.77 -17.36 -39.57
N ILE C 839 -35.50 -16.28 -39.84
CA ILE C 839 -35.44 -15.08 -38.99
C ILE C 839 -35.91 -15.41 -37.56
N PHE C 840 -37.02 -16.12 -37.45
CA PHE C 840 -37.57 -16.46 -36.14
C PHE C 840 -36.64 -17.37 -35.35
N THR C 841 -36.04 -18.36 -36.04
CA THR C 841 -35.04 -19.18 -35.36
C THR C 841 -33.83 -18.38 -34.95
N LEU C 842 -33.44 -17.38 -35.75
CA LEU C 842 -32.35 -16.49 -35.34
C LEU C 842 -32.71 -15.72 -34.09
N ARG C 843 -33.97 -15.29 -33.98
CA ARG C 843 -34.42 -14.61 -32.77
C ARG C 843 -34.34 -15.54 -31.56
N LEU C 844 -34.76 -16.79 -31.74
CA LEU C 844 -34.65 -17.77 -30.66
C LEU C 844 -33.19 -18.01 -30.27
N ILE C 845 -32.30 -18.07 -31.27
CA ILE C 845 -30.88 -18.26 -31.00
C ILE C 845 -30.32 -17.08 -30.22
N HIS C 846 -30.76 -15.87 -30.56
CA HIS C 846 -30.33 -14.67 -29.83
C HIS C 846 -30.83 -14.72 -28.39
N ILE C 847 -32.07 -15.17 -28.18
CA ILE C 847 -32.59 -15.31 -26.83
C ILE C 847 -31.75 -16.30 -26.04
N PHE C 848 -31.43 -17.44 -26.64
CA PHE C 848 -30.60 -18.44 -25.98
C PHE C 848 -29.22 -17.89 -25.65
N THR C 849 -28.64 -17.12 -26.58
CA THR C 849 -27.32 -16.55 -26.37
C THR C 849 -27.32 -15.56 -25.22
N VAL C 850 -28.35 -14.71 -25.15
CA VAL C 850 -28.43 -13.74 -24.06
C VAL C 850 -28.65 -14.44 -22.73
N SER C 851 -29.54 -15.44 -22.70
CA SER C 851 -29.84 -16.13 -21.45
C SER C 851 -28.64 -16.92 -20.95
N ARG C 852 -27.84 -17.49 -21.86
CA ARG C 852 -26.66 -18.24 -21.45
C ARG C 852 -25.61 -17.32 -20.84
N ASN C 853 -25.43 -16.13 -21.41
CA ASN C 853 -24.42 -15.18 -20.97
C ASN C 853 -24.97 -14.09 -20.07
N LEU C 854 -26.08 -14.37 -19.39
CA LEU C 854 -26.72 -13.38 -18.51
C LEU C 854 -25.91 -13.32 -17.22
N GLY C 855 -24.84 -12.53 -17.26
CA GLY C 855 -23.95 -12.40 -16.14
C GLY C 855 -22.76 -11.53 -16.47
N PRO C 856 -21.58 -11.91 -15.99
CA PRO C 856 -20.37 -11.13 -16.31
C PRO C 856 -20.04 -11.06 -17.79
N LYS C 857 -20.50 -12.02 -18.59
CA LYS C 857 -20.17 -12.07 -20.01
C LYS C 857 -21.13 -11.28 -20.89
N ILE C 858 -22.14 -10.63 -20.30
CA ILE C 858 -23.08 -9.87 -21.10
C ILE C 858 -22.41 -8.66 -21.73
N ILE C 859 -21.42 -8.06 -21.04
CA ILE C 859 -20.69 -6.94 -21.61
C ILE C 859 -19.93 -7.37 -22.86
N MET C 860 -19.20 -8.48 -22.76
CA MET C 860 -18.47 -9.01 -23.90
C MET C 860 -19.40 -9.37 -25.04
N LEU C 861 -20.53 -9.99 -24.72
CA LEU C 861 -21.49 -10.37 -25.76
C LEU C 861 -22.03 -9.14 -26.49
N GLN C 862 -22.45 -8.12 -25.74
CA GLN C 862 -23.02 -6.93 -26.34
C GLN C 862 -22.00 -6.18 -27.19
N ARG C 863 -20.76 -6.09 -26.71
CA ARG C 863 -19.71 -5.46 -27.51
C ARG C 863 -19.42 -6.25 -28.77
N MET C 864 -19.32 -7.58 -28.65
CA MET C 864 -18.96 -8.41 -29.78
C MET C 864 -20.03 -8.37 -30.87
N LEU C 865 -21.30 -8.28 -30.48
CA LEU C 865 -22.36 -8.20 -31.47
C LEU C 865 -22.17 -6.98 -32.37
N ILE C 866 -21.99 -5.81 -31.78
CA ILE C 866 -21.81 -4.59 -32.55
C ILE C 866 -20.53 -4.64 -33.37
N ASP C 867 -19.46 -5.17 -32.77
CA ASP C 867 -18.17 -5.20 -33.48
C ASP C 867 -18.23 -6.12 -34.70
N VAL C 868 -18.82 -7.31 -34.55
CA VAL C 868 -18.96 -8.22 -35.68
C VAL C 868 -19.91 -7.63 -36.72
N PHE C 869 -20.94 -6.90 -36.28
CA PHE C 869 -21.82 -6.25 -37.24
C PHE C 869 -21.07 -5.22 -38.08
N PHE C 870 -20.20 -4.43 -37.45
CA PHE C 870 -19.41 -3.47 -38.20
C PHE C 870 -18.44 -4.15 -39.15
N PHE C 871 -17.82 -5.25 -38.70
CA PHE C 871 -16.92 -6.00 -39.57
C PHE C 871 -17.68 -6.55 -40.78
N LEU C 872 -18.89 -7.07 -40.58
CA LEU C 872 -19.69 -7.58 -41.68
C LEU C 872 -20.15 -6.46 -42.61
N PHE C 873 -20.42 -5.27 -42.08
CA PHE C 873 -20.73 -4.14 -42.94
C PHE C 873 -19.55 -3.77 -43.82
N LEU C 874 -18.34 -3.76 -43.25
CA LEU C 874 -17.16 -3.46 -44.05
C LEU C 874 -16.92 -4.53 -45.10
N PHE C 875 -17.17 -5.80 -44.75
CA PHE C 875 -17.07 -6.87 -45.73
C PHE C 875 -18.09 -6.70 -46.84
N ALA C 876 -19.30 -6.23 -46.51
CA ALA C 876 -20.31 -5.98 -47.53
C ALA C 876 -19.89 -4.85 -48.46
N VAL C 877 -19.28 -3.80 -47.91
CA VAL C 877 -18.78 -2.72 -48.75
C VAL C 877 -17.70 -3.23 -49.70
N TRP C 878 -16.78 -4.05 -49.18
CA TRP C 878 -15.75 -4.63 -50.03
C TRP C 878 -16.37 -5.53 -51.09
N MET C 879 -17.41 -6.28 -50.73
CA MET C 879 -18.08 -7.15 -51.68
C MET C 879 -18.75 -6.35 -52.79
N VAL C 880 -19.35 -5.22 -52.44
CA VAL C 880 -19.94 -4.36 -53.47
C VAL C 880 -18.87 -3.85 -54.42
N ALA C 881 -17.72 -3.43 -53.88
CA ALA C 881 -16.61 -3.01 -54.74
C ALA C 881 -16.14 -4.14 -55.64
N PHE C 882 -16.02 -5.35 -55.09
CA PHE C 882 -15.57 -6.50 -55.86
C PHE C 882 -16.57 -6.85 -56.97
N GLY C 883 -17.86 -6.76 -56.68
CA GLY C 883 -18.87 -6.99 -57.70
C GLY C 883 -18.82 -5.95 -58.81
N VAL C 884 -18.61 -4.69 -58.43
CA VAL C 884 -18.46 -3.65 -59.44
C VAL C 884 -17.26 -3.92 -60.33
N ALA C 885 -16.13 -4.31 -59.72
CA ALA C 885 -14.94 -4.61 -60.50
C ALA C 885 -15.15 -5.80 -61.43
N ARG C 886 -15.81 -6.85 -60.94
CA ARG C 886 -16.09 -8.02 -61.76
C ARG C 886 -17.00 -7.67 -62.93
N GLN C 887 -18.05 -6.89 -62.68
CA GLN C 887 -18.96 -6.49 -63.75
C GLN C 887 -18.24 -5.63 -64.77
N GLY C 888 -17.34 -4.76 -64.32
CA GLY C 888 -16.57 -3.95 -65.24
C GLY C 888 -15.51 -4.73 -66.01
N ILE C 889 -15.08 -5.86 -65.48
CA ILE C 889 -14.08 -6.69 -66.16
C ILE C 889 -14.72 -7.73 -67.05
N LEU C 890 -15.67 -8.50 -66.50
CA LEU C 890 -16.28 -9.59 -67.26
C LEU C 890 -17.30 -9.08 -68.27
N ARG C 891 -18.35 -8.44 -67.79
CA ARG C 891 -19.41 -7.96 -68.65
C ARG C 891 -18.99 -6.64 -69.32
N GLN C 892 -19.93 -5.98 -69.98
CA GLN C 892 -19.65 -4.72 -70.65
C GLN C 892 -20.00 -3.53 -69.76
N ARG C 896 -29.76 -1.19 -69.06
CA ARG C 896 -30.32 -2.10 -68.07
C ARG C 896 -29.77 -1.80 -66.68
N TRP C 897 -30.23 -0.70 -66.09
CA TRP C 897 -29.75 -0.32 -64.77
C TRP C 897 -30.12 -1.34 -63.71
N ARG C 898 -31.34 -1.87 -63.77
CA ARG C 898 -31.77 -2.87 -62.80
C ARG C 898 -30.93 -4.14 -62.91
N TRP C 899 -30.67 -4.60 -64.14
CA TRP C 899 -29.85 -5.79 -64.32
C TRP C 899 -28.42 -5.56 -63.83
N ILE C 900 -27.86 -4.38 -64.12
CA ILE C 900 -26.50 -4.08 -63.67
C ILE C 900 -26.43 -4.05 -62.15
N PHE C 901 -27.42 -3.42 -61.51
CA PHE C 901 -27.44 -3.37 -60.05
C PHE C 901 -27.58 -4.78 -59.45
N ARG C 902 -28.47 -5.59 -60.02
CA ARG C 902 -28.64 -6.95 -59.53
C ARG C 902 -27.36 -7.75 -59.66
N SER C 903 -26.69 -7.65 -60.81
CA SER C 903 -25.43 -8.35 -61.01
C SER C 903 -24.37 -7.89 -60.01
N VAL C 904 -24.24 -6.57 -59.84
CA VAL C 904 -23.24 -6.04 -58.93
C VAL C 904 -23.49 -6.54 -57.50
N ILE C 905 -24.75 -6.53 -57.06
CA ILE C 905 -25.05 -6.91 -55.68
C ILE C 905 -24.87 -8.41 -55.48
N TYR C 906 -25.37 -9.23 -56.41
CA TYR C 906 -25.48 -10.67 -56.18
C TYR C 906 -24.40 -11.50 -56.86
N GLU C 907 -23.43 -10.88 -57.52
CA GLU C 907 -22.38 -11.67 -58.15
C GLU C 907 -21.35 -12.15 -57.15
N PRO C 908 -20.74 -11.26 -56.33
CA PRO C 908 -19.69 -11.75 -55.41
C PRO C 908 -20.20 -12.74 -54.39
N TYR C 909 -21.43 -12.57 -53.90
CA TYR C 909 -21.96 -13.47 -52.88
C TYR C 909 -22.13 -14.89 -53.44
N LEU C 910 -22.62 -15.01 -54.67
CA LEU C 910 -22.75 -16.31 -55.29
C LEU C 910 -21.40 -16.88 -55.72
N ALA C 911 -20.48 -16.01 -56.15
CA ALA C 911 -19.18 -16.49 -56.63
C ALA C 911 -18.33 -17.03 -55.49
N MET C 912 -18.22 -16.26 -54.39
CA MET C 912 -17.35 -16.68 -53.30
C MET C 912 -17.98 -17.77 -52.44
N PHE C 913 -19.31 -17.81 -52.37
CA PHE C 913 -20.00 -18.77 -51.52
C PHE C 913 -20.93 -19.66 -52.34
N GLY C 914 -20.45 -20.16 -53.47
CA GLY C 914 -21.24 -21.04 -54.31
C GLY C 914 -20.71 -21.13 -55.74
N PRO C 953 -3.28 -8.87 -69.43
CA PRO C 953 -3.27 -9.77 -68.26
C PRO C 953 -1.86 -10.11 -67.80
N GLU C 954 -0.90 -9.24 -68.11
CA GLU C 954 0.49 -9.42 -67.71
C GLU C 954 0.89 -8.51 -66.54
N TRP C 955 0.48 -7.26 -66.56
CA TRP C 955 0.78 -6.31 -65.49
C TRP C 955 -0.40 -6.11 -64.55
N ILE C 956 -1.41 -6.97 -64.60
CA ILE C 956 -2.56 -6.86 -63.73
C ILE C 956 -2.64 -7.96 -62.68
N THR C 957 -1.88 -9.05 -62.84
CA THR C 957 -1.95 -10.15 -61.88
C THR C 957 -1.26 -9.80 -60.57
N ILE C 958 -0.07 -9.18 -60.64
CA ILE C 958 0.62 -8.79 -59.41
C ILE C 958 -0.17 -7.75 -58.62
N PRO C 959 -0.69 -6.67 -59.23
CA PRO C 959 -1.57 -5.79 -58.46
C PRO C 959 -2.83 -6.47 -57.96
N LEU C 960 -3.35 -7.45 -58.69
CA LEU C 960 -4.52 -8.18 -58.19
C LEU C 960 -4.18 -8.93 -56.91
N VAL C 961 -3.03 -9.62 -56.89
CA VAL C 961 -2.59 -10.30 -55.67
C VAL C 961 -2.36 -9.29 -54.55
N CYS C 962 -1.77 -8.13 -54.88
CA CYS C 962 -1.51 -7.12 -53.87
C CYS C 962 -2.81 -6.59 -53.25
N ILE C 963 -3.82 -6.32 -54.09
CA ILE C 963 -5.07 -5.79 -53.55
C ILE C 963 -5.82 -6.88 -52.79
N TYR C 964 -5.69 -8.15 -53.20
CA TYR C 964 -6.26 -9.22 -52.41
C TYR C 964 -5.61 -9.30 -51.04
N MET C 965 -4.28 -9.13 -50.98
CA MET C 965 -3.58 -9.14 -49.70
C MET C 965 -4.00 -7.96 -48.84
N LEU C 966 -4.15 -6.78 -49.44
CA LEU C 966 -4.56 -5.60 -48.69
C LEU C 966 -5.98 -5.75 -48.14
N SER C 967 -6.89 -6.28 -48.96
CA SER C 967 -8.25 -6.52 -48.50
C SER C 967 -8.29 -7.54 -47.39
N THR C 968 -7.51 -8.63 -47.52
CA THR C 968 -7.42 -9.60 -46.45
C THR C 968 -6.88 -8.96 -45.18
N ASN C 969 -5.87 -8.11 -45.30
CA ASN C 969 -5.29 -7.45 -44.15
C ASN C 969 -6.33 -6.60 -43.43
N ILE C 970 -7.03 -5.72 -44.16
CA ILE C 970 -7.96 -4.81 -43.52
C ILE C 970 -9.15 -5.55 -42.93
N LEU C 971 -9.69 -6.53 -43.66
CA LEU C 971 -10.85 -7.26 -43.16
C LEU C 971 -10.49 -8.14 -41.96
N LEU C 972 -9.32 -8.79 -42.00
CA LEU C 972 -8.87 -9.60 -40.88
C LEU C 972 -8.60 -8.73 -39.67
N VAL C 973 -8.04 -7.54 -39.86
CA VAL C 973 -7.80 -6.65 -38.73
C VAL C 973 -9.11 -6.21 -38.12
N ASN C 974 -10.13 -5.95 -38.96
CA ASN C 974 -11.44 -5.61 -38.44
C ASN C 974 -12.03 -6.76 -37.64
N LEU C 975 -11.87 -7.99 -38.13
CA LEU C 975 -12.37 -9.15 -37.39
C LEU C 975 -11.65 -9.31 -36.06
N LEU C 976 -10.32 -9.12 -36.04
CA LEU C 976 -9.58 -9.24 -34.80
C LEU C 976 -9.95 -8.13 -33.81
N VAL C 977 -10.22 -6.93 -34.33
CA VAL C 977 -10.73 -5.86 -33.49
C VAL C 977 -12.07 -6.26 -32.89
N ALA C 978 -12.93 -6.87 -33.70
CA ALA C 978 -14.20 -7.37 -33.18
C ALA C 978 -13.98 -8.39 -32.07
N MET C 979 -12.97 -9.24 -32.21
CA MET C 979 -12.71 -10.27 -31.21
C MET C 979 -12.16 -9.67 -29.92
N PHE C 980 -11.32 -8.64 -30.02
CA PHE C 980 -10.52 -8.19 -28.89
C PHE C 980 -10.92 -6.84 -28.30
N GLY C 981 -11.90 -6.15 -28.89
CA GLY C 981 -12.17 -4.78 -28.48
C GLY C 981 -12.84 -4.64 -27.12
N TYR C 982 -13.53 -5.68 -26.66
CA TYR C 982 -14.21 -5.60 -25.37
C TYR C 982 -13.23 -5.52 -24.21
N THR C 983 -11.97 -5.89 -24.42
CA THR C 983 -10.97 -5.87 -23.36
C THR C 983 -10.33 -4.50 -23.17
N VAL C 984 -10.68 -3.51 -23.99
CA VAL C 984 -10.08 -2.19 -23.95
C VAL C 984 -11.11 -1.19 -23.44
N GLY C 985 -10.72 -0.41 -22.44
CA GLY C 985 -11.61 0.59 -21.87
C GLY C 985 -11.48 0.70 -20.37
N ASN C 991 -15.79 -3.30 -12.87
CA ASN C 991 -15.81 -4.60 -13.55
C ASN C 991 -17.09 -5.35 -13.22
N ASP C 992 -17.29 -5.64 -11.92
CA ASP C 992 -18.53 -6.28 -11.50
C ASP C 992 -19.72 -5.33 -11.62
N GLN C 993 -19.48 -4.04 -11.35
CA GLN C 993 -20.56 -3.07 -11.37
C GLN C 993 -21.15 -2.93 -12.77
N VAL C 994 -20.32 -3.00 -13.80
CA VAL C 994 -20.80 -2.80 -15.17
C VAL C 994 -21.77 -3.91 -15.56
N TRP C 995 -21.36 -5.17 -15.36
CA TRP C 995 -22.23 -6.27 -15.73
C TRP C 995 -23.43 -6.38 -14.80
N LYS C 996 -23.27 -5.98 -13.53
CA LYS C 996 -24.43 -5.96 -12.64
C LYS C 996 -25.45 -4.91 -13.09
N PHE C 997 -24.98 -3.75 -13.54
CA PHE C 997 -25.87 -2.73 -14.08
C PHE C 997 -26.58 -3.23 -15.33
N GLN C 998 -25.85 -3.91 -16.22
CA GLN C 998 -26.49 -4.45 -17.42
C GLN C 998 -27.52 -5.53 -17.08
N ARG C 999 -27.19 -6.38 -16.11
CA ARG C 999 -28.12 -7.41 -15.67
C ARG C 999 -29.39 -6.79 -15.08
N TYR C 1000 -29.22 -5.75 -14.26
CA TYR C 1000 -30.39 -5.05 -13.72
C TYR C 1000 -31.21 -4.44 -14.85
N PHE C 1001 -30.54 -3.83 -15.83
CA PHE C 1001 -31.26 -3.21 -16.93
C PHE C 1001 -32.13 -4.23 -17.65
N LEU C 1002 -31.54 -5.38 -18.02
CA LEU C 1002 -32.29 -6.39 -18.76
C LEU C 1002 -33.42 -6.98 -17.91
N VAL C 1003 -33.11 -7.37 -16.68
CA VAL C 1003 -34.11 -8.04 -15.85
C VAL C 1003 -35.24 -7.09 -15.48
N GLN C 1004 -34.93 -5.82 -15.21
CA GLN C 1004 -35.97 -4.85 -14.91
C GLN C 1004 -36.80 -4.53 -16.15
N GLU C 1005 -36.16 -4.51 -17.32
CA GLU C 1005 -36.91 -4.29 -18.56
C GLU C 1005 -37.92 -5.42 -18.77
N TYR C 1006 -37.52 -6.66 -18.51
CA TYR C 1006 -38.47 -7.75 -18.67
C TYR C 1006 -39.51 -7.78 -17.55
N CYS C 1007 -39.13 -7.39 -16.33
CA CYS C 1007 -40.05 -7.45 -15.20
C CYS C 1007 -41.08 -6.33 -15.24
N SER C 1008 -40.85 -5.29 -16.02
CA SER C 1008 -41.76 -4.16 -16.11
C SER C 1008 -42.89 -4.39 -17.11
N ARG C 1009 -42.93 -5.55 -17.76
CA ARG C 1009 -44.01 -5.88 -18.67
C ARG C 1009 -45.26 -6.27 -17.89
N LEU C 1010 -46.31 -6.67 -18.62
CA LEU C 1010 -47.55 -7.09 -17.98
C LEU C 1010 -47.41 -8.44 -17.28
N ASN C 1011 -46.37 -9.20 -17.58
CA ASN C 1011 -46.11 -10.48 -16.92
C ASN C 1011 -47.30 -11.44 -17.09
N ILE C 1012 -47.85 -11.48 -18.29
CA ILE C 1012 -48.92 -12.40 -18.65
C ILE C 1012 -48.35 -13.41 -19.64
N PRO C 1013 -48.52 -14.71 -19.43
CA PRO C 1013 -47.93 -15.69 -20.35
C PRO C 1013 -48.50 -15.56 -21.77
N PHE C 1014 -47.60 -15.72 -22.73
CA PHE C 1014 -47.99 -15.72 -24.14
C PHE C 1014 -48.79 -16.99 -24.45
N PRO C 1015 -49.84 -16.90 -25.27
CA PRO C 1015 -50.36 -15.72 -25.97
C PRO C 1015 -51.52 -15.07 -25.23
N PHE C 1016 -51.69 -15.33 -23.94
CA PHE C 1016 -52.80 -14.75 -23.19
C PHE C 1016 -52.65 -13.26 -22.95
N ILE C 1017 -51.47 -12.69 -23.25
CA ILE C 1017 -51.25 -11.26 -23.04
C ILE C 1017 -52.04 -10.39 -23.99
N VAL C 1018 -52.62 -10.96 -25.05
CA VAL C 1018 -53.40 -10.16 -25.99
C VAL C 1018 -54.67 -9.64 -25.32
N PHE C 1019 -55.27 -10.45 -24.45
CA PHE C 1019 -56.44 -9.98 -23.70
C PHE C 1019 -56.07 -8.82 -22.78
N ALA C 1020 -54.91 -8.92 -22.12
CA ALA C 1020 -54.46 -7.82 -21.28
C ALA C 1020 -54.20 -6.56 -22.10
N TYR C 1021 -53.61 -6.72 -23.30
CA TYR C 1021 -53.39 -5.57 -24.17
C TYR C 1021 -54.71 -4.93 -24.58
N PHE C 1022 -55.71 -5.74 -24.94
CA PHE C 1022 -57.00 -5.20 -25.33
C PHE C 1022 -57.68 -4.49 -24.17
N TYR C 1023 -57.61 -5.06 -22.97
CA TYR C 1023 -58.19 -4.41 -21.80
C TYR C 1023 -57.49 -3.10 -21.51
N MET C 1024 -56.16 -3.07 -21.63
CA MET C 1024 -55.41 -1.84 -21.38
C MET C 1024 -55.77 -0.77 -22.39
N VAL C 1025 -55.90 -1.14 -23.67
CA VAL C 1025 -56.25 -0.15 -24.68
C VAL C 1025 -57.68 0.33 -24.49
N VAL C 1026 -58.59 -0.54 -24.04
CA VAL C 1026 -59.96 -0.13 -23.77
C VAL C 1026 -59.99 0.85 -22.60
N LYS C 1027 -59.23 0.56 -21.54
CA LYS C 1027 -59.17 1.49 -20.41
C LYS C 1027 -58.56 2.82 -20.80
N LYS C 1028 -57.52 2.80 -21.65
CA LYS C 1028 -56.91 4.04 -22.10
C LYS C 1028 -57.88 4.86 -22.96
N CYS C 1029 -58.64 4.19 -23.83
CA CYS C 1029 -59.63 4.90 -24.63
C CYS C 1029 -60.74 5.48 -23.76
N PHE C 1030 -61.19 4.73 -22.76
CA PHE C 1030 -62.22 5.23 -21.86
C PHE C 1030 -61.72 6.42 -21.05
N LYS C 1031 -60.49 6.35 -20.56
CA LYS C 1031 -59.91 7.43 -19.78
C LYS C 1031 -58.92 8.25 -20.60
N ASP C 1050 -45.66 6.14 4.16
CA ASP C 1050 -44.84 7.12 3.44
C ASP C 1050 -43.95 7.90 4.42
N ASN C 1051 -44.57 8.52 5.41
CA ASN C 1051 -43.80 9.25 6.42
C ASN C 1051 -43.01 8.30 7.31
N GLU C 1052 -43.53 7.08 7.54
CA GLU C 1052 -42.81 6.11 8.34
C GLU C 1052 -41.49 5.72 7.68
N THR C 1053 -41.51 5.50 6.36
CA THR C 1053 -40.29 5.15 5.65
C THR C 1053 -39.27 6.29 5.70
N LEU C 1054 -39.74 7.53 5.54
CA LEU C 1054 -38.84 8.66 5.58
C LEU C 1054 -38.24 8.86 6.97
N ALA C 1055 -39.05 8.66 8.02
CA ALA C 1055 -38.53 8.76 9.38
C ALA C 1055 -37.52 7.67 9.67
N TRP C 1056 -37.80 6.44 9.22
CA TRP C 1056 -36.85 5.35 9.39
C TRP C 1056 -35.55 5.63 8.65
N GLU C 1057 -35.64 6.18 7.43
CA GLU C 1057 -34.44 6.55 6.69
C GLU C 1057 -33.69 7.69 7.37
N GLY C 1058 -34.40 8.61 8.00
CA GLY C 1058 -33.71 9.65 8.77
C GLY C 1058 -32.94 9.07 9.94
N VAL C 1059 -33.53 8.11 10.64
CA VAL C 1059 -32.82 7.44 11.73
C VAL C 1059 -31.60 6.71 11.20
N MET C 1060 -31.76 6.02 10.06
CA MET C 1060 -30.63 5.31 9.47
C MET C 1060 -29.53 6.30 9.05
N LYS C 1061 -29.93 7.46 8.53
CA LYS C 1061 -28.95 8.48 8.15
C LYS C 1061 -28.21 9.00 9.36
N GLU C 1062 -28.92 9.20 10.47
CA GLU C 1062 -28.24 9.62 11.70
C GLU C 1062 -27.24 8.58 12.15
N ASN C 1063 -27.61 7.30 12.10
CA ASN C 1063 -26.68 6.24 12.46
C ASN C 1063 -25.48 6.22 11.53
N TYR C 1064 -25.71 6.41 10.23
CA TYR C 1064 -24.63 6.39 9.25
C TYR C 1064 -23.69 7.58 9.43
N LEU C 1065 -24.24 8.74 9.73
CA LEU C 1065 -23.41 9.92 10.01
C LEU C 1065 -22.57 9.71 11.26
N VAL C 1066 -23.17 9.15 12.31
CA VAL C 1066 -22.42 8.83 13.51
C VAL C 1066 -21.28 7.86 13.19
N LYS C 1067 -21.58 6.85 12.37
CA LYS C 1067 -20.58 5.85 12.02
C LYS C 1067 -19.41 6.47 11.25
N ILE C 1068 -19.70 7.31 10.26
CA ILE C 1068 -18.63 7.90 9.47
C ILE C 1068 -17.85 8.91 10.31
N ASN C 1069 -18.51 9.63 11.20
CA ASN C 1069 -17.79 10.54 12.09
C ASN C 1069 -16.86 9.78 13.03
N THR C 1070 -17.32 8.66 13.58
CA THR C 1070 -16.46 7.86 14.45
C THR C 1070 -15.29 7.25 13.68
N LYS C 1071 -15.55 6.80 12.44
CA LYS C 1071 -14.47 6.24 11.63
C LYS C 1071 -13.46 7.31 11.24
N ALA C 1072 -13.91 8.55 11.07
CA ALA C 1072 -12.98 9.64 10.75
C ALA C 1072 -11.98 9.87 11.87
N ASN C 1073 -12.45 9.79 13.12
CA ASN C 1073 -11.57 10.00 14.27
C ASN C 1073 -10.61 8.83 14.45
N GLU C 1078 -5.60 10.09 20.29
CA GLU C 1078 -4.52 9.34 19.68
C GLU C 1078 -3.17 9.96 20.00
N MET C 1079 -2.31 10.09 18.99
CA MET C 1079 -1.00 10.70 19.19
C MET C 1079 -1.13 12.16 19.58
N ARG C 1080 -2.04 12.89 18.94
CA ARG C 1080 -2.24 14.30 19.29
C ARG C 1080 -2.75 14.45 20.71
N HIS C 1081 -3.69 13.60 21.12
CA HIS C 1081 -4.20 13.66 22.48
C HIS C 1081 -3.11 13.34 23.50
N ARG C 1082 -2.28 12.34 23.21
CA ARG C 1082 -1.18 12.01 24.12
C ARG C 1082 -0.18 13.15 24.21
N PHE C 1083 0.14 13.78 23.07
CA PHE C 1083 1.05 14.92 23.09
C PHE C 1083 0.47 16.08 23.88
N ARG C 1084 -0.83 16.35 23.72
CA ARG C 1084 -1.46 17.43 24.48
C ARG C 1084 -1.45 17.12 25.97
N GLN C 1085 -1.72 15.87 26.35
CA GLN C 1085 -1.70 15.49 27.76
C GLN C 1085 -0.29 15.64 28.34
N LEU C 1086 0.73 15.24 27.57
CA LEU C 1086 2.10 15.38 28.03
C LEU C 1086 2.48 16.84 28.19
N ASP C 1087 2.06 17.69 27.24
CA ASP C 1087 2.35 19.11 27.35
C ASP C 1087 1.65 19.73 28.56
N THR C 1088 0.41 19.33 28.82
CA THR C 1088 -0.31 19.84 29.99
C THR C 1088 0.36 19.39 31.28
N LYS C 1089 0.81 18.14 31.34
CA LYS C 1089 1.50 17.65 32.53
C LYS C 1089 2.81 18.38 32.74
N LEU C 1090 3.55 18.64 31.66
CA LEU C 1090 4.80 19.39 31.78
C LEU C 1090 4.55 20.81 32.26
N ASN C 1091 3.50 21.46 31.73
CA ASN C 1091 3.17 22.81 32.17
C ASN C 1091 2.78 22.82 33.64
N ASP C 1092 1.99 21.82 34.07
CA ASP C 1092 1.60 21.75 35.47
C ASP C 1092 2.83 21.53 36.37
N LEU C 1093 3.75 20.68 35.95
CA LEU C 1093 4.97 20.45 36.72
C LEU C 1093 5.81 21.72 36.80
N LYS C 1094 5.93 22.45 35.69
CA LYS C 1094 6.68 23.70 35.70
C LYS C 1094 6.03 24.72 36.62
N GLY C 1095 4.70 24.82 36.60
CA GLY C 1095 4.01 25.74 37.50
C GLY C 1095 4.19 25.35 38.95
N LEU C 1096 4.12 24.06 39.26
CA LEU C 1096 4.35 23.61 40.63
C LEU C 1096 5.77 23.91 41.09
N LEU C 1097 6.75 23.69 40.20
CA LEU C 1097 8.13 24.01 40.56
C LEU C 1097 8.32 25.50 40.79
N LYS C 1098 7.71 26.33 39.95
CA LYS C 1098 7.79 27.78 40.13
C LYS C 1098 7.15 28.21 41.44
N GLU C 1099 6.00 27.62 41.78
CA GLU C 1099 5.34 27.96 43.04
C GLU C 1099 6.20 27.52 44.23
N ILE C 1100 6.82 26.34 44.14
CA ILE C 1100 7.69 25.87 45.23
C ILE C 1100 8.89 26.79 45.39
N ALA C 1101 9.49 27.21 44.28
CA ALA C 1101 10.62 28.12 44.34
C ALA C 1101 10.22 29.46 44.94
N ASN C 1102 9.04 29.98 44.56
CA ASN C 1102 8.58 31.24 45.12
C ASN C 1102 8.32 31.12 46.61
N LYS C 1103 7.73 29.99 47.05
CA LYS C 1103 7.50 29.79 48.47
C LYS C 1103 8.81 29.68 49.25
N ILE C 1104 9.79 28.98 48.67
CA ILE C 1104 11.08 28.83 49.34
C ILE C 1104 11.78 30.19 49.45
N LYS C 1105 11.75 30.98 48.37
CA LYS C 1105 12.39 32.29 48.37
C LYS C 1105 11.58 33.28 49.19
N LEU D 42 -58.83 2.64 36.50
CA LEU D 42 -57.69 3.53 36.46
C LEU D 42 -58.06 4.94 36.91
N VAL D 43 -59.16 5.45 36.34
CA VAL D 43 -59.60 6.81 36.66
C VAL D 43 -59.98 6.90 38.14
N ASN D 44 -60.66 5.87 38.66
CA ASN D 44 -61.06 5.89 40.06
C ASN D 44 -59.86 5.91 40.99
N PHE D 45 -58.82 5.12 40.68
CA PHE D 45 -57.63 5.11 41.51
C PHE D 45 -56.94 6.48 41.51
N ILE D 46 -56.83 7.11 40.35
CA ILE D 46 -56.21 8.42 40.28
C ILE D 46 -57.02 9.45 41.06
N GLN D 47 -58.35 9.38 40.94
CA GLN D 47 -59.20 10.32 41.64
C GLN D 47 -59.12 10.13 43.15
N ALA D 48 -59.03 8.90 43.62
CA ALA D 48 -59.04 8.60 45.05
C ALA D 48 -57.66 8.56 45.67
N ASN D 49 -56.59 8.69 44.87
CA ASN D 49 -55.24 8.61 45.40
C ASN D 49 -54.36 9.81 45.07
N PHE D 50 -54.72 10.63 44.09
CA PHE D 50 -53.92 11.77 43.69
C PHE D 50 -54.71 13.06 43.88
N LYS D 51 -54.03 14.11 44.30
CA LYS D 51 -54.69 15.36 44.63
C LYS D 51 -53.92 16.54 44.04
N LYS D 52 -54.63 17.65 43.86
CA LYS D 52 -54.07 18.90 43.38
C LYS D 52 -54.07 19.93 44.51
N ARG D 53 -53.43 21.07 44.24
CA ARG D 53 -53.32 22.15 45.22
C ARG D 53 -53.66 23.48 44.56
N GLU D 54 -54.25 24.38 45.34
CA GLU D 54 -54.67 25.68 44.85
C GLU D 54 -54.39 26.75 45.90
N CYS D 55 -54.18 27.98 45.44
CA CYS D 55 -54.02 29.12 46.35
C CYS D 55 -55.36 29.45 46.98
N VAL D 56 -55.61 28.91 48.17
CA VAL D 56 -56.88 29.13 48.86
C VAL D 56 -56.89 30.40 49.71
N PHE D 57 -55.71 30.91 50.07
CA PHE D 57 -55.60 32.13 50.85
C PHE D 57 -54.91 33.19 50.00
N PHE D 58 -55.56 34.33 49.82
CA PHE D 58 -55.02 35.40 48.98
C PHE D 58 -53.92 36.14 49.73
N THR D 59 -52.73 36.20 49.13
CA THR D 59 -51.58 36.87 49.72
C THR D 59 -50.88 37.72 48.66
N LYS D 60 -51.65 38.53 47.95
CA LYS D 60 -51.10 39.36 46.89
C LYS D 60 -50.04 40.30 47.44
N ASP D 61 -48.91 40.38 46.74
CA ASP D 61 -47.79 41.20 47.16
C ASP D 61 -47.70 42.45 46.29
N SER D 62 -47.15 43.52 46.88
CA SER D 62 -47.01 44.79 46.15
C SER D 62 -46.05 44.64 44.99
N LYS D 63 -44.93 43.91 45.20
CA LYS D 63 -43.96 43.74 44.13
C LYS D 63 -44.52 42.91 42.98
N ALA D 64 -45.50 42.05 43.26
CA ALA D 64 -46.10 41.24 42.22
C ALA D 64 -46.92 42.10 41.27
N THR D 65 -46.87 41.76 39.98
CA THR D 65 -47.62 42.49 38.98
C THR D 65 -49.11 42.22 39.12
N GLU D 66 -49.91 43.23 38.76
CA GLU D 66 -51.38 43.15 38.79
C GLU D 66 -51.81 42.86 40.23
N ASN D 67 -52.81 42.02 40.45
CA ASN D 67 -53.32 41.69 41.78
C ASN D 67 -53.52 40.19 41.91
N VAL D 68 -52.51 39.43 41.51
CA VAL D 68 -52.60 37.97 41.56
C VAL D 68 -52.19 37.47 42.94
N CYS D 69 -52.54 36.21 43.22
CA CYS D 69 -52.14 35.57 44.47
C CYS D 69 -50.63 35.49 44.56
N LYS D 70 -50.12 35.29 45.78
CA LYS D 70 -48.70 35.05 45.96
C LYS D 70 -48.24 33.82 45.21
N CYS D 71 -49.15 32.89 44.92
CA CYS D 71 -48.85 31.74 44.07
C CYS D 71 -48.70 32.12 42.61
N GLY D 72 -49.11 33.32 42.22
CA GLY D 72 -49.03 33.75 40.84
C GLY D 72 -50.31 33.65 40.05
N TYR D 73 -51.37 33.12 40.64
CA TYR D 73 -52.65 32.98 39.97
C TYR D 73 -53.52 34.22 40.21
N ALA D 74 -54.22 34.66 39.18
CA ALA D 74 -55.06 35.84 39.29
C ALA D 74 -56.26 35.57 40.19
N GLN D 75 -56.83 36.65 40.73
CA GLN D 75 -57.97 36.53 41.63
C GLN D 75 -59.16 35.90 40.92
N SER D 76 -59.35 36.23 39.65
CA SER D 76 -60.45 35.62 38.89
C SER D 76 -60.24 34.11 38.74
N GLN D 77 -59.00 33.69 38.49
CA GLN D 77 -58.68 32.27 38.36
C GLN D 77 -58.33 31.70 39.74
N HIS D 78 -59.35 31.59 40.57
CA HIS D 78 -59.20 31.10 41.93
C HIS D 78 -60.35 30.16 42.28
N MET D 79 -60.10 29.29 43.25
CA MET D 79 -61.11 28.36 43.69
C MET D 79 -62.23 29.08 44.43
N GLU D 80 -63.40 28.45 44.46
CA GLU D 80 -64.54 29.03 45.15
C GLU D 80 -64.29 29.09 46.65
N GLY D 81 -64.79 30.12 47.29
CA GLY D 81 -64.58 30.32 48.71
C GLY D 81 -63.13 30.59 49.07
N THR D 82 -62.44 31.41 48.27
CA THR D 82 -61.05 31.75 48.52
C THR D 82 -60.99 32.87 49.55
N GLN D 83 -60.46 32.58 50.73
CA GLN D 83 -60.31 33.59 51.76
C GLN D 83 -59.03 34.40 51.53
N ILE D 84 -58.86 35.43 52.35
CA ILE D 84 -57.68 36.29 52.30
C ILE D 84 -56.90 36.13 53.59
N ASN D 85 -55.65 35.72 53.47
CA ASN D 85 -54.80 35.50 54.64
C ASN D 85 -54.31 36.83 55.18
N GLN D 86 -54.44 37.03 56.49
CA GLN D 86 -53.95 38.25 57.12
C GLN D 86 -52.42 38.28 57.12
N SER D 87 -51.78 37.14 57.31
CA SER D 87 -50.33 37.07 57.35
C SER D 87 -49.74 37.37 55.96
N GLU D 88 -48.59 38.04 55.96
CA GLU D 88 -47.91 38.40 54.73
C GLU D 88 -47.02 37.28 54.19
N LYS D 89 -46.92 36.15 54.89
CA LYS D 89 -46.11 35.03 54.47
C LYS D 89 -47.00 33.95 53.87
N TRP D 90 -46.70 33.55 52.64
CA TRP D 90 -47.46 32.53 51.93
C TRP D 90 -46.61 31.28 51.79
N ASN D 91 -47.19 30.13 52.16
CA ASN D 91 -46.50 28.85 52.06
C ASN D 91 -47.45 27.83 51.45
N TYR D 92 -46.87 26.79 50.84
CA TYR D 92 -47.65 25.77 50.16
C TYR D 92 -48.22 24.72 51.12
N LYS D 93 -47.85 24.77 52.40
CA LYS D 93 -48.33 23.80 53.38
C LYS D 93 -49.53 24.29 54.17
N LYS D 94 -49.54 25.56 54.57
CA LYS D 94 -50.62 26.12 55.37
C LYS D 94 -51.63 26.91 54.53
N HIS D 95 -51.14 27.81 53.69
CA HIS D 95 -52.02 28.65 52.88
C HIS D 95 -52.51 27.95 51.61
N THR D 96 -52.40 26.63 51.55
CA THR D 96 -52.80 25.85 50.38
C THR D 96 -53.62 24.64 50.82
N LYS D 97 -54.69 24.36 50.07
CA LYS D 97 -55.58 23.25 50.36
C LYS D 97 -55.46 22.19 49.27
N GLU D 98 -55.58 20.93 49.67
CA GLU D 98 -55.47 19.82 48.74
C GLU D 98 -56.85 19.42 48.24
N PHE D 99 -56.98 19.31 46.92
CA PHE D 99 -58.22 18.93 46.26
C PHE D 99 -57.93 17.81 45.26
N PRO D 100 -58.93 16.97 44.98
CA PRO D 100 -58.69 15.85 44.05
C PRO D 100 -58.25 16.34 42.68
N THR D 101 -57.34 15.59 42.07
CA THR D 101 -56.75 15.98 40.80
C THR D 101 -57.79 15.97 39.69
N ASP D 102 -57.58 16.82 38.68
CA ASP D 102 -58.50 16.91 37.56
C ASP D 102 -57.76 17.04 36.23
N ALA D 103 -56.49 16.67 36.17
CA ALA D 103 -55.70 16.74 34.94
C ALA D 103 -54.87 15.47 34.83
N PHE D 104 -55.43 14.46 34.18
CA PHE D 104 -54.72 13.20 33.99
C PHE D 104 -55.35 12.47 32.82
N GLY D 105 -54.63 11.49 32.30
CA GLY D 105 -55.11 10.71 31.17
C GLY D 105 -54.07 10.56 30.08
N ASP D 106 -54.53 10.50 28.83
CA ASP D 106 -53.65 10.35 27.68
C ASP D 106 -53.51 11.70 26.99
N ILE D 107 -52.26 12.13 26.82
CA ILE D 107 -51.95 13.40 26.17
C ILE D 107 -51.62 13.12 24.70
N GLN D 108 -52.02 14.05 23.83
CA GLN D 108 -51.80 13.91 22.40
C GLN D 108 -51.14 15.17 21.87
N PHE D 109 -50.26 14.99 20.88
CA PHE D 109 -49.53 16.09 20.27
C PHE D 109 -49.68 16.00 18.75
N GLU D 110 -49.48 17.14 18.10
CA GLU D 110 -49.59 17.28 16.64
C GLU D 110 -51.03 16.90 16.25
N THR D 111 -51.23 16.18 15.15
CA THR D 111 -52.55 15.79 14.68
C THR D 111 -52.81 14.30 14.82
N LEU D 112 -51.92 13.48 14.29
CA LEU D 112 -52.04 12.02 14.37
C LEU D 112 -50.80 11.41 15.01
N GLY D 113 -50.21 12.13 15.97
CA GLY D 113 -49.01 11.66 16.63
C GLY D 113 -49.30 10.57 17.65
N LYS D 114 -48.22 10.04 18.20
CA LYS D 114 -48.33 8.98 19.20
C LYS D 114 -48.94 9.51 20.49
N LYS D 115 -49.87 8.75 21.06
CA LYS D 115 -50.54 9.15 22.28
C LYS D 115 -49.63 8.92 23.48
N GLY D 116 -49.55 9.92 24.35
CA GLY D 116 -48.74 9.86 25.55
C GLY D 116 -49.57 9.65 26.80
N LYS D 117 -48.96 9.95 27.94
CA LYS D 117 -49.63 9.85 29.23
C LYS D 117 -49.18 11.02 30.11
N TYR D 118 -50.08 11.44 31.00
CA TYR D 118 -49.78 12.54 31.90
C TYR D 118 -50.70 12.44 33.11
N ILE D 119 -50.30 13.13 34.17
CA ILE D 119 -51.09 13.19 35.40
C ILE D 119 -50.62 14.38 36.22
N ARG D 120 -51.57 15.08 36.82
CA ARG D 120 -51.28 16.21 37.70
C ARG D 120 -51.31 15.72 39.14
N LEU D 121 -50.29 16.11 39.91
CA LEU D 121 -50.13 15.62 41.27
C LEU D 121 -49.36 16.64 42.09
N SER D 122 -49.41 16.48 43.40
CA SER D 122 -48.81 17.43 44.33
C SER D 122 -47.43 16.95 44.77
N CYS D 123 -46.67 17.89 45.34
CA CYS D 123 -45.36 17.55 45.87
C CYS D 123 -45.47 16.63 47.08
N ASP D 124 -46.51 16.82 47.90
CA ASP D 124 -46.72 15.98 49.06
C ASP D 124 -47.14 14.55 48.70
N THR D 125 -47.43 14.29 47.43
CA THR D 125 -47.81 12.95 47.01
C THR D 125 -46.69 11.97 47.31
N ASP D 126 -47.04 10.85 47.94
CA ASP D 126 -46.04 9.86 48.32
C ASP D 126 -45.46 9.19 47.09
N ALA D 127 -44.31 8.54 47.28
CA ALA D 127 -43.67 7.81 46.19
C ALA D 127 -44.18 6.38 46.08
N GLU D 128 -44.76 5.82 47.15
CA GLU D 128 -45.25 4.45 47.10
C GLU D 128 -46.42 4.33 46.12
N ILE D 129 -47.43 5.17 46.25
CA ILE D 129 -48.57 5.08 45.34
C ILE D 129 -48.23 5.64 43.97
N LEU D 130 -47.21 6.51 43.87
CA LEU D 130 -46.73 6.92 42.55
C LEU D 130 -46.11 5.74 41.81
N TYR D 131 -45.27 4.97 42.50
CA TYR D 131 -44.71 3.77 41.91
C TYR D 131 -45.80 2.75 41.59
N GLU D 132 -46.82 2.66 42.45
CA GLU D 132 -47.93 1.75 42.18
C GLU D 132 -48.67 2.16 40.92
N LEU D 133 -48.93 3.45 40.75
CA LEU D 133 -49.58 3.93 39.53
C LEU D 133 -48.72 3.68 38.30
N LEU D 134 -47.42 3.92 38.41
CA LEU D 134 -46.53 3.71 37.27
C LEU D 134 -46.49 2.25 36.87
N THR D 135 -46.28 1.35 37.84
CA THR D 135 -46.06 -0.05 37.53
C THR D 135 -47.38 -0.78 37.31
N GLN D 136 -48.27 -0.77 38.30
CA GLN D 136 -49.46 -1.60 38.25
C GLN D 136 -50.54 -0.96 37.39
N HIS D 137 -50.88 0.30 37.64
CA HIS D 137 -52.01 0.94 37.00
C HIS D 137 -51.65 1.65 35.70
N TRP D 138 -50.40 1.57 35.25
CA TRP D 138 -50.02 2.08 33.95
C TRP D 138 -49.32 1.04 33.08
N HIS D 139 -49.20 -0.20 33.56
CA HIS D 139 -48.61 -1.30 32.80
C HIS D 139 -47.18 -0.99 32.38
N LEU D 140 -46.34 -0.75 33.39
CA LEU D 140 -44.91 -0.53 33.19
C LEU D 140 -44.15 -1.64 33.88
N LYS D 141 -43.25 -2.28 33.15
CA LYS D 141 -42.45 -3.34 33.73
C LYS D 141 -41.50 -2.77 34.78
N THR D 142 -41.16 -3.60 35.76
CA THR D 142 -40.22 -3.19 36.78
C THR D 142 -38.86 -2.89 36.14
N PRO D 143 -38.30 -1.70 36.36
CA PRO D 143 -37.05 -1.35 35.67
C PRO D 143 -35.87 -2.11 36.26
N ASN D 144 -35.00 -2.58 35.37
CA ASN D 144 -33.73 -3.16 35.76
C ASN D 144 -32.65 -2.10 35.92
N LEU D 145 -32.98 -0.84 35.66
CA LEU D 145 -32.07 0.29 35.78
C LEU D 145 -32.90 1.56 35.65
N VAL D 146 -32.49 2.61 36.36
CA VAL D 146 -33.14 3.90 36.30
C VAL D 146 -32.07 4.96 36.11
N ILE D 147 -32.24 5.79 35.07
CA ILE D 147 -31.30 6.86 34.76
C ILE D 147 -32.02 8.18 34.98
N SER D 148 -31.48 9.01 35.86
CA SER D 148 -32.05 10.32 36.18
C SER D 148 -31.23 11.38 35.46
N VAL D 149 -31.68 11.73 34.26
CA VAL D 149 -30.98 12.72 33.44
C VAL D 149 -31.39 14.11 33.90
N THR D 150 -30.47 14.83 34.53
CA THR D 150 -30.70 16.19 35.01
C THR D 150 -29.62 17.08 34.41
N GLY D 151 -29.87 17.58 33.20
CA GLY D 151 -28.91 18.41 32.52
C GLY D 151 -29.43 19.81 32.23
N GLY D 152 -28.88 20.44 31.20
CA GLY D 152 -29.30 21.79 30.83
C GLY D 152 -30.75 21.89 30.43
N ALA D 153 -31.49 22.79 31.08
CA ALA D 153 -32.90 22.98 30.78
C ALA D 153 -33.14 23.73 29.47
N LYS D 154 -32.14 24.44 28.95
CA LYS D 154 -32.30 25.16 27.69
C LYS D 154 -30.92 25.39 27.10
N ASN D 155 -30.91 25.69 25.80
CA ASN D 155 -29.70 26.03 25.05
C ASN D 155 -28.66 24.90 25.16
N PHE D 156 -29.02 23.76 24.59
CA PHE D 156 -28.15 22.58 24.53
C PHE D 156 -27.56 22.48 23.14
N ALA D 157 -26.23 22.49 23.06
CA ALA D 157 -25.54 22.39 21.78
C ALA D 157 -25.54 20.95 21.29
N LEU D 158 -25.94 20.76 20.03
CA LEU D 158 -26.03 19.42 19.45
C LEU D 158 -24.70 19.00 18.85
N LYS D 159 -23.67 19.02 19.70
CA LYS D 159 -22.36 18.57 19.28
C LYS D 159 -22.37 17.08 18.99
N PRO D 160 -21.57 16.63 18.02
CA PRO D 160 -21.57 15.19 17.69
C PRO D 160 -21.16 14.31 18.86
N ARG D 161 -20.24 14.77 19.72
CA ARG D 161 -19.83 13.99 20.87
C ARG D 161 -20.99 13.77 21.84
N MET D 162 -21.69 14.85 22.19
CA MET D 162 -22.83 14.73 23.11
C MET D 162 -23.97 13.95 22.45
N ARG D 163 -24.19 14.15 21.16
CA ARG D 163 -25.21 13.40 20.45
C ARG D 163 -24.92 11.90 20.53
N LYS D 164 -23.68 11.50 20.26
CA LYS D 164 -23.31 10.09 20.36
C LYS D 164 -23.45 9.58 21.79
N ILE D 165 -23.03 10.39 22.77
CA ILE D 165 -23.10 9.96 24.16
C ILE D 165 -24.53 9.67 24.56
N PHE D 166 -25.44 10.58 24.24
CA PHE D 166 -26.83 10.40 24.66
C PHE D 166 -27.56 9.36 23.82
N SER D 167 -27.20 9.20 22.55
CA SER D 167 -27.75 8.10 21.78
C SER D 167 -27.32 6.76 22.37
N ARG D 168 -26.06 6.63 22.77
CA ARG D 168 -25.60 5.42 23.43
C ARG D 168 -26.32 5.22 24.76
N LEU D 169 -26.55 6.30 25.51
CA LEU D 169 -27.25 6.18 26.78
C LEU D 169 -28.68 5.66 26.58
N ILE D 170 -29.37 6.19 25.58
CA ILE D 170 -30.73 5.74 25.31
C ILE D 170 -30.74 4.29 24.81
N TYR D 171 -29.74 3.93 24.01
CA TYR D 171 -29.62 2.55 23.55
C TYR D 171 -29.38 1.60 24.72
N ILE D 172 -28.55 2.01 25.68
CA ILE D 172 -28.31 1.21 26.87
C ILE D 172 -29.59 1.07 27.68
N ALA D 173 -30.33 2.18 27.84
CA ALA D 173 -31.58 2.13 28.58
C ALA D 173 -32.57 1.18 27.92
N GLN D 174 -32.66 1.22 26.59
CA GLN D 174 -33.56 0.31 25.88
C GLN D 174 -33.10 -1.14 26.04
N SER D 175 -31.80 -1.39 25.92
CA SER D 175 -31.29 -2.75 26.02
C SER D 175 -31.48 -3.32 27.42
N LYS D 176 -31.24 -2.51 28.45
CA LYS D 176 -31.36 -2.94 29.83
C LYS D 176 -32.77 -2.84 30.37
N GLY D 177 -33.72 -2.37 29.56
CA GLY D 177 -35.07 -2.17 30.04
C GLY D 177 -35.14 -1.12 31.13
N ALA D 178 -34.47 0.01 30.91
CA ALA D 178 -34.32 1.04 31.92
C ALA D 178 -35.34 2.16 31.74
N TRP D 179 -35.53 2.92 32.80
CA TRP D 179 -36.35 4.12 32.79
C TRP D 179 -35.46 5.35 32.74
N ILE D 180 -35.85 6.35 31.97
CA ILE D 180 -35.13 7.62 31.88
C ILE D 180 -35.99 8.69 32.52
N LEU D 181 -35.50 9.26 33.62
CA LEU D 181 -36.20 10.31 34.34
C LEU D 181 -35.60 11.64 33.93
N THR D 182 -36.32 12.38 33.09
CA THR D 182 -35.94 13.72 32.66
C THR D 182 -37.06 14.69 33.03
N GLY D 183 -36.87 15.95 32.64
CA GLY D 183 -37.94 16.91 32.74
C GLY D 183 -38.86 16.85 31.54
N GLY D 184 -40.11 17.27 31.75
CA GLY D 184 -41.07 17.22 30.68
C GLY D 184 -41.00 18.34 29.68
N THR D 185 -40.17 19.35 29.95
CA THR D 185 -40.10 20.52 29.08
C THR D 185 -39.50 20.16 27.72
N HIS D 186 -40.01 20.82 26.69
CA HIS D 186 -39.56 20.59 25.31
C HIS D 186 -38.43 21.57 24.95
N TYR D 187 -37.34 21.47 25.69
CA TYR D 187 -36.24 22.42 25.55
C TYR D 187 -34.92 21.72 25.81
N GLY D 188 -33.93 22.02 24.97
CA GLY D 188 -32.56 21.60 25.24
C GLY D 188 -32.39 20.10 25.27
N LEU D 189 -31.79 19.61 26.36
CA LEU D 189 -31.42 18.21 26.44
C LEU D 189 -32.64 17.30 26.45
N MET D 190 -33.71 17.72 27.12
CA MET D 190 -34.91 16.88 27.18
C MET D 190 -35.53 16.70 25.80
N LYS D 191 -35.50 17.75 24.98
CA LYS D 191 -36.02 17.64 23.62
C LYS D 191 -35.21 16.64 22.81
N TYR D 192 -33.89 16.67 22.94
CA TYR D 192 -33.06 15.70 22.22
C TYR D 192 -33.27 14.29 22.74
N ILE D 193 -33.46 14.14 24.06
CA ILE D 193 -33.74 12.82 24.62
C ILE D 193 -35.04 12.27 24.06
N GLY D 194 -36.07 13.11 24.00
CA GLY D 194 -37.33 12.68 23.41
C GLY D 194 -37.18 12.32 21.94
N GLU D 195 -36.41 13.12 21.20
CA GLU D 195 -36.18 12.83 19.78
C GLU D 195 -35.49 11.48 19.60
N VAL D 196 -34.47 11.20 20.43
CA VAL D 196 -33.75 9.94 20.32
C VAL D 196 -34.65 8.78 20.72
N VAL D 197 -35.49 8.97 21.74
CA VAL D 197 -36.44 7.93 22.13
C VAL D 197 -37.41 7.62 20.99
N ARG D 198 -37.93 8.67 20.35
CA ARG D 198 -38.84 8.47 19.22
C ARG D 198 -38.12 7.77 18.07
N ASP D 199 -36.87 8.15 17.80
CA ASP D 199 -36.11 7.50 16.74
C ASP D 199 -35.90 6.02 17.04
N ASN D 200 -35.57 5.69 18.29
CA ASN D 200 -35.37 4.30 18.65
C ASN D 200 -36.66 3.50 18.53
N THR D 201 -37.79 4.09 18.94
CA THR D 201 -39.07 3.40 18.81
C THR D 201 -39.42 3.18 17.35
N ILE D 202 -39.13 4.16 16.49
CA ILE D 202 -39.41 4.02 15.07
C ILE D 202 -38.54 2.94 14.45
N SER D 203 -37.24 2.95 14.77
CA SER D 203 -36.32 2.00 14.15
C SER D 203 -36.62 0.57 14.56
N ARG D 204 -36.75 0.31 15.86
CA ARG D 204 -37.00 -1.02 16.38
C ARG D 204 -38.36 -1.04 17.06
N SER D 205 -39.40 -1.31 16.26
CA SER D 205 -40.74 -1.38 16.81
C SER D 205 -40.98 -2.69 17.56
N SER D 206 -40.32 -3.77 17.15
CA SER D 206 -40.51 -5.07 17.78
C SER D 206 -39.69 -5.23 19.05
N GLU D 207 -38.76 -4.32 19.34
CA GLU D 207 -37.95 -4.41 20.54
C GLU D 207 -38.74 -3.93 21.75
N GLU D 208 -38.09 -3.95 22.90
CA GLU D 208 -38.74 -3.49 24.13
C GLU D 208 -38.99 -1.99 24.07
N ASN D 209 -40.14 -1.57 24.58
CA ASN D 209 -40.49 -0.16 24.59
C ASN D 209 -39.61 0.60 25.56
N ILE D 210 -39.39 1.88 25.25
CA ILE D 210 -38.56 2.76 26.08
C ILE D 210 -39.48 3.61 26.95
N VAL D 211 -39.22 3.60 28.26
CA VAL D 211 -39.96 4.41 29.21
C VAL D 211 -39.15 5.67 29.48
N ALA D 212 -39.72 6.83 29.14
CA ALA D 212 -39.07 8.13 29.34
C ALA D 212 -40.02 8.99 30.17
N ILE D 213 -39.90 8.90 31.48
CA ILE D 213 -40.76 9.66 32.38
C ILE D 213 -40.27 11.11 32.43
N GLY D 214 -41.18 12.04 32.15
CA GLY D 214 -40.86 13.45 32.24
C GLY D 214 -41.49 14.12 33.45
N ILE D 215 -40.70 14.38 34.48
CA ILE D 215 -41.20 14.99 35.71
C ILE D 215 -41.04 16.50 35.59
N ALA D 216 -42.15 17.19 35.34
CA ALA D 216 -42.18 18.63 35.15
C ALA D 216 -43.00 19.27 36.26
N ALA D 217 -43.17 20.59 36.16
CA ALA D 217 -43.95 21.36 37.11
C ALA D 217 -45.25 21.79 36.44
N TRP D 218 -46.37 21.54 37.12
CA TRP D 218 -47.66 21.96 36.58
C TRP D 218 -47.77 23.47 36.49
N GLY D 219 -47.03 24.19 37.33
CA GLY D 219 -47.06 25.64 37.33
C GLY D 219 -46.25 26.31 36.25
N MET D 220 -45.57 25.54 35.40
CA MET D 220 -44.79 26.10 34.32
C MET D 220 -45.24 25.61 32.95
N VAL D 221 -46.31 24.82 32.86
CA VAL D 221 -46.81 24.36 31.58
C VAL D 221 -47.45 25.52 30.84
N SER D 222 -47.08 25.70 29.57
CA SER D 222 -47.54 26.87 28.81
C SER D 222 -49.00 26.72 28.39
N ASN D 223 -49.28 25.73 27.54
CA ASN D 223 -50.62 25.58 26.97
C ASN D 223 -51.47 24.72 27.89
N ARG D 224 -51.80 25.29 29.04
CA ARG D 224 -52.69 24.64 29.99
C ARG D 224 -54.13 24.84 29.56
N ASP D 225 -55.08 24.51 30.44
CA ASP D 225 -56.51 24.55 30.21
C ASP D 225 -56.96 23.54 29.16
N THR D 226 -56.03 22.80 28.55
CA THR D 226 -56.34 21.71 27.65
C THR D 226 -56.05 20.35 28.26
N LEU D 227 -55.30 20.31 29.36
CA LEU D 227 -54.99 19.07 30.06
C LEU D 227 -56.06 18.71 31.09
N ILE D 228 -57.06 19.56 31.28
CA ILE D 228 -58.15 19.31 32.21
C ILE D 228 -59.22 18.48 31.52
N ARG D 229 -59.83 17.55 32.27
CA ARG D 229 -60.87 16.72 31.71
C ARG D 229 -62.10 17.54 31.37
N ASN D 230 -62.84 17.08 30.35
CA ASN D 230 -64.05 17.76 29.92
C ASN D 230 -65.13 17.70 30.99
N TYR D 236 -60.46 7.27 27.55
CA TYR D 236 -61.73 7.99 27.64
C TYR D 236 -61.58 9.43 27.14
N PHE D 237 -60.67 10.17 27.76
CA PHE D 237 -60.42 11.56 27.41
C PHE D 237 -58.97 11.70 26.94
N LEU D 238 -58.79 12.30 25.77
CA LEU D 238 -57.46 12.53 25.20
C LEU D 238 -57.21 14.03 25.18
N ALA D 239 -56.10 14.45 25.79
CA ALA D 239 -55.73 15.85 25.87
C ALA D 239 -54.87 16.22 24.67
N GLN D 240 -55.31 17.21 23.91
CA GLN D 240 -54.60 17.66 22.72
C GLN D 240 -53.68 18.81 23.12
N TYR D 241 -52.41 18.50 23.37
CA TYR D 241 -51.43 19.53 23.71
C TYR D 241 -50.79 20.05 22.42
N LEU D 242 -51.58 20.79 21.66
CA LEU D 242 -51.08 21.40 20.44
C LEU D 242 -50.13 22.54 20.77
N MET D 243 -48.96 22.54 20.14
CA MET D 243 -47.97 23.59 20.35
C MET D 243 -47.53 24.28 19.08
N ASP D 244 -48.09 23.89 17.93
CA ASP D 244 -47.75 24.58 16.67
C ASP D 244 -48.22 26.02 16.69
N ASP D 245 -49.41 26.27 17.24
CA ASP D 245 -49.96 27.62 17.33
C ASP D 245 -49.63 28.31 18.64
N PHE D 246 -48.87 27.67 19.52
CA PHE D 246 -48.50 28.29 20.79
C PHE D 246 -47.54 29.45 20.55
N THR D 247 -47.78 30.55 21.28
CA THR D 247 -46.96 31.74 21.16
C THR D 247 -45.72 31.62 22.05
N ARG D 248 -44.94 32.70 22.10
CA ARG D 248 -43.73 32.73 22.91
C ARG D 248 -44.08 33.27 24.30
N ASP D 249 -43.97 32.41 25.30
CA ASP D 249 -44.29 32.76 26.68
C ASP D 249 -43.18 32.27 27.60
N PRO D 250 -42.99 32.92 28.75
CA PRO D 250 -41.93 32.49 29.67
C PRO D 250 -42.13 31.09 30.23
N LEU D 251 -43.36 30.58 30.21
CA LEU D 251 -43.63 29.25 30.76
C LEU D 251 -43.07 28.16 29.85
N TYR D 252 -42.79 27.01 30.44
CA TYR D 252 -42.22 25.90 29.71
C TYR D 252 -43.28 25.18 28.88
N ILE D 253 -42.83 24.47 27.85
CA ILE D 253 -43.68 23.72 26.94
C ILE D 253 -43.37 22.24 27.11
N LEU D 254 -44.41 21.44 27.32
CA LEU D 254 -44.24 20.02 27.54
C LEU D 254 -43.63 19.35 26.31
N ASP D 255 -42.81 18.33 26.54
CA ASP D 255 -42.24 17.57 25.45
C ASP D 255 -43.27 16.62 24.85
N ASN D 256 -43.15 16.40 23.54
CA ASN D 256 -44.12 15.58 22.82
C ASN D 256 -43.70 14.12 22.72
N ASN D 257 -42.42 13.81 22.81
CA ASN D 257 -41.92 12.46 22.62
C ASN D 257 -41.70 11.71 23.92
N HIS D 258 -42.03 12.31 25.07
CA HIS D 258 -41.88 11.62 26.35
C HIS D 258 -43.02 10.64 26.55
N THR D 259 -42.69 9.43 27.00
CA THR D 259 -43.71 8.40 27.16
C THR D 259 -44.71 8.77 28.25
N HIS D 260 -44.24 9.25 29.38
CA HIS D 260 -45.09 9.61 30.50
C HIS D 260 -44.67 10.97 31.06
N LEU D 261 -45.62 11.68 31.65
CA LEU D 261 -45.39 13.00 32.20
C LEU D 261 -45.95 13.05 33.62
N LEU D 262 -45.13 13.54 34.56
CA LEU D 262 -45.52 13.68 35.96
C LEU D 262 -45.45 15.17 36.30
N LEU D 263 -46.57 15.86 36.14
CA LEU D 263 -46.64 17.30 36.37
C LEU D 263 -46.92 17.54 37.85
N VAL D 264 -45.89 17.99 38.57
CA VAL D 264 -46.02 18.24 40.01
C VAL D 264 -46.63 19.61 40.23
N ASP D 265 -47.66 19.66 41.06
CA ASP D 265 -48.42 20.89 41.31
C ASP D 265 -48.35 21.23 42.80
N ASN D 266 -47.70 22.35 43.12
CA ASN D 266 -47.67 22.89 44.47
C ASN D 266 -48.70 23.99 44.66
N GLY D 267 -49.63 24.15 43.73
CA GLY D 267 -50.59 25.24 43.79
C GLY D 267 -49.98 26.60 43.59
N CYS D 268 -49.02 26.72 42.67
CA CYS D 268 -48.34 27.97 42.37
C CYS D 268 -48.34 28.20 40.86
N HIS D 269 -47.79 29.34 40.45
CA HIS D 269 -47.73 29.70 39.04
C HIS D 269 -46.44 30.48 38.80
N GLY D 270 -45.67 30.05 37.81
CA GLY D 270 -44.42 30.71 37.49
C GLY D 270 -43.28 30.41 38.43
N HIS D 271 -43.44 29.43 39.32
CA HIS D 271 -42.39 29.08 40.27
C HIS D 271 -41.69 27.82 39.80
N PRO D 272 -40.44 27.89 39.37
CA PRO D 272 -39.73 26.68 38.93
C PRO D 272 -39.16 25.92 40.13
N THR D 273 -38.44 24.84 39.83
CA THR D 273 -37.79 24.01 40.83
C THR D 273 -38.78 23.49 41.87
N VAL D 274 -39.97 23.10 41.41
CA VAL D 274 -40.99 22.54 42.26
C VAL D 274 -40.99 21.01 42.23
N GLU D 275 -40.79 20.44 41.04
CA GLU D 275 -40.79 19.00 40.87
C GLU D 275 -39.55 18.33 41.45
N ALA D 276 -38.55 19.10 41.88
CA ALA D 276 -37.30 18.51 42.35
C ALA D 276 -37.53 17.65 43.58
N LYS D 277 -38.36 18.11 44.51
CA LYS D 277 -38.61 17.36 45.74
C LYS D 277 -39.24 16.00 45.44
N LEU D 278 -40.26 15.98 44.57
CA LEU D 278 -40.91 14.72 44.25
C LEU D 278 -40.00 13.82 43.43
N ARG D 279 -39.18 14.40 42.54
CA ARG D 279 -38.21 13.60 41.80
C ARG D 279 -37.23 12.93 42.76
N ASN D 280 -36.73 13.68 43.74
CA ASN D 280 -35.79 13.11 44.70
C ASN D 280 -36.46 12.03 45.55
N GLN D 281 -37.70 12.26 45.96
CA GLN D 281 -38.40 11.24 46.75
C GLN D 281 -38.64 9.97 45.94
N LEU D 282 -39.01 10.12 44.67
CA LEU D 282 -39.21 8.95 43.82
C LEU D 282 -37.91 8.19 43.60
N GLU D 283 -36.81 8.93 43.39
CA GLU D 283 -35.51 8.26 43.23
C GLU D 283 -35.11 7.53 44.51
N LYS D 284 -35.37 8.15 45.67
CA LYS D 284 -35.05 7.49 46.93
C LYS D 284 -35.87 6.22 47.10
N TYR D 285 -37.16 6.27 46.76
CA TYR D 285 -37.99 5.08 46.87
C TYR D 285 -37.51 3.99 45.92
N ILE D 286 -37.12 4.37 44.69
CA ILE D 286 -36.64 3.38 43.74
C ILE D 286 -35.35 2.74 44.24
N SER D 287 -34.44 3.55 44.79
CA SER D 287 -33.21 3.00 45.34
C SER D 287 -33.48 2.07 46.50
N GLU D 288 -34.41 2.45 47.39
CA GLU D 288 -34.75 1.62 48.53
C GLU D 288 -35.68 0.47 48.17
N ARG D 289 -36.22 0.45 46.96
CA ARG D 289 -37.11 -0.63 46.55
C ARG D 289 -36.33 -1.94 46.44
N THR D 290 -36.98 -3.03 46.85
CA THR D 290 -36.37 -4.36 46.83
C THR D 290 -37.17 -5.27 45.92
N ILE D 291 -36.49 -5.90 44.96
CA ILE D 291 -37.10 -6.86 44.06
C ILE D 291 -36.25 -8.12 44.05
N GLN D 292 -36.89 -9.28 44.24
CA GLN D 292 -36.16 -10.53 44.32
C GLN D 292 -35.52 -10.94 43.00
N ASP D 293 -35.98 -10.39 41.88
CA ASP D 293 -35.44 -10.71 40.56
C ASP D 293 -34.42 -9.69 40.09
N SER D 294 -33.64 -9.13 41.02
CA SER D 294 -32.64 -8.11 40.69
C SER D 294 -31.25 -8.70 40.74
N ASN D 295 -30.42 -8.30 39.79
CA ASN D 295 -29.02 -8.72 39.74
C ASN D 295 -28.09 -7.75 40.46
N TYR D 296 -28.63 -6.71 41.08
CA TYR D 296 -27.86 -5.69 41.79
C TYR D 296 -27.91 -5.88 43.30
N GLY D 297 -27.94 -7.13 43.76
CA GLY D 297 -28.04 -7.40 45.17
C GLY D 297 -29.44 -7.28 45.74
N GLY D 298 -30.46 -7.28 44.89
CA GLY D 298 -31.83 -7.18 45.33
C GLY D 298 -32.45 -5.80 45.28
N LYS D 299 -31.75 -4.82 44.70
CA LYS D 299 -32.26 -3.47 44.58
C LYS D 299 -32.16 -3.00 43.13
N ILE D 300 -33.04 -2.08 42.76
CA ILE D 300 -33.04 -1.54 41.41
C ILE D 300 -31.87 -0.58 41.26
N PRO D 301 -30.98 -0.81 40.29
CA PRO D 301 -29.88 0.14 40.07
C PRO D 301 -30.41 1.51 39.71
N ILE D 302 -29.77 2.54 40.25
CA ILE D 302 -30.15 3.93 40.02
C ILE D 302 -28.89 4.73 39.75
N VAL D 303 -28.91 5.52 38.69
CA VAL D 303 -27.75 6.31 38.26
C VAL D 303 -28.24 7.69 37.86
N CYS D 304 -27.55 8.73 38.35
CA CYS D 304 -27.87 10.10 38.02
C CYS D 304 -26.92 10.57 36.93
N PHE D 305 -27.47 11.04 35.82
CA PHE D 305 -26.69 11.51 34.68
C PHE D 305 -26.76 13.03 34.65
N ALA D 306 -25.62 13.67 34.85
CA ALA D 306 -25.53 15.13 34.92
C ALA D 306 -24.74 15.67 33.74
N GLN D 307 -25.16 16.82 33.23
CA GLN D 307 -24.49 17.43 32.07
C GLN D 307 -24.77 18.92 32.11
N GLY D 308 -23.74 19.71 32.42
CA GLY D 308 -23.92 21.16 32.46
C GLY D 308 -24.91 21.57 33.54
N GLY D 309 -25.86 22.41 33.15
CA GLY D 309 -26.90 22.85 34.06
C GLY D 309 -26.47 24.00 34.95
N GLY D 310 -27.35 24.34 35.89
CA GLY D 310 -27.10 25.45 36.79
C GLY D 310 -27.32 25.11 38.24
N LYS D 311 -28.08 25.94 38.94
CA LYS D 311 -28.36 25.68 40.35
C LYS D 311 -29.20 24.42 40.52
N GLU D 312 -30.17 24.20 39.64
CA GLU D 312 -31.02 23.02 39.75
C GLU D 312 -30.21 21.74 39.55
N THR D 313 -29.32 21.73 38.57
CA THR D 313 -28.48 20.55 38.35
C THR D 313 -27.56 20.29 39.53
N LEU D 314 -26.98 21.35 40.10
CA LEU D 314 -26.12 21.18 41.26
C LEU D 314 -26.90 20.64 42.46
N LYS D 315 -28.11 21.16 42.68
CA LYS D 315 -28.94 20.65 43.76
C LYS D 315 -29.31 19.19 43.54
N ALA D 316 -29.62 18.81 42.30
CA ALA D 316 -29.94 17.43 42.00
C ALA D 316 -28.75 16.52 42.26
N ILE D 317 -27.56 16.94 41.86
CA ILE D 317 -26.36 16.15 42.11
C ILE D 317 -26.13 16.00 43.60
N ASN D 318 -26.29 17.10 44.35
CA ASN D 318 -26.09 17.03 45.79
C ASN D 318 -27.08 16.09 46.45
N THR D 319 -28.35 16.15 46.05
CA THR D 319 -29.35 15.27 46.63
C THR D 319 -29.09 13.81 46.27
N SER D 320 -28.66 13.56 45.03
CA SER D 320 -28.33 12.19 44.64
C SER D 320 -27.14 11.66 45.43
N ILE D 321 -26.14 12.51 45.67
CA ILE D 321 -25.00 12.09 46.49
C ILE D 321 -25.46 11.79 47.91
N LYS D 322 -26.34 12.63 48.46
CA LYS D 322 -26.83 12.41 49.82
C LYS D 322 -27.61 11.10 49.92
N ASN D 323 -28.42 10.79 48.90
CA ASN D 323 -29.25 9.59 48.90
C ASN D 323 -28.48 8.33 48.50
N LYS D 324 -27.16 8.38 48.51
CA LYS D 324 -26.32 7.23 48.17
C LYS D 324 -26.62 6.70 46.76
N ILE D 325 -26.77 7.62 45.82
CA ILE D 325 -27.03 7.29 44.42
C ILE D 325 -25.82 7.70 43.61
N PRO D 326 -25.18 6.78 42.89
CA PRO D 326 -24.03 7.17 42.06
C PRO D 326 -24.44 8.14 40.96
N CYS D 327 -23.52 9.04 40.63
CA CYS D 327 -23.77 10.07 39.63
C CYS D 327 -22.69 10.02 38.56
N VAL D 328 -23.09 10.28 37.31
CA VAL D 328 -22.18 10.29 36.18
C VAL D 328 -22.20 11.67 35.57
N VAL D 329 -21.03 12.31 35.48
CA VAL D 329 -20.89 13.66 34.96
C VAL D 329 -20.07 13.59 33.68
N VAL D 330 -20.58 14.20 32.62
CA VAL D 330 -19.92 14.18 31.32
C VAL D 330 -18.98 15.38 31.24
N GLU D 331 -17.70 15.10 31.00
CA GLU D 331 -16.71 16.16 30.87
C GLU D 331 -16.90 16.90 29.56
N GLY D 332 -16.49 18.17 29.54
CA GLY D 332 -16.62 19.00 28.36
C GLY D 332 -17.97 19.65 28.18
N SER D 333 -18.92 19.41 29.09
CA SER D 333 -20.24 20.01 28.99
C SER D 333 -20.30 21.42 29.52
N GLY D 334 -19.28 21.86 30.26
CA GLY D 334 -19.31 23.17 30.86
C GLY D 334 -20.20 23.22 32.09
N GLN D 335 -20.35 24.42 32.62
CA GLN D 335 -21.25 24.72 33.74
C GLN D 335 -20.82 23.87 34.94
N ILE D 336 -21.72 23.18 35.62
CA ILE D 336 -21.36 22.48 36.86
C ILE D 336 -20.67 21.14 36.57
N ALA D 337 -21.00 20.50 35.45
CA ALA D 337 -20.39 19.19 35.16
C ALA D 337 -18.88 19.29 35.06
N ASP D 338 -18.38 20.29 34.32
CA ASP D 338 -16.93 20.47 34.21
C ASP D 338 -16.33 20.91 35.53
N VAL D 339 -17.07 21.68 36.33
CA VAL D 339 -16.56 22.06 37.66
C VAL D 339 -16.34 20.82 38.52
N ILE D 340 -17.31 19.91 38.52
CA ILE D 340 -17.19 18.67 39.29
C ILE D 340 -16.07 17.81 38.74
N ALA D 341 -15.94 17.73 37.42
CA ALA D 341 -14.87 16.94 36.83
C ALA D 341 -13.51 17.48 37.23
N SER D 342 -13.33 18.80 37.18
CA SER D 342 -12.07 19.40 37.59
C SER D 342 -11.80 19.17 39.07
N LEU D 343 -12.84 19.30 39.90
CA LEU D 343 -12.66 19.13 41.34
C LEU D 343 -12.27 17.70 41.68
N VAL D 344 -12.88 16.72 41.03
CA VAL D 344 -12.53 15.33 41.32
C VAL D 344 -11.22 14.92 40.65
N GLU D 345 -10.79 15.64 39.61
CA GLU D 345 -9.51 15.32 38.99
C GLU D 345 -8.34 15.59 39.94
N VAL D 346 -8.41 16.68 40.69
CA VAL D 346 -7.34 17.06 41.60
C VAL D 346 -7.44 16.26 42.89
N GLU D 347 -6.39 16.28 43.69
CA GLU D 347 -6.33 15.60 44.98
C GLU D 347 -5.79 16.53 46.06
N ASP D 348 -6.23 17.78 46.04
CA ASP D 348 -5.77 18.77 47.01
C ASP D 348 -6.54 18.61 48.32
N ALA D 349 -6.41 19.60 49.20
CA ALA D 349 -7.09 19.58 50.49
C ALA D 349 -8.54 20.02 50.42
N LEU D 350 -9.06 20.24 49.21
CA LEU D 350 -10.46 20.65 49.01
C LEU D 350 -10.76 21.97 49.71
N THR D 351 -10.02 23.00 49.31
CA THR D 351 -10.21 24.34 49.85
C THR D 351 -11.28 25.08 49.05
N SER D 352 -11.86 26.10 49.69
CA SER D 352 -12.90 26.88 49.03
C SER D 352 -12.33 27.75 47.91
N SER D 353 -11.06 28.12 48.00
CA SER D 353 -10.45 28.96 46.97
C SER D 353 -10.42 28.23 45.63
N ALA D 354 -10.05 26.95 45.63
CA ALA D 354 -9.99 26.19 44.39
C ALA D 354 -11.37 26.04 43.77
N VAL D 355 -12.39 25.77 44.61
CA VAL D 355 -13.74 25.62 44.10
C VAL D 355 -14.24 26.95 43.52
N LYS D 356 -13.94 28.06 44.20
CA LYS D 356 -14.33 29.36 43.67
C LYS D 356 -13.62 29.66 42.36
N GLU D 357 -12.35 29.30 42.24
CA GLU D 357 -11.62 29.51 41.00
C GLU D 357 -12.23 28.69 39.87
N LYS D 358 -12.58 27.43 40.14
CA LYS D 358 -13.21 26.60 39.12
C LYS D 358 -14.56 27.17 38.72
N LEU D 359 -15.34 27.65 39.70
CA LEU D 359 -16.65 28.23 39.41
C LEU D 359 -16.53 29.47 38.53
N VAL D 360 -15.59 30.36 38.84
CA VAL D 360 -15.43 31.56 38.04
C VAL D 360 -14.80 31.24 36.69
N ARG D 361 -14.07 30.13 36.59
CA ARG D 361 -13.51 29.74 35.30
C ARG D 361 -14.58 29.18 34.37
N PHE D 362 -15.47 28.34 34.90
CA PHE D 362 -16.47 27.68 34.07
C PHE D 362 -17.81 28.40 34.03
N LEU D 363 -18.16 29.15 35.08
CA LEU D 363 -19.43 29.88 35.13
C LEU D 363 -19.15 31.30 35.62
N PRO D 364 -18.52 32.13 34.79
CA PRO D 364 -18.17 33.49 35.24
C PRO D 364 -19.38 34.38 35.46
N ARG D 365 -20.27 34.44 34.46
CA ARG D 365 -21.42 35.33 34.55
C ARG D 365 -22.34 34.94 35.71
N THR D 366 -22.56 33.64 35.90
CA THR D 366 -23.46 33.20 36.96
C THR D 366 -22.92 33.59 38.33
N VAL D 367 -21.67 33.25 38.62
CA VAL D 367 -21.10 33.58 39.92
C VAL D 367 -20.98 35.08 40.08
N SER D 368 -20.84 35.83 38.98
CA SER D 368 -20.86 37.28 39.07
C SER D 368 -22.24 37.79 39.46
N ARG D 369 -23.31 37.15 38.96
CA ARG D 369 -24.66 37.61 39.27
C ARG D 369 -25.06 37.23 40.69
N LEU D 370 -24.72 36.04 41.15
CA LEU D 370 -25.15 35.58 42.46
C LEU D 370 -24.44 36.38 43.57
N PRO D 371 -25.12 36.60 44.69
CA PRO D 371 -24.50 37.33 45.81
C PRO D 371 -23.55 36.43 46.58
N GLU D 372 -23.03 36.97 47.69
CA GLU D 372 -22.04 36.25 48.48
C GLU D 372 -22.64 35.04 49.16
N GLU D 373 -23.85 35.16 49.70
CA GLU D 373 -24.47 34.03 50.40
C GLU D 373 -24.75 32.88 49.43
N GLU D 374 -25.26 33.19 48.24
CA GLU D 374 -25.52 32.14 47.27
C GLU D 374 -24.23 31.47 46.82
N THR D 375 -23.17 32.25 46.64
CA THR D 375 -21.87 31.68 46.28
C THR D 375 -21.36 30.76 47.38
N GLU D 376 -21.51 31.17 48.64
CA GLU D 376 -21.08 30.32 49.75
C GLU D 376 -21.89 29.03 49.79
N SER D 377 -23.20 29.12 49.53
CA SER D 377 -24.03 27.92 49.48
C SER D 377 -23.60 27.00 48.36
N TRP D 378 -23.28 27.56 47.20
CA TRP D 378 -22.80 26.75 46.08
C TRP D 378 -21.49 26.06 46.44
N ILE D 379 -20.57 26.80 47.08
CA ILE D 379 -19.29 26.22 47.49
C ILE D 379 -19.52 25.08 48.46
N LYS D 380 -20.46 25.25 49.39
CA LYS D 380 -20.79 24.18 50.32
C LYS D 380 -21.36 22.97 49.59
N TRP D 381 -22.17 23.20 48.55
CA TRP D 381 -22.75 22.10 47.79
C TRP D 381 -21.66 21.31 47.06
N LEU D 382 -20.74 22.02 46.39
CA LEU D 382 -19.62 21.32 45.76
C LEU D 382 -18.74 20.60 46.77
N LYS D 383 -18.53 21.19 47.95
CA LYS D 383 -17.75 20.51 48.98
C LYS D 383 -18.44 19.23 49.42
N GLU D 384 -19.75 19.27 49.60
CA GLU D 384 -20.51 18.07 49.97
C GLU D 384 -20.43 17.02 48.87
N ILE D 385 -20.52 17.45 47.61
CA ILE D 385 -20.44 16.50 46.50
C ILE D 385 -19.07 15.83 46.46
N LEU D 386 -18.01 16.63 46.60
CA LEU D 386 -16.66 16.09 46.57
C LEU D 386 -16.30 15.32 47.83
N GLU D 387 -17.09 15.47 48.91
CA GLU D 387 -16.83 14.70 50.11
C GLU D 387 -16.99 13.20 49.87
N CYS D 388 -17.84 12.82 48.93
CA CYS D 388 -18.04 11.43 48.55
C CYS D 388 -17.53 11.27 47.11
N SER D 389 -16.23 11.04 46.98
CA SER D 389 -15.61 10.88 45.67
C SER D 389 -15.78 9.46 45.12
N HIS D 390 -16.16 8.50 45.95
CA HIS D 390 -16.40 7.15 45.46
C HIS D 390 -17.67 7.08 44.61
N LEU D 391 -18.67 7.89 44.95
CA LEU D 391 -19.94 7.92 44.22
C LEU D 391 -19.93 9.00 43.13
N LEU D 392 -18.91 8.99 42.28
CA LEU D 392 -18.80 9.98 41.21
C LEU D 392 -17.96 9.41 40.09
N THR D 393 -18.53 9.39 38.89
CA THR D 393 -17.84 8.89 37.70
C THR D 393 -17.88 9.97 36.63
N VAL D 394 -16.75 10.15 35.94
CA VAL D 394 -16.59 11.21 34.95
C VAL D 394 -16.27 10.56 33.60
N ILE D 395 -16.99 10.98 32.57
CA ILE D 395 -16.72 10.53 31.21
C ILE D 395 -15.67 11.47 30.63
N LYS D 396 -14.41 11.03 30.66
CA LYS D 396 -13.30 11.88 30.23
C LYS D 396 -13.36 12.11 28.73
N MET D 397 -12.95 13.31 28.32
CA MET D 397 -12.90 13.64 26.89
C MET D 397 -11.81 12.86 26.17
N GLU D 398 -10.69 12.59 26.86
CA GLU D 398 -9.59 11.88 26.22
C GLU D 398 -10.00 10.46 25.83
N GLU D 399 -10.75 9.78 26.70
CA GLU D 399 -11.22 8.42 26.43
C GLU D 399 -12.51 8.46 25.60
N ALA D 400 -12.40 9.05 24.41
CA ALA D 400 -13.54 9.18 23.51
C ALA D 400 -13.57 8.00 22.52
N GLY D 401 -13.73 6.81 23.08
CA GLY D 401 -13.78 5.60 22.27
C GLY D 401 -15.20 5.13 22.01
N ASP D 402 -15.45 3.85 22.26
CA ASP D 402 -16.78 3.27 22.08
C ASP D 402 -17.26 2.67 23.39
N GLU D 403 -18.58 2.66 23.56
CA GLU D 403 -19.22 2.13 24.77
C GLU D 403 -18.72 2.86 26.02
N ILE D 404 -18.51 4.17 25.90
CA ILE D 404 -18.05 4.96 27.03
C ILE D 404 -19.15 5.09 28.08
N VAL D 405 -20.38 5.30 27.64
CA VAL D 405 -21.49 5.48 28.56
C VAL D 405 -21.73 4.22 29.38
N SER D 406 -21.71 3.06 28.71
CA SER D 406 -21.87 1.80 29.43
C SER D 406 -20.75 1.58 30.42
N ASN D 407 -19.52 1.90 30.02
CA ASN D 407 -18.39 1.77 30.93
C ASN D 407 -18.56 2.64 32.17
N ALA D 408 -18.98 3.90 31.97
CA ALA D 408 -19.15 4.80 33.10
C ALA D 408 -20.26 4.35 34.02
N ILE D 409 -21.41 3.94 33.45
CA ILE D 409 -22.53 3.50 34.27
C ILE D 409 -22.17 2.24 35.04
N SER D 410 -21.49 1.30 34.38
CA SER D 410 -21.08 0.07 35.05
C SER D 410 -20.06 0.36 36.15
N TYR D 411 -19.13 1.29 35.91
CA TYR D 411 -18.16 1.65 36.93
C TYR D 411 -18.86 2.28 38.14
N ALA D 412 -19.83 3.15 37.89
CA ALA D 412 -20.57 3.76 39.01
C ALA D 412 -21.33 2.69 39.80
N LEU D 413 -21.99 1.77 39.09
CA LEU D 413 -22.73 0.73 39.79
C LEU D 413 -21.81 -0.19 40.58
N TYR D 414 -20.64 -0.52 40.03
CA TYR D 414 -19.70 -1.38 40.75
C TYR D 414 -19.11 -0.65 41.95
N LYS D 415 -18.85 0.65 41.82
CA LYS D 415 -18.34 1.41 42.95
C LYS D 415 -19.38 1.47 44.07
N ALA D 416 -20.66 1.66 43.71
CA ALA D 416 -21.71 1.64 44.72
C ALA D 416 -21.83 0.26 45.35
N PHE D 417 -21.68 -0.80 44.56
CA PHE D 417 -21.77 -2.15 45.09
C PHE D 417 -20.62 -2.46 46.05
N SER D 418 -19.41 -2.01 45.69
CA SER D 418 -18.25 -2.28 46.53
C SER D 418 -18.31 -1.52 47.85
N THR D 419 -18.78 -0.28 47.83
CA THR D 419 -18.92 0.52 49.04
C THR D 419 -20.26 0.21 49.72
N SER D 420 -20.46 -1.06 50.04
CA SER D 420 -21.69 -1.53 50.65
C SER D 420 -21.40 -2.78 51.45
N GLU D 421 -22.35 -3.14 52.32
CA GLU D 421 -22.19 -4.33 53.15
C GLU D 421 -22.20 -5.62 52.34
N GLN D 422 -22.76 -5.59 51.12
CA GLN D 422 -22.80 -6.80 50.31
C GLN D 422 -21.43 -7.21 49.81
N ASP D 423 -20.54 -6.24 49.57
CA ASP D 423 -19.27 -6.52 48.93
C ASP D 423 -18.36 -7.41 49.77
N LYS D 424 -18.68 -7.62 51.05
CA LYS D 424 -17.80 -8.40 51.92
C LYS D 424 -17.61 -9.81 51.40
N ASP D 425 -18.69 -10.46 50.96
CA ASP D 425 -18.59 -11.84 50.49
C ASP D 425 -19.47 -12.09 49.27
N ASN D 426 -19.73 -11.06 48.46
CA ASN D 426 -20.54 -11.22 47.25
C ASN D 426 -19.64 -11.36 46.03
N TRP D 427 -18.91 -12.48 46.01
CA TRP D 427 -18.15 -12.85 44.82
C TRP D 427 -19.09 -13.05 43.63
N ASN D 428 -20.13 -13.86 43.81
CA ASN D 428 -21.06 -14.14 42.73
C ASN D 428 -21.81 -12.90 42.28
N GLY D 429 -22.27 -12.09 43.23
CA GLY D 429 -23.02 -10.89 42.86
C GLY D 429 -22.18 -9.89 42.10
N GLN D 430 -20.97 -9.62 42.57
CA GLN D 430 -20.09 -8.70 41.87
C GLN D 430 -19.69 -9.24 40.50
N LEU D 431 -19.42 -10.54 40.42
CA LEU D 431 -19.07 -11.12 39.12
C LEU D 431 -20.24 -11.02 38.14
N LYS D 432 -21.46 -11.30 38.60
CA LYS D 432 -22.62 -11.20 37.72
C LYS D 432 -22.88 -9.77 37.30
N LEU D 433 -22.69 -8.81 38.21
CA LEU D 433 -22.87 -7.41 37.85
C LEU D 433 -21.85 -6.98 36.81
N LEU D 434 -20.59 -7.38 36.98
CA LEU D 434 -19.56 -7.00 36.01
C LEU D 434 -19.76 -7.70 34.68
N LEU D 435 -20.29 -8.93 34.70
CA LEU D 435 -20.52 -9.66 33.46
C LEU D 435 -21.72 -9.12 32.70
N GLU D 436 -22.75 -8.69 33.42
CA GLU D 436 -23.94 -8.15 32.76
C GLU D 436 -23.63 -6.88 31.98
N TRP D 437 -22.61 -6.14 32.39
CA TRP D 437 -22.21 -4.91 31.73
C TRP D 437 -20.98 -5.08 30.86
N ASN D 438 -20.52 -6.31 30.65
CA ASN D 438 -19.38 -6.61 29.79
C ASN D 438 -18.13 -5.86 30.23
N GLN D 439 -17.87 -5.87 31.54
CA GLN D 439 -16.69 -5.21 32.11
C GLN D 439 -15.64 -6.29 32.41
N LEU D 440 -14.90 -6.66 31.37
CA LEU D 440 -13.91 -7.74 31.52
C LEU D 440 -12.69 -7.27 32.28
N ASP D 441 -12.21 -6.05 31.99
CA ASP D 441 -11.02 -5.54 32.67
C ASP D 441 -11.26 -5.40 34.16
N LEU D 442 -12.42 -4.89 34.55
CA LEU D 442 -12.73 -4.75 35.96
C LEU D 442 -12.81 -6.11 36.64
N ALA D 443 -13.42 -7.10 35.98
CA ALA D 443 -13.50 -8.43 36.54
C ALA D 443 -12.11 -9.04 36.73
N ASN D 444 -11.24 -8.88 35.73
CA ASN D 444 -9.89 -9.39 35.84
C ASN D 444 -9.11 -8.70 36.95
N ASP D 445 -9.32 -7.40 37.12
CA ASP D 445 -8.55 -6.64 38.09
C ASP D 445 -9.02 -6.91 39.52
N GLU D 446 -10.32 -7.09 39.71
CA GLU D 446 -10.89 -7.21 41.05
C GLU D 446 -11.37 -8.60 41.39
N ILE D 447 -12.26 -9.17 40.57
CA ILE D 447 -12.89 -10.44 40.91
C ILE D 447 -11.85 -11.56 40.89
N PHE D 448 -11.15 -11.72 39.77
CA PHE D 448 -10.22 -12.82 39.60
C PHE D 448 -8.82 -12.35 39.99
N THR D 449 -8.47 -12.57 41.24
CA THR D 449 -7.15 -12.25 41.76
C THR D 449 -6.66 -13.42 42.60
N ASN D 450 -5.34 -13.51 42.75
CA ASN D 450 -4.76 -14.60 43.52
C ASN D 450 -5.16 -14.53 44.98
N ASP D 451 -5.48 -13.35 45.48
CA ASP D 451 -5.92 -13.21 46.88
C ASP D 451 -7.23 -13.94 47.11
N ARG D 452 -8.17 -13.83 46.18
CA ARG D 452 -9.45 -14.49 46.30
C ARG D 452 -9.33 -15.98 45.94
N ARG D 453 -10.36 -16.74 46.31
CA ARG D 453 -10.40 -18.17 46.03
C ARG D 453 -11.75 -18.53 45.42
N TRP D 454 -11.72 -19.51 44.52
CA TRP D 454 -12.94 -19.98 43.86
C TRP D 454 -12.68 -21.38 43.32
N GLU D 455 -13.77 -22.02 42.88
CA GLU D 455 -13.71 -23.35 42.29
C GLU D 455 -14.31 -23.33 40.90
N SER D 456 -13.98 -24.36 40.12
CA SER D 456 -14.49 -24.44 38.75
C SER D 456 -16.00 -24.56 38.72
N ALA D 457 -16.56 -25.39 39.60
CA ALA D 457 -18.01 -25.55 39.68
C ALA D 457 -18.71 -24.36 40.30
N ASP D 458 -17.97 -23.42 40.89
CA ASP D 458 -18.59 -22.26 41.51
C ASP D 458 -19.07 -21.24 40.48
N LEU D 459 -18.58 -21.30 39.25
CA LEU D 459 -18.95 -20.36 38.20
C LEU D 459 -19.65 -21.04 37.03
N GLN D 460 -20.38 -22.13 37.32
CA GLN D 460 -21.12 -22.82 36.27
C GLN D 460 -22.25 -21.96 35.73
N GLU D 461 -23.08 -21.41 36.62
CA GLU D 461 -24.21 -20.59 36.20
C GLU D 461 -23.74 -19.29 35.55
N VAL D 462 -22.65 -18.72 36.05
CA VAL D 462 -22.10 -17.52 35.43
C VAL D 462 -21.57 -17.83 34.04
N MET D 463 -21.01 -19.04 33.86
CA MET D 463 -20.61 -19.46 32.53
C MET D 463 -21.81 -19.61 31.60
N PHE D 464 -22.90 -20.19 32.11
CA PHE D 464 -24.10 -20.36 31.29
C PHE D 464 -24.64 -19.01 30.85
N THR D 465 -24.74 -18.05 31.78
CA THR D 465 -25.28 -16.75 31.42
C THR D 465 -24.31 -15.92 30.60
N ALA D 466 -23.02 -16.22 30.65
CA ALA D 466 -22.09 -15.59 29.71
C ALA D 466 -22.24 -16.19 28.32
N LEU D 467 -22.55 -17.48 28.25
CA LEU D 467 -22.77 -18.12 26.95
C LEU D 467 -24.04 -17.61 26.28
N ILE D 468 -25.13 -17.52 27.04
CA ILE D 468 -26.40 -17.14 26.43
C ILE D 468 -26.53 -15.65 26.19
N LYS D 469 -25.70 -14.82 26.83
CA LYS D 469 -25.73 -13.38 26.63
C LYS D 469 -24.65 -12.89 25.69
N ASP D 470 -23.91 -13.81 25.05
CA ASP D 470 -22.89 -13.49 24.07
C ASP D 470 -21.82 -12.55 24.66
N ARG D 471 -21.10 -13.11 25.64
CA ARG D 471 -19.97 -12.43 26.28
C ARG D 471 -18.72 -13.27 26.05
N PRO D 472 -18.17 -13.23 24.83
CA PRO D 472 -17.02 -14.10 24.53
C PRO D 472 -15.81 -13.84 25.39
N LYS D 473 -15.56 -12.58 25.77
CA LYS D 473 -14.43 -12.27 26.63
C LYS D 473 -14.58 -12.95 27.98
N PHE D 474 -15.80 -12.93 28.53
CA PHE D 474 -16.01 -13.60 29.81
C PHE D 474 -15.99 -15.12 29.68
N VAL D 475 -16.43 -15.65 28.53
CA VAL D 475 -16.29 -17.08 28.28
C VAL D 475 -14.82 -17.47 28.32
N ARG D 476 -13.97 -16.69 27.64
CA ARG D 476 -12.54 -16.95 27.63
C ARG D 476 -11.95 -16.81 29.03
N LEU D 477 -12.39 -15.81 29.78
CA LEU D 477 -11.89 -15.59 31.14
C LEU D 477 -12.23 -16.77 32.04
N PHE D 478 -13.47 -17.24 31.99
CA PHE D 478 -13.87 -18.38 32.81
C PHE D 478 -13.15 -19.65 32.36
N LEU D 479 -12.93 -19.81 31.06
CA LEU D 479 -12.22 -20.98 30.56
C LEU D 479 -10.78 -20.99 31.06
N GLU D 480 -10.11 -19.84 31.01
CA GLU D 480 -8.72 -19.76 31.45
C GLU D 480 -8.58 -19.59 32.94
N ASN D 481 -9.69 -19.49 33.68
CA ASN D 481 -9.66 -19.39 35.14
C ASN D 481 -10.09 -20.69 35.81
N GLY D 482 -9.77 -21.82 35.17
CA GLY D 482 -9.89 -23.11 35.80
C GLY D 482 -11.13 -23.91 35.43
N LEU D 483 -12.14 -23.28 34.84
CA LEU D 483 -13.36 -23.99 34.52
C LEU D 483 -13.13 -24.99 33.40
N ASN D 484 -13.73 -26.18 33.55
CA ASN D 484 -13.61 -27.25 32.58
C ASN D 484 -14.86 -27.26 31.70
N LEU D 485 -14.68 -27.03 30.40
CA LEU D 485 -15.83 -26.94 29.49
C LEU D 485 -16.44 -28.30 29.21
N ARG D 486 -15.63 -29.36 29.19
CA ARG D 486 -16.15 -30.68 28.86
C ARG D 486 -17.18 -31.15 29.87
N LYS D 487 -16.90 -30.97 31.16
CA LYS D 487 -17.86 -31.39 32.19
C LYS D 487 -19.03 -30.42 32.31
N PHE D 488 -18.81 -29.14 32.04
CA PHE D 488 -19.90 -28.17 32.11
C PHE D 488 -20.97 -28.43 31.05
N LEU D 489 -20.54 -28.82 29.85
CA LEU D 489 -21.46 -29.05 28.73
C LEU D 489 -22.18 -30.37 28.92
N THR D 490 -23.13 -30.38 29.84
CA THR D 490 -23.95 -31.56 30.07
C THR D 490 -25.09 -31.62 29.05
N HIS D 491 -25.81 -32.74 29.07
CA HIS D 491 -26.94 -32.90 28.17
C HIS D 491 -28.03 -31.87 28.47
N ASP D 492 -28.26 -31.58 29.75
CA ASP D 492 -29.27 -30.59 30.11
C ASP D 492 -28.87 -29.20 29.63
N VAL D 493 -27.60 -28.84 29.78
CA VAL D 493 -27.12 -27.54 29.33
C VAL D 493 -27.26 -27.40 27.82
N LEU D 494 -26.86 -28.44 27.09
CA LEU D 494 -26.95 -28.40 25.64
C LEU D 494 -28.41 -28.35 25.18
N THR D 495 -29.29 -29.10 25.84
CA THR D 495 -30.70 -29.07 25.48
C THR D 495 -31.30 -27.70 25.74
N GLU D 496 -30.95 -27.07 26.86
CA GLU D 496 -31.44 -25.72 27.15
C GLU D 496 -30.91 -24.72 26.14
N LEU D 497 -29.64 -24.87 25.73
CA LEU D 497 -29.07 -23.95 24.75
C LEU D 497 -29.74 -24.10 23.40
N PHE D 498 -30.00 -25.34 22.97
CA PHE D 498 -30.57 -25.58 21.65
C PHE D 498 -32.08 -25.45 21.60
N SER D 499 -32.75 -25.41 22.75
CA SER D 499 -34.20 -25.30 22.79
C SER D 499 -34.69 -23.89 23.10
N ASN D 500 -34.13 -23.27 24.14
CA ASN D 500 -34.61 -21.96 24.59
C ASN D 500 -33.77 -20.81 24.09
N HIS D 501 -32.48 -21.02 23.83
CA HIS D 501 -31.58 -19.96 23.40
C HIS D 501 -31.16 -20.09 21.95
N PHE D 502 -31.93 -20.83 21.16
CA PHE D 502 -31.68 -20.97 19.73
C PHE D 502 -32.67 -20.09 18.97
N SER D 503 -32.14 -19.25 18.08
CA SER D 503 -32.98 -18.31 17.35
C SER D 503 -33.96 -19.04 16.45
N THR D 504 -35.19 -18.52 16.39
CA THR D 504 -36.19 -19.10 15.50
C THR D 504 -35.89 -18.78 14.04
N LEU D 505 -35.30 -17.61 13.77
CA LEU D 505 -34.87 -17.29 12.41
C LEU D 505 -33.77 -18.24 11.95
N VAL D 506 -32.83 -18.55 12.84
CA VAL D 506 -31.76 -19.48 12.51
C VAL D 506 -32.32 -20.87 12.24
N TYR D 507 -33.30 -21.30 13.05
CA TYR D 507 -33.91 -22.60 12.84
C TYR D 507 -34.68 -22.64 11.52
N ARG D 508 -35.37 -21.54 11.17
CA ARG D 508 -36.06 -21.47 9.89
C ARG D 508 -35.06 -21.55 8.73
N ASN D 509 -33.94 -20.84 8.83
CA ASN D 509 -32.92 -20.91 7.79
C ASN D 509 -32.35 -22.32 7.67
N LEU D 510 -32.12 -22.98 8.82
CA LEU D 510 -31.63 -24.35 8.80
C LEU D 510 -32.62 -25.29 8.15
N GLN D 511 -33.92 -25.11 8.43
CA GLN D 511 -34.94 -25.94 7.81
C GLN D 511 -34.99 -25.72 6.31
N ILE D 512 -34.89 -24.46 5.87
CA ILE D 512 -34.87 -24.16 4.45
C ILE D 512 -33.65 -24.79 3.78
N ALA D 513 -32.50 -24.72 4.44
CA ALA D 513 -31.30 -25.34 3.90
C ALA D 513 -31.45 -26.85 3.79
N LYS D 514 -32.04 -27.49 4.81
CA LYS D 514 -32.25 -28.93 4.77
C LYS D 514 -33.20 -29.32 3.65
N ASN D 515 -34.23 -28.50 3.42
CA ASN D 515 -35.20 -28.83 2.38
C ASN D 515 -34.65 -28.56 0.99
N SER D 516 -33.79 -27.56 0.83
CA SER D 516 -33.36 -27.09 -0.49
C SER D 516 -31.93 -27.43 -0.82
N TYR D 517 -31.01 -27.34 0.13
CA TYR D 517 -29.59 -27.56 -0.11
C TYR D 517 -29.06 -28.64 0.83
N ASN D 518 -29.78 -29.75 0.90
CA ASN D 518 -29.41 -30.82 1.81
C ASN D 518 -28.06 -31.43 1.46
N ASP D 519 -27.37 -31.91 2.49
CA ASP D 519 -26.06 -32.52 2.33
C ASP D 519 -25.84 -33.48 3.48
N ALA D 520 -24.73 -34.22 3.42
CA ALA D 520 -24.40 -35.16 4.48
C ALA D 520 -24.14 -34.43 5.80
N LEU D 521 -23.31 -33.39 5.76
CA LEU D 521 -23.05 -32.62 6.97
C LEU D 521 -24.28 -31.86 7.44
N LEU D 522 -25.06 -31.33 6.49
CA LEU D 522 -26.29 -30.65 6.86
C LEU D 522 -27.27 -31.61 7.52
N THR D 523 -27.37 -32.83 7.00
CA THR D 523 -28.22 -33.85 7.64
C THR D 523 -27.71 -34.19 9.03
N PHE D 524 -26.38 -34.32 9.18
CA PHE D 524 -25.81 -34.62 10.48
C PHE D 524 -26.12 -33.52 11.50
N VAL D 525 -25.96 -32.26 11.09
CA VAL D 525 -26.21 -31.13 11.98
C VAL D 525 -27.70 -31.02 12.29
N TRP D 526 -28.56 -31.28 11.30
CA TRP D 526 -29.99 -31.26 11.56
C TRP D 526 -30.40 -32.33 12.55
N LYS D 527 -29.83 -33.53 12.43
CA LYS D 527 -30.11 -34.59 13.39
C LYS D 527 -29.61 -34.21 14.78
N LEU D 528 -28.43 -33.59 14.87
CA LEU D 528 -27.91 -33.16 16.16
C LEU D 528 -28.83 -32.12 16.81
N VAL D 529 -29.28 -31.15 16.02
CA VAL D 529 -30.15 -30.09 16.55
C VAL D 529 -31.48 -30.69 16.99
N ALA D 530 -32.03 -31.61 16.20
CA ALA D 530 -33.28 -32.25 16.58
C ALA D 530 -33.12 -33.07 17.85
N ASN D 531 -31.98 -33.74 18.01
CA ASN D 531 -31.71 -34.49 19.24
C ASN D 531 -31.67 -33.55 20.44
N PHE D 532 -31.00 -32.41 20.29
CA PHE D 532 -30.86 -31.49 21.42
C PHE D 532 -32.07 -30.60 21.63
N ARG D 533 -33.05 -30.64 20.72
CA ARG D 533 -34.27 -29.87 20.90
C ARG D 533 -35.39 -30.68 21.53
N ARG D 534 -35.43 -31.99 21.28
CA ARG D 534 -36.44 -32.86 21.87
C ARG D 534 -35.84 -33.70 22.98
N THR D 558 -17.32 -40.30 22.09
CA THR D 558 -18.50 -39.99 22.90
C THR D 558 -19.51 -39.18 22.10
N ARG D 559 -20.25 -38.31 22.80
CA ARG D 559 -21.25 -37.47 22.15
C ARG D 559 -20.68 -36.15 21.65
N HIS D 560 -19.42 -35.84 21.93
CA HIS D 560 -18.76 -34.62 21.51
C HIS D 560 -19.56 -33.39 21.94
N PRO D 561 -19.65 -33.10 23.23
CA PRO D 561 -20.40 -31.92 23.66
C PRO D 561 -19.81 -30.61 23.16
N LEU D 562 -18.48 -30.54 23.08
CA LEU D 562 -17.84 -29.32 22.59
C LEU D 562 -18.16 -29.09 21.13
N GLN D 563 -18.25 -30.16 20.34
CA GLN D 563 -18.67 -30.01 18.95
C GLN D 563 -20.10 -29.50 18.87
N ALA D 564 -20.98 -29.97 19.75
CA ALA D 564 -22.35 -29.48 19.77
C ALA D 564 -22.40 -27.99 20.12
N LEU D 565 -21.62 -27.57 21.12
CA LEU D 565 -21.59 -26.14 21.47
C LEU D 565 -20.99 -25.30 20.35
N PHE D 566 -19.97 -25.83 19.68
CA PHE D 566 -19.37 -25.13 18.55
C PHE D 566 -20.37 -24.97 17.42
N ILE D 567 -21.15 -26.01 17.14
CA ILE D 567 -22.19 -25.91 16.12
C ILE D 567 -23.27 -24.92 16.55
N TRP D 568 -23.63 -24.92 17.83
CA TRP D 568 -24.62 -23.99 18.35
C TRP D 568 -24.17 -22.55 18.15
N ALA D 569 -22.89 -22.26 18.40
CA ALA D 569 -22.37 -20.92 18.18
C ALA D 569 -22.21 -20.60 16.70
N ILE D 570 -21.87 -21.60 15.89
CA ILE D 570 -21.61 -21.38 14.48
C ILE D 570 -22.91 -21.08 13.72
N LEU D 571 -23.98 -21.80 14.06
CA LEU D 571 -25.24 -21.62 13.34
C LEU D 571 -25.82 -20.23 13.55
N GLN D 572 -25.52 -19.60 14.68
CA GLN D 572 -26.05 -18.29 15.02
C GLN D 572 -25.08 -17.16 14.74
N ASN D 573 -23.99 -17.45 14.03
CA ASN D 573 -23.03 -16.44 13.58
C ASN D 573 -22.43 -15.67 14.76
N LYS D 574 -22.22 -16.36 15.88
CA LYS D 574 -21.53 -15.79 17.04
C LYS D 574 -20.05 -16.00 16.81
N LYS D 575 -19.43 -15.05 16.10
CA LYS D 575 -18.07 -15.25 15.60
C LYS D 575 -17.06 -15.42 16.73
N GLU D 576 -17.06 -14.48 17.69
CA GLU D 576 -16.06 -14.54 18.75
C GLU D 576 -16.32 -15.70 19.70
N LEU D 577 -17.59 -15.96 20.02
CA LEU D 577 -17.91 -17.12 20.84
C LEU D 577 -17.51 -18.41 20.14
N SER D 578 -17.75 -18.47 18.83
CA SER D 578 -17.35 -19.65 18.07
C SER D 578 -15.84 -19.83 18.09
N LYS D 579 -15.08 -18.73 17.98
CA LYS D 579 -13.62 -18.84 18.05
C LYS D 579 -13.17 -19.33 19.41
N VAL D 580 -13.77 -18.81 20.48
CA VAL D 580 -13.41 -19.24 21.83
C VAL D 580 -13.70 -20.73 22.01
N ILE D 581 -14.85 -21.19 21.53
CA ILE D 581 -15.20 -22.61 21.66
C ILE D 581 -14.30 -23.47 20.79
N TRP D 582 -13.96 -22.99 19.58
CA TRP D 582 -13.12 -23.75 18.68
C TRP D 582 -11.71 -23.91 19.21
N GLU D 583 -11.23 -22.93 19.97
CA GLU D 583 -9.92 -23.07 20.59
C GLU D 583 -9.86 -24.19 21.60
N GLN D 584 -11.00 -24.75 22.01
CA GLN D 584 -11.04 -25.84 22.98
C GLN D 584 -11.37 -27.18 22.35
N THR D 585 -11.62 -27.23 21.04
CA THR D 585 -12.00 -28.47 20.40
C THR D 585 -10.82 -29.43 20.28
N ARG D 586 -11.13 -30.72 20.10
CA ARG D 586 -10.09 -31.72 19.96
C ARG D 586 -9.54 -31.76 18.55
N GLY D 587 -10.38 -32.08 17.58
CA GLY D 587 -9.97 -31.99 16.18
C GLY D 587 -10.26 -30.61 15.64
N CYS D 588 -9.25 -29.74 15.65
CA CYS D 588 -9.47 -28.33 15.37
C CYS D 588 -9.52 -28.05 13.88
N THR D 589 -8.65 -28.69 13.09
CA THR D 589 -8.73 -28.54 11.64
C THR D 589 -10.03 -29.09 11.10
N LEU D 590 -10.44 -30.26 11.60
CA LEU D 590 -11.71 -30.86 11.18
C LEU D 590 -12.87 -29.98 11.60
N ALA D 591 -12.82 -29.42 12.80
CA ALA D 591 -13.89 -28.53 13.24
C ALA D 591 -13.96 -27.28 12.38
N ALA D 592 -12.82 -26.70 12.03
CA ALA D 592 -12.81 -25.51 11.18
C ALA D 592 -13.36 -25.82 9.80
N LEU D 593 -12.97 -26.96 9.23
CA LEU D 593 -13.47 -27.33 7.91
C LEU D 593 -14.96 -27.64 7.93
N GLY D 594 -15.43 -28.33 8.97
CA GLY D 594 -16.85 -28.60 9.09
C GLY D 594 -17.66 -27.34 9.28
N ALA D 595 -17.13 -26.39 10.07
CA ALA D 595 -17.80 -25.10 10.22
C ALA D 595 -17.84 -24.36 8.90
N SER D 596 -16.75 -24.41 8.13
CA SER D 596 -16.75 -23.77 6.82
C SER D 596 -17.80 -24.38 5.90
N LYS D 597 -17.91 -25.71 5.90
CA LYS D 597 -18.90 -26.39 5.07
C LYS D 597 -20.32 -26.02 5.49
N LEU D 598 -20.59 -26.06 6.80
CA LEU D 598 -21.92 -25.73 7.30
C LEU D 598 -22.29 -24.29 7.02
N LEU D 599 -21.33 -23.37 7.20
CA LEU D 599 -21.61 -21.96 6.95
C LEU D 599 -21.81 -21.67 5.47
N LYS D 600 -21.05 -22.36 4.60
CA LYS D 600 -21.26 -22.18 3.17
C LYS D 600 -22.60 -22.73 2.74
N THR D 601 -23.06 -23.83 3.36
CA THR D 601 -24.40 -24.33 3.08
C THR D 601 -25.46 -23.35 3.54
N LEU D 602 -25.29 -22.77 4.74
CA LEU D 602 -26.27 -21.82 5.25
C LEU D 602 -26.27 -20.52 4.47
N ALA D 603 -25.15 -20.15 3.86
CA ALA D 603 -25.08 -18.97 3.02
C ALA D 603 -25.85 -19.12 1.72
N LYS D 604 -26.24 -20.34 1.36
CA LYS D 604 -27.02 -20.56 0.15
C LYS D 604 -28.47 -20.12 0.31
N VAL D 605 -28.98 -20.03 1.54
CA VAL D 605 -30.36 -19.63 1.75
C VAL D 605 -30.50 -18.14 1.49
N LYS D 606 -31.44 -17.78 0.63
CA LYS D 606 -31.65 -16.39 0.21
C LYS D 606 -32.81 -15.73 0.95
N ASN D 607 -33.31 -16.35 2.02
CA ASN D 607 -34.37 -15.72 2.81
C ASN D 607 -33.90 -14.42 3.43
N ASP D 608 -32.68 -14.41 3.98
CA ASP D 608 -32.09 -13.22 4.57
C ASP D 608 -30.66 -13.11 4.06
N ILE D 609 -30.41 -12.13 3.19
CA ILE D 609 -29.10 -12.01 2.56
C ILE D 609 -28.04 -11.49 3.52
N ASN D 610 -28.43 -10.73 4.55
CA ASN D 610 -27.45 -10.29 5.54
C ASN D 610 -26.93 -11.47 6.36
N ALA D 611 -27.83 -12.36 6.78
CA ALA D 611 -27.40 -13.57 7.47
C ALA D 611 -26.53 -14.44 6.59
N ALA D 612 -26.89 -14.56 5.30
CA ALA D 612 -26.09 -15.34 4.37
C ALA D 612 -24.70 -14.73 4.19
N GLY D 613 -24.60 -13.40 4.11
CA GLY D 613 -23.30 -12.77 4.00
C GLY D 613 -22.46 -12.97 5.24
N GLU D 614 -23.08 -12.87 6.42
CA GLU D 614 -22.35 -13.14 7.66
C GLU D 614 -21.86 -14.58 7.69
N SER D 615 -22.70 -15.53 7.25
CA SER D 615 -22.31 -16.93 7.20
C SER D 615 -21.14 -17.14 6.24
N GLU D 616 -21.17 -16.47 5.09
CA GLU D 616 -20.08 -16.60 4.13
C GLU D 616 -18.78 -16.04 4.71
N GLU D 617 -18.85 -14.90 5.39
CA GLU D 617 -17.66 -14.33 6.01
C GLU D 617 -17.10 -15.26 7.08
N LEU D 618 -17.97 -15.84 7.92
CA LEU D 618 -17.50 -16.76 8.94
C LEU D 618 -16.91 -18.02 8.33
N ALA D 619 -17.50 -18.51 7.23
CA ALA D 619 -16.95 -19.66 6.54
C ALA D 619 -15.56 -19.37 6.00
N ASN D 620 -15.36 -18.19 5.41
CA ASN D 620 -14.03 -17.82 4.95
C ASN D 620 -13.05 -17.72 6.11
N GLU D 621 -13.49 -17.15 7.23
CA GLU D 621 -12.61 -17.05 8.39
C GLU D 621 -12.19 -18.42 8.89
N TYR D 622 -13.12 -19.38 8.95
CA TYR D 622 -12.78 -20.70 9.45
C TYR D 622 -11.95 -21.49 8.45
N GLU D 623 -12.17 -21.27 7.15
CA GLU D 623 -11.28 -21.87 6.16
C GLU D 623 -9.86 -21.35 6.31
N THR D 624 -9.70 -20.04 6.53
CA THR D 624 -8.38 -19.48 6.75
C THR D 624 -7.75 -20.03 8.01
N ARG D 625 -8.55 -20.20 9.07
CA ARG D 625 -8.04 -20.77 10.31
C ARG D 625 -7.56 -22.20 10.10
N ALA D 626 -8.33 -23.01 9.37
CA ALA D 626 -7.90 -24.37 9.08
C ALA D 626 -6.63 -24.38 8.25
N VAL D 627 -6.54 -23.49 7.27
CA VAL D 627 -5.34 -23.42 6.44
C VAL D 627 -4.12 -23.09 7.28
N GLU D 628 -4.23 -22.08 8.15
CA GLU D 628 -3.09 -21.69 8.97
C GLU D 628 -2.70 -22.77 9.95
N LEU D 629 -3.68 -23.41 10.60
CA LEU D 629 -3.37 -24.47 11.54
C LEU D 629 -2.71 -25.66 10.84
N PHE D 630 -3.22 -26.05 9.68
CA PHE D 630 -2.61 -27.18 8.98
C PHE D 630 -1.24 -26.83 8.41
N THR D 631 -1.04 -25.57 8.00
CA THR D 631 0.29 -25.16 7.58
C THR D 631 1.28 -25.26 8.73
N GLU D 632 0.87 -24.82 9.92
CA GLU D 632 1.71 -24.98 11.10
C GLU D 632 1.99 -26.46 11.37
N CYS D 633 0.96 -27.29 11.27
CA CYS D 633 1.12 -28.73 11.51
C CYS D 633 2.11 -29.35 10.53
N TYR D 634 1.99 -28.99 9.25
CA TYR D 634 2.86 -29.57 8.23
C TYR D 634 4.29 -29.07 8.36
N SER D 635 4.47 -27.79 8.69
CA SER D 635 5.81 -27.29 8.92
C SER D 635 6.44 -27.95 10.14
N SER D 636 5.65 -28.30 11.14
CA SER D 636 6.18 -29.01 12.29
C SER D 636 6.55 -30.44 11.93
N ASP D 637 5.57 -31.23 11.50
CA ASP D 637 5.80 -32.61 11.09
C ASP D 637 5.05 -32.87 9.79
N GLU D 638 5.62 -33.75 8.96
CA GLU D 638 5.04 -34.10 7.68
C GLU D 638 4.21 -35.38 7.73
N ASP D 639 4.69 -36.40 8.44
CA ASP D 639 3.94 -37.65 8.53
C ASP D 639 2.74 -37.50 9.46
N LEU D 640 2.93 -36.81 10.59
CA LEU D 640 1.83 -36.60 11.53
C LEU D 640 0.75 -35.71 10.91
N ALA D 641 1.15 -34.69 10.18
CA ALA D 641 0.16 -33.82 9.53
C ALA D 641 -0.62 -34.59 8.48
N GLU D 642 0.02 -35.52 7.77
CA GLU D 642 -0.69 -36.32 6.78
C GLU D 642 -1.58 -37.35 7.43
N GLN D 643 -1.19 -37.88 8.59
CA GLN D 643 -2.10 -38.73 9.36
C GLN D 643 -3.32 -37.95 9.81
N LEU D 644 -3.11 -36.71 10.24
CA LEU D 644 -4.22 -35.84 10.63
C LEU D 644 -5.10 -35.48 9.44
N LEU D 645 -4.52 -35.40 8.25
CA LEU D 645 -5.28 -35.06 7.06
C LEU D 645 -6.37 -36.10 6.77
N VAL D 646 -6.05 -37.38 6.93
CA VAL D 646 -6.99 -38.45 6.62
C VAL D 646 -7.68 -38.98 7.87
N TYR D 647 -7.52 -38.32 9.01
CA TYR D 647 -8.16 -38.77 10.23
C TYR D 647 -9.67 -38.62 10.12
N SER D 648 -10.38 -39.70 10.42
CA SER D 648 -11.83 -39.73 10.33
C SER D 648 -12.42 -40.10 11.67
N CYS D 649 -13.51 -39.44 12.04
CA CYS D 649 -14.23 -39.72 13.27
C CYS D 649 -15.69 -39.36 13.07
N GLU D 650 -16.54 -39.96 13.88
CA GLU D 650 -17.98 -39.68 13.80
C GLU D 650 -18.33 -38.26 14.24
N ALA D 651 -17.34 -37.44 14.57
CA ALA D 651 -17.61 -36.10 15.08
C ALA D 651 -18.33 -35.24 14.07
N TRP D 652 -17.90 -35.28 12.81
CA TRP D 652 -18.49 -34.42 11.79
C TRP D 652 -19.17 -35.23 10.71
N GLY D 653 -19.94 -36.23 11.11
CA GLY D 653 -20.60 -37.11 10.16
C GLY D 653 -19.74 -38.21 9.62
N GLY D 654 -18.71 -38.61 10.36
CA GLY D 654 -17.78 -39.59 9.84
C GLY D 654 -16.93 -39.08 8.71
N SER D 655 -16.83 -37.77 8.54
CA SER D 655 -16.15 -37.18 7.40
C SER D 655 -14.68 -37.00 7.69
N ASN D 656 -13.98 -36.37 6.75
CA ASN D 656 -12.53 -36.27 6.75
C ASN D 656 -12.14 -34.84 6.41
N CYS D 657 -10.92 -34.47 6.77
CA CYS D 657 -10.43 -33.13 6.47
C CYS D 657 -10.44 -32.87 4.98
N LEU D 658 -9.88 -33.78 4.19
CA LEU D 658 -9.90 -33.64 2.74
C LEU D 658 -11.31 -33.70 2.19
N GLU D 659 -12.12 -34.64 2.70
CA GLU D 659 -13.49 -34.76 2.23
C GLU D 659 -14.29 -33.51 2.56
N LEU D 660 -14.13 -32.97 3.77
CA LEU D 660 -14.86 -31.76 4.14
C LEU D 660 -14.39 -30.56 3.33
N ALA D 661 -13.08 -30.46 3.07
CA ALA D 661 -12.57 -29.37 2.25
C ALA D 661 -13.10 -29.45 0.82
N VAL D 662 -13.19 -30.66 0.26
CA VAL D 662 -13.68 -30.81 -1.10
C VAL D 662 -15.18 -30.52 -1.16
N GLU D 663 -15.95 -31.02 -0.19
CA GLU D 663 -17.39 -30.77 -0.18
C GLU D 663 -17.69 -29.29 -0.01
N ALA D 664 -16.91 -28.60 0.81
CA ALA D 664 -17.10 -27.16 1.01
C ALA D 664 -16.45 -26.32 -0.07
N THR D 665 -15.78 -26.95 -1.03
CA THR D 665 -15.02 -26.23 -2.05
C THR D 665 -14.03 -25.26 -1.41
N ASP D 666 -13.36 -25.73 -0.36
CA ASP D 666 -12.33 -24.96 0.33
C ASP D 666 -11.07 -25.01 -0.52
N GLN D 667 -11.02 -24.13 -1.52
CA GLN D 667 -9.91 -24.14 -2.46
C GLN D 667 -8.60 -23.76 -1.81
N HIS D 668 -8.64 -22.86 -0.82
CA HIS D 668 -7.41 -22.47 -0.14
C HIS D 668 -6.82 -23.63 0.66
N PHE D 669 -7.67 -24.43 1.30
CA PHE D 669 -7.17 -25.59 2.03
C PHE D 669 -6.61 -26.65 1.08
N ILE D 670 -7.29 -26.87 -0.04
CA ILE D 670 -6.83 -27.88 -1.00
C ILE D 670 -5.55 -27.43 -1.68
N ALA D 671 -5.44 -26.13 -1.98
CA ALA D 671 -4.27 -25.60 -2.66
C ALA D 671 -3.06 -25.44 -1.74
N GLN D 672 -3.13 -25.98 -0.52
CA GLN D 672 -1.98 -25.91 0.37
C GLN D 672 -0.84 -26.79 -0.17
N PRO D 673 0.40 -26.36 -0.02
CA PRO D 673 1.52 -27.22 -0.45
C PRO D 673 1.55 -28.56 0.23
N GLY D 674 1.17 -28.62 1.51
CA GLY D 674 1.12 -29.91 2.19
C GLY D 674 0.08 -30.84 1.59
N VAL D 675 -1.13 -30.31 1.34
CA VAL D 675 -2.18 -31.12 0.73
C VAL D 675 -1.79 -31.52 -0.69
N GLN D 676 -1.19 -30.60 -1.44
CA GLN D 676 -0.81 -30.91 -2.81
C GLN D 676 0.28 -31.98 -2.87
N ASN D 677 1.27 -31.92 -1.97
CA ASN D 677 2.31 -32.94 -2.01
C ASN D 677 1.82 -34.25 -1.41
N PHE D 678 0.84 -34.20 -0.51
CA PHE D 678 0.16 -35.42 -0.09
C PHE D 678 -0.55 -36.08 -1.27
N LEU D 679 -1.23 -35.28 -2.09
CA LEU D 679 -1.87 -35.81 -3.28
C LEU D 679 -0.86 -36.36 -4.27
N SER D 680 0.29 -35.68 -4.42
CA SER D 680 1.34 -36.19 -5.29
C SER D 680 1.89 -37.52 -4.79
N LYS D 681 2.07 -37.65 -3.48
CA LYS D 681 2.51 -38.91 -2.90
C LYS D 681 1.49 -40.02 -3.15
N GLN D 682 0.21 -39.70 -3.02
CA GLN D 682 -0.83 -40.66 -3.34
C GLN D 682 -0.78 -41.07 -4.80
N TRP D 683 -0.57 -40.08 -5.68
CA TRP D 683 -0.54 -40.35 -7.12
C TRP D 683 0.63 -41.24 -7.50
N TYR D 684 1.79 -41.03 -6.89
CA TYR D 684 2.95 -41.87 -7.17
C TYR D 684 2.93 -43.19 -6.42
N GLY D 685 2.09 -43.32 -5.39
CA GLY D 685 2.03 -44.58 -4.66
C GLY D 685 3.30 -44.82 -3.85
N GLU D 686 3.77 -46.06 -3.89
CA GLU D 686 5.01 -46.42 -3.20
C GLU D 686 6.25 -45.99 -3.98
N ILE D 687 6.09 -45.51 -5.19
CA ILE D 687 7.21 -45.01 -5.98
C ILE D 687 7.54 -43.60 -5.51
N SER D 688 8.82 -43.36 -5.22
CA SER D 688 9.25 -42.04 -4.82
C SER D 688 9.12 -41.06 -5.97
N ARG D 689 8.70 -39.84 -5.67
CA ARG D 689 8.56 -38.82 -6.71
C ARG D 689 9.91 -38.33 -7.23
N ASP D 690 11.01 -38.72 -6.60
CA ASP D 690 12.32 -38.29 -7.06
C ASP D 690 12.76 -39.04 -8.32
N THR D 691 12.16 -40.18 -8.62
CA THR D 691 12.48 -40.89 -9.84
C THR D 691 11.90 -40.19 -11.05
N LYS D 692 12.57 -40.35 -12.19
CA LYS D 692 12.13 -39.69 -13.41
C LYS D 692 10.92 -40.38 -14.00
N ASN D 693 10.07 -39.60 -14.66
CA ASN D 693 8.88 -40.16 -15.28
C ASN D 693 9.24 -41.13 -16.40
N TRP D 694 10.25 -40.78 -17.21
CA TRP D 694 10.65 -41.66 -18.29
C TRP D 694 11.18 -42.99 -17.76
N LYS D 695 11.80 -42.98 -16.58
CA LYS D 695 12.23 -44.24 -15.97
C LYS D 695 11.03 -45.11 -15.64
N ILE D 696 9.97 -44.52 -15.09
CA ILE D 696 8.76 -45.28 -14.77
C ILE D 696 8.12 -45.83 -16.03
N ILE D 697 8.08 -45.01 -17.09
CA ILE D 697 7.48 -45.47 -18.35
C ILE D 697 8.30 -46.61 -18.94
N LEU D 698 9.63 -46.51 -18.89
CA LEU D 698 10.49 -47.55 -19.43
C LEU D 698 10.33 -48.85 -18.65
N CYS D 699 10.26 -48.75 -17.32
CA CYS D 699 10.01 -49.94 -16.51
C CYS D 699 8.62 -50.51 -16.76
N LEU D 700 7.67 -49.64 -17.12
CA LEU D 700 6.35 -50.13 -17.53
C LEU D 700 6.44 -50.94 -18.81
N PHE D 701 7.22 -50.47 -19.78
CA PHE D 701 7.39 -51.21 -21.02
C PHE D 701 8.34 -52.39 -20.86
N ILE D 702 9.37 -52.25 -20.03
CA ILE D 702 10.28 -53.35 -19.73
C ILE D 702 10.03 -53.82 -18.30
N ILE D 703 9.14 -54.81 -18.15
CA ILE D 703 8.72 -55.24 -16.82
C ILE D 703 9.87 -55.75 -15.96
N PRO D 704 10.78 -56.58 -16.45
CA PRO D 704 11.83 -57.11 -15.55
C PRO D 704 12.72 -56.05 -14.94
N LEU D 705 12.80 -54.85 -15.53
CA LEU D 705 13.65 -53.81 -14.99
C LEU D 705 13.13 -53.21 -13.69
N VAL D 706 11.89 -53.51 -13.30
CA VAL D 706 11.35 -52.99 -12.05
C VAL D 706 12.11 -53.58 -10.86
N GLY D 707 12.39 -54.88 -10.90
CA GLY D 707 13.11 -55.55 -9.83
C GLY D 707 14.61 -55.39 -9.86
N CYS D 708 15.15 -54.68 -10.84
CA CYS D 708 16.59 -54.48 -10.96
C CYS D 708 17.07 -53.19 -10.30
N GLY D 709 16.20 -52.52 -9.56
CA GLY D 709 16.57 -51.29 -8.89
C GLY D 709 16.53 -50.04 -9.74
N PHE D 710 15.93 -50.11 -10.93
CA PHE D 710 15.85 -48.92 -11.78
C PHE D 710 14.95 -47.86 -11.17
N VAL D 711 13.83 -48.26 -10.57
CA VAL D 711 12.86 -47.35 -10.00
C VAL D 711 13.03 -47.35 -8.49
N SER D 712 13.24 -46.17 -7.92
CA SER D 712 13.36 -46.05 -6.46
C SER D 712 11.99 -45.98 -5.83
N PHE D 713 11.90 -46.48 -4.60
CA PHE D 713 10.65 -46.55 -3.87
C PHE D 713 10.77 -45.76 -2.57
N ARG D 714 9.61 -45.31 -2.06
CA ARG D 714 9.59 -44.52 -0.84
C ARG D 714 10.04 -45.33 0.36
N LYS D 715 9.61 -46.58 0.46
CA LYS D 715 9.94 -47.45 1.57
C LYS D 715 10.66 -48.70 1.05
N LYS D 716 10.86 -49.66 1.95
CA LYS D 716 11.55 -50.90 1.65
C LYS D 716 10.70 -52.09 2.10
N PRO D 717 10.86 -53.26 1.46
CA PRO D 717 10.11 -54.45 1.85
C PRO D 717 10.39 -54.89 3.28
N LYS D 723 11.46 -58.79 -1.26
CA LYS D 723 11.04 -60.16 -1.58
C LYS D 723 10.89 -60.33 -3.08
N LEU D 724 11.19 -59.26 -3.83
CA LEU D 724 11.19 -59.24 -5.29
C LEU D 724 9.78 -59.29 -5.85
N LEU D 725 8.80 -59.53 -4.98
CA LEU D 725 7.38 -59.48 -5.35
C LEU D 725 6.71 -58.21 -4.84
N TRP D 726 7.08 -57.76 -3.65
CA TRP D 726 6.56 -56.50 -3.13
C TRP D 726 6.92 -55.35 -4.05
N TYR D 727 8.09 -55.40 -4.68
CA TYR D 727 8.48 -54.34 -5.62
C TYR D 727 7.50 -54.25 -6.77
N TYR D 728 7.18 -55.38 -7.40
CA TYR D 728 6.27 -55.38 -8.53
C TYR D 728 4.85 -55.01 -8.10
N VAL D 729 4.44 -55.48 -6.92
CA VAL D 729 3.10 -55.13 -6.41
C VAL D 729 3.00 -53.64 -6.18
N ALA D 730 4.02 -53.04 -5.55
CA ALA D 730 4.01 -51.61 -5.28
C ALA D 730 4.10 -50.80 -6.56
N PHE D 731 4.86 -51.29 -7.55
CA PHE D 731 4.96 -50.58 -8.81
C PHE D 731 3.63 -50.59 -9.56
N PHE D 732 3.02 -51.77 -9.69
CA PHE D 732 1.83 -51.89 -10.54
C PHE D 732 0.55 -51.49 -9.82
N THR D 733 0.60 -51.17 -8.53
CA THR D 733 -0.53 -50.59 -7.83
C THR D 733 -0.43 -49.07 -7.74
N SER D 734 0.63 -48.48 -8.28
CA SER D 734 0.79 -47.03 -8.24
C SER D 734 -0.18 -46.39 -9.22
N PRO D 735 -0.97 -45.40 -8.80
CA PRO D 735 -1.92 -44.77 -9.72
C PRO D 735 -1.28 -44.18 -10.95
N PHE D 736 -0.06 -43.64 -10.84
CA PHE D 736 0.67 -43.16 -12.01
C PHE D 736 0.92 -44.30 -12.98
N VAL D 737 1.43 -45.42 -12.46
CA VAL D 737 1.72 -46.58 -13.30
C VAL D 737 0.45 -47.15 -13.89
N VAL D 738 -0.61 -47.24 -13.08
CA VAL D 738 -1.86 -47.80 -13.57
C VAL D 738 -2.44 -46.92 -14.67
N PHE D 739 -2.38 -45.61 -14.51
CA PHE D 739 -2.87 -44.69 -15.53
C PHE D 739 -2.08 -44.85 -16.82
N SER D 740 -0.74 -44.89 -16.73
CA SER D 740 0.07 -45.04 -17.93
C SER D 740 -0.19 -46.38 -18.62
N TRP D 741 -0.31 -47.45 -17.83
CA TRP D 741 -0.60 -48.77 -18.39
C TRP D 741 -1.96 -48.78 -19.07
N ASN D 742 -2.95 -48.12 -18.46
CA ASN D 742 -4.28 -48.08 -19.05
C ASN D 742 -4.27 -47.32 -20.38
N VAL D 743 -3.53 -46.21 -20.45
CA VAL D 743 -3.44 -45.49 -21.71
C VAL D 743 -2.73 -46.32 -22.77
N VAL D 744 -1.64 -47.00 -22.39
CA VAL D 744 -0.92 -47.84 -23.35
C VAL D 744 -1.81 -48.98 -23.85
N PHE D 745 -2.53 -49.62 -22.94
CA PHE D 745 -3.41 -50.72 -23.33
C PHE D 745 -4.59 -50.23 -24.14
N TYR D 746 -5.04 -48.99 -23.90
CA TYR D 746 -6.08 -48.42 -24.75
C TYR D 746 -5.58 -48.18 -26.16
N ILE D 747 -4.33 -47.71 -26.30
CA ILE D 747 -3.75 -47.56 -27.63
C ILE D 747 -3.63 -48.92 -28.31
N ALA D 748 -3.20 -49.93 -27.56
CA ALA D 748 -3.11 -51.28 -28.12
C ALA D 748 -4.47 -51.82 -28.53
N PHE D 749 -5.50 -51.54 -27.72
CA PHE D 749 -6.86 -51.97 -28.05
C PHE D 749 -7.37 -51.26 -29.30
N LEU D 750 -7.01 -49.98 -29.46
CA LEU D 750 -7.36 -49.28 -30.68
C LEU D 750 -6.67 -49.87 -31.89
N LEU D 751 -5.39 -50.25 -31.75
CA LEU D 751 -4.69 -50.90 -32.84
C LEU D 751 -5.33 -52.23 -33.20
N LEU D 752 -5.71 -53.02 -32.19
CA LEU D 752 -6.39 -54.28 -32.44
C LEU D 752 -7.74 -54.06 -33.11
N PHE D 753 -8.47 -53.02 -32.69
CA PHE D 753 -9.74 -52.68 -33.31
C PHE D 753 -9.55 -52.33 -34.78
N ALA D 754 -8.54 -51.52 -35.09
CA ALA D 754 -8.26 -51.17 -36.48
C ALA D 754 -7.90 -52.42 -37.28
N TYR D 755 -7.08 -53.30 -36.71
CA TYR D 755 -6.70 -54.53 -37.42
C TYR D 755 -7.92 -55.39 -37.70
N VAL D 756 -8.81 -55.53 -36.72
CA VAL D 756 -10.01 -56.33 -36.92
C VAL D 756 -10.90 -55.71 -37.99
N LEU D 757 -11.05 -54.39 -37.96
CA LEU D 757 -11.90 -53.72 -38.94
C LEU D 757 -11.34 -53.85 -40.35
N LEU D 758 -10.01 -53.76 -40.50
CA LEU D 758 -9.41 -53.71 -41.83
C LEU D 758 -9.09 -55.08 -42.41
N MET D 759 -8.85 -56.09 -41.58
CA MET D 759 -8.38 -57.37 -42.08
C MET D 759 -9.03 -58.59 -41.43
N ASP D 760 -9.95 -58.43 -40.50
CA ASP D 760 -10.50 -59.55 -39.75
C ASP D 760 -12.01 -59.45 -39.64
N PHE D 761 -12.67 -59.18 -40.77
CA PHE D 761 -14.13 -59.12 -40.83
C PHE D 761 -14.58 -60.04 -41.97
N HIS D 762 -14.92 -61.28 -41.62
CA HIS D 762 -15.29 -62.30 -42.60
C HIS D 762 -16.56 -63.03 -42.17
N SER D 763 -17.53 -62.27 -41.65
CA SER D 763 -18.85 -62.78 -41.27
C SER D 763 -18.77 -63.86 -40.21
N VAL D 764 -17.68 -63.92 -39.45
CA VAL D 764 -17.52 -64.88 -38.36
C VAL D 764 -16.58 -64.27 -37.33
N PRO D 765 -16.80 -64.49 -36.04
CA PRO D 765 -15.89 -63.94 -35.02
C PRO D 765 -14.59 -64.73 -34.94
N HIS D 766 -13.53 -64.15 -35.47
CA HIS D 766 -12.19 -64.72 -35.35
C HIS D 766 -11.63 -64.41 -33.96
N PRO D 767 -10.61 -65.16 -33.53
CA PRO D 767 -10.08 -64.99 -32.16
C PRO D 767 -9.72 -63.54 -31.84
N PRO D 768 -9.17 -62.77 -32.80
CA PRO D 768 -9.03 -61.33 -32.52
C PRO D 768 -10.33 -60.64 -32.20
N GLU D 769 -11.43 -61.05 -32.84
CA GLU D 769 -12.73 -60.44 -32.54
C GLU D 769 -13.16 -60.75 -31.11
N LEU D 770 -12.96 -62.00 -30.66
CA LEU D 770 -13.32 -62.34 -29.28
C LEU D 770 -12.43 -61.62 -28.28
N VAL D 771 -11.15 -61.45 -28.61
CA VAL D 771 -10.27 -60.69 -27.72
C VAL D 771 -10.74 -59.25 -27.62
N LEU D 772 -11.11 -58.64 -28.75
CA LEU D 772 -11.63 -57.28 -28.74
C LEU D 772 -12.94 -57.20 -27.96
N TYR D 773 -13.79 -58.21 -28.09
CA TYR D 773 -15.05 -58.23 -27.33
C TYR D 773 -14.78 -58.30 -25.83
N SER D 774 -13.80 -59.11 -25.42
CA SER D 774 -13.46 -59.19 -24.00
C SER D 774 -12.91 -57.86 -23.49
N LEU D 775 -12.06 -57.20 -24.28
CA LEU D 775 -11.53 -55.91 -23.88
C LEU D 775 -12.65 -54.88 -23.73
N VAL D 776 -13.59 -54.86 -24.69
CA VAL D 776 -14.73 -53.97 -24.59
C VAL D 776 -15.60 -54.31 -23.39
N PHE D 777 -15.69 -55.60 -23.05
CA PHE D 777 -16.45 -56.00 -21.87
C PHE D 777 -15.81 -55.45 -20.59
N VAL D 778 -14.48 -55.51 -20.50
CA VAL D 778 -13.82 -54.96 -19.32
C VAL D 778 -13.98 -53.44 -19.27
N LEU D 779 -13.95 -52.79 -20.44
CA LEU D 779 -14.23 -51.36 -20.49
C LEU D 779 -15.65 -51.06 -20.00
N PHE D 780 -16.60 -51.90 -20.38
CA PHE D 780 -17.98 -51.73 -19.92
C PHE D 780 -18.09 -51.92 -18.41
N CYS D 781 -17.34 -52.88 -17.87
CA CYS D 781 -17.33 -53.06 -16.42
C CYS D 781 -16.77 -51.84 -15.71
N ASP D 782 -15.70 -51.26 -16.25
CA ASP D 782 -15.16 -50.03 -15.68
C ASP D 782 -16.18 -48.89 -15.75
N GLU D 783 -16.88 -48.79 -16.87
CA GLU D 783 -17.90 -47.74 -17.00
C GLU D 783 -19.05 -47.96 -16.01
N VAL D 784 -19.44 -49.22 -15.79
CA VAL D 784 -20.48 -49.53 -14.81
C VAL D 784 -20.02 -49.14 -13.41
N ARG D 785 -18.76 -49.42 -13.09
CA ARG D 785 -18.21 -48.99 -11.80
C ARG D 785 -18.25 -47.48 -11.66
N GLN D 786 -17.92 -46.76 -12.74
CA GLN D 786 -17.99 -45.31 -12.70
C GLN D 786 -19.42 -44.82 -12.49
N TRP D 787 -20.39 -45.46 -13.16
CA TRP D 787 -21.79 -45.13 -12.93
C TRP D 787 -22.15 -45.31 -11.46
N TYR D 788 -21.81 -46.47 -10.90
CA TYR D 788 -22.17 -46.76 -9.52
C TYR D 788 -21.53 -45.78 -8.55
N VAL D 789 -20.26 -45.42 -8.80
CA VAL D 789 -19.56 -44.52 -7.89
C VAL D 789 -20.11 -43.10 -7.98
N ASN D 790 -20.34 -42.61 -9.20
CA ASN D 790 -20.66 -41.20 -9.40
C ASN D 790 -22.16 -40.92 -9.42
N GLY D 791 -23.02 -41.93 -9.37
CA GLY D 791 -24.44 -41.64 -9.34
C GLY D 791 -24.92 -41.04 -10.65
N VAL D 792 -25.89 -40.13 -10.53
CA VAL D 792 -26.44 -39.45 -11.71
C VAL D 792 -25.58 -38.30 -12.18
N ASN D 793 -24.63 -37.84 -11.36
CA ASN D 793 -23.75 -36.75 -11.77
C ASN D 793 -22.71 -37.19 -12.80
N TYR D 794 -22.59 -38.49 -13.06
CA TYR D 794 -21.63 -38.96 -14.05
C TYR D 794 -22.00 -38.48 -15.45
N PHE D 795 -23.30 -38.50 -15.78
CA PHE D 795 -23.76 -38.10 -17.10
C PHE D 795 -24.00 -36.60 -17.17
N THR D 796 -22.94 -35.84 -16.91
CA THR D 796 -23.00 -34.39 -16.95
C THR D 796 -21.82 -33.82 -17.72
N ASP D 797 -20.74 -34.60 -17.84
CA ASP D 797 -19.53 -34.11 -18.50
C ASP D 797 -19.62 -34.11 -20.01
N LEU D 798 -20.61 -34.83 -20.58
CA LEU D 798 -20.83 -34.90 -22.02
C LEU D 798 -19.74 -35.72 -22.70
N TRP D 799 -18.68 -36.05 -21.97
CA TRP D 799 -17.65 -36.95 -22.44
C TRP D 799 -17.72 -38.33 -21.81
N ASN D 800 -18.20 -38.41 -20.57
CA ASN D 800 -18.60 -39.69 -20.01
C ASN D 800 -19.81 -40.25 -20.76
N VAL D 801 -20.75 -39.37 -21.11
CA VAL D 801 -21.89 -39.77 -21.92
C VAL D 801 -21.41 -40.33 -23.25
N MET D 802 -20.37 -39.73 -23.82
CA MET D 802 -19.82 -40.23 -25.08
C MET D 802 -19.26 -41.64 -24.92
N ASP D 803 -18.57 -41.91 -23.81
CA ASP D 803 -18.03 -43.25 -23.58
C ASP D 803 -19.15 -44.27 -23.41
N THR D 804 -20.18 -43.91 -22.63
CA THR D 804 -21.32 -44.80 -22.46
C THR D 804 -22.00 -45.09 -23.79
N LEU D 805 -22.21 -44.05 -24.61
CA LEU D 805 -22.86 -44.23 -25.90
C LEU D 805 -21.99 -45.05 -26.84
N GLY D 806 -20.67 -44.90 -26.76
CA GLY D 806 -19.78 -45.71 -27.58
C GLY D 806 -19.85 -47.18 -27.20
N LEU D 807 -19.90 -47.47 -25.91
CA LEU D 807 -20.05 -48.87 -25.48
C LEU D 807 -21.40 -49.43 -25.92
N PHE D 808 -22.46 -48.63 -25.81
CA PHE D 808 -23.77 -49.10 -26.26
C PHE D 808 -23.78 -49.33 -27.77
N TYR D 809 -23.10 -48.46 -28.53
CA TYR D 809 -23.00 -48.64 -29.96
C TYR D 809 -22.21 -49.89 -30.30
N PHE D 810 -21.18 -50.20 -29.51
CA PHE D 810 -20.45 -51.45 -29.72
C PHE D 810 -21.34 -52.66 -29.46
N ILE D 811 -22.18 -52.58 -28.43
CA ILE D 811 -23.12 -53.67 -28.18
C ILE D 811 -24.07 -53.84 -29.36
N ALA D 812 -24.59 -52.73 -29.88
CA ALA D 812 -25.50 -52.78 -31.02
C ALA D 812 -24.81 -53.36 -32.25
N GLY D 813 -23.55 -52.97 -32.48
CA GLY D 813 -22.80 -53.51 -33.59
C GLY D 813 -22.52 -54.99 -33.46
N ILE D 814 -22.26 -55.45 -32.24
CA ILE D 814 -22.10 -56.88 -32.01
C ILE D 814 -23.40 -57.61 -32.32
N VAL D 815 -24.53 -57.05 -31.90
CA VAL D 815 -25.82 -57.66 -32.18
C VAL D 815 -26.04 -57.75 -33.69
N PHE D 816 -25.75 -56.68 -34.41
CA PHE D 816 -25.92 -56.68 -35.86
C PHE D 816 -24.98 -57.69 -36.53
N ARG D 817 -23.75 -57.78 -36.05
CA ARG D 817 -22.76 -58.66 -36.66
C ARG D 817 -23.06 -60.13 -36.39
N LEU D 818 -23.64 -60.45 -35.24
CA LEU D 818 -23.96 -61.84 -34.93
C LEU D 818 -25.04 -62.40 -35.85
N HIS D 819 -25.82 -61.54 -36.50
CA HIS D 819 -26.83 -61.97 -37.46
C HIS D 819 -26.13 -62.27 -38.79
N SER D 820 -25.54 -63.45 -38.87
CA SER D 820 -24.84 -63.88 -40.07
C SER D 820 -25.85 -64.21 -41.17
N SER D 821 -25.33 -64.52 -42.36
CA SER D 821 -26.15 -64.80 -43.54
C SER D 821 -27.08 -63.63 -43.85
N ASN D 822 -26.57 -62.42 -43.68
CA ASN D 822 -27.34 -61.21 -43.97
C ASN D 822 -26.35 -60.11 -44.31
N LYS D 823 -26.26 -59.75 -45.59
CA LYS D 823 -25.30 -58.74 -46.02
C LYS D 823 -25.62 -57.37 -45.40
N SER D 824 -26.91 -57.02 -45.33
CA SER D 824 -27.29 -55.74 -44.75
C SER D 824 -26.89 -55.65 -43.28
N SER D 825 -27.12 -56.72 -42.52
CA SER D 825 -26.74 -56.72 -41.12
C SER D 825 -25.24 -56.61 -40.95
N LEU D 826 -24.48 -57.33 -41.77
CA LEU D 826 -23.02 -57.26 -41.68
C LEU D 826 -22.50 -55.87 -42.03
N TYR D 827 -23.07 -55.24 -43.06
CA TYR D 827 -22.64 -53.89 -43.41
C TYR D 827 -23.00 -52.90 -42.32
N SER D 828 -24.19 -53.03 -41.73
CA SER D 828 -24.56 -52.16 -40.62
C SER D 828 -23.61 -52.35 -39.44
N GLY D 829 -23.23 -53.59 -39.15
CA GLY D 829 -22.27 -53.84 -38.08
C GLY D 829 -20.92 -53.22 -38.36
N ARG D 830 -20.45 -53.33 -39.61
CA ARG D 830 -19.17 -52.72 -39.98
C ARG D 830 -19.23 -51.20 -39.83
N VAL D 831 -20.32 -50.58 -40.29
CA VAL D 831 -20.45 -49.13 -40.19
C VAL D 831 -20.49 -48.70 -38.74
N ILE D 832 -21.24 -49.42 -37.91
CA ILE D 832 -21.30 -49.10 -36.49
C ILE D 832 -19.94 -49.25 -35.84
N PHE D 833 -19.18 -50.28 -36.23
CA PHE D 833 -17.85 -50.48 -35.66
C PHE D 833 -16.89 -49.37 -36.08
N CYS D 834 -17.00 -48.89 -37.31
CA CYS D 834 -16.16 -47.77 -37.74
C CYS D 834 -16.51 -46.50 -36.97
N LEU D 835 -17.80 -46.22 -36.81
CA LEU D 835 -18.21 -45.05 -36.03
C LEU D 835 -17.74 -45.17 -34.59
N ASP D 836 -17.79 -46.36 -34.02
CA ASP D 836 -17.30 -46.56 -32.66
C ASP D 836 -15.79 -46.45 -32.58
N TYR D 837 -15.08 -46.83 -33.64
CA TYR D 837 -13.64 -46.59 -33.66
C TYR D 837 -13.35 -45.10 -33.60
N ILE D 838 -14.12 -44.30 -34.35
CA ILE D 838 -13.98 -42.85 -34.26
C ILE D 838 -14.26 -42.37 -32.84
N ILE D 839 -15.30 -42.92 -32.21
CA ILE D 839 -15.65 -42.51 -30.85
C ILE D 839 -14.53 -42.84 -29.87
N PHE D 840 -13.97 -44.05 -29.98
CA PHE D 840 -12.91 -44.47 -29.07
C PHE D 840 -11.65 -43.62 -29.26
N THR D 841 -11.29 -43.32 -30.51
CA THR D 841 -10.17 -42.42 -30.74
C THR D 841 -10.46 -41.03 -30.20
N LEU D 842 -11.71 -40.57 -30.27
CA LEU D 842 -12.06 -39.30 -29.66
C LEU D 842 -11.86 -39.32 -28.16
N ARG D 843 -12.19 -40.45 -27.53
CA ARG D 843 -11.96 -40.60 -26.10
C ARG D 843 -10.47 -40.55 -25.78
N LEU D 844 -9.64 -41.21 -26.60
CA LEU D 844 -8.20 -41.14 -26.41
C LEU D 844 -7.68 -39.71 -26.59
N ILE D 845 -8.23 -38.99 -27.56
CA ILE D 845 -7.83 -37.61 -27.80
C ILE D 845 -8.20 -36.74 -26.61
N HIS D 846 -9.37 -36.99 -26.02
CA HIS D 846 -9.78 -36.24 -24.83
C HIS D 846 -8.85 -36.55 -23.65
N ILE D 847 -8.44 -37.82 -23.51
CA ILE D 847 -7.50 -38.17 -22.45
C ILE D 847 -6.17 -37.42 -22.65
N PHE D 848 -5.69 -37.40 -23.90
CA PHE D 848 -4.45 -36.70 -24.20
C PHE D 848 -4.58 -35.21 -23.92
N THR D 849 -5.72 -34.63 -24.27
CA THR D 849 -5.94 -33.21 -24.05
C THR D 849 -5.97 -32.87 -22.57
N VAL D 850 -6.62 -33.70 -21.76
CA VAL D 850 -6.67 -33.46 -20.32
C VAL D 850 -5.29 -33.63 -19.70
N SER D 851 -4.56 -34.66 -20.10
CA SER D 851 -3.25 -34.92 -19.52
C SER D 851 -2.24 -33.84 -19.90
N ARG D 852 -2.35 -33.30 -21.12
CA ARG D 852 -1.44 -32.23 -21.52
C ARG D 852 -1.70 -30.95 -20.73
N ASN D 853 -2.96 -30.64 -20.47
CA ASN D 853 -3.34 -29.41 -19.79
C ASN D 853 -3.62 -29.63 -18.31
N LEU D 854 -3.05 -30.67 -17.72
CA LEU D 854 -3.27 -30.97 -16.31
C LEU D 854 -2.44 -30.01 -15.47
N GLY D 855 -3.01 -28.83 -15.25
CA GLY D 855 -2.33 -27.78 -14.51
C GLY D 855 -3.14 -26.51 -14.50
N PRO D 856 -2.47 -25.36 -14.63
CA PRO D 856 -3.21 -24.09 -14.65
C PRO D 856 -4.19 -23.95 -15.81
N LYS D 857 -4.00 -24.68 -16.90
CA LYS D 857 -4.85 -24.55 -18.08
C LYS D 857 -6.07 -25.46 -18.03
N ILE D 858 -6.24 -26.24 -16.96
CA ILE D 858 -7.41 -27.13 -16.88
C ILE D 858 -8.69 -26.32 -16.76
N ILE D 859 -8.64 -25.16 -16.10
CA ILE D 859 -9.83 -24.32 -15.99
C ILE D 859 -10.26 -23.83 -17.37
N MET D 860 -9.30 -23.31 -18.14
CA MET D 860 -9.59 -22.85 -19.49
C MET D 860 -10.11 -23.98 -20.36
N LEU D 861 -9.50 -25.15 -20.25
CA LEU D 861 -9.93 -26.29 -21.06
C LEU D 861 -11.36 -26.69 -20.74
N GLN D 862 -11.68 -26.80 -19.44
CA GLN D 862 -13.01 -27.22 -19.03
C GLN D 862 -14.06 -26.20 -19.43
N ARG D 863 -13.76 -24.90 -19.29
CA ARG D 863 -14.70 -23.88 -19.74
C ARG D 863 -14.89 -23.91 -21.24
N MET D 864 -13.79 -24.04 -21.99
CA MET D 864 -13.86 -24.01 -23.45
C MET D 864 -14.66 -25.18 -23.99
N LEU D 865 -14.54 -26.35 -23.36
CA LEU D 865 -15.31 -27.50 -23.83
C LEU D 865 -16.81 -27.21 -23.81
N ILE D 866 -17.31 -26.73 -22.66
CA ILE D 866 -18.73 -26.42 -22.53
C ILE D 866 -19.13 -25.31 -23.47
N ASP D 867 -18.29 -24.27 -23.59
CA ASP D 867 -18.64 -23.13 -24.43
C ASP D 867 -18.73 -23.51 -25.90
N VAL D 868 -17.76 -24.29 -26.39
CA VAL D 868 -17.81 -24.75 -27.77
C VAL D 868 -18.97 -25.70 -27.98
N PHE D 869 -19.31 -26.51 -26.97
CA PHE D 869 -20.48 -27.38 -27.10
C PHE D 869 -21.76 -26.57 -27.26
N PHE D 870 -21.90 -25.49 -26.49
CA PHE D 870 -23.08 -24.64 -26.63
C PHE D 870 -23.11 -23.95 -27.99
N PHE D 871 -21.95 -23.49 -28.47
CA PHE D 871 -21.88 -22.88 -29.79
C PHE D 871 -22.29 -23.87 -30.87
N LEU D 872 -21.83 -25.12 -30.76
CA LEU D 872 -22.20 -26.15 -31.74
C LEU D 872 -23.67 -26.50 -31.65
N PHE D 873 -24.26 -26.48 -30.45
CA PHE D 873 -25.69 -26.68 -30.33
C PHE D 873 -26.48 -25.58 -31.03
N LEU D 874 -26.03 -24.33 -30.85
CA LEU D 874 -26.71 -23.22 -31.54
C LEU D 874 -26.56 -23.33 -33.05
N PHE D 875 -25.38 -23.76 -33.51
CA PHE D 875 -25.19 -24.00 -34.93
C PHE D 875 -26.10 -25.11 -35.43
N ALA D 876 -26.31 -26.14 -34.63
CA ALA D 876 -27.22 -27.23 -35.02
C ALA D 876 -28.65 -26.74 -35.11
N VAL D 877 -29.07 -25.87 -34.19
CA VAL D 877 -30.40 -25.28 -34.27
C VAL D 877 -30.55 -24.46 -35.55
N TRP D 878 -29.54 -23.65 -35.86
CA TRP D 878 -29.59 -22.88 -37.09
C TRP D 878 -29.62 -23.79 -38.31
N MET D 879 -28.87 -24.89 -38.27
CA MET D 879 -28.86 -25.84 -39.38
C MET D 879 -30.22 -26.48 -39.57
N VAL D 880 -30.91 -26.81 -38.47
CA VAL D 880 -32.26 -27.35 -38.57
C VAL D 880 -33.19 -26.34 -39.23
N ALA D 881 -33.09 -25.07 -38.81
CA ALA D 881 -33.90 -24.04 -39.44
C ALA D 881 -33.59 -23.91 -40.93
N PHE D 882 -32.31 -23.95 -41.28
CA PHE D 882 -31.90 -23.83 -42.68
C PHE D 882 -32.42 -25.00 -43.50
N GLY D 883 -32.36 -26.21 -42.94
CA GLY D 883 -32.90 -27.36 -43.64
C GLY D 883 -34.40 -27.27 -43.83
N VAL D 884 -35.12 -26.77 -42.82
CA VAL D 884 -36.55 -26.58 -42.96
C VAL D 884 -36.84 -25.57 -44.08
N ALA D 885 -36.09 -24.47 -44.11
CA ALA D 885 -36.29 -23.46 -45.14
C ALA D 885 -35.99 -24.03 -46.53
N ARG D 886 -34.91 -24.80 -46.66
CA ARG D 886 -34.57 -25.39 -47.95
C ARG D 886 -35.64 -26.37 -48.41
N GLN D 887 -36.14 -27.22 -47.50
CA GLN D 887 -37.17 -28.16 -47.86
C GLN D 887 -38.47 -27.45 -48.26
N GLY D 888 -38.78 -26.34 -47.58
CA GLY D 888 -39.94 -25.56 -47.95
C GLY D 888 -39.78 -24.79 -49.24
N ILE D 889 -38.54 -24.51 -49.65
CA ILE D 889 -38.30 -23.77 -50.88
C ILE D 889 -38.10 -24.71 -52.07
N LEU D 890 -37.23 -25.72 -51.91
CA LEU D 890 -36.92 -26.60 -53.02
C LEU D 890 -38.02 -27.63 -53.24
N ARG D 891 -38.26 -28.48 -52.24
CA ARG D 891 -39.25 -29.54 -52.36
C ARG D 891 -40.65 -28.97 -52.16
N GLN D 892 -41.64 -29.84 -52.02
CA GLN D 892 -43.01 -29.43 -51.82
C GLN D 892 -43.37 -29.43 -50.34
N ARG D 896 -45.29 -38.39 -46.19
CA ARG D 896 -43.98 -38.98 -45.88
C ARG D 896 -43.28 -38.21 -44.77
N TRP D 897 -43.77 -38.37 -43.54
CA TRP D 897 -43.19 -37.65 -42.41
C TRP D 897 -41.75 -38.06 -42.17
N ARG D 898 -41.46 -39.36 -42.27
CA ARG D 898 -40.08 -39.83 -42.07
C ARG D 898 -39.14 -39.26 -43.11
N TRP D 899 -39.57 -39.25 -44.38
CA TRP D 899 -38.73 -38.71 -45.44
C TRP D 899 -38.50 -37.22 -45.24
N ILE D 900 -39.56 -36.49 -44.86
CA ILE D 900 -39.43 -35.05 -44.64
C ILE D 900 -38.46 -34.78 -43.49
N PHE D 901 -38.58 -35.53 -42.39
CA PHE D 901 -37.67 -35.35 -41.26
C PHE D 901 -36.23 -35.67 -41.64
N ARG D 902 -36.03 -36.76 -42.38
CA ARG D 902 -34.69 -37.11 -42.82
C ARG D 902 -34.08 -36.03 -43.70
N SER D 903 -34.87 -35.51 -44.65
CA SER D 903 -34.37 -34.45 -45.52
C SER D 903 -34.03 -33.21 -44.71
N VAL D 904 -34.91 -32.81 -43.79
CA VAL D 904 -34.67 -31.61 -42.99
C VAL D 904 -33.40 -31.76 -42.18
N ILE D 905 -33.19 -32.92 -41.56
CA ILE D 905 -32.03 -33.09 -40.69
C ILE D 905 -30.74 -33.18 -41.50
N TYR D 906 -30.75 -33.94 -42.60
CA TYR D 906 -29.51 -34.29 -43.29
C TYR D 906 -29.25 -33.49 -44.55
N GLU D 907 -30.09 -32.52 -44.90
CA GLU D 907 -29.83 -31.73 -46.09
C GLU D 907 -28.76 -30.67 -45.86
N PRO D 908 -28.87 -29.81 -44.83
CA PRO D 908 -27.85 -28.76 -44.67
C PRO D 908 -26.46 -29.30 -44.39
N TYR D 909 -26.35 -30.40 -43.65
CA TYR D 909 -25.03 -30.94 -43.33
C TYR D 909 -24.33 -31.46 -44.57
N LEU D 910 -25.06 -32.12 -45.48
CA LEU D 910 -24.46 -32.57 -46.72
C LEU D 910 -24.23 -31.41 -47.69
N ALA D 911 -25.11 -30.42 -47.68
CA ALA D 911 -24.98 -29.31 -48.63
C ALA D 911 -23.79 -28.43 -48.28
N MET D 912 -23.65 -28.03 -47.02
CA MET D 912 -22.59 -27.12 -46.63
C MET D 912 -21.24 -27.83 -46.53
N PHE D 913 -21.24 -29.11 -46.21
CA PHE D 913 -20.00 -29.86 -46.00
C PHE D 913 -19.90 -31.04 -46.96
N GLY D 914 -20.21 -30.81 -48.24
CA GLY D 914 -20.14 -31.85 -49.24
C GLY D 914 -20.95 -31.56 -50.49
N PRO D 953 -38.09 -14.12 -57.10
CA PRO D 953 -36.65 -14.12 -56.79
C PRO D 953 -36.01 -12.75 -56.95
N GLU D 954 -36.83 -11.70 -56.86
CA GLU D 954 -36.35 -10.32 -56.97
C GLU D 954 -36.26 -9.60 -55.64
N TRP D 955 -37.26 -9.78 -54.78
CA TRP D 955 -37.28 -9.16 -53.46
C TRP D 955 -36.90 -10.15 -52.35
N ILE D 956 -36.33 -11.29 -52.70
CA ILE D 956 -35.93 -12.28 -51.71
C ILE D 956 -34.41 -12.41 -51.60
N THR D 957 -33.64 -11.90 -52.55
CA THR D 957 -32.19 -12.04 -52.50
C THR D 957 -31.57 -11.14 -51.44
N ILE D 958 -32.01 -9.87 -51.38
CA ILE D 958 -31.48 -8.97 -50.37
C ILE D 958 -31.83 -9.42 -48.95
N PRO D 959 -33.06 -9.83 -48.63
CA PRO D 959 -33.30 -10.41 -47.31
C PRO D 959 -32.53 -11.69 -47.07
N LEU D 960 -32.28 -12.49 -48.11
CA LEU D 960 -31.46 -13.68 -47.93
C LEU D 960 -30.04 -13.32 -47.50
N VAL D 961 -29.45 -12.33 -48.17
CA VAL D 961 -28.12 -11.87 -47.78
C VAL D 961 -28.15 -11.31 -46.35
N CYS D 962 -29.21 -10.57 -46.02
CA CYS D 962 -29.32 -9.99 -44.68
C CYS D 962 -29.41 -11.06 -43.61
N ILE D 963 -30.21 -12.10 -43.84
CA ILE D 963 -30.33 -13.16 -42.84
C ILE D 963 -29.07 -13.99 -42.77
N TYR D 964 -28.36 -14.16 -43.88
CA TYR D 964 -27.05 -14.81 -43.83
C TYR D 964 -26.07 -14.00 -42.99
N MET D 965 -26.08 -12.68 -43.14
CA MET D 965 -25.22 -11.83 -42.33
C MET D 965 -25.59 -11.90 -40.86
N LEU D 966 -26.88 -11.90 -40.55
CA LEU D 966 -27.32 -11.99 -39.16
C LEU D 966 -26.95 -13.32 -38.53
N SER D 967 -27.12 -14.42 -39.27
CA SER D 967 -26.72 -15.72 -38.77
C SER D 967 -25.22 -15.80 -38.55
N THR D 968 -24.44 -15.27 -39.49
CA THR D 968 -22.99 -15.22 -39.31
C THR D 968 -22.64 -14.41 -38.08
N ASN D 969 -23.30 -13.27 -37.87
CA ASN D 969 -23.03 -12.44 -36.72
C ASN D 969 -23.28 -13.19 -35.42
N ILE D 970 -24.46 -13.80 -35.28
CA ILE D 970 -24.80 -14.45 -34.02
C ILE D 970 -23.93 -15.67 -33.77
N LEU D 971 -23.68 -16.48 -34.81
CA LEU D 971 -22.86 -17.68 -34.62
C LEU D 971 -21.40 -17.32 -34.34
N LEU D 972 -20.87 -16.32 -35.04
CA LEU D 972 -19.50 -15.88 -34.79
C LEU D 972 -19.36 -15.29 -33.40
N VAL D 973 -20.37 -14.56 -32.94
CA VAL D 973 -20.31 -13.99 -31.59
C VAL D 973 -20.34 -15.12 -30.56
N ASN D 974 -21.13 -16.16 -30.81
CA ASN D 974 -21.13 -17.31 -29.91
C ASN D 974 -19.77 -18.00 -29.89
N LEU D 975 -19.13 -18.14 -31.06
CA LEU D 975 -17.80 -18.73 -31.11
C LEU D 975 -16.78 -17.89 -30.35
N LEU D 976 -16.84 -16.57 -30.52
CA LEU D 976 -15.90 -15.69 -29.82
C LEU D 976 -16.13 -15.72 -28.32
N VAL D 977 -17.40 -15.83 -27.90
CA VAL D 977 -17.71 -16.01 -26.49
C VAL D 977 -17.11 -17.31 -25.99
N ALA D 978 -17.21 -18.37 -26.79
CA ALA D 978 -16.56 -19.63 -26.43
C ALA D 978 -15.06 -19.45 -26.25
N MET D 979 -14.45 -18.65 -27.12
CA MET D 979 -12.99 -18.46 -27.06
C MET D 979 -12.59 -17.64 -25.83
N PHE D 980 -13.39 -16.65 -25.46
CA PHE D 980 -12.96 -15.63 -24.51
C PHE D 980 -13.64 -15.68 -23.15
N GLY D 981 -14.60 -16.59 -22.94
CA GLY D 981 -15.38 -16.54 -21.72
C GLY D 981 -14.66 -16.99 -20.47
N TYR D 982 -13.62 -17.79 -20.62
CA TYR D 982 -12.89 -18.27 -19.44
C TYR D 982 -12.15 -17.14 -18.73
N THR D 983 -11.93 -16.01 -19.40
CA THR D 983 -11.20 -14.90 -18.81
C THR D 983 -12.08 -13.99 -17.97
N VAL D 984 -13.38 -14.25 -17.89
CA VAL D 984 -14.34 -13.41 -17.18
C VAL D 984 -14.83 -14.16 -15.95
N GLY D 985 -14.77 -13.51 -14.80
CA GLY D 985 -15.21 -14.09 -13.55
C GLY D 985 -14.32 -13.76 -12.38
N ASN D 991 -6.70 -17.71 -8.24
CA ASN D 991 -6.14 -18.06 -9.55
C ASN D 991 -5.42 -19.40 -9.49
N ASP D 992 -4.39 -19.47 -8.64
CA ASP D 992 -3.70 -20.75 -8.44
C ASP D 992 -4.57 -21.74 -7.68
N GLN D 993 -5.36 -21.23 -6.73
CA GLN D 993 -6.19 -22.10 -5.91
C GLN D 993 -7.22 -22.84 -6.74
N VAL D 994 -7.80 -22.18 -7.75
CA VAL D 994 -8.85 -22.80 -8.56
C VAL D 994 -8.30 -24.00 -9.32
N TRP D 995 -7.19 -23.80 -10.04
CA TRP D 995 -6.65 -24.92 -10.81
C TRP D 995 -6.04 -25.98 -9.90
N LYS D 996 -5.51 -25.58 -8.74
CA LYS D 996 -5.03 -26.58 -7.80
C LYS D 996 -6.17 -27.44 -7.26
N PHE D 997 -7.32 -26.82 -6.98
CA PHE D 997 -8.50 -27.57 -6.56
C PHE D 997 -8.96 -28.52 -7.65
N GLN D 998 -8.97 -28.06 -8.91
CA GLN D 998 -9.37 -28.94 -10.00
C GLN D 998 -8.39 -30.10 -10.18
N ARG D 999 -7.09 -29.80 -10.06
CA ARG D 999 -6.08 -30.85 -10.15
C ARG D 999 -6.26 -31.88 -9.04
N TYR D 1000 -6.50 -31.42 -7.82
CA TYR D 1000 -6.77 -32.35 -6.72
C TYR D 1000 -8.00 -33.19 -7.01
N PHE D 1001 -9.06 -32.55 -7.51
CA PHE D 1001 -10.29 -33.28 -7.81
C PHE D 1001 -10.02 -34.42 -8.79
N LEU D 1002 -9.35 -34.11 -9.90
CA LEU D 1002 -9.10 -35.13 -10.92
C LEU D 1002 -8.16 -36.23 -10.40
N VAL D 1003 -7.05 -35.84 -9.78
CA VAL D 1003 -6.07 -36.83 -9.35
C VAL D 1003 -6.62 -37.70 -8.23
N GLN D 1004 -7.40 -37.12 -7.31
CA GLN D 1004 -8.01 -37.90 -6.26
C GLN D 1004 -9.10 -38.82 -6.81
N GLU D 1005 -9.84 -38.36 -7.82
CA GLU D 1005 -10.84 -39.20 -8.45
C GLU D 1005 -10.18 -40.42 -9.08
N TYR D 1006 -9.03 -40.24 -9.74
CA TYR D 1006 -8.36 -41.39 -10.33
C TYR D 1006 -7.68 -42.26 -9.27
N CYS D 1007 -7.17 -41.64 -8.20
CA CYS D 1007 -6.45 -42.40 -7.18
C CYS D 1007 -7.39 -43.20 -6.28
N SER D 1008 -8.68 -42.88 -6.28
CA SER D 1008 -9.65 -43.57 -5.45
C SER D 1008 -10.18 -44.85 -6.09
N ARG D 1009 -9.71 -45.19 -7.28
CA ARG D 1009 -10.12 -46.42 -7.93
C ARG D 1009 -9.40 -47.61 -7.31
N LEU D 1010 -9.62 -48.80 -7.88
CA LEU D 1010 -8.96 -50.01 -7.38
C LEU D 1010 -7.47 -50.03 -7.72
N ASN D 1011 -7.01 -49.20 -8.64
CA ASN D 1011 -5.61 -49.10 -9.00
C ASN D 1011 -5.04 -50.45 -9.46
N ILE D 1012 -5.82 -51.16 -10.25
CA ILE D 1012 -5.41 -52.43 -10.87
C ILE D 1012 -5.26 -52.19 -12.36
N PRO D 1013 -4.14 -52.57 -12.97
CA PRO D 1013 -3.94 -52.31 -14.40
C PRO D 1013 -4.98 -53.01 -15.26
N PHE D 1014 -5.44 -52.30 -16.29
CA PHE D 1014 -6.35 -52.87 -17.26
C PHE D 1014 -5.64 -53.93 -18.10
N PRO D 1015 -6.30 -55.04 -18.44
CA PRO D 1015 -7.68 -55.43 -18.11
C PRO D 1015 -7.77 -56.34 -16.90
N PHE D 1016 -6.75 -56.38 -16.04
CA PHE D 1016 -6.77 -57.25 -14.88
C PHE D 1016 -7.75 -56.77 -13.80
N ILE D 1017 -8.30 -55.57 -13.94
CA ILE D 1017 -9.25 -55.05 -12.95
C ILE D 1017 -10.57 -55.80 -12.95
N VAL D 1018 -10.85 -56.60 -13.98
CA VAL D 1018 -12.11 -57.34 -14.02
C VAL D 1018 -12.15 -58.38 -12.91
N PHE D 1019 -11.01 -59.01 -12.60
CA PHE D 1019 -10.95 -59.96 -11.50
C PHE D 1019 -11.22 -59.27 -10.17
N ALA D 1020 -10.67 -58.07 -9.99
CA ALA D 1020 -10.94 -57.30 -8.78
C ALA D 1020 -12.40 -56.93 -8.68
N TYR D 1021 -13.02 -56.55 -9.80
CA TYR D 1021 -14.44 -56.23 -9.81
C TYR D 1021 -15.28 -57.45 -9.42
N PHE D 1022 -14.94 -58.61 -9.98
CA PHE D 1022 -15.68 -59.83 -9.65
C PHE D 1022 -15.52 -60.20 -8.18
N TYR D 1023 -14.30 -60.08 -7.65
CA TYR D 1023 -14.08 -60.36 -6.24
C TYR D 1023 -14.86 -59.40 -5.35
N MET D 1024 -14.88 -58.11 -5.72
CA MET D 1024 -15.62 -57.13 -4.94
C MET D 1024 -17.11 -57.41 -4.97
N VAL D 1025 -17.66 -57.77 -6.13
CA VAL D 1025 -19.08 -58.06 -6.20
C VAL D 1025 -19.40 -59.35 -5.43
N VAL D 1026 -18.50 -60.33 -5.45
CA VAL D 1026 -18.72 -61.55 -4.67
C VAL D 1026 -18.73 -61.24 -3.18
N LYS D 1027 -17.78 -60.41 -2.73
CA LYS D 1027 -17.75 -60.03 -1.31
C LYS D 1027 -18.99 -59.25 -0.93
N LYS D 1028 -19.45 -58.35 -1.81
CA LYS D 1028 -20.66 -57.58 -1.52
C LYS D 1028 -21.88 -58.48 -1.44
N CYS D 1029 -21.97 -59.46 -2.34
CA CYS D 1029 -23.10 -60.41 -2.29
C CYS D 1029 -23.05 -61.25 -1.02
N PHE D 1030 -21.85 -61.70 -0.63
CA PHE D 1030 -21.72 -62.50 0.58
C PHE D 1030 -22.06 -61.68 1.82
N LYS D 1031 -21.64 -60.42 1.86
CA LYS D 1031 -21.92 -59.54 3.00
C LYS D 1031 -23.02 -58.55 2.66
N ASP D 1050 -4.71 -42.73 17.07
CA ASP D 1050 -5.85 -41.85 16.96
C ASP D 1050 -5.77 -40.71 17.97
N ASN D 1051 -5.65 -41.06 19.24
CA ASN D 1051 -5.50 -40.05 20.29
C ASN D 1051 -4.17 -39.33 20.19
N GLU D 1052 -3.12 -40.03 19.73
CA GLU D 1052 -1.81 -39.41 19.57
C GLU D 1052 -1.87 -38.29 18.54
N THR D 1053 -2.55 -38.52 17.42
CA THR D 1053 -2.66 -37.49 16.40
C THR D 1053 -3.45 -36.29 16.90
N LEU D 1054 -4.52 -36.53 17.66
CA LEU D 1054 -5.31 -35.43 18.18
C LEU D 1054 -4.53 -34.63 19.23
N ALA D 1055 -3.75 -35.31 20.07
CA ALA D 1055 -2.92 -34.61 21.04
C ALA D 1055 -1.84 -33.79 20.35
N TRP D 1056 -1.21 -34.36 19.32
CA TRP D 1056 -0.21 -33.61 18.57
C TRP D 1056 -0.83 -32.39 17.89
N GLU D 1057 -2.04 -32.54 17.33
CA GLU D 1057 -2.71 -31.41 16.74
C GLU D 1057 -3.10 -30.37 17.78
N GLY D 1058 -3.45 -30.80 18.99
CA GLY D 1058 -3.70 -29.84 20.06
C GLY D 1058 -2.47 -29.04 20.42
N VAL D 1059 -1.32 -29.71 20.48
CA VAL D 1059 -0.07 -29.00 20.73
C VAL D 1059 0.23 -28.01 19.60
N MET D 1060 0.02 -28.44 18.35
CA MET D 1060 0.23 -27.55 17.23
C MET D 1060 -0.72 -26.36 17.27
N LYS D 1061 -1.96 -26.59 17.69
CA LYS D 1061 -2.93 -25.50 17.81
C LYS D 1061 -2.51 -24.53 18.89
N GLU D 1062 -1.98 -25.03 20.00
CA GLU D 1062 -1.48 -24.14 21.04
C GLU D 1062 -0.33 -23.28 20.51
N ASN D 1063 0.59 -23.90 19.76
CA ASN D 1063 1.68 -23.13 19.18
C ASN D 1063 1.17 -22.09 18.19
N TYR D 1064 0.18 -22.46 17.38
CA TYR D 1064 -0.38 -21.55 16.38
C TYR D 1064 -1.11 -20.38 17.04
N LEU D 1065 -1.84 -20.66 18.13
CA LEU D 1065 -2.51 -19.59 18.86
C LEU D 1065 -1.50 -18.66 19.51
N VAL D 1066 -0.42 -19.20 20.08
CA VAL D 1066 0.63 -18.36 20.62
C VAL D 1066 1.23 -17.49 19.52
N LYS D 1067 1.45 -18.07 18.34
CA LYS D 1067 2.06 -17.33 17.24
C LYS D 1067 1.16 -16.19 16.78
N ILE D 1068 -0.14 -16.45 16.63
CA ILE D 1068 -1.03 -15.39 16.16
C ILE D 1068 -1.22 -14.32 17.23
N ASN D 1069 -1.23 -14.72 18.50
CA ASN D 1069 -1.31 -13.73 19.58
C ASN D 1069 -0.07 -12.84 19.61
N THR D 1070 1.11 -13.43 19.43
CA THR D 1070 2.33 -12.62 19.40
C THR D 1070 2.37 -11.71 18.18
N LYS D 1071 1.91 -12.20 17.03
CA LYS D 1071 1.87 -11.38 15.83
C LYS D 1071 0.86 -10.23 15.97
N ALA D 1072 -0.22 -10.47 16.72
CA ALA D 1072 -1.21 -9.40 16.93
C ALA D 1072 -0.60 -8.23 17.71
N ASN D 1073 0.23 -8.53 18.70
CA ASN D 1073 0.87 -7.49 19.50
C ASN D 1073 1.94 -6.75 18.70
N GLU D 1078 5.03 -0.86 22.77
CA GLU D 1078 5.27 -0.02 21.60
C GLU D 1078 5.08 1.45 21.93
N MET D 1079 4.38 2.17 21.05
CA MET D 1079 4.12 3.59 21.28
C MET D 1079 3.25 3.79 22.52
N ARG D 1080 2.24 2.95 22.69
CA ARG D 1080 1.37 3.07 23.86
C ARG D 1080 2.13 2.79 25.14
N HIS D 1081 3.00 1.77 25.13
CA HIS D 1081 3.80 1.46 26.32
C HIS D 1081 4.75 2.60 26.65
N ARG D 1082 5.38 3.19 25.62
CA ARG D 1082 6.28 4.32 25.86
C ARG D 1082 5.53 5.52 26.41
N PHE D 1083 4.34 5.79 25.87
CA PHE D 1083 3.53 6.90 26.39
C PHE D 1083 3.12 6.66 27.83
N ARG D 1084 2.73 5.42 28.16
CA ARG D 1084 2.37 5.11 29.54
C ARG D 1084 3.56 5.26 30.48
N GLN D 1085 4.73 4.80 30.05
CA GLN D 1085 5.93 4.95 30.87
C GLN D 1085 6.27 6.42 31.08
N LEU D 1086 6.16 7.23 30.02
CA LEU D 1086 6.42 8.66 30.16
C LEU D 1086 5.43 9.33 31.11
N ASP D 1087 4.16 8.95 31.01
CA ASP D 1087 3.15 9.51 31.91
C ASP D 1087 3.42 9.11 33.35
N THR D 1088 3.81 7.86 33.57
CA THR D 1088 4.13 7.41 34.93
C THR D 1088 5.35 8.15 35.47
N LYS D 1089 6.37 8.36 34.64
CA LYS D 1089 7.55 9.10 35.08
C LYS D 1089 7.20 10.54 35.41
N LEU D 1090 6.35 11.17 34.58
CA LEU D 1090 5.93 12.54 34.86
C LEU D 1090 5.14 12.63 36.15
N ASN D 1091 4.25 11.66 36.39
CA ASN D 1091 3.48 11.65 37.64
C ASN D 1091 4.39 11.45 38.84
N ASP D 1092 5.38 10.57 38.73
CA ASP D 1092 6.32 10.37 39.82
C ASP D 1092 7.13 11.62 40.09
N LEU D 1093 7.57 12.32 39.03
CA LEU D 1093 8.31 13.56 39.21
C LEU D 1093 7.45 14.63 39.87
N LYS D 1094 6.18 14.73 39.46
CA LYS D 1094 5.28 15.69 40.07
C LYS D 1094 5.05 15.38 41.54
N GLY D 1095 4.87 14.10 41.88
CA GLY D 1095 4.73 13.72 43.27
C GLY D 1095 5.96 14.03 44.10
N LEU D 1096 7.14 13.76 43.54
CA LEU D 1096 8.38 14.07 44.24
C LEU D 1096 8.52 15.57 44.46
N LEU D 1097 8.18 16.37 43.45
CA LEU D 1097 8.25 17.82 43.59
C LEU D 1097 7.27 18.31 44.66
N LYS D 1098 6.05 17.75 44.68
CA LYS D 1098 5.08 18.14 45.68
C LYS D 1098 5.56 17.78 47.08
N GLU D 1099 6.15 16.58 47.23
CA GLU D 1099 6.68 16.17 48.53
C GLU D 1099 7.82 17.08 48.98
N ILE D 1100 8.70 17.45 48.04
CA ILE D 1100 9.80 18.35 48.37
C ILE D 1100 9.27 19.71 48.79
N ALA D 1101 8.28 20.22 48.08
CA ALA D 1101 7.69 21.51 48.44
C ALA D 1101 7.03 21.45 49.82
N ASN D 1102 6.32 20.36 50.10
CA ASN D 1102 5.69 20.21 51.41
C ASN D 1102 6.74 20.14 52.52
N LYS D 1103 7.83 19.42 52.28
CA LYS D 1103 8.89 19.33 53.28
C LYS D 1103 9.56 20.68 53.50
N ILE D 1104 9.78 21.45 52.42
CA ILE D 1104 10.39 22.76 52.56
C ILE D 1104 9.47 23.71 53.31
N LYS D 1105 8.18 23.69 52.99
CA LYS D 1105 7.21 24.56 53.66
C LYS D 1105 6.93 24.07 55.08
CAA Y01 E . 16.42 -9.68 -50.12
CBA Y01 E . 17.81 -9.14 -49.91
CAB Y01 E . 18.84 -10.24 -49.95
CAN Y01 E . 17.91 -8.34 -48.61
CAJ Y01 E . 17.64 -9.12 -47.33
CAO Y01 E . 17.88 -8.29 -46.07
CBB Y01 E . 17.70 -9.05 -44.75
CAC Y01 E . 18.34 -10.43 -44.84
CBE Y01 E . 18.26 -8.21 -43.58
CAP Y01 E . 17.98 -6.70 -43.79
CAQ Y01 E . 17.88 -6.09 -42.38
CBG Y01 E . 18.29 -7.23 -41.43
CBI Y01 E . 17.78 -8.49 -42.13
CAE Y01 E . 16.25 -8.60 -42.08
CAU Y01 E . 18.43 -9.68 -41.41
CAS Y01 E . 18.12 -9.67 -39.92
CBF Y01 E . 18.47 -8.36 -39.21
CBD Y01 E . 17.91 -7.13 -39.96
CAK Y01 E . 18.47 -5.86 -39.33
CAI Y01 E . 18.43 -5.89 -37.84
CAZ Y01 E . 18.27 -6.97 -37.10
CAV Y01 E . 18.24 -6.88 -35.59
CBH Y01 E . 18.09 -8.37 -37.70
CAD Y01 E . 16.63 -8.80 -37.48
CAT Y01 E . 19.02 -9.35 -36.96
CAR Y01 E . 18.90 -9.27 -35.43
CBC Y01 E . 19.20 -7.87 -34.96
OAW Y01 E . 19.09 -7.77 -33.51
CAY Y01 E . 18.22 -8.56 -32.86
OAG Y01 E . 17.04 -8.55 -33.05
CAM Y01 E . 18.92 -9.45 -31.87
CAL Y01 E . 18.25 -9.49 -30.52
CAX Y01 E . 18.29 -8.18 -29.79
OAH Y01 E . 19.44 -7.57 -29.85
OAF Y01 E . 17.33 -7.73 -29.18
N POV F . 17.57 -2.26 -32.35
P POV F . 13.85 -4.24 -34.81
C1 POV F . 14.41 -5.33 -37.14
C2 POV F . 13.69 -6.22 -38.17
C3 POV F . 12.72 -5.47 -39.06
C210 POV F . 13.59 -10.71 -48.09
C11 POV F . 15.74 -3.97 -33.04
O11 POV F . 13.77 -5.45 -35.89
C211 POV F . 13.02 -12.08 -47.97
C12 POV F . 16.32 -2.58 -33.14
O12 POV F . 15.40 -4.52 -34.28
C212 POV F . 12.73 -12.72 -49.32
C13 POV F . 18.10 -0.92 -32.72
O13 POV F . 13.85 -2.97 -35.60
C213 POV F . 12.56 -14.23 -49.24
C14 POV F . 17.18 -2.24 -30.92
O14 POV F . 12.90 -4.46 -33.68
C214 POV F . 12.71 -14.93 -50.58
C15 POV F . 18.62 -3.29 -32.52
C215 POV F . 13.24 -16.36 -50.44
C216 POV F . 13.45 -17.07 -51.77
C217 POV F . 12.16 -17.70 -52.31
C218 POV F . 11.50 -18.64 -51.31
C21 POV F . 12.24 -8.12 -38.29
O21 POV F . 12.95 -7.27 -37.54
C22 POV F . 13.12 -9.03 -39.10
O22 POV F . 11.04 -8.13 -38.31
C23 POV F . 12.36 -10.13 -39.83
C24 POV F . 11.77 -9.63 -41.14
C25 POV F . 12.76 -9.69 -42.29
C26 POV F . 12.09 -9.57 -43.65
C27 POV F . 13.07 -9.59 -44.82
C28 POV F . 12.36 -9.57 -46.17
C29 POV F . 13.32 -9.64 -47.33
C31 POV F . 14.08 -5.01 -40.96
O31 POV F . 13.44 -4.56 -39.88
C32 POV F . 13.47 -4.45 -42.20
O32 POV F . 15.02 -5.76 -40.92
C33 POV F . 13.94 -5.14 -43.47
C34 POV F . 13.34 -4.47 -44.71
C35 POV F . 13.70 -5.15 -46.01
C36 POV F . 13.12 -4.43 -47.21
C37 POV F . 13.26 -5.18 -48.53
C38 POV F . 14.72 -5.55 -48.83
C39 POV F . 14.91 -6.25 -50.17
CBB Y01 G . 20.47 -5.31 -53.56
CBE Y01 G . 20.88 -4.67 -52.22
CAP Y01 G . 21.95 -3.58 -52.40
CAQ Y01 G . 21.83 -2.67 -51.16
CBG Y01 G . 20.74 -3.33 -50.29
CBI Y01 G . 19.82 -4.01 -51.33
CAE Y01 G . 19.00 -2.98 -52.13
CAU Y01 G . 18.89 -4.96 -50.54
CAS Y01 G . 18.11 -4.20 -49.47
CBF Y01 G . 19.00 -3.41 -48.50
CBD Y01 G . 20.00 -2.52 -49.24
CAK Y01 G . 20.99 -1.92 -48.23
CAI Y01 G . 20.32 -1.42 -46.99
CAZ Y01 G . 19.10 -1.74 -46.61
CAV Y01 G . 18.53 -1.17 -45.33
CBH Y01 G . 18.18 -2.67 -47.41
CAD Y01 G . 17.07 -1.81 -48.02
CAT Y01 G . 17.57 -3.70 -46.46
CAR Y01 G . 16.90 -3.06 -45.24
CBC Y01 G . 17.90 -2.25 -44.46
OAW Y01 G . 17.20 -1.59 -43.36
CAY Y01 G . 17.54 -1.96 -42.11
OAG Y01 G . 18.23 -2.90 -41.85
CAM Y01 G . 16.92 -1.03 -41.10
CAL Y01 G . 16.73 -1.67 -39.75
CAX Y01 G . 16.16 -0.75 -38.71
OAH Y01 G . 15.15 -1.25 -38.07
OAF Y01 G . 16.61 0.37 -38.51
C1 UND H . -8.14 -21.31 -38.08
C2 UND H . -6.98 -22.14 -38.60
C3 UND H . -7.29 -23.63 -38.64
C4 UND H . -6.14 -24.46 -39.19
C5 UND H . -6.47 -25.94 -39.30
C6 UND H . -5.33 -26.79 -39.87
C7 UND H . -5.65 -28.27 -39.91
C8 UND H . -4.48 -29.14 -40.39
C9 UND H . -4.05 -28.88 -41.82
C10 UND H . -2.96 -29.81 -42.31
C11 UND H . -2.60 -29.60 -43.76
NA NA I . -11.38 -27.97 -35.96
NA NA J . -13.95 -32.43 -38.20
CAA Y01 K . -23.89 7.48 -47.42
CBA Y01 K . -24.10 8.97 -47.22
CAB Y01 K . -23.22 9.77 -48.18
CAN Y01 K . -23.87 9.39 -45.78
CAJ Y01 K . -22.46 9.15 -45.24
CAO Y01 K . -22.27 9.71 -43.83
CBB Y01 K . -20.85 9.58 -43.27
CAC Y01 K . -19.81 9.92 -44.33
CBE Y01 K . -20.71 10.43 -41.99
CAP Y01 K . -22.00 10.41 -41.15
CAQ Y01 K . -21.58 10.62 -39.69
CBG Y01 K . -20.08 10.94 -39.77
CBI Y01 K . -19.59 10.11 -40.97
CAE Y01 K . -19.56 8.61 -40.65
CAU Y01 K . -18.18 10.61 -41.30
CAS Y01 K . -17.24 10.50 -40.10
CBF Y01 K . -17.77 11.18 -38.83
CBD Y01 K . -19.21 10.78 -38.52
CAK Y01 K . -19.76 11.64 -37.37
CAI Y01 K . -18.78 11.79 -36.26
CAZ Y01 K . -17.48 11.54 -36.34
CAV Y01 K . -16.59 11.73 -35.14
CBH Y01 K . -16.81 11.01 -37.61
CAD Y01 K . -16.42 9.54 -37.39
CAT Y01 K . -15.53 11.84 -37.87
CAR Y01 K . -14.61 11.93 -36.65
CBC Y01 K . -15.37 12.55 -35.49
OAW Y01 K . -14.51 12.66 -34.31
CAY Y01 K . -13.55 11.75 -34.12
OAG Y01 K . -13.75 10.57 -33.99
CAM Y01 K . -12.19 12.41 -34.08
CAL Y01 K . -11.33 11.92 -32.93
CAX Y01 K . -11.85 12.29 -31.58
OAH Y01 K . -12.29 13.52 -31.51
OAF Y01 K . -11.86 11.53 -30.64
N POV L . -18.07 12.37 -29.69
P POV L . -18.35 8.05 -31.95
C1 POV L . -18.99 8.07 -34.50
C2 POV L . -19.01 7.08 -35.67
C3 POV L . -20.21 6.15 -35.65
C210 POV L . -21.98 4.81 -45.90
C11 POV L . -17.30 10.17 -30.86
O11 POV L . -18.12 7.60 -33.49
C211 POV L . -20.89 4.01 -46.52
C12 POV L . -18.40 10.99 -30.21
O12 POV L . -17.71 9.57 -32.05
C212 POV L . -21.29 3.43 -47.87
C13 POV L . -19.29 13.10 -29.26
O13 POV L . -19.83 8.18 -31.75
C213 POV L . -20.09 2.99 -48.70
C14 POV L . -17.17 12.18 -28.51
O14 POV L . -17.51 7.24 -31.01
C214 POV L . -20.40 2.84 -50.19
C15 POV L . -17.33 13.18 -30.69
C215 POV L . -19.20 3.11 -51.08
C216 POV L . -19.50 2.99 -52.57
C217 POV L . -19.44 1.56 -53.08
C218 POV L . -18.13 0.87 -52.77
C21 POV L . -17.73 5.29 -36.61
O21 POV L . -17.84 6.25 -35.68
C22 POV L . -17.50 5.87 -37.98
O22 POV L . -17.80 4.11 -36.36
C23 POV L . -17.18 4.83 -39.03
C24 POV L . -18.43 4.18 -39.59
C25 POV L . -19.07 4.97 -40.71
C26 POV L . -20.08 4.15 -41.51
C27 POV L . -20.75 4.96 -42.62
C28 POV L . -21.69 4.09 -43.47
C29 POV L . -22.32 4.85 -44.61
C31 POV L . -21.70 7.31 -37.10
O31 POV L . -21.39 6.92 -35.87
C32 POV L . -22.98 6.66 -37.56
O32 POV L . -21.05 8.09 -37.75
C33 POV L . -23.25 6.81 -39.05
C34 POV L . -24.58 6.19 -39.43
C35 POV L . -24.87 6.25 -40.92
C36 POV L . -26.24 5.65 -41.25
C37 POV L . -26.50 5.48 -42.74
C38 POV L . -26.32 6.78 -43.51
C39 POV L . -26.64 6.65 -44.99
CBB Y01 M . -29.22 11.78 -48.21
CBE Y01 M . -28.81 12.49 -46.91
CAP Y01 M . -29.70 13.72 -46.60
CAQ Y01 M . -29.61 13.92 -45.07
CBG Y01 M . -28.61 12.86 -44.59
CBI Y01 M . -28.81 11.70 -45.58
CAE Y01 M . -30.15 10.99 -45.35
CAU Y01 M . -27.64 10.72 -45.36
CAS Y01 M . -27.56 10.25 -43.91
CBF Y01 M . -27.49 11.39 -42.90
CBD Y01 M . -28.60 12.44 -43.11
CAK Y01 M . -28.34 13.64 -42.22
CAI Y01 M . -27.96 13.26 -40.82
CAZ Y01 M . -27.54 12.06 -40.45
CAV Y01 M . -27.19 11.77 -39.02
CBH Y01 M . -27.40 10.89 -41.43
CAD Y01 M . -28.53 9.87 -41.11
CAT Y01 M . -26.04 10.21 -41.22
CAR Y01 M . -25.79 9.84 -39.76
CBC Y01 M . -25.84 11.08 -38.89
OAW Y01 M . -25.68 10.67 -37.50
CAY Y01 M . -24.58 11.09 -36.85
OAG Y01 M . -23.65 11.63 -37.39
CAM Y01 M . -24.67 10.80 -35.38
CAL Y01 M . -23.31 10.68 -34.72
CAX Y01 M . -23.40 10.44 -33.23
OAH Y01 M . -22.65 9.43 -32.84
OAF Y01 M . -24.08 11.10 -32.50
C1 UND N . -8.74 -16.99 -40.08
C2 UND N . -8.36 -16.09 -41.24
C3 UND N . -7.27 -16.67 -42.12
C4 UND N . -6.91 -15.78 -43.31
C5 UND N . -5.87 -16.40 -44.24
C6 UND N . -5.52 -15.53 -45.43
C7 UND N . -4.45 -16.10 -46.32
C8 UND N . -4.02 -15.19 -47.47
C9 UND N . -5.11 -14.92 -48.49
C10 UND N . -4.65 -14.10 -49.68
C11 UND N . -5.73 -13.90 -50.72
NA NA O . -2.46 -21.10 -41.88
NA NA P . -0.66 -24.74 -45.76
CAA Y01 Q . -37.63 -28.17 -25.81
CBA Y01 Q . -38.66 -28.06 -24.70
CAB Y01 Q . -39.82 -27.19 -25.12
CAN Y01 Q . -38.03 -27.56 -23.40
CAJ Y01 Q . -37.42 -26.17 -23.46
CAO Y01 Q . -36.93 -25.69 -22.09
CBB Y01 Q . -36.38 -24.25 -22.05
CAC Y01 Q . -37.26 -23.32 -22.88
CBE Y01 Q . -36.21 -23.80 -20.60
CAP Y01 Q . -35.72 -24.94 -19.69
CAQ Y01 Q . -34.90 -24.29 -18.55
CBG Y01 Q . -35.11 -22.79 -18.75
CBI Y01 Q . -35.23 -22.63 -20.28
CAE Y01 Q . -33.87 -22.83 -20.98
CAU Y01 Q . -35.74 -21.21 -20.52
CAS Y01 Q . -34.83 -20.15 -19.90
CBF Y01 Q . -34.56 -20.36 -18.41
CBD Y01 Q . -34.14 -21.80 -18.10
CAK Y01 Q . -34.09 -22.02 -16.59
CAI Y01 Q . -33.43 -20.89 -15.87
CAZ Y01 Q . -33.22 -19.69 -16.38
CAV Y01 Q . -32.53 -18.62 -15.56
CBH Y01 Q . -33.60 -19.31 -17.80
CAD Y01 Q . -32.31 -19.18 -18.64
CAT Y01 Q . -34.32 -17.95 -17.77
CAR Y01 Q . -33.56 -16.87 -17.00
CBC Y01 Q . -33.33 -17.33 -15.58
OAW Y01 Q . -32.59 -16.32 -14.80
CAY Y01 Q . -31.72 -15.52 -15.44
OAG Y01 Q . -30.74 -15.92 -16.02
CAM Y01 Q . -32.12 -14.08 -15.30
CAL Y01 Q . -30.96 -13.17 -14.94
CAX Y01 Q . -30.40 -13.44 -13.57
OAH Y01 Q . -31.33 -13.63 -12.66
OAF Y01 Q . -29.20 -13.46 -13.33
N POV R . -29.60 -19.22 -10.72
P POV R . -27.79 -20.61 -15.03
C1 POV R . -29.48 -21.56 -16.80
C2 POV R . -29.47 -21.92 -18.28
C3 POV R . -28.83 -23.26 -18.58
C210 POV R . -34.50 -26.59 -26.73
C11 POV R . -28.64 -19.04 -13.12
O11 POV R . -28.42 -20.68 -16.52
C211 POV R . -34.23 -25.77 -27.95
C12 POV R . -28.90 -19.88 -11.88
O12 POV R . -28.98 -19.71 -14.32
C212 POV R . -34.69 -26.45 -29.24
C13 POV R . -29.96 -20.21 -9.67
O13 POV R . -27.84 -22.00 -14.46
C213 POV R . -34.81 -25.48 -30.41
C14 POV R . -28.64 -18.23 -10.14
O14 POV R . -26.51 -19.82 -15.01
C214 POV R . -35.66 -26.01 -31.55
C15 POV R . -30.83 -18.49 -11.14
C215 POV R . -36.37 -24.90 -32.32
C216 POV R . -37.25 -25.42 -33.44
C217 POV R . -36.49 -25.70 -34.73
C218 POV R . -35.68 -24.50 -35.21
C21 POV R . -28.63 -21.14 -20.38
O21 POV R . -28.78 -20.95 -19.07
C22 POV R . -29.95 -20.98 -21.11
O22 POV R . -27.58 -21.40 -20.90
C23 POV R . -29.81 -21.01 -22.62
C24 POV R . -29.74 -22.43 -23.16
C25 POV R . -31.12 -23.05 -23.37
C26 POV R . -31.07 -24.29 -24.27
C27 POV R . -32.43 -24.95 -24.46
C28 POV R . -32.37 -26.13 -25.43
C29 POV R . -33.71 -26.75 -25.67
C31 POV R . -30.73 -24.70 -18.62
O31 POV R . -29.62 -24.30 -18.00
C32 POV R . -30.60 -26.11 -19.09
O32 POV R . -31.71 -24.00 -18.77
C33 POV R . -31.69 -26.54 -20.06
C34 POV R . -31.54 -28.00 -20.43
C35 POV R . -32.55 -28.49 -21.46
C36 POV R . -32.40 -29.97 -21.76
C37 POV R . -33.23 -30.45 -22.94
C38 POV R . -34.72 -30.14 -22.76
C39 POV R . -35.60 -30.68 -23.88
CBB Y01 S . -41.74 -32.64 -22.56
CBE Y01 S . -41.41 -31.95 -21.23
CAP Y01 S . -42.20 -32.54 -20.04
CAQ Y01 S . -41.37 -32.20 -18.79
CBG Y01 S . -40.18 -31.37 -19.30
CBI Y01 S . -39.96 -31.91 -20.72
CAE Y01 S . -39.34 -33.33 -20.69
CAU Y01 S . -39.01 -30.93 -21.42
CAS Y01 S . -37.70 -30.75 -20.64
CBF Y01 S . -37.91 -30.33 -19.18
CBD Y01 S . -38.92 -31.24 -18.46
CAK Y01 S . -39.25 -30.65 -17.09
CAI Y01 S . -38.03 -30.16 -16.36
CAZ Y01 S . -36.86 -29.93 -16.92
CAV Y01 S . -35.69 -29.44 -16.08
CBH Y01 S . -36.58 -30.15 -18.41
CAD Y01 S . -35.67 -31.39 -18.55
CAT Y01 S . -35.84 -28.91 -18.97
CAR Y01 S . -34.61 -28.55 -18.14
CBC Y01 S . -35.00 -28.26 -16.72
OAW Y01 S . -33.79 -27.99 -15.96
CAY Y01 S . -33.62 -26.75 -15.46
OAG Y01 S . -34.33 -25.82 -15.74
CAM Y01 S . -32.46 -26.70 -14.51
CAL Y01 S . -31.87 -25.32 -14.39
CAX Y01 S . -30.73 -25.24 -13.40
OAH Y01 S . -29.66 -24.65 -13.88
OAF Y01 S . -30.80 -25.69 -12.28
C1 UND T . -13.34 -17.02 -38.78
C2 UND T . -14.75 -16.63 -39.17
C3 UND T . -14.82 -15.81 -40.45
C4 UND T . -16.23 -15.45 -40.87
C5 UND T . -16.30 -14.68 -42.18
C6 UND T . -17.72 -14.33 -42.62
C7 UND T . -17.78 -13.51 -43.89
C8 UND T . -19.19 -13.08 -44.28
C9 UND T . -20.11 -14.22 -44.64
C10 UND T . -21.48 -13.78 -45.13
C11 UND T . -22.36 -14.93 -45.56
NA NA U . -10.99 -11.92 -44.07
NA NA V . -10.59 -11.37 -49.64
CAA Y01 W . 2.68 -45.35 -28.52
CBA Y01 W . 3.25 -46.17 -27.38
CAB Y01 W . 2.24 -47.20 -26.90
CAN Y01 W . 3.74 -45.30 -26.24
CAJ Y01 W . 2.68 -44.45 -25.55
CAO Y01 W . 3.22 -43.70 -24.34
CBB Y01 W . 2.18 -42.89 -23.55
CAC Y01 W . 0.89 -43.69 -23.39
CBE Y01 W . 2.77 -42.44 -22.21
CAP Y01 W . 4.27 -42.06 -22.34
CAQ Y01 W . 4.55 -41.00 -21.26
CBG Y01 W . 3.26 -40.94 -20.43
CBI Y01 W . 2.15 -41.23 -21.46
CAE Y01 W . 1.94 -40.05 -22.42
CAU Y01 W . 0.87 -41.50 -20.65
CAS Y01 W . 0.53 -40.33 -19.73
CBF Y01 W . 1.67 -39.91 -18.79
CBD Y01 W . 2.99 -39.72 -19.55
CAK Y01 W . 4.13 -39.53 -18.56
CAI Y01 W . 3.77 -38.58 -17.45
CAZ Y01 W . 2.54 -38.20 -17.15
CAV Y01 W . 2.29 -37.23 -16.02
CBH Y01 W . 1.30 -38.69 -17.90
CAD Y01 W . 0.74 -37.53 -18.73
CAT Y01 W . 0.24 -39.14 -16.88
CAR Y01 W . -0.04 -38.08 -15.79
CBC Y01 W . 1.24 -37.75 -15.06
OAW Y01 W . 1.02 -36.76 -14.02
CAY Y01 W . 0.05 -35.84 -14.19
OAG Y01 W . 0.03 -35.05 -15.10
CAM Y01 W . -0.99 -35.94 -13.12
CAL Y01 W . -1.38 -34.59 -12.53
CAX Y01 W . -0.26 -33.91 -11.79
OAH Y01 W . 0.42 -34.72 -11.02
OAF Y01 W . -0.02 -32.73 -11.89
N POV X . 6.03 -33.84 -13.40
P POV X . 4.42 -32.90 -17.91
C1 POV X . 3.91 -34.97 -19.45
C2 POV X . 3.23 -35.22 -20.80
C3 POV X . 4.10 -34.89 -21.99
C210 POV X . 1.06 -42.12 -28.94
C11 POV X . 4.40 -33.19 -15.31
O11 POV X . 3.47 -33.74 -18.93
C211 POV X . -0.33 -41.87 -29.40
C12 POV X . 5.82 -33.44 -14.83
O12 POV X . 4.13 -33.80 -16.55
C212 POV X . -0.67 -42.61 -30.70
C13 POV X . 7.44 -34.23 -13.14
O13 POV X . 5.85 -33.14 -18.33
C213 POV X . -2.16 -42.71 -30.94
C14 POV X . 5.70 -32.65 -12.56
O14 POV X . 3.91 -31.52 -17.69
C214 POV X . -2.55 -43.79 -31.94
C15 POV X . 5.13 -34.96 -12.98
C215 POV X . -3.93 -44.36 -31.69
C216 POV X . -4.32 -45.48 -32.66
C217 POV X . -4.89 -44.96 -33.96
C218 POV X . -6.06 -44.02 -33.76
C21 POV X . 1.33 -34.55 -22.08
O21 POV X . 2.03 -34.47 -20.95
C22 POV X . 0.67 -35.89 -22.23
O22 POV X . 1.25 -33.64 -22.86
C23 POV X . -0.28 -35.97 -23.42
C24 POV X . 0.46 -36.24 -24.73
C25 POV X . 0.72 -37.72 -24.98
C26 POV X . 1.09 -38.03 -26.41
C27 POV X . 1.39 -39.50 -26.66
C28 POV X . 1.68 -39.80 -28.14
C29 POV X . 1.91 -41.25 -28.40
C31 POV X . 5.05 -37.02 -22.48
O31 POV X . 5.21 -35.79 -22.01
C32 POV X . 5.85 -37.22 -23.75
O32 POV X . 4.37 -37.85 -21.96
C33 POV X . 5.49 -38.50 -24.49
C34 POV X . 6.37 -38.67 -25.71
C35 POV X . 6.02 -39.89 -26.56
C36 POV X . 6.96 -40.05 -27.75
C37 POV X . 6.52 -41.12 -28.74
C38 POV X . 6.31 -42.48 -28.08
C39 POV X . 5.95 -43.58 -29.07
CBB Y01 Y . 7.94 -49.74 -27.92
CBE Y01 Y . 8.29 -49.12 -26.56
CAP Y01 Y . 9.46 -49.84 -25.86
CAQ Y01 Y . 10.06 -48.80 -24.89
CBG Y01 Y . 9.16 -47.56 -25.02
CBI Y01 Y . 8.67 -47.63 -26.49
CAE Y01 Y . 9.81 -47.30 -27.46
CAU Y01 Y . 7.53 -46.61 -26.62
CAS Y01 Y . 7.97 -45.21 -26.20
CBF Y01 Y . 8.57 -45.14 -24.80
CBD Y01 Y . 9.68 -46.20 -24.59
CAK Y01 Y . 10.08 -46.22 -23.11
CAI Y01 Y . 10.26 -44.85 -22.54
CAZ Y01 Y . 9.79 -43.73 -23.09
CAV Y01 Y . 10.02 -42.40 -22.41
CBH Y01 Y . 9.01 -43.70 -24.39
CAD Y01 Y . 9.92 -43.07 -25.47
CAT Y01 Y . 7.76 -42.84 -24.22
CAR Y01 Y . 8.08 -41.45 -23.65
CBC Y01 Y . 8.74 -41.59 -22.31
OAW Y01 Y . 9.10 -40.25 -21.83
CAY Y01 Y . 8.49 -39.80 -20.73
OAG Y01 Y . 7.56 -40.35 -20.21
CAM Y01 Y . 9.13 -38.53 -20.24
CAL Y01 Y . 8.19 -37.67 -19.43
CAX Y01 Y . 8.83 -36.42 -18.89
OAH Y01 Y . 8.14 -35.34 -19.13
OAF Y01 Y . 9.89 -36.43 -18.30
C1 UND Z . -12.75 -21.34 -36.80
C2 UND Z . -13.38 -22.69 -36.55
C3 UND Z . -14.83 -22.77 -36.98
C4 UND Z . -15.46 -24.14 -36.77
C5 UND Z . -16.89 -24.24 -37.26
C6 UND Z . -17.52 -25.61 -37.06
C7 UND Z . -18.98 -25.69 -37.49
C8 UND Z . -19.64 -27.03 -37.22
C9 UND Z . -19.05 -28.20 -37.99
C10 UND Z . -19.78 -29.51 -37.77
C11 UND Z . -19.24 -30.63 -38.62
NA NA AA . -19.90 -18.81 -38.16
NA NA BA . -23.89 -19.06 -42.10
#